data_4I8X
#
_entry.id   4I8X
#
_cell.length_a   84.070
_cell.length_b   139.850
_cell.length_c   139.170
_cell.angle_alpha   90.00
_cell.angle_beta   94.48
_cell.angle_gamma   90.00
#
_symmetry.space_group_name_H-M   'P 1 21 1'
#
loop_
_entity.id
_entity.type
_entity.pdbx_description
1 polymer 'L-lactate dehydrogenase A chain'
2 non-polymer '6-phenylpyridine-3-carboxylic acid'
3 water water
#
_entity_poly.entity_id   1
_entity_poly.type   'polypeptide(L)'
_entity_poly.pdbx_seq_one_letter_code
;AALKDQLIHNLLKEEHVPQNKITVVGVGAVGMACAISILMKDLADELALVDVMEDKLKGEMMDLQHGSLFLRTPKIVSGK
DYSVTANSKLVIITAGARQQEGESRLNLVQRNVNIFKFIIPNVVKYSPHCKLLVVSNPVDILTYVAWKISGFPKNRVIGS
GCNLDSARFRYLMGERLGVHALSCHGWILGEHGDSSVPVWSGMNVAGVSLKTLHPELGTDADKEQWKQVHKQVVDSAYEV
IKLKGYTTWAIGLSVADLAESIMKNLRRVHPISTMLKGLYGIKEDVFLSVPCVLGQNGISDVVKVTLTSEEEAHLKKSAD
TLWGIQKELQF
;
_entity_poly.pdbx_strand_id   A,B,C,D,E,F,G,H
#
loop_
_chem_comp.id
_chem_comp.type
_chem_comp.name
_chem_comp.formula
6P3 non-polymer '6-phenylpyridine-3-carboxylic acid' 'C12 H9 N O2'
#
# COMPACT_ATOMS: atom_id res chain seq x y z
N ALA A 1 27.29 -14.28 66.48
CA ALA A 1 28.47 -13.86 65.66
C ALA A 1 28.12 -12.63 64.82
N ALA A 2 29.08 -12.18 64.01
CA ALA A 2 28.86 -11.01 63.16
C ALA A 2 27.76 -11.32 62.16
N LEU A 3 27.02 -10.30 61.74
CA LEU A 3 25.87 -10.50 60.85
C LEU A 3 26.29 -11.23 59.59
N LYS A 4 27.47 -10.91 59.08
CA LYS A 4 27.96 -11.54 57.86
C LYS A 4 28.06 -13.04 58.04
N ASP A 5 28.47 -13.47 59.22
CA ASP A 5 28.71 -14.88 59.50
C ASP A 5 27.42 -15.60 59.88
N GLN A 6 26.43 -14.85 60.34
CA GLN A 6 25.09 -15.39 60.57
C GLN A 6 24.41 -15.64 59.23
N LEU A 7 24.79 -14.84 58.24
CA LEU A 7 24.14 -14.87 56.92
C LEU A 7 24.86 -15.86 56.01
N ILE A 8 26.18 -15.90 56.12
CA ILE A 8 26.99 -16.63 55.16
C ILE A 8 27.95 -17.61 55.82
N HIS A 9 27.82 -18.88 55.47
CA HIS A 9 28.79 -19.88 55.89
C HIS A 9 29.90 -19.97 54.86
N ASN A 10 31.13 -19.72 55.30
CA ASN A 10 32.29 -19.79 54.41
C ASN A 10 32.79 -21.23 54.28
N LEU A 11 33.07 -21.66 53.05
CA LEU A 11 33.48 -23.04 52.81
C LEU A 11 34.87 -23.13 52.21
N LEU A 12 35.42 -22.01 51.79
CA LEU A 12 36.71 -22.01 51.13
C LEU A 12 37.55 -20.82 51.56
N LYS A 13 38.84 -21.06 51.75
CA LYS A 13 39.75 -19.97 52.02
C LYS A 13 40.08 -19.33 50.68
N GLU A 14 39.50 -18.16 50.44
CA GLU A 14 39.58 -17.56 49.12
C GLU A 14 40.95 -16.95 48.84
N GLU A 15 41.46 -17.27 47.66
CA GLU A 15 42.68 -16.67 47.15
C GLU A 15 42.31 -15.81 45.96
N HIS A 16 42.58 -14.52 46.03
CA HIS A 16 42.31 -13.67 44.89
C HIS A 16 43.54 -13.50 44.00
N VAL A 17 43.60 -14.33 42.96
CA VAL A 17 44.52 -14.13 41.85
C VAL A 17 43.73 -13.71 40.63
N PRO A 18 43.79 -12.42 40.27
CA PRO A 18 43.03 -11.91 39.13
C PRO A 18 43.39 -12.65 37.84
N GLN A 19 42.37 -12.97 37.04
CA GLN A 19 42.58 -13.77 35.84
C GLN A 19 42.60 -12.94 34.56
N ASN A 20 41.85 -11.85 34.56
CA ASN A 20 41.77 -11.00 33.38
C ASN A 20 41.83 -9.55 33.80
N LYS A 21 42.95 -9.19 34.41
CA LYS A 21 43.13 -7.89 35.03
C LYS A 21 43.73 -6.92 34.00
N ILE A 22 43.22 -5.70 34.03
CA ILE A 22 43.74 -4.64 33.19
C ILE A 22 44.09 -3.45 34.08
N THR A 23 45.20 -2.79 33.79
CA THR A 23 45.59 -1.58 34.50
C THR A 23 45.60 -0.38 33.58
N VAL A 24 45.04 0.73 34.04
CA VAL A 24 45.23 2.00 33.36
C VAL A 24 46.15 2.89 34.19
N VAL A 25 47.25 3.33 33.58
CA VAL A 25 48.16 4.28 34.24
C VAL A 25 47.83 5.67 33.74
N GLY A 26 47.38 6.52 34.66
CA GLY A 26 46.99 7.88 34.31
C GLY A 26 45.48 8.02 34.33
N VAL A 27 44.96 8.85 35.22
CA VAL A 27 43.53 9.04 35.30
C VAL A 27 43.11 10.44 34.83
N GLY A 28 43.82 10.94 33.82
CA GLY A 28 43.35 12.10 33.09
C GLY A 28 42.13 11.74 32.29
N ALA A 29 41.69 12.66 31.44
CA ALA A 29 40.49 12.43 30.67
C ALA A 29 40.66 11.23 29.72
N VAL A 30 41.86 11.05 29.18
CA VAL A 30 42.10 9.91 28.30
C VAL A 30 42.07 8.58 29.06
N GLY A 31 42.78 8.52 30.18
CA GLY A 31 42.82 7.30 30.96
C GLY A 31 41.44 6.86 31.42
N MET A 32 40.63 7.81 31.85
CA MET A 32 39.31 7.50 32.40
C MET A 32 38.31 7.12 31.30
N ALA A 33 38.48 7.67 30.10
CA ALA A 33 37.67 7.27 28.95
C ALA A 33 37.96 5.82 28.58
N CYS A 34 39.24 5.45 28.59
CA CYS A 34 39.65 4.07 28.41
C CYS A 34 39.02 3.17 29.47
N ALA A 35 39.09 3.60 30.73
CA ALA A 35 38.55 2.83 31.84
C ALA A 35 37.06 2.53 31.68
N ILE A 36 36.26 3.57 31.46
CA ILE A 36 34.82 3.38 31.41
C ILE A 36 34.45 2.54 30.17
N SER A 37 35.15 2.75 29.06
CA SER A 37 34.88 1.97 27.84
C SER A 37 35.22 0.50 28.05
N ILE A 38 36.32 0.25 28.74
CA ILE A 38 36.74 -1.11 29.10
C ILE A 38 35.75 -1.76 30.06
N LEU A 39 35.29 -0.99 31.05
CA LEU A 39 34.33 -1.50 32.01
C LEU A 39 33.02 -1.88 31.32
N MET A 40 32.57 -1.04 30.41
CA MET A 40 31.29 -1.29 29.75
C MET A 40 31.36 -2.39 28.70
N LYS A 41 32.57 -2.79 28.31
CA LYS A 41 32.73 -3.91 27.37
C LYS A 41 32.98 -5.26 28.06
N ASP A 42 32.98 -5.27 29.38
CA ASP A 42 33.19 -6.52 30.12
C ASP A 42 34.50 -7.22 29.74
N LEU A 43 35.59 -6.48 29.68
CA LEU A 43 36.85 -7.07 29.19
C LEU A 43 37.73 -7.59 30.32
N ALA A 44 37.53 -7.09 31.53
CA ALA A 44 38.37 -7.47 32.65
C ALA A 44 37.55 -7.96 33.85
N ASP A 45 38.12 -8.86 34.63
CA ASP A 45 37.51 -9.19 35.91
C ASP A 45 38.06 -8.31 37.02
N GLU A 46 39.11 -7.55 36.74
CA GLU A 46 39.64 -6.56 37.69
C GLU A 46 40.30 -5.37 36.99
N LEU A 47 39.96 -4.16 37.44
CA LEU A 47 40.57 -2.93 36.92
C LEU A 47 41.38 -2.19 37.98
N ALA A 48 42.65 -1.93 37.67
CA ALA A 48 43.47 -1.08 38.53
C ALA A 48 43.74 0.28 37.89
N LEU A 49 43.67 1.33 38.69
CA LEU A 49 44.04 2.67 38.24
C LEU A 49 45.22 3.18 39.07
N VAL A 50 46.20 3.77 38.40
CA VAL A 50 47.36 4.36 39.07
C VAL A 50 47.62 5.77 38.55
N ASP A 51 48.02 6.66 39.46
CA ASP A 51 48.37 8.03 39.10
C ASP A 51 49.13 8.63 40.28
N VAL A 52 49.84 9.75 40.05
CA VAL A 52 50.55 10.41 41.15
C VAL A 52 49.65 11.37 41.92
N MET A 53 48.56 11.81 41.30
CA MET A 53 47.60 12.68 41.98
C MET A 53 46.64 11.86 42.84
N GLU A 54 46.96 11.69 44.12
CA GLU A 54 46.26 10.75 44.97
C GLU A 54 44.78 11.03 45.19
N ASP A 55 44.44 12.28 45.43
CA ASP A 55 43.03 12.64 45.64
C ASP A 55 42.19 12.34 44.40
N LYS A 56 42.59 12.92 43.27
CA LYS A 56 41.96 12.66 41.98
C LYS A 56 41.78 11.15 41.77
N LEU A 57 42.84 10.39 42.04
CA LEU A 57 42.84 8.95 41.81
C LEU A 57 41.78 8.23 42.64
N LYS A 58 41.77 8.50 43.95
CA LYS A 58 40.80 7.89 44.86
C LYS A 58 39.36 8.28 44.48
N GLY A 59 39.19 9.53 44.06
CA GLY A 59 37.90 9.98 43.62
C GLY A 59 37.38 9.22 42.41
N GLU A 60 38.25 9.03 41.41
CA GLU A 60 37.86 8.34 40.20
C GLU A 60 37.54 6.88 40.49
N MET A 61 38.34 6.25 41.34
CA MET A 61 38.08 4.88 41.74
C MET A 61 36.69 4.77 42.38
N MET A 62 36.42 5.61 43.37
CA MET A 62 35.16 5.53 44.11
C MET A 62 33.99 5.73 43.19
N ASP A 63 34.15 6.66 42.24
CA ASP A 63 33.08 7.00 41.32
C ASP A 63 32.72 5.77 40.47
N LEU A 64 33.73 5.07 39.97
CA LEU A 64 33.51 3.84 39.20
C LEU A 64 32.93 2.74 40.08
N GLN A 65 33.50 2.56 41.26
CA GLN A 65 33.00 1.56 42.20
C GLN A 65 31.50 1.72 42.46
N HIS A 66 31.05 2.97 42.51
CA HIS A 66 29.67 3.24 42.84
C HIS A 66 28.74 2.74 41.74
N GLY A 67 29.29 2.52 40.56
CA GLY A 67 28.49 2.03 39.47
C GLY A 67 28.48 0.51 39.38
N SER A 68 29.05 -0.14 40.39
CA SER A 68 29.24 -1.60 40.36
C SER A 68 27.96 -2.36 40.01
N LEU A 69 26.82 -1.90 40.54
CA LEU A 69 25.55 -2.57 40.30
C LEU A 69 25.29 -2.71 38.81
N PHE A 70 25.79 -1.76 38.02
CA PHE A 70 25.53 -1.75 36.59
C PHE A 70 26.70 -2.27 35.73
N LEU A 71 27.63 -2.98 36.35
CA LEU A 71 28.81 -3.46 35.62
C LEU A 71 29.03 -4.94 35.90
N ARG A 72 29.96 -5.54 35.15
CA ARG A 72 30.32 -6.93 35.33
C ARG A 72 31.81 -7.08 35.60
N THR A 73 32.38 -6.10 36.28
CA THR A 73 33.77 -6.14 36.68
C THR A 73 33.81 -5.99 38.19
N PRO A 74 34.00 -7.11 38.91
CA PRO A 74 33.73 -7.21 40.35
C PRO A 74 34.70 -6.46 41.25
N LYS A 75 35.89 -6.20 40.74
CA LYS A 75 36.91 -5.53 41.54
C LYS A 75 37.56 -4.35 40.81
N ILE A 76 37.55 -3.19 41.46
CA ILE A 76 38.20 -2.00 40.96
C ILE A 76 39.08 -1.45 42.08
N VAL A 77 40.37 -1.29 41.80
CA VAL A 77 41.30 -0.82 42.81
C VAL A 77 42.17 0.32 42.29
N SER A 78 42.80 1.05 43.21
CA SER A 78 43.71 2.11 42.83
C SER A 78 44.73 2.43 43.92
N GLY A 79 45.77 3.14 43.52
CA GLY A 79 46.79 3.59 44.46
C GLY A 79 47.93 4.23 43.69
N LYS A 80 48.77 4.98 44.40
CA LYS A 80 49.98 5.51 43.80
C LYS A 80 51.06 4.43 43.80
N ASP A 81 50.93 3.47 44.71
CA ASP A 81 51.85 2.33 44.76
C ASP A 81 51.44 1.25 43.77
N TYR A 82 52.41 0.69 43.05
CA TYR A 82 52.09 -0.16 41.91
C TYR A 82 51.72 -1.60 42.29
N SER A 83 51.75 -1.89 43.59
CA SER A 83 51.31 -3.20 44.04
C SER A 83 49.87 -3.44 43.61
N VAL A 84 49.07 -2.37 43.52
CA VAL A 84 47.69 -2.50 43.11
C VAL A 84 47.53 -3.03 41.68
N THR A 85 48.58 -2.87 40.87
CA THR A 85 48.52 -3.29 39.47
C THR A 85 48.95 -4.73 39.28
N ALA A 86 49.27 -5.42 40.37
CA ALA A 86 49.92 -6.73 40.26
C ALA A 86 49.15 -7.74 39.41
N ASN A 87 49.86 -8.48 38.56
CA ASN A 87 49.29 -9.58 37.80
C ASN A 87 48.30 -9.16 36.73
N SER A 88 48.52 -7.98 36.14
CA SER A 88 47.69 -7.52 35.02
C SER A 88 48.08 -8.26 33.74
N LYS A 89 47.09 -8.58 32.91
CA LYS A 89 47.35 -9.10 31.56
C LYS A 89 47.76 -7.97 30.62
N LEU A 90 47.23 -6.78 30.87
CA LEU A 90 47.41 -5.65 29.97
C LEU A 90 47.50 -4.38 30.80
N VAL A 91 48.51 -3.56 30.50
CA VAL A 91 48.71 -2.30 31.21
C VAL A 91 48.77 -1.17 30.20
N ILE A 92 47.84 -0.22 30.34
CA ILE A 92 47.64 0.82 29.34
C ILE A 92 48.23 2.11 29.89
N ILE A 93 49.14 2.72 29.15
CA ILE A 93 49.89 3.85 29.66
C ILE A 93 49.34 5.13 29.05
N THR A 94 48.75 5.97 29.88
CA THR A 94 48.22 7.24 29.38
C THR A 94 48.91 8.43 30.04
N ALA A 95 49.91 8.15 30.87
CA ALA A 95 50.61 9.20 31.61
C ALA A 95 51.78 9.78 30.81
N GLY A 96 52.08 11.04 31.03
CA GLY A 96 53.17 11.67 30.32
C GLY A 96 53.30 13.13 30.69
N ALA A 97 54.33 13.78 30.16
CA ALA A 97 54.49 15.23 30.34
C ALA A 97 53.90 15.97 29.15
N LEU A 108 60.71 18.24 26.71
CA LEU A 108 59.92 17.01 26.60
C LEU A 108 60.80 15.79 26.35
N VAL A 109 60.27 14.88 25.54
CA VAL A 109 60.68 13.48 25.43
C VAL A 109 61.67 12.90 26.44
N GLN A 110 62.84 13.52 26.59
CA GLN A 110 63.76 13.04 27.61
C GLN A 110 63.07 13.13 28.97
N ARG A 111 62.18 14.10 29.12
CA ARG A 111 61.36 14.20 30.33
C ARG A 111 60.46 12.97 30.47
N ASN A 112 59.72 12.65 29.42
CA ASN A 112 58.88 11.45 29.43
C ASN A 112 59.73 10.22 29.71
N VAL A 113 60.94 10.20 29.16
CA VAL A 113 61.85 9.10 29.43
C VAL A 113 62.05 9.01 30.93
N ASN A 114 62.25 10.17 31.57
CA ASN A 114 62.48 10.22 33.00
C ASN A 114 61.25 9.77 33.77
N ILE A 115 60.08 10.20 33.32
CA ILE A 115 58.83 9.70 33.90
C ILE A 115 58.70 8.19 33.70
N PHE A 116 58.79 7.73 32.46
CA PHE A 116 58.66 6.31 32.16
C PHE A 116 59.73 5.51 32.89
N LYS A 117 60.85 6.16 33.22
CA LYS A 117 61.92 5.51 33.95
C LYS A 117 61.45 5.12 35.35
N PHE A 118 60.36 5.74 35.80
CA PHE A 118 59.72 5.35 37.04
C PHE A 118 58.52 4.41 36.82
N ILE A 119 57.63 4.78 35.89
CA ILE A 119 56.41 4.04 35.68
C ILE A 119 56.66 2.62 35.19
N ILE A 120 57.48 2.48 34.16
CA ILE A 120 57.62 1.19 33.50
C ILE A 120 58.26 0.10 34.36
N PRO A 121 59.37 0.41 35.06
CA PRO A 121 59.94 -0.64 35.93
C PRO A 121 59.00 -1.00 37.08
N ASN A 122 58.22 -0.03 37.56
CA ASN A 122 57.18 -0.30 38.55
C ASN A 122 56.13 -1.24 37.97
N VAL A 123 55.78 -1.00 36.70
CA VAL A 123 54.84 -1.87 36.01
C VAL A 123 55.37 -3.28 35.84
N VAL A 124 56.59 -3.39 35.31
CA VAL A 124 57.19 -4.69 35.06
C VAL A 124 57.42 -5.47 36.35
N LYS A 125 57.68 -4.77 37.45
CA LYS A 125 57.94 -5.43 38.72
C LYS A 125 56.71 -6.21 39.21
N TYR A 126 55.53 -5.62 39.06
CA TYR A 126 54.32 -6.20 39.62
C TYR A 126 53.51 -7.01 38.61
N SER A 127 53.74 -6.78 37.32
CA SER A 127 53.16 -7.61 36.26
C SER A 127 54.25 -7.99 35.25
N PRO A 128 55.05 -9.02 35.56
CA PRO A 128 56.18 -9.43 34.74
C PRO A 128 55.80 -9.95 33.34
N HIS A 129 54.56 -10.38 33.18
CA HIS A 129 54.15 -11.04 31.93
C HIS A 129 53.11 -10.27 31.12
N CYS A 130 52.86 -9.02 31.50
CA CYS A 130 51.79 -8.26 30.88
C CYS A 130 52.17 -7.78 29.49
N LYS A 131 51.16 -7.36 28.73
CA LYS A 131 51.39 -6.64 27.48
C LYS A 131 51.33 -5.15 27.82
N LEU A 132 52.11 -4.35 27.09
CA LEU A 132 52.10 -2.90 27.31
C LEU A 132 51.43 -2.19 26.15
N LEU A 133 50.50 -1.28 26.45
CA LEU A 133 49.83 -0.46 25.43
C LEU A 133 50.02 1.01 25.75
N VAL A 134 50.81 1.69 24.92
CA VAL A 134 51.14 3.08 25.17
C VAL A 134 50.26 3.97 24.32
N VAL A 135 49.67 4.97 24.96
CA VAL A 135 48.78 5.90 24.28
C VAL A 135 49.38 7.30 24.34
N SER A 136 50.23 7.54 25.33
CA SER A 136 50.86 8.84 25.54
C SER A 136 51.59 9.37 24.32
N ASN A 137 51.45 10.66 24.03
CA ASN A 137 52.12 11.28 22.88
C ASN A 137 53.46 11.91 23.27
N PRO A 138 54.44 11.91 22.35
CA PRO A 138 54.40 11.33 20.99
C PRO A 138 54.48 9.79 21.00
N VAL A 139 53.42 9.15 20.50
CA VAL A 139 53.18 7.75 20.84
C VAL A 139 54.18 6.75 20.24
N ASP A 140 54.70 7.04 19.06
CA ASP A 140 55.64 6.11 18.42
C ASP A 140 56.95 6.08 19.17
N ILE A 141 57.41 7.26 19.60
CA ILE A 141 58.64 7.37 20.36
C ILE A 141 58.49 6.80 21.76
N LEU A 142 57.41 7.15 22.45
CA LEU A 142 57.22 6.69 23.82
C LEU A 142 56.99 5.19 23.90
N THR A 143 56.40 4.61 22.85
CA THR A 143 56.27 3.16 22.80
C THR A 143 57.66 2.52 22.76
N TYR A 144 58.55 3.11 21.96
CA TYR A 144 59.96 2.71 21.93
C TYR A 144 60.59 2.85 23.32
N VAL A 145 60.36 3.99 23.97
CA VAL A 145 60.90 4.21 25.30
C VAL A 145 60.43 3.13 26.26
N ALA A 146 59.11 2.94 26.33
CA ALA A 146 58.53 1.95 27.22
C ALA A 146 59.10 0.58 26.91
N TRP A 147 59.30 0.31 25.62
CA TRP A 147 59.89 -0.96 25.18
C TRP A 147 61.32 -1.17 25.68
N LYS A 148 62.18 -0.18 25.49
CA LYS A 148 63.57 -0.28 25.94
C LYS A 148 63.68 -0.46 27.45
N ILE A 149 62.97 0.37 28.20
CA ILE A 149 63.00 0.30 29.65
C ILE A 149 62.39 -1.00 30.19
N SER A 150 61.35 -1.49 29.52
CA SER A 150 60.62 -2.66 29.98
C SER A 150 61.49 -3.91 29.95
N GLY A 151 62.26 -4.07 28.88
CA GLY A 151 63.01 -5.29 28.71
C GLY A 151 62.20 -6.37 28.02
N PHE A 152 60.95 -6.03 27.67
CA PHE A 152 60.03 -6.96 27.04
C PHE A 152 60.42 -7.22 25.57
N PRO A 153 60.15 -8.43 25.08
CA PRO A 153 60.23 -8.59 23.63
C PRO A 153 59.18 -7.74 22.91
N LYS A 154 59.47 -7.40 21.66
CA LYS A 154 58.69 -6.45 20.90
C LYS A 154 57.21 -6.81 20.73
N ASN A 155 56.87 -8.09 20.71
CA ASN A 155 55.48 -8.46 20.46
C ASN A 155 54.60 -7.97 21.62
N ARG A 156 55.21 -7.72 22.78
CA ARG A 156 54.45 -7.39 23.97
C ARG A 156 54.32 -5.89 24.27
N VAL A 157 54.89 -5.05 23.41
CA VAL A 157 54.80 -3.60 23.62
C VAL A 157 54.21 -2.92 22.40
N ILE A 158 53.08 -2.25 22.61
CA ILE A 158 52.22 -1.79 21.51
C ILE A 158 51.88 -0.31 21.66
N GLY A 159 51.89 0.41 20.55
CA GLY A 159 51.49 1.81 20.57
C GLY A 159 50.14 2.00 19.91
N SER A 160 49.30 2.85 20.48
CA SER A 160 47.98 3.05 19.90
C SER A 160 48.12 3.60 18.49
N GLY A 161 49.23 4.30 18.23
CA GLY A 161 49.58 4.65 16.86
C GLY A 161 48.44 5.27 16.07
N CYS A 162 48.21 4.78 14.85
CA CYS A 162 47.24 5.38 13.94
C CYS A 162 45.83 4.76 14.03
N ASN A 163 45.58 4.06 15.13
CA ASN A 163 44.33 3.33 15.28
C ASN A 163 43.13 4.28 15.25
N LEU A 164 43.18 5.32 16.08
CA LEU A 164 42.07 6.29 16.15
C LEU A 164 41.96 7.08 14.85
N ASP A 165 43.10 7.48 14.29
CA ASP A 165 43.06 8.27 13.07
C ASP A 165 42.48 7.49 11.90
N SER A 166 42.76 6.19 11.82
CA SER A 166 42.06 5.33 10.88
C SER A 166 40.55 5.30 11.14
N ALA A 167 40.15 5.19 12.40
CA ALA A 167 38.74 5.21 12.75
C ALA A 167 38.09 6.54 12.37
N ARG A 168 38.81 7.64 12.61
CA ARG A 168 38.34 8.96 12.16
C ARG A 168 38.22 8.99 10.65
N PHE A 169 39.22 8.45 9.96
CA PHE A 169 39.22 8.48 8.51
C PHE A 169 38.01 7.71 8.01
N ARG A 170 37.78 6.54 8.60
CA ARG A 170 36.66 5.71 8.18
C ARG A 170 35.32 6.36 8.47
N TYR A 171 35.22 7.11 9.57
CA TYR A 171 33.98 7.85 9.85
C TYR A 171 33.74 8.93 8.80
N LEU A 172 34.77 9.70 8.47
CA LEU A 172 34.65 10.75 7.45
C LEU A 172 34.38 10.15 6.07
N MET A 173 34.90 8.96 5.82
CA MET A 173 34.61 8.26 4.58
C MET A 173 33.12 7.93 4.56
N GLY A 174 32.60 7.48 5.70
CA GLY A 174 31.19 7.11 5.77
C GLY A 174 30.25 8.28 5.56
N GLU A 175 30.59 9.43 6.14
CA GLU A 175 29.81 10.63 5.97
C GLU A 175 29.71 11.01 4.51
N ARG A 176 30.83 10.92 3.78
CA ARG A 176 30.85 11.29 2.37
C ARG A 176 30.07 10.32 1.49
N LEU A 177 30.06 9.05 1.86
CA LEU A 177 29.48 8.04 0.98
C LEU A 177 28.06 7.66 1.39
N GLY A 178 27.67 8.03 2.60
CA GLY A 178 26.34 7.68 3.08
C GLY A 178 26.24 6.24 3.59
N VAL A 179 27.33 5.69 4.11
CA VAL A 179 27.24 4.38 4.76
C VAL A 179 28.04 4.37 6.06
N HIS A 180 27.74 3.41 6.93
CA HIS A 180 28.40 3.36 8.22
C HIS A 180 29.91 3.14 8.07
N ALA A 181 30.66 3.71 9.01
CA ALA A 181 32.11 3.55 9.08
C ALA A 181 32.53 2.06 9.07
N LEU A 182 31.74 1.20 9.69
CA LEU A 182 32.04 -0.24 9.70
C LEU A 182 32.19 -0.80 8.29
N SER A 183 31.42 -0.25 7.35
CA SER A 183 31.45 -0.72 5.97
C SER A 183 32.42 0.06 5.08
N CYS A 184 33.02 1.12 5.63
CA CYS A 184 34.00 1.90 4.89
C CYS A 184 35.42 1.55 5.31
N HIS A 185 36.22 1.05 4.39
CA HIS A 185 37.56 0.59 4.77
C HIS A 185 38.65 1.52 4.24
N GLY A 186 39.66 1.71 5.07
CA GLY A 186 40.70 2.67 4.74
C GLY A 186 41.73 2.70 5.84
N TRP A 187 42.99 2.85 5.46
CA TRP A 187 44.08 2.69 6.39
C TRP A 187 44.99 3.90 6.41
N ILE A 188 45.25 4.41 7.60
CA ILE A 188 46.25 5.44 7.78
C ILE A 188 47.41 4.82 8.56
N LEU A 189 48.61 4.90 7.97
CA LEU A 189 49.76 4.19 8.51
C LEU A 189 50.94 5.10 8.76
N GLY A 190 52.00 4.54 9.33
CA GLY A 190 53.25 5.26 9.46
C GLY A 190 53.40 5.97 10.79
N GLU A 191 53.95 7.18 10.75
CA GLU A 191 54.13 7.96 11.96
C GLU A 191 52.82 8.63 12.36
N HIS A 192 52.41 8.46 13.61
CA HIS A 192 51.17 9.06 14.09
C HIS A 192 51.30 10.57 13.96
N GLY A 193 50.26 11.23 13.45
CA GLY A 193 50.29 12.67 13.39
C GLY A 193 50.40 13.20 11.98
N ASP A 194 50.90 14.43 11.85
CA ASP A 194 50.93 15.13 10.58
C ASP A 194 51.63 14.35 9.46
N SER A 195 52.58 13.49 9.82
CA SER A 195 53.35 12.76 8.81
C SER A 195 52.76 11.39 8.42
N SER A 196 51.57 11.06 8.94
CA SER A 196 51.00 9.75 8.67
C SER A 196 50.63 9.59 7.21
N VAL A 197 50.51 8.34 6.77
CA VAL A 197 50.32 8.01 5.37
C VAL A 197 48.92 7.49 5.09
N PRO A 198 48.12 8.25 4.32
CA PRO A 198 46.81 7.77 3.89
C PRO A 198 46.96 6.82 2.70
N VAL A 199 46.76 5.52 2.94
CA VAL A 199 46.98 4.54 1.88
C VAL A 199 45.79 4.52 0.92
N TRP A 200 45.80 5.43 -0.05
CA TRP A 200 44.70 5.60 -0.97
C TRP A 200 44.30 4.31 -1.67
N SER A 201 45.28 3.46 -1.96
CA SER A 201 45.06 2.27 -2.78
C SER A 201 44.20 1.22 -2.09
N GLY A 202 44.04 1.35 -0.78
CA GLY A 202 43.32 0.35 -0.04
C GLY A 202 41.92 0.78 0.35
N MET A 203 41.58 2.03 0.08
CA MET A 203 40.25 2.55 0.41
C MET A 203 39.19 1.92 -0.45
N ASN A 204 38.15 1.40 0.17
CA ASN A 204 37.16 0.63 -0.57
C ASN A 204 35.91 0.39 0.25
N VAL A 205 34.80 0.21 -0.46
CA VAL A 205 33.58 -0.35 0.11
C VAL A 205 33.29 -1.66 -0.62
N ALA A 206 32.99 -2.70 0.15
CA ALA A 206 32.62 -4.00 -0.42
C ALA A 206 33.64 -4.54 -1.43
N GLY A 207 34.90 -4.22 -1.22
CA GLY A 207 35.95 -4.73 -2.09
C GLY A 207 36.13 -3.94 -3.38
N VAL A 208 35.49 -2.77 -3.45
CA VAL A 208 35.59 -1.92 -4.64
C VAL A 208 36.55 -0.76 -4.37
N SER A 209 37.70 -0.79 -5.04
CA SER A 209 38.73 0.23 -4.86
C SER A 209 38.20 1.59 -5.31
N LEU A 210 38.25 2.58 -4.43
CA LEU A 210 37.88 3.95 -4.80
C LEU A 210 38.89 4.49 -5.80
N LYS A 211 40.15 4.17 -5.58
CA LYS A 211 41.22 4.63 -6.45
C LYS A 211 41.07 4.10 -7.87
N THR A 212 40.50 2.91 -8.01
CA THR A 212 40.31 2.35 -9.34
C THR A 212 39.14 3.03 -10.04
N LEU A 213 38.11 3.42 -9.27
CA LEU A 213 36.98 4.15 -9.82
C LEU A 213 37.34 5.59 -10.15
N HIS A 214 38.29 6.13 -9.41
CA HIS A 214 38.57 7.56 -9.41
C HIS A 214 40.07 7.77 -9.19
N PRO A 215 40.88 7.58 -10.26
CA PRO A 215 42.35 7.53 -10.19
C PRO A 215 42.96 8.79 -9.60
N GLU A 216 42.19 9.87 -9.59
CA GLU A 216 42.66 11.14 -9.03
C GLU A 216 42.58 11.17 -7.51
N LEU A 217 41.94 10.16 -6.93
CA LEU A 217 41.81 10.06 -5.47
C LEU A 217 43.09 10.42 -4.76
N GLY A 218 43.04 11.47 -3.94
CA GLY A 218 44.16 11.77 -3.06
C GLY A 218 45.19 12.72 -3.62
N THR A 219 45.07 13.06 -4.90
CA THR A 219 46.01 13.97 -5.54
C THR A 219 45.51 15.41 -5.47
N ASP A 220 46.37 16.36 -5.82
CA ASP A 220 46.00 17.77 -5.82
C ASP A 220 44.93 18.08 -6.86
N ALA A 221 44.93 17.32 -7.96
CA ALA A 221 44.03 17.59 -9.08
C ALA A 221 42.65 17.01 -8.82
N ASP A 222 42.53 16.33 -7.68
CA ASP A 222 41.31 15.62 -7.29
C ASP A 222 40.18 16.63 -7.05
N LYS A 223 39.18 16.62 -7.92
CA LYS A 223 38.10 17.59 -7.83
C LYS A 223 37.26 17.40 -6.57
N GLU A 224 37.36 16.22 -5.96
CA GLU A 224 36.63 15.96 -4.73
C GLU A 224 37.47 16.18 -3.47
N GLN A 225 38.77 16.40 -3.67
CA GLN A 225 39.61 16.85 -2.57
C GLN A 225 39.65 15.85 -1.42
N TRP A 226 39.69 14.56 -1.77
CA TRP A 226 39.79 13.52 -0.76
C TRP A 226 41.03 13.69 0.09
N LYS A 227 42.08 14.27 -0.50
CA LYS A 227 43.29 14.56 0.25
C LYS A 227 42.96 15.40 1.49
N GLN A 228 41.95 16.26 1.39
CA GLN A 228 41.59 17.12 2.52
C GLN A 228 41.01 16.30 3.67
N VAL A 229 40.44 15.14 3.33
CA VAL A 229 39.91 14.23 4.35
C VAL A 229 41.02 13.77 5.29
N HIS A 230 42.17 13.38 4.73
CA HIS A 230 43.29 12.97 5.56
C HIS A 230 43.78 14.15 6.38
N LYS A 231 43.79 15.32 5.76
CA LYS A 231 44.18 16.54 6.46
C LYS A 231 43.25 16.80 7.61
N GLN A 232 41.96 16.60 7.38
CA GLN A 232 40.94 16.81 8.41
C GLN A 232 41.13 15.82 9.56
N VAL A 233 41.51 14.59 9.23
CA VAL A 233 41.89 13.62 10.27
C VAL A 233 43.08 14.09 11.09
N VAL A 234 44.16 14.48 10.41
CA VAL A 234 45.35 14.94 11.09
C VAL A 234 45.08 16.16 11.97
N ASP A 235 44.09 16.95 11.58
CA ASP A 235 43.76 18.17 12.32
C ASP A 235 42.68 17.98 13.37
N SER A 236 41.98 16.85 13.35
CA SER A 236 40.74 16.77 14.10
C SER A 236 40.93 16.86 15.62
N ALA A 237 42.01 16.25 16.13
CA ALA A 237 42.31 16.36 17.56
C ALA A 237 42.47 17.82 17.96
N TYR A 238 43.25 18.55 17.17
CA TYR A 238 43.43 19.97 17.37
C TYR A 238 42.09 20.74 17.34
N GLU A 239 41.22 20.43 16.38
CA GLU A 239 39.92 21.10 16.30
C GLU A 239 39.04 20.76 17.52
N VAL A 240 39.18 19.54 18.03
CA VAL A 240 38.36 19.13 19.16
C VAL A 240 38.88 19.77 20.45
N ILE A 241 40.18 19.76 20.65
CA ILE A 241 40.80 20.45 21.77
C ILE A 241 40.42 21.93 21.80
N LYS A 242 40.42 22.57 20.64
CA LYS A 242 40.08 23.98 20.54
C LYS A 242 38.65 24.22 21.04
N LEU A 243 37.79 23.23 20.87
CA LEU A 243 36.38 23.36 21.21
C LEU A 243 36.05 22.98 22.65
N LYS A 244 36.61 21.87 23.14
CA LYS A 244 36.29 21.38 24.47
C LYS A 244 37.51 21.28 25.39
N GLY A 245 38.69 21.48 24.83
CA GLY A 245 39.88 21.57 25.66
C GLY A 245 40.77 20.34 25.64
N TYR A 246 40.22 19.23 25.16
CA TYR A 246 40.93 17.96 25.09
C TYR A 246 40.03 17.00 24.29
N THR A 247 40.53 15.81 24.00
CA THR A 247 39.68 14.76 23.44
C THR A 247 39.68 13.57 24.40
N THR A 248 38.63 12.76 24.35
CA THR A 248 38.53 11.61 25.26
C THR A 248 37.76 10.41 24.76
N TRP A 249 36.50 10.62 24.41
CA TRP A 249 35.60 9.52 24.14
C TRP A 249 36.12 8.61 23.03
N ALA A 250 36.53 9.22 21.92
CA ALA A 250 36.92 8.45 20.73
C ALA A 250 38.21 7.67 20.98
N ILE A 251 39.18 8.31 21.63
CA ILE A 251 40.43 7.64 21.95
C ILE A 251 40.18 6.49 22.94
N GLY A 252 39.30 6.71 23.91
CA GLY A 252 38.97 5.66 24.86
C GLY A 252 38.29 4.46 24.22
N LEU A 253 37.35 4.72 23.32
CA LEU A 253 36.69 3.66 22.56
C LEU A 253 37.67 2.88 21.69
N SER A 254 38.60 3.59 21.05
CA SER A 254 39.55 2.96 20.16
C SER A 254 40.53 2.09 20.92
N VAL A 255 40.88 2.52 22.14
CA VAL A 255 41.75 1.73 23.01
C VAL A 255 41.05 0.49 23.57
N ALA A 256 39.79 0.63 23.98
CA ALA A 256 39.05 -0.52 24.47
C ALA A 256 38.92 -1.57 23.37
N ASP A 257 38.87 -1.13 22.12
CA ASP A 257 38.77 -2.07 21.01
C ASP A 257 40.06 -2.89 20.87
N LEU A 258 41.19 -2.25 21.15
CA LEU A 258 42.48 -2.96 21.10
C LEU A 258 42.56 -3.90 22.29
N ALA A 259 42.09 -3.42 23.45
CA ALA A 259 42.03 -4.26 24.63
C ALA A 259 41.23 -5.51 24.33
N GLU A 260 40.18 -5.37 23.52
CA GLU A 260 39.28 -6.49 23.28
C GLU A 260 39.98 -7.55 22.47
N SER A 261 40.74 -7.14 21.46
CA SER A 261 41.41 -8.11 20.62
C SER A 261 42.44 -8.87 21.43
N ILE A 262 43.07 -8.18 22.37
CA ILE A 262 44.12 -8.76 23.17
C ILE A 262 43.53 -9.75 24.18
N MET A 263 42.54 -9.30 24.94
CA MET A 263 42.00 -10.10 26.03
C MET A 263 41.26 -11.33 25.52
N LYS A 264 40.67 -11.20 24.32
CA LYS A 264 39.92 -12.31 23.73
C LYS A 264 40.68 -13.01 22.62
N ASN A 265 41.97 -12.70 22.49
CA ASN A 265 42.83 -13.34 21.49
C ASN A 265 42.20 -13.38 20.09
N LEU A 266 41.65 -12.24 19.64
CA LEU A 266 40.88 -12.22 18.41
C LEU A 266 41.72 -12.35 17.13
N ARG A 267 42.97 -11.90 17.18
CA ARG A 267 43.80 -11.83 15.97
C ARG A 267 43.06 -11.01 14.90
N ARG A 268 42.54 -9.86 15.29
CA ARG A 268 42.02 -8.92 14.32
C ARG A 268 43.17 -8.05 13.86
N VAL A 269 43.01 -7.40 12.71
CA VAL A 269 44.05 -6.55 12.15
C VAL A 269 43.75 -5.08 12.48
N HIS A 270 44.70 -4.40 13.11
CA HIS A 270 44.52 -3.01 13.52
C HIS A 270 45.72 -2.17 13.04
N PRO A 271 45.48 -0.90 12.71
CA PRO A 271 46.59 0.04 12.44
C PRO A 271 47.22 0.58 13.72
N ILE A 272 48.16 -0.16 14.27
CA ILE A 272 48.82 0.21 15.50
C ILE A 272 50.34 0.19 15.34
N SER A 273 51.03 0.77 16.32
CA SER A 273 52.45 0.99 16.20
C SER A 273 53.23 -0.18 16.78
N THR A 274 54.13 -0.74 15.97
CA THR A 274 54.89 -1.92 16.36
C THR A 274 56.33 -1.73 15.92
N MET A 275 57.26 -2.39 16.62
CA MET A 275 58.68 -2.29 16.28
C MET A 275 58.88 -2.99 14.93
N LEU A 276 59.07 -2.23 13.85
CA LEU A 276 59.08 -2.85 12.53
C LEU A 276 60.43 -2.98 11.84
N LYS A 277 61.51 -2.86 12.61
CA LYS A 277 62.84 -3.14 12.05
C LYS A 277 62.78 -4.42 11.26
N GLY A 278 63.44 -4.44 10.10
CA GLY A 278 63.49 -5.63 9.28
C GLY A 278 62.42 -5.69 8.20
N LEU A 279 61.43 -4.81 8.29
CA LEU A 279 60.32 -4.82 7.35
C LEU A 279 60.10 -3.43 6.78
N TYR A 280 59.35 -3.36 5.68
CA TYR A 280 59.07 -2.09 5.02
C TYR A 280 60.36 -1.30 4.79
N GLY A 281 61.47 -2.01 4.65
CA GLY A 281 62.73 -1.38 4.31
C GLY A 281 63.40 -0.63 5.45
N ILE A 282 62.95 -0.85 6.67
CA ILE A 282 63.47 -0.10 7.82
C ILE A 282 64.55 -0.85 8.58
N LYS A 283 65.62 -0.14 8.98
CA LYS A 283 66.81 -0.79 9.53
C LYS A 283 67.12 -0.39 10.96
N GLU A 284 66.34 0.53 11.52
CA GLU A 284 66.54 0.98 12.89
C GLU A 284 65.48 0.43 13.85
N ASP A 285 65.71 0.60 15.15
CA ASP A 285 64.74 0.23 16.17
C ASP A 285 63.67 1.32 16.32
N VAL A 286 62.63 1.28 15.49
CA VAL A 286 61.56 2.24 15.59
C VAL A 286 60.18 1.59 15.52
N PHE A 287 59.18 2.31 16.04
CA PHE A 287 57.80 1.88 16.01
C PHE A 287 57.01 2.74 15.02
N LEU A 288 56.36 2.10 14.06
CA LEU A 288 55.44 2.77 13.15
C LEU A 288 54.15 1.96 13.09
N SER A 289 53.07 2.61 12.66
CA SER A 289 51.82 1.90 12.48
C SER A 289 51.80 1.14 11.14
N VAL A 290 51.58 -0.15 11.22
CA VAL A 290 51.24 -0.96 10.06
C VAL A 290 50.05 -1.83 10.48
N PRO A 291 49.40 -2.50 9.51
CA PRO A 291 48.31 -3.38 9.94
C PRO A 291 48.87 -4.58 10.72
N CYS A 292 48.51 -4.69 12.00
CA CYS A 292 49.05 -5.74 12.87
C CYS A 292 47.98 -6.76 13.32
N VAL A 293 48.35 -8.04 13.34
CA VAL A 293 47.50 -9.07 13.89
C VAL A 293 47.65 -9.03 15.42
N LEU A 294 46.55 -8.82 16.13
CA LEU A 294 46.61 -8.55 17.56
C LEU A 294 45.82 -9.58 18.34
N GLY A 295 46.51 -10.25 19.27
CA GLY A 295 45.85 -11.25 20.10
C GLY A 295 46.48 -11.34 21.48
N GLN A 296 46.36 -12.51 22.11
CA GLN A 296 46.70 -12.67 23.52
C GLN A 296 48.19 -12.53 23.74
N ASN A 297 48.97 -12.68 22.68
CA ASN A 297 50.41 -12.49 22.75
C ASN A 297 50.84 -11.17 22.14
N GLY A 298 49.89 -10.26 21.99
CA GLY A 298 50.22 -8.95 21.45
C GLY A 298 50.31 -9.01 19.93
N ILE A 299 51.33 -8.37 19.36
CA ILE A 299 51.47 -8.37 17.91
C ILE A 299 52.39 -9.51 17.47
N SER A 300 51.82 -10.44 16.72
CA SER A 300 52.52 -11.65 16.35
C SER A 300 52.81 -11.68 14.87
N ASP A 301 52.07 -10.87 14.12
CA ASP A 301 52.20 -10.81 12.67
C ASP A 301 51.81 -9.42 12.16
N VAL A 302 52.37 -9.01 11.03
CA VAL A 302 51.94 -7.78 10.41
C VAL A 302 51.66 -8.03 8.95
N VAL A 303 50.64 -7.36 8.42
CA VAL A 303 50.38 -7.39 6.99
C VAL A 303 51.43 -6.55 6.26
N LYS A 304 51.92 -7.06 5.14
CA LYS A 304 52.84 -6.31 4.31
C LYS A 304 52.07 -5.56 3.23
N VAL A 305 51.71 -4.31 3.53
CA VAL A 305 50.96 -3.49 2.60
C VAL A 305 51.82 -3.18 1.37
N THR A 306 51.27 -3.39 0.18
CA THR A 306 51.97 -2.99 -1.04
C THR A 306 51.90 -1.47 -1.17
N LEU A 307 53.06 -0.82 -1.06
CA LEU A 307 53.11 0.64 -1.06
C LEU A 307 53.75 1.16 -2.34
N THR A 308 53.31 2.35 -2.76
CA THR A 308 53.96 3.03 -3.88
C THR A 308 55.37 3.39 -3.42
N SER A 309 56.23 3.65 -4.39
CA SER A 309 57.63 3.95 -4.10
C SER A 309 57.77 5.18 -3.21
N GLU A 310 56.85 6.13 -3.33
CA GLU A 310 56.91 7.33 -2.51
C GLU A 310 56.21 7.19 -1.17
N GLU A 311 55.22 6.30 -1.11
CA GLU A 311 54.66 5.91 0.19
C GLU A 311 55.75 5.24 1.01
N GLU A 312 56.54 4.40 0.35
CA GLU A 312 57.64 3.72 1.00
C GLU A 312 58.70 4.69 1.51
N ALA A 313 59.08 5.65 0.66
CA ALA A 313 60.09 6.64 1.04
C ALA A 313 59.57 7.55 2.17
N HIS A 314 58.25 7.61 2.29
CA HIS A 314 57.63 8.41 3.34
C HIS A 314 57.76 7.70 4.69
N LEU A 315 57.65 6.37 4.67
CA LEU A 315 57.82 5.57 5.87
C LEU A 315 59.28 5.57 6.32
N LYS A 316 60.18 5.40 5.35
CA LYS A 316 61.60 5.36 5.65
C LYS A 316 62.04 6.68 6.28
N LYS A 317 61.47 7.78 5.78
CA LYS A 317 61.76 9.10 6.30
C LYS A 317 61.30 9.25 7.75
N SER A 318 60.09 8.76 8.05
CA SER A 318 59.58 8.81 9.41
C SER A 318 60.46 7.99 10.35
N ALA A 319 60.95 6.85 9.85
CA ALA A 319 61.84 6.02 10.64
C ALA A 319 63.12 6.79 11.00
N ASP A 320 63.71 7.45 10.00
CA ASP A 320 64.94 8.23 10.23
C ASP A 320 64.65 9.42 11.14
N THR A 321 63.45 9.98 11.02
CA THR A 321 63.02 11.07 11.89
C THR A 321 62.94 10.61 13.34
N LEU A 322 62.27 9.47 13.55
CA LEU A 322 62.09 8.91 14.89
C LEU A 322 63.43 8.52 15.48
N TRP A 323 64.24 7.81 14.69
CA TRP A 323 65.53 7.35 15.17
C TRP A 323 66.41 8.54 15.53
N GLY A 324 66.30 9.61 14.75
CA GLY A 324 67.12 10.77 14.98
C GLY A 324 66.91 11.34 16.36
N ILE A 325 65.65 11.37 16.78
CA ILE A 325 65.29 11.75 18.14
C ILE A 325 65.74 10.68 19.15
N GLN A 326 65.39 9.43 18.86
CA GLN A 326 65.67 8.33 19.77
C GLN A 326 67.17 8.19 20.08
N LYS A 327 68.01 8.55 19.10
CA LYS A 327 69.46 8.51 19.27
C LYS A 327 69.90 9.29 20.50
N GLU A 328 69.33 10.48 20.66
CA GLU A 328 69.75 11.37 21.72
C GLU A 328 69.50 10.77 23.10
N LEU A 329 68.25 10.38 23.34
CA LEU A 329 67.78 10.02 24.68
C LEU A 329 68.74 9.12 25.45
N GLN A 330 68.71 9.23 26.77
CA GLN A 330 69.47 8.31 27.62
C GLN A 330 68.63 7.65 28.72
N PHE A 331 68.80 6.34 28.88
CA PHE A 331 68.06 5.57 29.85
C PHE A 331 68.95 5.16 31.02
N ALA B 1 56.62 -18.23 -3.36
CA ALA B 1 56.20 -17.90 -1.96
C ALA B 1 54.68 -17.97 -1.85
N ALA B 2 54.17 -18.66 -0.85
CA ALA B 2 52.72 -18.78 -0.67
C ALA B 2 52.08 -17.40 -0.52
N LEU B 3 50.82 -17.29 -0.94
CA LEU B 3 50.07 -16.05 -0.81
C LEU B 3 50.05 -15.57 0.64
N LYS B 4 49.89 -16.50 1.57
CA LYS B 4 49.85 -16.15 2.98
C LYS B 4 51.12 -15.43 3.40
N ASP B 5 52.25 -15.91 2.89
CA ASP B 5 53.54 -15.36 3.28
C ASP B 5 53.84 -14.07 2.53
N GLN B 6 53.31 -13.94 1.32
CA GLN B 6 53.37 -12.66 0.61
C GLN B 6 52.62 -11.60 1.41
N LEU B 7 51.48 -11.99 1.96
CA LEU B 7 50.55 -11.05 2.59
C LEU B 7 50.96 -10.72 4.03
N ILE B 8 51.40 -11.75 4.77
CA ILE B 8 51.66 -11.60 6.19
C ILE B 8 53.09 -11.98 6.55
N HIS B 9 53.73 -11.11 7.34
CA HIS B 9 55.04 -11.44 7.88
C HIS B 9 54.90 -11.88 9.34
N ASN B 10 55.30 -13.11 9.62
CA ASN B 10 55.21 -13.63 10.98
C ASN B 10 56.37 -13.07 11.81
N LEU B 11 56.04 -12.44 12.94
CA LEU B 11 57.07 -11.86 13.79
C LEU B 11 57.28 -12.68 15.05
N LEU B 12 56.26 -13.42 15.44
CA LEU B 12 56.32 -14.18 16.67
C LEU B 12 55.97 -15.64 16.43
N LYS B 13 56.83 -16.50 16.96
CA LYS B 13 56.60 -17.93 16.85
C LYS B 13 56.21 -18.47 18.23
N GLU B 14 54.91 -18.50 18.48
CA GLU B 14 54.39 -18.73 19.83
C GLU B 14 53.36 -19.86 19.86
N GLU B 15 52.89 -20.20 21.06
CA GLU B 15 52.14 -21.43 21.26
C GLU B 15 50.82 -21.20 22.01
N HIS B 16 49.73 -21.69 21.42
CA HIS B 16 48.60 -22.26 22.16
C HIS B 16 47.98 -21.43 23.29
N VAL B 17 48.41 -21.74 24.50
CA VAL B 17 47.53 -21.88 25.66
C VAL B 17 46.33 -20.92 25.75
N PRO B 18 45.12 -21.47 25.63
CA PRO B 18 43.88 -20.69 25.77
C PRO B 18 43.76 -20.19 27.21
N GLN B 19 43.20 -19.00 27.38
CA GLN B 19 43.22 -18.36 28.70
C GLN B 19 41.87 -18.40 29.40
N ASN B 20 40.80 -18.56 28.64
CA ASN B 20 39.47 -18.64 29.23
C ASN B 20 38.65 -19.67 28.49
N LYS B 21 39.10 -20.93 28.57
CA LYS B 21 38.53 -21.97 27.75
C LYS B 21 37.33 -22.59 28.45
N ILE B 22 36.28 -22.88 27.68
CA ILE B 22 35.13 -23.57 28.22
C ILE B 22 34.88 -24.82 27.38
N THR B 23 34.59 -25.94 28.05
CA THR B 23 34.22 -27.16 27.34
C THR B 23 32.77 -27.56 27.64
N VAL B 24 32.05 -27.94 26.60
CA VAL B 24 30.72 -28.52 26.77
C VAL B 24 30.76 -29.98 26.36
N VAL B 25 30.44 -30.86 27.32
CA VAL B 25 30.36 -32.29 27.05
C VAL B 25 28.92 -32.68 26.75
N GLY B 26 28.71 -33.24 25.57
CA GLY B 26 27.37 -33.58 25.13
C GLY B 26 26.83 -32.51 24.19
N VAL B 27 26.58 -32.88 22.94
CA VAL B 27 26.02 -31.94 21.97
C VAL B 27 24.58 -32.29 21.63
N GLY B 28 23.84 -32.79 22.62
CA GLY B 28 22.40 -32.83 22.49
C GLY B 28 21.83 -31.42 22.44
N ALA B 29 20.52 -31.30 22.54
CA ALA B 29 19.87 -29.99 22.45
C ALA B 29 20.25 -29.10 23.63
N VAL B 30 20.39 -29.71 24.81
CA VAL B 30 20.81 -28.95 25.99
C VAL B 30 22.25 -28.44 25.86
N GLY B 31 23.18 -29.32 25.51
CA GLY B 31 24.57 -28.90 25.41
C GLY B 31 24.76 -27.79 24.39
N MET B 32 24.06 -27.90 23.26
CA MET B 32 24.17 -26.88 22.20
C MET B 32 23.50 -25.54 22.58
N ALA B 33 22.44 -25.59 23.36
CA ALA B 33 21.81 -24.35 23.84
C ALA B 33 22.76 -23.65 24.81
N CYS B 34 23.42 -24.44 25.66
CA CYS B 34 24.48 -23.93 26.52
C CYS B 34 25.57 -23.27 25.69
N ALA B 35 26.00 -23.97 24.65
CA ALA B 35 27.08 -23.50 23.78
C ALA B 35 26.76 -22.19 23.07
N ILE B 36 25.60 -22.09 22.43
CA ILE B 36 25.26 -20.88 21.69
C ILE B 36 25.11 -19.71 22.67
N SER B 37 24.54 -19.99 23.85
CA SER B 37 24.36 -18.93 24.84
C SER B 37 25.70 -18.45 25.40
N ILE B 38 26.62 -19.38 25.63
CA ILE B 38 27.97 -19.04 26.06
C ILE B 38 28.69 -18.23 24.97
N LEU B 39 28.58 -18.69 23.73
CA LEU B 39 29.23 -18.02 22.60
C LEU B 39 28.73 -16.58 22.43
N MET B 40 27.44 -16.38 22.65
CA MET B 40 26.86 -15.06 22.41
C MET B 40 26.99 -14.13 23.61
N LYS B 41 27.43 -14.66 24.75
CA LYS B 41 27.78 -13.79 25.88
C LYS B 41 29.26 -13.48 26.00
N ASP B 42 30.05 -13.89 25.00
CA ASP B 42 31.48 -13.60 25.02
C ASP B 42 32.16 -14.04 26.32
N LEU B 43 31.86 -15.26 26.77
CA LEU B 43 32.42 -15.73 28.03
C LEU B 43 33.75 -16.46 27.88
N ALA B 44 34.10 -16.85 26.66
CA ALA B 44 35.26 -17.71 26.43
C ALA B 44 36.10 -17.28 25.23
N ASP B 45 37.41 -17.53 25.29
CA ASP B 45 38.25 -17.33 24.12
C ASP B 45 38.45 -18.61 23.33
N GLU B 46 38.04 -19.75 23.89
CA GLU B 46 38.01 -21.01 23.16
C GLU B 46 36.86 -21.89 23.65
N LEU B 47 36.17 -22.53 22.72
CA LEU B 47 35.10 -23.45 23.08
C LEU B 47 35.37 -24.83 22.51
N ALA B 48 35.32 -25.84 23.36
CA ALA B 48 35.48 -27.21 22.92
C ALA B 48 34.16 -27.95 23.12
N LEU B 49 33.77 -28.76 22.14
CA LEU B 49 32.65 -29.66 22.31
C LEU B 49 33.18 -31.09 22.30
N VAL B 50 32.61 -31.96 23.13
CA VAL B 50 32.87 -33.39 23.02
C VAL B 50 31.59 -34.23 23.18
N ASP B 51 31.54 -35.35 22.46
CA ASP B 51 30.39 -36.25 22.48
C ASP B 51 30.87 -37.55 21.81
N VAL B 52 30.13 -38.65 22.01
CA VAL B 52 30.49 -39.90 21.35
C VAL B 52 29.92 -40.01 19.93
N MET B 53 28.94 -39.18 19.60
CA MET B 53 28.39 -39.15 18.25
C MET B 53 29.26 -38.27 17.36
N GLU B 54 30.18 -38.89 16.64
CA GLU B 54 31.24 -38.16 15.96
C GLU B 54 30.80 -37.30 14.79
N ASP B 55 29.86 -37.79 13.98
CA ASP B 55 29.34 -37.02 12.87
C ASP B 55 28.56 -35.81 13.42
N LYS B 56 27.65 -36.09 14.34
CA LYS B 56 26.84 -35.05 14.96
C LYS B 56 27.73 -33.97 15.55
N LEU B 57 28.76 -34.41 16.28
CA LEU B 57 29.72 -33.54 16.95
C LEU B 57 30.40 -32.63 15.94
N LYS B 58 30.90 -33.23 14.86
CA LYS B 58 31.62 -32.47 13.84
C LYS B 58 30.67 -31.51 13.12
N GLY B 59 29.45 -31.96 12.88
CA GLY B 59 28.44 -31.11 12.27
C GLY B 59 28.14 -29.86 13.09
N GLU B 60 27.94 -30.03 14.40
CA GLU B 60 27.64 -28.89 15.26
C GLU B 60 28.84 -27.93 15.36
N MET B 61 30.04 -28.49 15.48
CA MET B 61 31.24 -27.67 15.50
C MET B 61 31.30 -26.81 14.24
N MET B 62 31.13 -27.43 13.08
CA MET B 62 31.22 -26.70 11.83
C MET B 62 30.16 -25.61 11.74
N ASP B 63 28.96 -25.94 12.18
CA ASP B 63 27.86 -25.00 12.08
C ASP B 63 28.20 -23.75 12.90
N LEU B 64 28.72 -23.95 14.12
CA LEU B 64 29.10 -22.81 14.96
C LEU B 64 30.24 -22.01 14.33
N GLN B 65 31.23 -22.72 13.80
CA GLN B 65 32.40 -22.06 13.21
C GLN B 65 31.98 -21.13 12.10
N HIS B 66 31.02 -21.55 11.31
CA HIS B 66 30.57 -20.75 10.18
C HIS B 66 29.99 -19.41 10.63
N GLY B 67 29.69 -19.31 11.92
CA GLY B 67 29.16 -18.07 12.45
C GLY B 67 30.22 -17.19 13.09
N SER B 68 31.50 -17.53 12.87
CA SER B 68 32.62 -16.80 13.46
C SER B 68 32.55 -15.30 13.22
N LEU B 69 32.28 -14.91 11.98
CA LEU B 69 32.20 -13.50 11.63
C LEU B 69 31.36 -12.73 12.66
N PHE B 70 30.37 -13.42 13.22
CA PHE B 70 29.39 -12.78 14.09
C PHE B 70 29.63 -12.99 15.59
N LEU B 71 30.74 -13.62 15.92
CA LEU B 71 31.04 -13.96 17.32
C LEU B 71 32.37 -13.31 17.74
N ARG B 72 32.69 -13.38 19.03
CA ARG B 72 33.97 -12.91 19.52
C ARG B 72 34.65 -14.01 20.31
N THR B 73 34.51 -15.23 19.83
CA THR B 73 35.18 -16.40 20.38
C THR B 73 35.92 -17.05 19.24
N PRO B 74 37.24 -16.81 19.17
CA PRO B 74 38.05 -17.04 17.96
C PRO B 74 38.32 -18.50 17.64
N LYS B 75 38.17 -19.37 18.62
CA LYS B 75 38.49 -20.77 18.39
C LYS B 75 37.42 -21.72 18.93
N ILE B 76 36.87 -22.52 18.03
CA ILE B 76 35.90 -23.54 18.40
C ILE B 76 36.42 -24.89 17.92
N VAL B 77 36.57 -25.84 18.86
CA VAL B 77 37.12 -27.17 18.56
C VAL B 77 36.21 -28.28 19.06
N SER B 78 36.39 -29.47 18.51
CA SER B 78 35.62 -30.63 18.94
C SER B 78 36.39 -31.93 18.67
N GLY B 79 36.00 -32.97 19.40
CA GLY B 79 36.62 -34.26 19.20
C GLY B 79 36.05 -35.26 20.18
N LYS B 80 36.03 -36.52 19.75
CA LYS B 80 35.65 -37.63 20.60
C LYS B 80 36.76 -37.82 21.63
N ASP B 81 37.94 -37.28 21.31
CA ASP B 81 39.12 -37.44 22.15
C ASP B 81 39.36 -36.22 23.04
N TYR B 82 39.46 -36.44 24.35
CA TYR B 82 39.39 -35.35 25.31
C TYR B 82 40.59 -34.40 25.33
N SER B 83 41.62 -34.71 24.56
CA SER B 83 42.73 -33.78 24.45
C SER B 83 42.27 -32.43 23.90
N VAL B 84 41.14 -32.43 23.19
CA VAL B 84 40.58 -31.19 22.66
C VAL B 84 40.10 -30.27 23.78
N THR B 85 39.88 -30.84 24.97
CA THR B 85 39.34 -30.09 26.09
C THR B 85 40.43 -29.57 27.02
N ALA B 86 41.70 -29.68 26.60
CA ALA B 86 42.80 -29.41 27.51
C ALA B 86 42.77 -27.97 28.07
N ASN B 87 43.07 -27.83 29.36
CA ASN B 87 43.19 -26.52 30.00
C ASN B 87 41.90 -25.71 30.02
N SER B 88 40.76 -26.38 30.14
CA SER B 88 39.50 -25.69 30.33
C SER B 88 39.41 -25.08 31.72
N LYS B 89 38.91 -23.86 31.81
CA LYS B 89 38.58 -23.25 33.10
C LYS B 89 37.35 -23.94 33.69
N LEU B 90 36.43 -24.31 32.82
CA LEU B 90 35.10 -24.77 33.21
C LEU B 90 34.65 -25.84 32.25
N VAL B 91 34.16 -26.96 32.78
CA VAL B 91 33.65 -28.03 31.93
C VAL B 91 32.22 -28.37 32.32
N ILE B 92 31.34 -28.34 31.33
CA ILE B 92 29.90 -28.43 31.55
C ILE B 92 29.43 -29.80 31.07
N ILE B 93 28.90 -30.62 31.99
CA ILE B 93 28.49 -31.97 31.62
C ILE B 93 26.99 -32.02 31.36
N THR B 94 26.62 -32.31 30.12
CA THR B 94 25.22 -32.41 29.77
C THR B 94 24.92 -33.78 29.18
N ALA B 95 25.95 -34.63 29.09
CA ALA B 95 25.78 -36.00 28.62
C ALA B 95 25.22 -36.90 29.71
N GLY B 96 24.52 -37.94 29.29
CA GLY B 96 23.97 -38.89 30.24
C GLY B 96 23.16 -39.98 29.54
N ALA B 97 22.73 -40.98 30.29
CA ALA B 97 21.82 -41.98 29.76
C ALA B 97 20.38 -41.49 29.89
N ARG B 98 19.52 -41.90 28.96
CA ARG B 98 18.12 -41.47 28.99
C ARG B 98 17.23 -42.34 29.88
N GLN B 99 15.96 -41.95 29.99
CA GLN B 99 14.98 -42.88 30.53
C GLN B 99 14.29 -43.86 29.57
N GLN B 100 14.38 -45.14 29.95
CA GLN B 100 13.56 -46.17 29.35
C GLN B 100 12.38 -46.57 30.25
N GLU B 101 12.60 -47.48 31.20
CA GLU B 101 11.52 -48.07 31.99
C GLU B 101 12.09 -48.95 33.08
N GLY B 102 11.25 -49.31 34.06
CA GLY B 102 11.73 -50.13 35.17
C GLY B 102 13.01 -49.52 35.73
N GLU B 103 12.87 -48.24 36.03
CA GLU B 103 13.91 -47.49 36.73
C GLU B 103 14.29 -48.11 38.07
N SER B 104 15.26 -49.01 38.15
CA SER B 104 15.87 -49.25 39.46
C SER B 104 16.77 -48.05 39.76
N ARG B 105 16.18 -46.85 39.66
CA ARG B 105 16.80 -45.55 39.88
C ARG B 105 18.32 -45.62 40.01
N LEU B 106 18.78 -46.33 41.04
CA LEU B 106 20.17 -46.80 41.10
C LEU B 106 20.53 -47.70 39.91
N ASN B 107 19.82 -47.53 38.79
CA ASN B 107 20.17 -48.14 37.51
C ASN B 107 20.28 -47.03 36.47
N LEU B 108 19.17 -46.34 36.15
CA LEU B 108 19.30 -45.21 35.23
C LEU B 108 20.16 -44.17 35.89
N VAL B 109 20.96 -44.62 36.83
CA VAL B 109 21.84 -43.70 37.50
C VAL B 109 23.14 -44.45 37.46
N GLN B 110 23.10 -45.68 37.95
CA GLN B 110 24.27 -46.52 37.82
C GLN B 110 24.75 -46.60 36.35
N ARG B 111 23.83 -46.58 35.39
CA ARG B 111 24.20 -46.45 33.97
C ARG B 111 24.84 -45.08 33.69
N ASN B 112 24.22 -44.01 34.20
CA ASN B 112 24.85 -42.69 34.11
C ASN B 112 26.19 -42.69 34.84
N VAL B 113 26.29 -43.46 35.92
CA VAL B 113 27.55 -43.60 36.64
C VAL B 113 28.62 -44.27 35.76
N ASN B 114 28.20 -45.28 35.00
CA ASN B 114 29.11 -45.96 34.11
C ASN B 114 29.51 -45.07 32.95
N ILE B 115 28.59 -44.22 32.51
CA ILE B 115 28.92 -43.24 31.48
C ILE B 115 29.90 -42.21 32.03
N PHE B 116 29.64 -41.71 33.24
CA PHE B 116 30.55 -40.77 33.87
C PHE B 116 31.92 -41.38 34.16
N LYS B 117 31.96 -42.69 34.38
CA LYS B 117 33.24 -43.35 34.64
C LYS B 117 34.17 -43.21 33.43
N PHE B 118 33.59 -42.96 32.26
CA PHE B 118 34.39 -42.67 31.07
C PHE B 118 34.68 -41.17 30.93
N ILE B 119 33.64 -40.36 31.00
CA ILE B 119 33.76 -38.91 30.80
C ILE B 119 34.66 -38.20 31.82
N ILE B 120 34.36 -38.38 33.10
CA ILE B 120 34.98 -37.55 34.13
C ILE B 120 36.49 -37.75 34.26
N PRO B 121 36.97 -39.01 34.27
CA PRO B 121 38.43 -39.22 34.26
C PRO B 121 39.13 -38.52 33.09
N ASN B 122 38.57 -38.64 31.89
CA ASN B 122 39.11 -37.94 30.72
C ASN B 122 39.13 -36.42 30.91
N VAL B 123 38.02 -35.86 31.39
CA VAL B 123 37.94 -34.43 31.66
C VAL B 123 39.06 -33.98 32.61
N VAL B 124 39.16 -34.64 33.76
CA VAL B 124 40.12 -34.20 34.78
C VAL B 124 41.56 -34.44 34.32
N LYS B 125 41.76 -35.41 33.43
CA LYS B 125 43.10 -35.66 32.90
C LYS B 125 43.62 -34.48 32.11
N TYR B 126 42.77 -33.88 31.29
CA TYR B 126 43.23 -32.77 30.47
C TYR B 126 42.97 -31.40 31.09
N SER B 127 42.06 -31.33 32.06
CA SER B 127 41.84 -30.08 32.80
C SER B 127 41.84 -30.31 34.30
N PRO B 128 43.02 -30.58 34.88
CA PRO B 128 43.17 -30.91 36.29
C PRO B 128 42.58 -29.84 37.21
N HIS B 129 42.52 -28.61 36.73
CA HIS B 129 42.12 -27.49 37.60
C HIS B 129 40.80 -26.84 37.22
N CYS B 130 40.02 -27.51 36.37
CA CYS B 130 38.76 -26.91 35.90
C CYS B 130 37.73 -26.88 37.01
N LYS B 131 36.70 -26.06 36.83
CA LYS B 131 35.46 -26.26 37.57
C LYS B 131 34.55 -27.20 36.77
N LEU B 132 33.86 -28.10 37.48
CA LEU B 132 32.88 -28.98 36.86
C LEU B 132 31.47 -28.47 37.10
N LEU B 133 30.71 -28.32 36.03
CA LEU B 133 29.30 -27.95 36.14
C LEU B 133 28.44 -29.03 35.48
N VAL B 134 27.67 -29.73 36.33
CA VAL B 134 26.85 -30.83 35.90
C VAL B 134 25.41 -30.37 35.73
N VAL B 135 24.81 -30.73 34.60
CA VAL B 135 23.46 -30.30 34.26
C VAL B 135 22.57 -31.54 34.06
N SER B 136 23.21 -32.67 33.76
CA SER B 136 22.51 -33.93 33.48
C SER B 136 21.63 -34.37 34.65
N ASN B 137 20.44 -34.87 34.35
CA ASN B 137 19.53 -35.37 35.37
C ASN B 137 19.71 -36.86 35.66
N PRO B 138 19.48 -37.26 36.93
CA PRO B 138 19.11 -36.37 38.05
C PRO B 138 20.31 -35.61 38.61
N VAL B 139 20.22 -34.27 38.60
CA VAL B 139 21.40 -33.42 38.73
C VAL B 139 22.09 -33.50 40.11
N ASP B 140 21.32 -33.60 41.18
CA ASP B 140 21.91 -33.66 42.52
C ASP B 140 22.69 -34.95 42.71
N ILE B 141 22.14 -36.06 42.20
CA ILE B 141 22.83 -37.34 42.26
C ILE B 141 24.05 -37.40 41.32
N LEU B 142 23.87 -36.91 40.10
CA LEU B 142 24.96 -36.95 39.13
C LEU B 142 26.12 -36.01 39.46
N THR B 143 25.81 -34.91 40.14
CA THR B 143 26.86 -34.01 40.59
C THR B 143 27.71 -34.67 41.69
N TYR B 144 27.06 -35.49 42.53
CA TYR B 144 27.76 -36.27 43.54
C TYR B 144 28.66 -37.31 42.86
N VAL B 145 28.13 -37.96 41.83
CA VAL B 145 28.88 -38.98 41.11
C VAL B 145 30.13 -38.38 40.45
N ALA B 146 29.98 -37.22 39.82
CA ALA B 146 31.13 -36.56 39.20
C ALA B 146 32.11 -36.11 40.26
N TRP B 147 31.58 -35.71 41.42
CA TRP B 147 32.45 -35.29 42.49
C TRP B 147 33.30 -36.47 42.97
N LYS B 148 32.66 -37.62 43.20
CA LYS B 148 33.38 -38.80 43.65
C LYS B 148 34.42 -39.27 42.62
N ILE B 149 34.01 -39.36 41.35
CA ILE B 149 34.91 -39.88 40.34
C ILE B 149 36.09 -38.96 40.07
N SER B 150 35.87 -37.66 40.18
CA SER B 150 36.90 -36.70 39.80
C SER B 150 37.99 -36.55 40.86
N GLY B 151 37.63 -36.72 42.13
CA GLY B 151 38.57 -36.48 43.20
C GLY B 151 38.69 -35.00 43.55
N PHE B 152 37.90 -34.16 42.88
CA PHE B 152 37.94 -32.72 43.10
C PHE B 152 37.43 -32.29 44.49
N PRO B 153 37.96 -31.20 45.01
CA PRO B 153 37.37 -30.59 46.21
C PRO B 153 35.98 -30.03 45.90
N LYS B 154 35.12 -30.04 46.91
CA LYS B 154 33.71 -29.77 46.70
C LYS B 154 33.41 -28.42 46.08
N ASN B 155 34.24 -27.41 46.36
CA ASN B 155 34.02 -26.07 45.81
C ASN B 155 34.05 -26.03 44.28
N ARG B 156 34.69 -27.02 43.67
CA ARG B 156 34.86 -27.04 42.22
C ARG B 156 33.91 -27.97 41.47
N VAL B 157 33.00 -28.62 42.18
CA VAL B 157 32.02 -29.48 41.53
C VAL B 157 30.59 -29.00 41.82
N ILE B 158 29.93 -28.54 40.76
CA ILE B 158 28.69 -27.78 40.88
C ILE B 158 27.58 -28.43 40.06
N GLY B 159 26.36 -28.40 40.59
CA GLY B 159 25.22 -28.87 39.83
C GLY B 159 24.29 -27.72 39.48
N SER B 160 23.71 -27.75 38.29
CA SER B 160 22.81 -26.68 37.90
C SER B 160 21.64 -26.56 38.88
N GLY B 161 21.20 -27.70 39.41
CA GLY B 161 20.27 -27.70 40.53
C GLY B 161 18.97 -26.95 40.25
N CYS B 162 18.54 -26.12 41.20
CA CYS B 162 17.26 -25.41 41.08
C CYS B 162 17.38 -24.02 40.44
N ASN B 163 18.49 -23.77 39.74
CA ASN B 163 18.73 -22.44 39.19
C ASN B 163 17.67 -22.07 38.14
N LEU B 164 17.41 -22.97 37.20
CA LEU B 164 16.38 -22.72 36.19
C LEU B 164 14.97 -22.69 36.79
N ASP B 165 14.68 -23.60 37.71
CA ASP B 165 13.37 -23.64 38.32
C ASP B 165 13.05 -22.35 39.10
N SER B 166 14.06 -21.77 39.75
CA SER B 166 13.87 -20.47 40.39
C SER B 166 13.61 -19.37 39.34
N ALA B 167 14.33 -19.43 38.23
CA ALA B 167 14.12 -18.48 37.15
C ALA B 167 12.70 -18.60 36.58
N ARG B 168 12.24 -19.84 36.44
CA ARG B 168 10.87 -20.09 36.00
C ARG B 168 9.91 -19.53 37.02
N PHE B 169 10.23 -19.72 38.28
CA PHE B 169 9.37 -19.28 39.37
C PHE B 169 9.27 -17.76 39.33
N ARG B 170 10.40 -17.10 39.14
CA ARG B 170 10.45 -15.64 39.11
C ARG B 170 9.73 -15.12 37.86
N TYR B 171 9.77 -15.91 36.80
CA TYR B 171 9.03 -15.54 35.59
C TYR B 171 7.54 -15.62 35.85
N LEU B 172 7.07 -16.71 36.44
CA LEU B 172 5.64 -16.86 36.69
C LEU B 172 5.20 -15.80 37.71
N MET B 173 6.07 -15.54 38.67
CA MET B 173 5.84 -14.49 39.65
C MET B 173 5.62 -13.16 38.93
N GLY B 174 6.55 -12.82 38.04
CA GLY B 174 6.41 -11.59 37.27
C GLY B 174 5.10 -11.49 36.49
N GLU B 175 4.69 -12.61 35.90
CA GLU B 175 3.43 -12.63 35.16
C GLU B 175 2.23 -12.32 36.04
N ARG B 176 2.25 -12.79 37.29
CA ARG B 176 1.13 -12.58 38.20
C ARG B 176 1.03 -11.15 38.71
N LEU B 177 2.17 -10.47 38.79
CA LEU B 177 2.26 -9.18 39.47
C LEU B 177 2.40 -8.00 38.49
N GLY B 178 2.70 -8.32 37.24
CA GLY B 178 2.81 -7.29 36.21
C GLY B 178 4.16 -6.59 36.18
N VAL B 179 5.20 -7.26 36.66
CA VAL B 179 6.53 -6.67 36.63
C VAL B 179 7.56 -7.68 36.14
N HIS B 180 8.69 -7.19 35.65
CA HIS B 180 9.71 -8.06 35.06
C HIS B 180 10.26 -9.05 36.09
N ALA B 181 10.68 -10.20 35.59
CA ALA B 181 11.25 -11.25 36.44
C ALA B 181 12.48 -10.76 37.21
N LEU B 182 13.25 -9.86 36.60
CA LEU B 182 14.44 -9.32 37.26
C LEU B 182 14.10 -8.65 38.60
N SER B 183 12.88 -8.12 38.72
CA SER B 183 12.48 -7.44 39.94
C SER B 183 11.67 -8.34 40.86
N CYS B 184 11.38 -9.56 40.43
CA CYS B 184 10.65 -10.50 41.28
C CYS B 184 11.57 -11.51 41.91
N HIS B 185 11.54 -11.59 43.23
CA HIS B 185 12.51 -12.40 43.94
C HIS B 185 11.85 -13.57 44.63
N GLY B 186 12.51 -14.72 44.56
CA GLY B 186 12.00 -15.93 45.15
C GLY B 186 12.95 -17.07 44.91
N TRP B 187 13.02 -17.99 45.86
CA TRP B 187 13.97 -19.07 45.77
C TRP B 187 13.31 -20.44 45.87
N ILE B 188 13.70 -21.32 44.95
CA ILE B 188 13.37 -22.72 45.07
C ILE B 188 14.65 -23.48 45.37
N LEU B 189 14.63 -24.22 46.48
CA LEU B 189 15.85 -24.80 47.02
C LEU B 189 15.72 -26.29 47.19
N GLY B 190 16.82 -26.93 47.56
CA GLY B 190 16.77 -28.33 47.94
C GLY B 190 16.96 -29.27 46.77
N GLU B 191 16.23 -30.38 46.81
CA GLU B 191 16.35 -31.42 45.79
C GLU B 191 15.65 -30.96 44.51
N HIS B 192 16.40 -30.90 43.42
CA HIS B 192 15.83 -30.52 42.12
C HIS B 192 14.68 -31.49 41.82
N GLY B 193 13.57 -30.97 41.29
CA GLY B 193 12.45 -31.84 40.95
C GLY B 193 11.22 -31.65 41.80
N ASP B 194 10.35 -32.65 41.86
CA ASP B 194 9.08 -32.58 42.59
C ASP B 194 9.25 -32.23 44.06
N SER B 195 10.39 -32.64 44.64
CA SER B 195 10.62 -32.47 46.06
C SER B 195 11.29 -31.14 46.43
N SER B 196 11.46 -30.25 45.45
CA SER B 196 12.11 -28.98 45.74
C SER B 196 11.25 -28.14 46.67
N VAL B 197 11.86 -27.12 47.27
CA VAL B 197 11.25 -26.39 48.37
C VAL B 197 11.04 -24.93 47.97
N PRO B 198 9.77 -24.52 47.80
CA PRO B 198 9.52 -23.09 47.55
C PRO B 198 9.62 -22.34 48.87
N VAL B 199 10.57 -21.41 48.98
CA VAL B 199 10.77 -20.70 50.23
C VAL B 199 9.87 -19.48 50.32
N TRP B 200 8.61 -19.71 50.68
CA TRP B 200 7.58 -18.68 50.65
C TRP B 200 8.01 -17.39 51.35
N SER B 201 8.74 -17.55 52.45
CA SER B 201 9.12 -16.41 53.29
C SER B 201 10.01 -15.39 52.56
N GLY B 202 10.76 -15.86 51.56
CA GLY B 202 11.74 -15.00 50.92
C GLY B 202 11.25 -14.26 49.69
N MET B 203 10.03 -14.56 49.28
CA MET B 203 9.48 -13.99 48.06
C MET B 203 9.08 -12.54 48.24
N ASN B 204 9.55 -11.67 47.35
CA ASN B 204 9.33 -10.24 47.52
C ASN B 204 9.56 -9.45 46.25
N VAL B 205 9.04 -8.22 46.25
CA VAL B 205 9.40 -7.21 45.26
C VAL B 205 9.85 -5.98 46.03
N ALA B 206 11.01 -5.43 45.65
CA ALA B 206 11.57 -4.25 46.31
C ALA B 206 11.61 -4.41 47.82
N GLY B 207 11.91 -5.61 48.29
CA GLY B 207 12.05 -5.82 49.72
C GLY B 207 10.74 -5.94 50.47
N VAL B 208 9.62 -5.97 49.76
CA VAL B 208 8.33 -6.17 50.42
C VAL B 208 7.94 -7.64 50.41
N SER B 209 7.91 -8.24 51.60
CA SER B 209 7.58 -9.65 51.77
C SER B 209 6.14 -9.93 51.39
N LEU B 210 5.93 -10.85 50.46
CA LEU B 210 4.59 -11.19 50.01
C LEU B 210 3.87 -11.98 51.10
N LYS B 211 4.62 -12.83 51.79
CA LYS B 211 4.07 -13.63 52.87
C LYS B 211 3.56 -12.74 54.00
N THR B 212 4.19 -11.59 54.17
CA THR B 212 3.78 -10.66 55.21
C THR B 212 2.55 -9.86 54.82
N LEU B 213 2.41 -9.52 53.55
CA LEU B 213 1.16 -8.91 53.08
C LEU B 213 0.07 -9.98 53.08
N HIS B 214 0.47 -11.22 52.86
CA HIS B 214 -0.49 -12.28 52.54
C HIS B 214 -0.05 -13.58 53.19
N PRO B 215 -0.34 -13.74 54.49
CA PRO B 215 0.17 -14.84 55.33
C PRO B 215 -0.26 -16.22 54.85
N GLU B 216 -1.41 -16.28 54.19
CA GLU B 216 -1.89 -17.55 53.65
C GLU B 216 -1.03 -18.03 52.47
N LEU B 217 -0.13 -17.17 51.99
CA LEU B 217 0.68 -17.48 50.81
C LEU B 217 1.32 -18.85 50.93
N GLY B 218 1.11 -19.67 49.91
CA GLY B 218 1.75 -20.97 49.88
C GLY B 218 0.93 -22.12 50.45
N THR B 219 -0.06 -21.82 51.27
CA THR B 219 -0.85 -22.87 51.93
C THR B 219 -2.00 -23.34 51.05
N ASP B 220 -2.62 -24.44 51.45
CA ASP B 220 -3.77 -24.97 50.73
C ASP B 220 -4.94 -23.99 50.83
N ALA B 221 -4.96 -23.22 51.90
CA ALA B 221 -6.03 -22.25 52.13
C ALA B 221 -5.82 -20.96 51.36
N ASP B 222 -4.74 -20.88 50.58
CA ASP B 222 -4.42 -19.66 49.84
C ASP B 222 -5.46 -19.43 48.76
N LYS B 223 -6.25 -18.37 48.92
CA LYS B 223 -7.34 -18.09 47.99
C LYS B 223 -6.77 -17.84 46.59
N GLU B 224 -5.50 -17.48 46.54
CA GLU B 224 -4.84 -17.17 45.27
C GLU B 224 -3.98 -18.33 44.77
N GLN B 225 -3.91 -19.40 45.55
CA GLN B 225 -3.37 -20.66 45.06
C GLN B 225 -1.91 -20.59 44.63
N TRP B 226 -1.10 -19.82 45.35
CA TRP B 226 0.30 -19.66 44.99
C TRP B 226 1.08 -20.97 45.07
N LYS B 227 0.57 -21.92 45.85
CA LYS B 227 1.13 -23.26 45.86
C LYS B 227 1.18 -23.87 44.46
N GLN B 228 0.14 -23.59 43.66
CA GLN B 228 0.07 -24.14 42.31
C GLN B 228 1.16 -23.56 41.41
N VAL B 229 1.70 -22.41 41.78
CA VAL B 229 2.76 -21.79 41.00
C VAL B 229 4.04 -22.61 41.13
N HIS B 230 4.33 -23.08 42.34
CA HIS B 230 5.48 -23.96 42.54
C HIS B 230 5.26 -25.27 41.77
N LYS B 231 4.07 -25.85 41.90
CA LYS B 231 3.75 -27.08 41.17
C LYS B 231 3.87 -26.85 39.66
N GLN B 232 3.50 -25.65 39.22
CA GLN B 232 3.60 -25.30 37.81
C GLN B 232 5.06 -25.27 37.38
N VAL B 233 5.94 -24.83 38.28
CA VAL B 233 7.36 -24.87 38.01
C VAL B 233 7.85 -26.32 37.90
N VAL B 234 7.49 -27.14 38.88
CA VAL B 234 7.92 -28.53 38.91
C VAL B 234 7.46 -29.31 37.68
N ASP B 235 6.33 -28.92 37.11
CA ASP B 235 5.76 -29.62 35.95
C ASP B 235 6.19 -29.04 34.60
N SER B 236 6.79 -27.85 34.62
CA SER B 236 6.94 -27.09 33.37
C SER B 236 7.84 -27.79 32.36
N ALA B 237 8.90 -28.44 32.85
CA ALA B 237 9.80 -29.17 31.96
C ALA B 237 9.03 -30.28 31.25
N TYR B 238 8.21 -31.00 32.02
CA TYR B 238 7.33 -32.04 31.49
C TYR B 238 6.29 -31.47 30.51
N GLU B 239 5.80 -30.26 30.76
CA GLU B 239 4.82 -29.66 29.87
C GLU B 239 5.45 -29.26 28.54
N VAL B 240 6.68 -28.74 28.60
CA VAL B 240 7.40 -28.33 27.39
C VAL B 240 7.84 -29.55 26.56
N ILE B 241 8.35 -30.57 27.22
CA ILE B 241 8.72 -31.83 26.56
C ILE B 241 7.51 -32.41 25.84
N LYS B 242 6.36 -32.38 26.49
CA LYS B 242 5.12 -32.87 25.93
C LYS B 242 4.78 -32.13 24.62
N LEU B 243 5.15 -30.87 24.55
CA LEU B 243 4.81 -30.02 23.42
C LEU B 243 5.85 -30.03 22.30
N LYS B 244 7.13 -29.92 22.65
CA LYS B 244 8.18 -29.80 21.64
C LYS B 244 9.19 -30.94 21.64
N GLY B 245 9.14 -31.79 22.66
CA GLY B 245 9.97 -32.99 22.65
C GLY B 245 11.17 -32.96 23.58
N TYR B 246 11.49 -31.76 24.07
CA TYR B 246 12.65 -31.55 24.95
C TYR B 246 12.59 -30.10 25.39
N THR B 247 13.48 -29.69 26.30
CA THR B 247 13.66 -28.27 26.56
C THR B 247 15.12 -27.93 26.24
N THR B 248 15.37 -26.68 25.87
CA THR B 248 16.73 -26.26 25.52
C THR B 248 17.05 -24.85 25.93
N TRP B 249 16.29 -23.90 25.40
CA TRP B 249 16.71 -22.51 25.47
C TRP B 249 16.82 -22.04 26.90
N ALA B 250 15.82 -22.33 27.74
CA ALA B 250 15.83 -21.79 29.09
C ALA B 250 16.98 -22.36 29.90
N ILE B 251 17.23 -23.66 29.76
CA ILE B 251 18.30 -24.29 30.52
C ILE B 251 19.63 -23.74 30.04
N GLY B 252 19.78 -23.60 28.72
CA GLY B 252 21.00 -23.04 28.17
C GLY B 252 21.30 -21.63 28.66
N LEU B 253 20.29 -20.77 28.67
CA LEU B 253 20.47 -19.41 29.18
C LEU B 253 20.84 -19.42 30.65
N SER B 254 20.20 -20.29 31.44
CA SER B 254 20.47 -20.35 32.86
C SER B 254 21.90 -20.84 33.10
N VAL B 255 22.34 -21.82 32.31
CA VAL B 255 23.71 -22.34 32.45
C VAL B 255 24.77 -21.31 32.05
N ALA B 256 24.50 -20.53 31.00
CA ALA B 256 25.42 -19.49 30.58
C ALA B 256 25.56 -18.41 31.67
N ASP B 257 24.47 -18.17 32.38
CA ASP B 257 24.50 -17.18 33.44
C ASP B 257 25.37 -17.67 34.64
N LEU B 258 25.37 -18.98 34.90
CA LEU B 258 26.27 -19.52 35.91
C LEU B 258 27.72 -19.41 35.43
N ALA B 259 27.91 -19.64 34.13
CA ALA B 259 29.23 -19.59 33.52
C ALA B 259 29.80 -18.17 33.60
N GLU B 260 28.93 -17.17 33.48
CA GLU B 260 29.37 -15.78 33.59
C GLU B 260 29.89 -15.48 35.00
N SER B 261 29.16 -15.91 36.01
CA SER B 261 29.58 -15.69 37.39
C SER B 261 30.93 -16.32 37.65
N ILE B 262 31.17 -17.49 37.07
CA ILE B 262 32.43 -18.20 37.25
C ILE B 262 33.59 -17.52 36.52
N MET B 263 33.43 -17.30 35.22
CA MET B 263 34.49 -16.73 34.37
C MET B 263 34.87 -15.31 34.76
N LYS B 264 33.91 -14.54 35.28
CA LYS B 264 34.17 -13.16 35.64
C LYS B 264 34.25 -12.97 37.16
N ASN B 265 34.25 -14.09 37.88
CA ASN B 265 34.42 -14.10 39.34
C ASN B 265 33.48 -13.09 39.97
N LEU B 266 32.21 -13.15 39.57
CA LEU B 266 31.24 -12.14 40.01
C LEU B 266 30.82 -12.28 41.46
N ARG B 267 30.95 -13.49 42.00
CA ARG B 267 30.47 -13.77 43.36
C ARG B 267 29.00 -13.33 43.53
N ARG B 268 28.17 -13.64 42.55
CA ARG B 268 26.72 -13.52 42.70
C ARG B 268 26.20 -14.75 43.44
N VAL B 269 25.04 -14.62 44.07
CA VAL B 269 24.38 -15.75 44.70
C VAL B 269 23.37 -16.43 43.77
N HIS B 270 23.56 -17.72 43.49
CA HIS B 270 22.62 -18.50 42.68
C HIS B 270 22.12 -19.70 43.46
N PRO B 271 20.87 -20.13 43.21
CA PRO B 271 20.37 -21.38 43.79
C PRO B 271 20.85 -22.59 43.00
N ILE B 272 22.01 -23.11 43.37
CA ILE B 272 22.61 -24.25 42.69
C ILE B 272 23.00 -25.36 43.67
N SER B 273 23.21 -26.57 43.18
CA SER B 273 23.45 -27.70 44.07
C SER B 273 24.91 -27.80 44.47
N THR B 274 25.15 -27.93 45.78
CA THR B 274 26.49 -27.88 46.33
C THR B 274 26.57 -28.93 47.44
N MET B 275 27.75 -29.49 47.66
CA MET B 275 27.93 -30.51 48.69
C MET B 275 27.76 -29.87 50.06
N LEU B 276 26.59 -30.07 50.68
CA LEU B 276 26.28 -29.30 51.88
C LEU B 276 26.35 -30.03 53.22
N LYS B 277 27.05 -31.15 53.26
CA LYS B 277 27.34 -31.81 54.53
C LYS B 277 27.79 -30.79 55.56
N GLY B 278 27.21 -30.84 56.75
CA GLY B 278 27.63 -29.95 57.84
C GLY B 278 26.79 -28.70 57.97
N LEU B 279 25.93 -28.45 56.99
CA LEU B 279 25.09 -27.25 56.99
C LEU B 279 23.64 -27.68 56.90
N TYR B 280 22.73 -26.78 57.28
CA TYR B 280 21.31 -27.02 57.14
C TYR B 280 20.87 -28.33 57.80
N GLY B 281 21.60 -28.74 58.83
CA GLY B 281 21.20 -29.93 59.58
C GLY B 281 21.50 -31.25 58.89
N ILE B 282 22.36 -31.24 57.89
CA ILE B 282 22.62 -32.43 57.08
C ILE B 282 23.99 -33.05 57.39
N LYS B 283 24.07 -34.37 57.35
CA LYS B 283 25.27 -35.08 57.79
C LYS B 283 25.83 -36.05 56.76
N GLU B 284 25.16 -36.19 55.63
CA GLU B 284 25.63 -37.10 54.58
C GLU B 284 26.34 -36.33 53.48
N ASP B 285 27.08 -37.06 52.64
CA ASP B 285 27.70 -36.51 51.44
C ASP B 285 26.68 -36.35 50.31
N VAL B 286 25.90 -35.28 50.34
CA VAL B 286 24.93 -35.06 49.28
C VAL B 286 24.98 -33.62 48.78
N PHE B 287 24.45 -33.43 47.58
CA PHE B 287 24.36 -32.12 47.00
C PHE B 287 22.89 -31.70 46.98
N LEU B 288 22.64 -30.53 47.54
CA LEU B 288 21.33 -29.88 47.48
C LEU B 288 21.52 -28.43 47.03
N SER B 289 20.47 -27.84 46.49
CA SER B 289 20.51 -26.43 46.10
C SER B 289 20.23 -25.51 47.27
N VAL B 290 21.18 -24.63 47.55
CA VAL B 290 20.98 -23.51 48.45
C VAL B 290 21.54 -22.26 47.77
N PRO B 291 21.31 -21.07 48.35
CA PRO B 291 21.90 -19.90 47.68
C PRO B 291 23.42 -19.93 47.84
N CYS B 292 24.15 -20.02 46.72
CA CYS B 292 25.61 -20.12 46.75
C CYS B 292 26.32 -18.91 46.15
N VAL B 293 27.41 -18.50 46.78
CA VAL B 293 28.32 -17.52 46.18
C VAL B 293 29.21 -18.19 45.13
N LEU B 294 29.07 -17.76 43.88
CA LEU B 294 29.72 -18.43 42.77
C LEU B 294 30.77 -17.51 42.14
N GLY B 295 32.00 -17.99 42.06
CA GLY B 295 33.09 -17.20 41.53
C GLY B 295 34.11 -18.06 40.80
N GLN B 296 35.31 -17.51 40.63
CA GLN B 296 36.36 -18.16 39.84
C GLN B 296 36.87 -19.43 40.50
N ASN B 297 36.56 -19.62 41.79
CA ASN B 297 36.89 -20.88 42.46
C ASN B 297 35.63 -21.69 42.77
N GLY B 298 34.61 -21.53 41.93
CA GLY B 298 33.37 -22.27 42.15
C GLY B 298 32.57 -21.75 43.33
N ILE B 299 32.13 -22.65 44.19
CA ILE B 299 31.32 -22.25 45.33
C ILE B 299 32.15 -22.10 46.59
N SER B 300 32.36 -20.86 47.02
CA SER B 300 33.25 -20.56 48.13
C SER B 300 32.49 -20.28 49.43
N ASP B 301 31.19 -20.02 49.30
CA ASP B 301 30.37 -19.59 50.43
C ASP B 301 28.92 -19.94 50.13
N VAL B 302 28.18 -20.21 51.19
CA VAL B 302 26.75 -20.48 51.09
C VAL B 302 25.98 -19.55 52.03
N VAL B 303 24.85 -19.06 51.55
CA VAL B 303 23.93 -18.31 52.40
C VAL B 303 23.12 -19.29 53.24
N LYS B 304 23.04 -19.03 54.54
CA LYS B 304 22.25 -19.87 55.44
C LYS B 304 20.83 -19.31 55.54
N VAL B 305 19.92 -19.91 54.80
CA VAL B 305 18.54 -19.43 54.76
C VAL B 305 17.81 -19.84 56.03
N THR B 306 17.07 -18.89 56.61
CA THR B 306 16.23 -19.19 57.77
C THR B 306 15.02 -20.00 57.32
N LEU B 307 14.99 -21.28 57.70
CA LEU B 307 13.94 -22.18 57.26
C LEU B 307 12.96 -22.47 58.40
N THR B 308 11.70 -22.71 58.06
CA THR B 308 10.76 -23.20 59.06
C THR B 308 11.17 -24.62 59.39
N SER B 309 10.77 -25.09 60.57
CA SER B 309 11.03 -26.45 61.00
C SER B 309 10.53 -27.40 59.92
N GLU B 310 9.38 -27.08 59.35
CA GLU B 310 8.81 -27.86 58.26
C GLU B 310 9.74 -27.88 57.03
N GLU B 311 10.26 -26.72 56.66
CA GLU B 311 11.21 -26.63 55.56
C GLU B 311 12.51 -27.40 55.84
N GLU B 312 13.04 -27.25 57.05
CA GLU B 312 14.25 -27.97 57.46
C GLU B 312 14.10 -29.47 57.29
N ALA B 313 13.07 -30.03 57.89
CA ALA B 313 12.84 -31.47 57.83
C ALA B 313 12.67 -31.94 56.38
N HIS B 314 12.15 -31.05 55.53
CA HIS B 314 11.96 -31.38 54.13
C HIS B 314 13.32 -31.57 53.43
N LEU B 315 14.27 -30.69 53.76
CA LEU B 315 15.63 -30.79 53.26
C LEU B 315 16.36 -32.01 53.81
N LYS B 316 16.19 -32.26 55.12
CA LYS B 316 16.73 -33.44 55.76
C LYS B 316 16.25 -34.71 55.08
N LYS B 317 14.96 -34.79 54.77
CA LYS B 317 14.42 -35.96 54.12
C LYS B 317 15.04 -36.13 52.73
N SER B 318 15.18 -35.03 52.00
CA SER B 318 15.78 -35.09 50.67
C SER B 318 17.22 -35.62 50.77
N ALA B 319 17.96 -35.13 51.76
CA ALA B 319 19.33 -35.59 51.98
C ALA B 319 19.37 -37.11 52.15
N ASP B 320 18.45 -37.64 52.95
CA ASP B 320 18.42 -39.07 53.24
C ASP B 320 18.04 -39.91 52.02
N THR B 321 17.13 -39.40 51.18
CA THR B 321 16.73 -40.15 50.00
C THR B 321 17.87 -40.18 48.99
N LEU B 322 18.58 -39.05 48.86
CA LEU B 322 19.73 -38.98 47.95
C LEU B 322 20.82 -39.92 48.42
N TRP B 323 21.15 -39.86 49.71
CA TRP B 323 22.12 -40.79 50.25
C TRP B 323 21.64 -42.24 50.08
N GLY B 324 20.35 -42.46 50.27
CA GLY B 324 19.83 -43.82 50.16
C GLY B 324 20.20 -44.44 48.82
N ILE B 325 20.15 -43.63 47.75
CA ILE B 325 20.46 -44.11 46.39
C ILE B 325 21.98 -44.21 46.22
N GLN B 326 22.71 -43.20 46.68
CA GLN B 326 24.14 -43.12 46.45
C GLN B 326 24.86 -44.31 47.09
N LYS B 327 24.32 -44.77 48.22
CA LYS B 327 24.88 -45.94 48.91
C LYS B 327 25.03 -47.11 47.95
N GLU B 328 24.07 -47.23 47.03
CA GLU B 328 23.91 -48.40 46.20
C GLU B 328 24.66 -48.31 44.87
N LEU B 329 25.53 -47.30 44.75
CA LEU B 329 26.26 -47.04 43.52
C LEU B 329 27.62 -47.73 43.54
N GLN B 330 27.95 -48.42 42.45
CA GLN B 330 29.26 -49.03 42.30
C GLN B 330 30.19 -48.16 41.47
N PHE B 331 31.26 -47.67 42.10
CA PHE B 331 32.22 -46.77 41.46
C PHE B 331 33.48 -47.50 41.00
N ALA C 1 29.23 10.44 -12.39
CA ALA C 1 30.53 11.16 -12.43
C ALA C 1 31.13 11.27 -11.03
N ALA C 2 30.38 11.83 -10.08
CA ALA C 2 30.85 11.92 -8.70
C ALA C 2 31.19 10.52 -8.16
N LEU C 3 32.14 10.44 -7.23
CA LEU C 3 32.65 9.15 -6.77
C LEU C 3 31.57 8.37 -6.04
N LYS C 4 30.85 9.04 -5.15
CA LYS C 4 29.76 8.39 -4.43
C LYS C 4 28.81 7.72 -5.42
N ASP C 5 28.45 8.45 -6.46
CA ASP C 5 27.49 7.96 -7.44
C ASP C 5 28.08 6.86 -8.32
N GLN C 6 29.39 6.94 -8.58
CA GLN C 6 30.06 5.88 -9.32
C GLN C 6 30.00 4.59 -8.50
N LEU C 7 30.16 4.73 -7.19
CA LEU C 7 30.27 3.58 -6.28
C LEU C 7 28.90 3.05 -5.86
N ILE C 8 27.95 3.96 -5.69
CA ILE C 8 26.72 3.62 -5.02
C ILE C 8 25.52 4.06 -5.84
N HIS C 9 24.66 3.09 -6.16
CA HIS C 9 23.40 3.41 -6.80
C HIS C 9 22.32 3.67 -5.76
N ASN C 10 21.74 4.87 -5.77
CA ASN C 10 20.66 5.19 -4.84
C ASN C 10 19.32 4.70 -5.37
N LEU C 11 18.55 4.07 -4.49
CA LEU C 11 17.28 3.48 -4.87
C LEU C 11 16.13 4.06 -4.05
N LEU C 12 16.46 4.71 -2.94
CA LEU C 12 15.44 5.17 -2.03
C LEU C 12 15.75 6.57 -1.53
N LYS C 13 14.75 7.43 -1.60
CA LYS C 13 14.85 8.78 -1.07
C LYS C 13 14.83 8.72 0.46
N GLU C 14 15.13 9.84 1.10
CA GLU C 14 15.08 9.93 2.56
C GLU C 14 13.66 10.14 3.09
N GLU C 15 13.30 9.36 4.11
CA GLU C 15 12.09 9.65 4.88
C GLU C 15 12.51 9.93 6.32
N HIS C 16 13.79 10.25 6.49
CA HIS C 16 14.48 10.02 7.75
C HIS C 16 13.78 10.48 9.02
N VAL C 17 13.41 9.50 9.83
CA VAL C 17 12.69 9.73 11.07
C VAL C 17 13.20 8.78 12.15
N PRO C 18 13.67 9.33 13.27
CA PRO C 18 14.25 8.54 14.36
C PRO C 18 13.19 7.65 15.00
N GLN C 19 13.57 6.43 15.35
CA GLN C 19 12.65 5.49 15.98
C GLN C 19 12.90 5.37 17.48
N ASN C 20 14.16 5.42 17.88
CA ASN C 20 14.52 5.35 19.29
C ASN C 20 15.59 6.39 19.63
N LYS C 21 15.17 7.65 19.56
CA LYS C 21 16.05 8.78 19.80
C LYS C 21 16.05 9.19 21.27
N ILE C 22 17.23 9.48 21.78
CA ILE C 22 17.37 10.02 23.12
C ILE C 22 18.09 11.36 23.02
N THR C 23 17.59 12.35 23.73
CA THR C 23 18.29 13.62 23.85
C THR C 23 18.82 13.76 25.27
N VAL C 24 20.07 14.20 25.39
CA VAL C 24 20.59 14.63 26.68
C VAL C 24 20.73 16.14 26.66
N VAL C 25 20.19 16.79 27.69
CA VAL C 25 20.23 18.24 27.79
C VAL C 25 21.31 18.62 28.78
N GLY C 26 22.35 19.28 28.28
CA GLY C 26 23.47 19.65 29.14
C GLY C 26 24.65 18.71 28.98
N VAL C 27 25.79 19.25 28.55
CA VAL C 27 26.98 18.44 28.30
C VAL C 27 28.08 18.67 29.31
N GLY C 28 27.70 19.02 30.54
CA GLY C 28 28.65 18.96 31.63
C GLY C 28 29.06 17.51 31.85
N ALA C 29 29.76 17.24 32.94
CA ALA C 29 30.37 15.92 33.12
C ALA C 29 29.30 14.84 33.34
N VAL C 30 28.18 15.20 33.95
CA VAL C 30 27.08 14.26 34.14
C VAL C 30 26.37 13.95 32.81
N GLY C 31 26.03 15.00 32.08
CA GLY C 31 25.38 14.82 30.79
C GLY C 31 26.17 13.90 29.87
N MET C 32 27.48 14.10 29.79
CA MET C 32 28.30 13.33 28.86
C MET C 32 28.52 11.90 29.36
N ALA C 33 28.46 11.70 30.67
CA ALA C 33 28.53 10.36 31.24
C ALA C 33 27.27 9.58 30.89
N CYS C 34 26.12 10.24 30.97
CA CYS C 34 24.88 9.63 30.54
C CYS C 34 24.99 9.26 29.06
N ALA C 35 25.56 10.17 28.27
CA ALA C 35 25.64 9.97 26.83
C ALA C 35 26.52 8.79 26.44
N ILE C 36 27.69 8.66 27.05
CA ILE C 36 28.60 7.59 26.67
C ILE C 36 28.01 6.27 27.17
N SER C 37 27.42 6.29 28.35
CA SER C 37 26.82 5.08 28.89
C SER C 37 25.68 4.60 28.00
N ILE C 38 24.88 5.56 27.50
CA ILE C 38 23.77 5.23 26.63
C ILE C 38 24.24 4.72 25.26
N LEU C 39 25.28 5.35 24.72
CA LEU C 39 25.85 4.91 23.45
C LEU C 39 26.40 3.48 23.55
N MET C 40 27.10 3.19 24.64
CA MET C 40 27.76 1.90 24.78
C MET C 40 26.82 0.74 25.12
N LYS C 41 25.58 1.06 25.44
CA LYS C 41 24.55 0.03 25.68
C LYS C 41 23.54 -0.07 24.55
N ASP C 42 23.77 0.65 23.45
CA ASP C 42 22.93 0.54 22.26
C ASP C 42 21.45 0.72 22.60
N LEU C 43 21.12 1.80 23.30
CA LEU C 43 19.74 2.09 23.67
C LEU C 43 19.01 2.97 22.65
N ALA C 44 19.78 3.67 21.81
CA ALA C 44 19.19 4.63 20.88
C ALA C 44 19.74 4.47 19.46
N ASP C 45 18.91 4.73 18.45
CA ASP C 45 19.38 4.81 17.07
C ASP C 45 19.71 6.25 16.66
N GLU C 46 19.51 7.17 17.59
CA GLU C 46 19.98 8.53 17.42
C GLU C 46 20.15 9.23 18.76
N LEU C 47 21.23 9.99 18.90
CA LEU C 47 21.49 10.74 20.12
C LEU C 47 21.62 12.23 19.80
N ALA C 48 20.92 13.06 20.58
CA ALA C 48 21.03 14.50 20.43
C ALA C 48 21.52 15.11 21.73
N LEU C 49 22.37 16.11 21.60
CA LEU C 49 22.90 16.85 22.74
C LEU C 49 22.55 18.32 22.55
N VAL C 50 22.13 18.98 23.63
CA VAL C 50 21.91 20.41 23.61
C VAL C 50 22.53 21.08 24.82
N ASP C 51 23.03 22.28 24.61
CA ASP C 51 23.59 23.07 25.70
C ASP C 51 23.72 24.50 25.19
N VAL C 52 23.95 25.43 26.11
CA VAL C 52 24.08 26.84 25.75
C VAL C 52 25.51 27.20 25.36
N MET C 53 26.49 26.49 25.91
CA MET C 53 27.90 26.68 25.54
C MET C 53 28.22 26.00 24.20
N GLU C 54 28.25 26.79 23.13
CA GLU C 54 28.27 26.24 21.79
C GLU C 54 29.55 25.54 21.34
N ASP C 55 30.71 26.07 21.76
CA ASP C 55 31.98 25.42 21.44
C ASP C 55 32.11 24.07 22.15
N LYS C 56 31.92 24.08 23.46
CA LYS C 56 31.95 22.85 24.25
C LYS C 56 31.04 21.79 23.63
N LEU C 57 29.82 22.19 23.27
CA LEU C 57 28.81 21.30 22.70
C LEU C 57 29.26 20.66 21.38
N LYS C 58 29.76 21.48 20.47
CA LYS C 58 30.21 20.99 19.18
C LYS C 58 31.39 20.02 19.40
N GLY C 59 32.28 20.38 20.31
CA GLY C 59 33.44 19.54 20.58
C GLY C 59 33.04 18.15 21.06
N GLU C 60 32.13 18.10 22.03
CA GLU C 60 31.70 16.83 22.60
C GLU C 60 31.06 15.96 21.54
N MET C 61 30.19 16.56 20.72
CA MET C 61 29.56 15.86 19.61
C MET C 61 30.59 15.22 18.69
N MET C 62 31.55 16.01 18.24
CA MET C 62 32.59 15.54 17.33
C MET C 62 33.39 14.36 17.90
N ASP C 63 33.80 14.49 19.16
CA ASP C 63 34.55 13.44 19.84
C ASP C 63 33.75 12.14 19.81
N LEU C 64 32.48 12.23 20.18
CA LEU C 64 31.61 11.06 20.10
C LEU C 64 31.54 10.50 18.69
N GLN C 65 31.44 11.37 17.70
CA GLN C 65 31.27 10.95 16.30
C GLN C 65 32.51 10.23 15.79
N HIS C 66 33.67 10.63 16.27
CA HIS C 66 34.93 10.01 15.89
C HIS C 66 35.00 8.57 16.41
N GLY C 67 34.13 8.25 17.36
CA GLY C 67 34.09 6.91 17.90
C GLY C 67 33.13 6.00 17.15
N SER C 68 32.54 6.51 16.08
CA SER C 68 31.43 5.81 15.42
C SER C 68 31.76 4.39 14.99
N LEU C 69 33.00 4.16 14.59
CA LEU C 69 33.43 2.84 14.15
C LEU C 69 33.15 1.83 15.26
N PHE C 70 33.18 2.30 16.50
CA PHE C 70 33.12 1.39 17.64
C PHE C 70 31.75 1.37 18.33
N LEU C 71 30.77 2.02 17.72
CA LEU C 71 29.42 2.10 18.30
C LEU C 71 28.37 1.58 17.32
N ARG C 72 27.15 1.35 17.81
CA ARG C 72 26.04 0.94 16.95
C ARG C 72 24.91 1.97 17.02
N THR C 73 25.28 3.24 17.20
CA THR C 73 24.32 4.34 17.19
C THR C 73 24.68 5.30 16.05
N PRO C 74 24.01 5.14 14.90
CA PRO C 74 24.47 5.71 13.62
C PRO C 74 24.41 7.23 13.52
N LYS C 75 23.62 7.88 14.37
CA LYS C 75 23.45 9.32 14.27
C LYS C 75 23.58 10.06 15.60
N ILE C 76 24.57 10.95 15.66
CA ILE C 76 24.80 11.79 16.82
C ILE C 76 24.75 13.23 16.33
N VAL C 77 23.88 14.03 16.95
CA VAL C 77 23.72 15.42 16.55
C VAL C 77 23.76 16.35 17.75
N SER C 78 23.84 17.66 17.48
CA SER C 78 23.83 18.65 18.55
C SER C 78 23.57 20.05 18.02
N GLY C 79 23.16 20.93 18.92
CA GLY C 79 22.94 22.32 18.56
C GLY C 79 22.36 23.08 19.74
N LYS C 80 22.35 24.40 19.65
CA LYS C 80 21.76 25.22 20.70
C LYS C 80 20.26 25.29 20.46
N ASP C 81 19.85 25.11 19.21
CA ASP C 81 18.45 25.14 18.85
C ASP C 81 17.80 23.77 19.08
N TYR C 82 16.68 23.76 19.79
CA TYR C 82 16.06 22.51 20.21
C TYR C 82 15.40 21.71 19.11
N SER C 83 15.50 22.17 17.87
CA SER C 83 14.95 21.43 16.75
C SER C 83 15.74 20.13 16.51
N VAL C 84 16.99 20.09 16.99
CA VAL C 84 17.81 18.87 16.88
C VAL C 84 17.33 17.78 17.83
N THR C 85 16.46 18.14 18.78
CA THR C 85 15.97 17.18 19.76
C THR C 85 14.61 16.58 19.37
N ALA C 86 14.13 16.94 18.18
CA ALA C 86 12.75 16.64 17.79
C ALA C 86 12.46 15.15 17.68
N ASN C 87 11.31 14.75 18.21
CA ASN C 87 10.85 13.37 18.11
C ASN C 87 11.67 12.44 18.99
N SER C 88 12.13 12.94 20.13
CA SER C 88 12.80 12.09 21.11
C SER C 88 11.77 11.26 21.86
N LYS C 89 12.11 10.00 22.11
CA LYS C 89 11.31 9.14 22.98
C LYS C 89 11.61 9.51 24.42
N LEU C 90 12.87 9.84 24.68
CA LEU C 90 13.33 10.14 26.02
C LEU C 90 14.23 11.37 26.00
N VAL C 91 14.01 12.29 26.93
CA VAL C 91 14.85 13.47 27.01
C VAL C 91 15.34 13.60 28.44
N ILE C 92 16.65 13.63 28.61
CA ILE C 92 17.25 13.60 29.93
C ILE C 92 17.78 14.99 30.26
N ILE C 93 17.35 15.55 31.39
CA ILE C 93 17.72 16.91 31.76
C ILE C 93 18.81 16.87 32.82
N THR C 94 20.00 17.34 32.47
CA THR C 94 21.11 17.39 33.41
C THR C 94 21.62 18.82 33.65
N ALA C 95 21.02 19.79 32.96
CA ALA C 95 21.44 21.19 33.08
C ALA C 95 20.95 21.84 34.37
N GLY C 96 21.56 22.96 34.73
CA GLY C 96 21.20 23.61 35.98
C GLY C 96 22.23 24.63 36.43
N ALA C 97 21.92 25.32 37.52
CA ALA C 97 22.86 26.25 38.13
C ALA C 97 23.54 25.58 39.32
N ARG C 98 24.77 26.01 39.60
CA ARG C 98 25.51 25.49 40.75
C ARG C 98 25.36 26.47 41.93
N GLN C 99 25.01 25.95 43.09
CA GLN C 99 24.79 26.80 44.26
C GLN C 99 26.04 27.60 44.60
N GLN C 100 25.93 28.92 44.54
CA GLN C 100 26.98 29.79 45.02
C GLN C 100 26.93 29.82 46.54
N GLU C 101 27.91 30.45 47.17
CA GLU C 101 27.95 30.49 48.63
C GLU C 101 27.16 31.67 49.17
N GLY C 102 26.42 31.43 50.24
CA GLY C 102 25.53 32.45 50.77
C GLY C 102 24.19 32.44 50.06
N GLU C 103 24.17 31.87 48.86
CA GLU C 103 23.01 31.89 47.97
C GLU C 103 21.68 31.69 48.69
N SER C 104 21.61 30.65 49.50
CA SER C 104 20.35 30.18 50.10
C SER C 104 19.68 29.16 49.20
N ARG C 105 18.98 28.21 49.81
CA ARG C 105 18.35 27.13 49.07
C ARG C 105 17.32 27.69 48.09
N LEU C 106 16.26 28.28 48.63
CA LEU C 106 15.17 28.81 47.82
C LEU C 106 15.67 29.62 46.63
N ASN C 107 16.77 30.33 46.81
CA ASN C 107 17.32 31.16 45.74
C ASN C 107 18.01 30.32 44.67
N LEU C 108 18.66 29.23 45.08
CA LEU C 108 19.28 28.33 44.13
C LEU C 108 18.20 27.71 43.26
N VAL C 109 17.15 27.21 43.90
CA VAL C 109 16.05 26.56 43.20
C VAL C 109 15.44 27.48 42.15
N GLN C 110 15.13 28.72 42.54
CA GLN C 110 14.49 29.67 41.65
C GLN C 110 15.31 29.90 40.39
N ARG C 111 16.64 29.97 40.55
CA ARG C 111 17.51 30.16 39.41
C ARG C 111 17.44 28.96 38.48
N ASN C 112 17.28 27.77 39.06
CA ASN C 112 17.09 26.57 38.27
C ASN C 112 15.71 26.56 37.60
N VAL C 113 14.69 27.00 38.33
CA VAL C 113 13.37 27.20 37.73
C VAL C 113 13.48 28.10 36.51
N ASN C 114 14.25 29.17 36.62
CA ASN C 114 14.38 30.11 35.52
C ASN C 114 15.02 29.46 34.30
N ILE C 115 15.95 28.53 34.53
CA ILE C 115 16.58 27.81 33.43
C ILE C 115 15.59 26.84 32.79
N PHE C 116 14.79 26.17 33.62
CA PHE C 116 13.82 25.21 33.14
C PHE C 116 12.69 25.87 32.36
N LYS C 117 12.36 27.12 32.70
CA LYS C 117 11.34 27.84 31.96
C LYS C 117 11.78 28.06 30.52
N PHE C 118 13.09 28.01 30.29
CA PHE C 118 13.61 28.07 28.93
C PHE C 118 13.75 26.67 28.31
N ILE C 119 14.30 25.74 29.08
CA ILE C 119 14.53 24.38 28.59
C ILE C 119 13.23 23.61 28.32
N ILE C 120 12.37 23.53 29.34
CA ILE C 120 11.24 22.61 29.25
C ILE C 120 10.28 22.91 28.10
N PRO C 121 9.91 24.19 27.92
CA PRO C 121 9.00 24.45 26.80
C PRO C 121 9.63 24.05 25.46
N ASN C 122 10.93 24.26 25.34
CA ASN C 122 11.64 23.87 24.11
C ASN C 122 11.66 22.36 23.91
N VAL C 123 11.82 21.60 24.99
CA VAL C 123 11.74 20.15 24.89
C VAL C 123 10.35 19.69 24.44
N VAL C 124 9.32 20.14 25.16
CA VAL C 124 7.94 19.77 24.87
C VAL C 124 7.48 20.13 23.46
N LYS C 125 7.87 21.32 23.00
CA LYS C 125 7.50 21.79 21.67
C LYS C 125 7.96 20.83 20.58
N TYR C 126 9.18 20.31 20.71
CA TYR C 126 9.73 19.45 19.67
C TYR C 126 9.52 17.96 19.92
N SER C 127 9.27 17.58 21.18
CA SER C 127 8.97 16.18 21.52
C SER C 127 7.77 16.10 22.45
N PRO C 128 6.56 16.26 21.90
CA PRO C 128 5.32 16.32 22.68
C PRO C 128 5.03 15.03 23.46
N HIS C 129 5.55 13.91 22.97
CA HIS C 129 5.17 12.61 23.51
C HIS C 129 6.27 11.94 24.34
N CYS C 130 7.41 12.62 24.47
CA CYS C 130 8.57 12.03 25.14
C CYS C 130 8.33 11.80 26.63
N LYS C 131 9.17 10.96 27.23
CA LYS C 131 9.33 10.92 28.68
C LYS C 131 10.42 11.92 29.06
N LEU C 132 10.21 12.64 30.15
CA LEU C 132 11.22 13.54 30.70
C LEU C 132 11.90 12.86 31.86
N LEU C 133 13.23 12.87 31.88
CA LEU C 133 13.98 12.31 33.01
C LEU C 133 14.94 13.36 33.56
N VAL C 134 14.66 13.82 34.78
CA VAL C 134 15.45 14.90 35.36
C VAL C 134 16.50 14.34 36.30
N VAL C 135 17.71 14.87 36.18
CA VAL C 135 18.84 14.44 36.98
C VAL C 135 19.39 15.61 37.81
N SER C 136 19.21 16.81 37.30
CA SER C 136 19.61 18.04 37.99
C SER C 136 19.18 18.06 39.46
N ASN C 137 20.04 18.62 40.31
CA ASN C 137 19.72 18.75 41.73
C ASN C 137 19.19 20.13 42.09
N PRO C 138 18.36 20.23 43.13
CA PRO C 138 17.79 19.10 43.90
C PRO C 138 16.69 18.40 43.09
N VAL C 139 16.88 17.11 42.84
CA VAL C 139 16.11 16.42 41.81
C VAL C 139 14.61 16.39 42.08
N ASP C 140 14.24 16.19 43.34
CA ASP C 140 12.82 16.04 43.65
C ASP C 140 12.06 17.31 43.36
N ILE C 141 12.63 18.44 43.75
CA ILE C 141 12.04 19.74 43.46
C ILE C 141 12.06 20.05 41.96
N LEU C 142 13.20 19.80 41.32
CA LEU C 142 13.34 20.17 39.91
C LEU C 142 12.56 19.25 38.98
N THR C 143 12.22 18.07 39.46
CA THR C 143 11.36 17.17 38.70
C THR C 143 9.93 17.70 38.75
N TYR C 144 9.54 18.19 39.92
CA TYR C 144 8.28 18.88 40.09
C TYR C 144 8.18 20.07 39.15
N VAL C 145 9.21 20.92 39.16
CA VAL C 145 9.22 22.10 38.31
C VAL C 145 9.07 21.74 36.84
N ALA C 146 9.73 20.67 36.41
CA ALA C 146 9.63 20.23 35.02
C ALA C 146 8.24 19.67 34.70
N TRP C 147 7.66 18.98 35.67
CA TRP C 147 6.30 18.45 35.53
C TRP C 147 5.30 19.59 35.33
N LYS C 148 5.31 20.55 36.25
CA LYS C 148 4.39 21.68 36.21
C LYS C 148 4.57 22.49 34.92
N ILE C 149 5.82 22.80 34.57
CA ILE C 149 6.05 23.60 33.37
C ILE C 149 5.66 22.86 32.08
N SER C 150 5.95 21.57 32.02
CA SER C 150 5.75 20.84 30.76
C SER C 150 4.27 20.55 30.51
N GLY C 151 3.49 20.51 31.58
CA GLY C 151 2.11 20.12 31.46
C GLY C 151 1.89 18.62 31.26
N PHE C 152 2.96 17.82 31.34
CA PHE C 152 2.87 16.37 31.10
C PHE C 152 2.14 15.65 32.23
N PRO C 153 1.39 14.59 31.89
CA PRO C 153 0.86 13.72 32.93
C PRO C 153 2.01 13.14 33.75
N LYS C 154 1.72 12.80 35.01
CA LYS C 154 2.76 12.43 35.95
C LYS C 154 3.56 11.18 35.56
N ASN C 155 2.97 10.31 34.74
CA ASN C 155 3.65 9.08 34.35
C ASN C 155 4.84 9.36 33.43
N ARG C 156 4.82 10.51 32.77
CA ARG C 156 5.88 10.86 31.83
C ARG C 156 6.96 11.81 32.34
N VAL C 157 6.97 12.10 33.64
CA VAL C 157 7.99 12.98 34.20
C VAL C 157 8.65 12.30 35.38
N ILE C 158 9.91 11.92 35.20
CA ILE C 158 10.61 11.05 36.14
C ILE C 158 11.83 11.75 36.73
N GLY C 159 12.10 11.49 38.01
CA GLY C 159 13.30 11.99 38.63
C GLY C 159 14.21 10.85 39.03
N SER C 160 15.51 10.99 38.76
CA SER C 160 16.45 9.91 39.03
C SER C 160 16.47 9.66 40.52
N GLY C 161 16.20 10.71 41.29
CA GLY C 161 15.96 10.56 42.71
C GLY C 161 17.00 9.71 43.42
N CYS C 162 16.54 8.66 44.08
CA CYS C 162 17.38 7.81 44.92
C CYS C 162 17.96 6.59 44.19
N ASN C 163 17.90 6.58 42.86
CA ASN C 163 18.27 5.38 42.11
C ASN C 163 19.75 5.02 42.32
N LEU C 164 20.61 6.03 42.19
CA LEU C 164 22.05 5.81 42.34
C LEU C 164 22.41 5.55 43.79
N ASP C 165 21.74 6.23 44.71
CA ASP C 165 22.04 6.05 46.11
C ASP C 165 21.67 4.65 46.57
N SER C 166 20.61 4.09 45.99
CA SER C 166 20.26 2.71 46.29
C SER C 166 21.33 1.79 45.72
N ALA C 167 21.86 2.15 44.56
CA ALA C 167 22.92 1.39 43.93
C ALA C 167 24.20 1.43 44.77
N ARG C 168 24.50 2.59 45.34
CA ARG C 168 25.67 2.75 46.19
C ARG C 168 25.52 1.94 47.49
N PHE C 169 24.31 1.90 48.00
CA PHE C 169 24.01 1.17 49.22
C PHE C 169 24.24 -0.32 48.98
N ARG C 170 23.69 -0.83 47.88
CA ARG C 170 23.90 -2.24 47.52
C ARG C 170 25.39 -2.56 47.33
N TYR C 171 26.15 -1.63 46.77
CA TYR C 171 27.60 -1.79 46.65
C TYR C 171 28.31 -1.90 47.99
N LEU C 172 28.03 -0.98 48.91
CA LEU C 172 28.64 -1.04 50.24
C LEU C 172 28.17 -2.27 50.98
N MET C 173 26.90 -2.59 50.84
CA MET C 173 26.34 -3.82 51.39
C MET C 173 27.16 -5.03 50.89
N GLY C 174 27.34 -5.12 49.58
CA GLY C 174 28.13 -6.19 49.01
C GLY C 174 29.56 -6.26 49.53
N GLU C 175 30.17 -5.10 49.78
CA GLU C 175 31.53 -5.07 50.31
C GLU C 175 31.62 -5.60 51.74
N ARG C 176 30.64 -5.28 52.58
CA ARG C 176 30.62 -5.78 53.96
C ARG C 176 30.36 -7.29 53.99
N LEU C 177 29.60 -7.77 53.01
CA LEU C 177 29.06 -9.13 53.03
C LEU C 177 29.88 -10.07 52.18
N GLY C 178 30.71 -9.50 51.32
CA GLY C 178 31.56 -10.32 50.47
C GLY C 178 30.85 -10.93 49.26
N VAL C 179 29.74 -10.32 48.84
CA VAL C 179 29.09 -10.74 47.60
C VAL C 179 28.80 -9.55 46.69
N HIS C 180 28.48 -9.84 45.43
CA HIS C 180 28.29 -8.79 44.44
C HIS C 180 27.02 -7.97 44.71
N ALA C 181 27.06 -6.68 44.43
CA ALA C 181 25.93 -5.82 44.71
C ALA C 181 24.67 -6.36 44.04
N LEU C 182 24.83 -7.07 42.93
CA LEU C 182 23.68 -7.61 42.20
C LEU C 182 22.87 -8.56 43.07
N SER C 183 23.54 -9.22 44.00
CA SER C 183 22.89 -10.19 44.88
C SER C 183 22.51 -9.61 46.25
N CYS C 184 22.81 -8.33 46.47
CA CYS C 184 22.44 -7.65 47.70
C CYS C 184 21.28 -6.69 47.46
N HIS C 185 20.28 -6.73 48.31
CA HIS C 185 19.10 -5.88 48.09
C HIS C 185 18.83 -4.93 49.26
N GLY C 186 18.69 -3.66 48.92
CA GLY C 186 18.35 -2.64 49.89
C GLY C 186 17.68 -1.51 49.15
N TRP C 187 16.79 -0.79 49.82
CA TRP C 187 16.09 0.32 49.20
C TRP C 187 16.20 1.60 50.00
N ILE C 188 16.61 2.67 49.31
CA ILE C 188 16.60 4.01 49.88
C ILE C 188 15.50 4.80 49.18
N LEU C 189 14.59 5.37 49.97
CA LEU C 189 13.41 6.05 49.41
C LEU C 189 13.29 7.46 49.94
N GLY C 190 12.28 8.16 49.45
CA GLY C 190 11.97 9.48 49.97
C GLY C 190 12.64 10.61 49.21
N GLU C 191 13.05 11.62 49.97
CA GLU C 191 13.68 12.82 49.41
C GLU C 191 15.16 12.51 49.18
N HIS C 192 15.63 12.79 47.97
CA HIS C 192 17.04 12.54 47.63
C HIS C 192 17.96 13.23 48.63
N GLY C 193 18.98 12.51 49.09
CA GLY C 193 19.98 13.13 49.95
C GLY C 193 19.93 12.66 51.39
N ASP C 194 20.29 13.54 52.32
CA ASP C 194 20.40 13.19 53.73
C ASP C 194 19.05 12.88 54.39
N SER C 195 17.95 13.38 53.83
CA SER C 195 16.62 13.12 54.36
C SER C 195 16.04 11.82 53.83
N SER C 196 16.77 11.16 52.92
CA SER C 196 16.33 9.90 52.34
C SER C 196 16.28 8.79 53.39
N VAL C 197 15.45 7.79 53.14
CA VAL C 197 15.16 6.77 54.13
C VAL C 197 15.61 5.37 53.68
N PRO C 198 16.56 4.78 54.41
CA PRO C 198 17.01 3.41 54.21
C PRO C 198 15.99 2.45 54.82
N VAL C 199 15.29 1.69 53.99
CA VAL C 199 14.29 0.75 54.51
C VAL C 199 14.94 -0.54 54.97
N TRP C 200 15.29 -0.58 56.26
CA TRP C 200 16.00 -1.71 56.85
C TRP C 200 15.23 -3.01 56.76
N SER C 201 13.91 -2.94 56.78
CA SER C 201 13.08 -4.14 56.81
C SER C 201 13.11 -4.87 55.47
N GLY C 202 13.60 -4.20 54.45
CA GLY C 202 13.66 -4.80 53.12
C GLY C 202 15.03 -5.32 52.71
N MET C 203 16.06 -5.01 53.49
CA MET C 203 17.42 -5.41 53.12
C MET C 203 17.63 -6.90 53.29
N ASN C 204 18.11 -7.55 52.23
CA ASN C 204 18.24 -9.00 52.27
C ASN C 204 19.23 -9.51 51.24
N VAL C 205 19.73 -10.72 51.47
CA VAL C 205 20.36 -11.50 50.43
C VAL C 205 19.59 -12.80 50.24
N ALA C 206 19.27 -13.13 48.98
CA ALA C 206 18.61 -14.40 48.67
C ALA C 206 17.32 -14.56 49.47
N GLY C 207 16.63 -13.45 49.69
CA GLY C 207 15.35 -13.51 50.38
C GLY C 207 15.47 -13.67 51.87
N VAL C 208 16.70 -13.62 52.38
CA VAL C 208 16.95 -13.72 53.81
C VAL C 208 17.05 -12.32 54.42
N SER C 209 16.05 -11.96 55.22
CA SER C 209 15.97 -10.62 55.81
C SER C 209 17.04 -10.41 56.86
N LEU C 210 17.90 -9.42 56.63
CA LEU C 210 19.00 -9.14 57.55
C LEU C 210 18.46 -8.66 58.90
N LYS C 211 17.36 -7.94 58.87
CA LYS C 211 16.73 -7.41 60.08
C LYS C 211 16.21 -8.57 60.97
N THR C 212 15.71 -9.62 60.33
CA THR C 212 15.22 -10.77 61.07
C THR C 212 16.36 -11.52 61.72
N LEU C 213 17.51 -11.55 61.06
CA LEU C 213 18.71 -12.14 61.62
C LEU C 213 19.31 -11.24 62.70
N HIS C 214 19.31 -9.93 62.43
CA HIS C 214 20.02 -8.97 63.26
C HIS C 214 19.06 -7.84 63.61
N PRO C 215 18.26 -8.02 64.68
CA PRO C 215 17.16 -7.11 64.99
C PRO C 215 17.58 -5.65 65.22
N GLU C 216 18.80 -5.46 65.72
CA GLU C 216 19.31 -4.13 65.99
C GLU C 216 19.63 -3.35 64.70
N LEU C 217 19.62 -4.06 63.57
CA LEU C 217 19.99 -3.49 62.28
C LEU C 217 19.31 -2.14 62.04
N GLY C 218 20.12 -1.09 61.90
CA GLY C 218 19.58 0.21 61.54
C GLY C 218 19.46 1.17 62.71
N THR C 219 19.53 0.64 63.94
CA THR C 219 19.40 1.47 65.14
C THR C 219 20.77 1.90 65.62
N ASP C 220 20.78 2.76 66.65
CA ASP C 220 22.03 3.19 67.26
C ASP C 220 22.51 2.17 68.28
N ALA C 221 21.68 1.17 68.54
CA ALA C 221 22.06 0.07 69.43
C ALA C 221 22.71 -1.07 68.65
N ASP C 222 23.46 -0.71 67.60
CA ASP C 222 24.04 -1.69 66.68
C ASP C 222 25.57 -1.65 66.75
N LYS C 223 26.16 -2.72 67.26
CA LYS C 223 27.61 -2.80 67.37
C LYS C 223 28.28 -2.71 66.00
N GLU C 224 27.55 -3.12 64.97
CA GLU C 224 28.11 -3.14 63.62
C GLU C 224 27.81 -1.84 62.88
N GLN C 225 26.97 -1.01 63.47
CA GLN C 225 26.75 0.34 62.94
C GLN C 225 26.31 0.31 61.48
N TRP C 226 25.27 -0.46 61.19
CA TRP C 226 24.80 -0.55 59.82
C TRP C 226 24.07 0.71 59.40
N LYS C 227 23.60 1.45 60.39
CA LYS C 227 22.96 2.74 60.15
C LYS C 227 23.95 3.65 59.46
N GLN C 228 25.24 3.44 59.72
CA GLN C 228 26.31 4.23 59.13
C GLN C 228 26.40 4.11 57.62
N VAL C 229 25.97 2.97 57.08
CA VAL C 229 26.11 2.72 55.66
C VAL C 229 25.24 3.70 54.88
N HIS C 230 24.05 3.96 55.40
CA HIS C 230 23.18 4.93 54.76
C HIS C 230 23.85 6.30 54.72
N LYS C 231 24.44 6.68 55.85
CA LYS C 231 25.18 7.93 55.95
C LYS C 231 26.40 7.89 55.02
N GLN C 232 27.06 6.74 54.96
CA GLN C 232 28.16 6.52 54.04
C GLN C 232 27.73 6.84 52.62
N VAL C 233 26.57 6.31 52.23
CA VAL C 233 26.00 6.52 50.91
C VAL C 233 25.82 8.00 50.65
N VAL C 234 25.10 8.66 51.55
CA VAL C 234 24.83 10.08 51.43
C VAL C 234 26.12 10.89 51.36
N ASP C 235 27.06 10.59 52.25
CA ASP C 235 28.33 11.31 52.30
C ASP C 235 29.22 11.05 51.09
N SER C 236 29.09 9.88 50.47
CA SER C 236 30.10 9.41 49.51
C SER C 236 30.15 10.24 48.23
N ALA C 237 29.06 10.91 47.91
CA ALA C 237 29.02 11.76 46.73
C ALA C 237 29.81 13.03 46.97
N TYR C 238 29.63 13.62 48.15
CA TYR C 238 30.37 14.83 48.49
C TYR C 238 31.84 14.48 48.71
N GLU C 239 32.11 13.28 49.19
CA GLU C 239 33.48 12.79 49.29
C GLU C 239 34.11 12.77 47.90
N VAL C 240 33.36 12.30 46.90
CA VAL C 240 33.90 12.18 45.57
C VAL C 240 34.11 13.55 44.95
N ILE C 241 33.14 14.44 45.15
CA ILE C 241 33.27 15.83 44.71
C ILE C 241 34.50 16.49 45.32
N LYS C 242 34.80 16.14 46.56
CA LYS C 242 35.93 16.72 47.24
C LYS C 242 37.24 16.18 46.65
N LEU C 243 37.17 15.00 46.02
CA LEU C 243 38.36 14.31 45.55
C LEU C 243 38.69 14.56 44.09
N LYS C 244 37.69 14.46 43.20
CA LYS C 244 37.92 14.66 41.78
C LYS C 244 37.21 15.91 41.25
N GLY C 245 36.39 16.52 42.10
CA GLY C 245 35.76 17.79 41.75
C GLY C 245 34.27 17.69 41.48
N TYR C 246 33.82 16.48 41.18
CA TYR C 246 32.45 16.24 40.74
C TYR C 246 32.29 14.72 40.68
N THR C 247 31.09 14.24 40.40
CA THR C 247 30.92 12.82 40.10
C THR C 247 30.27 12.69 38.72
N THR C 248 30.53 11.56 38.05
CA THR C 248 30.04 11.37 36.70
C THR C 248 29.72 9.93 36.38
N TRP C 249 30.74 9.06 36.50
CA TRP C 249 30.64 7.71 35.97
C TRP C 249 29.45 6.95 36.55
N ALA C 250 29.28 7.00 37.86
CA ALA C 250 28.24 6.23 38.52
C ALA C 250 26.84 6.74 38.15
N ILE C 251 26.66 8.05 38.16
CA ILE C 251 25.36 8.61 37.82
C ILE C 251 25.02 8.34 36.36
N GLY C 252 26.03 8.43 35.48
CA GLY C 252 25.82 8.10 34.08
C GLY C 252 25.33 6.67 33.87
N LEU C 253 25.96 5.72 34.55
CA LEU C 253 25.58 4.32 34.47
C LEU C 253 24.18 4.14 35.03
N SER C 254 23.92 4.84 36.13
CA SER C 254 22.62 4.83 36.80
C SER C 254 21.52 5.25 35.84
N VAL C 255 21.75 6.34 35.12
CA VAL C 255 20.75 6.92 34.23
C VAL C 255 20.53 6.03 33.01
N ALA C 256 21.60 5.42 32.53
CA ALA C 256 21.51 4.54 31.37
C ALA C 256 20.65 3.32 31.70
N ASP C 257 20.82 2.82 32.92
CA ASP C 257 20.00 1.70 33.39
C ASP C 257 18.51 2.06 33.33
N LEU C 258 18.16 3.25 33.83
CA LEU C 258 16.77 3.69 33.78
C LEU C 258 16.30 3.80 32.34
N ALA C 259 17.17 4.36 31.50
CA ALA C 259 16.84 4.56 30.09
C ALA C 259 16.57 3.21 29.41
N GLU C 260 17.28 2.17 29.84
CA GLU C 260 17.09 0.85 29.26
C GLU C 260 15.69 0.35 29.55
N SER C 261 15.26 0.46 30.80
CA SER C 261 13.94 0.03 31.19
C SER C 261 12.89 0.74 30.35
N ILE C 262 13.11 2.03 30.11
CA ILE C 262 12.15 2.82 29.35
C ILE C 262 12.15 2.43 27.87
N MET C 263 13.32 2.44 27.26
CA MET C 263 13.41 2.20 25.81
C MET C 263 12.99 0.77 25.45
N LYS C 264 13.22 -0.18 26.36
CA LYS C 264 12.89 -1.58 26.10
C LYS C 264 11.62 -2.03 26.81
N ASN C 265 10.98 -1.11 27.51
CA ASN C 265 9.70 -1.37 28.19
C ASN C 265 9.83 -2.57 29.12
N LEU C 266 10.89 -2.60 29.92
CA LEU C 266 11.21 -3.76 30.74
C LEU C 266 10.26 -3.94 31.93
N ARG C 267 9.68 -2.85 32.40
CA ARG C 267 8.88 -2.86 33.61
C ARG C 267 9.64 -3.44 34.79
N ARG C 268 10.90 -3.04 34.93
CA ARG C 268 11.65 -3.31 36.15
C ARG C 268 11.28 -2.29 37.22
N VAL C 269 11.58 -2.63 38.47
CA VAL C 269 11.33 -1.73 39.58
C VAL C 269 12.60 -0.99 39.98
N HIS C 270 12.55 0.34 39.94
CA HIS C 270 13.67 1.17 40.35
C HIS C 270 13.22 2.14 41.47
N PRO C 271 14.14 2.52 42.36
CA PRO C 271 13.80 3.58 43.32
C PRO C 271 14.00 4.94 42.67
N ILE C 272 12.93 5.50 42.11
CA ILE C 272 13.01 6.80 41.45
C ILE C 272 11.89 7.74 41.91
N SER C 273 12.02 9.01 41.58
CA SER C 273 11.16 10.04 42.12
C SER C 273 9.92 10.25 41.26
N THR C 274 8.75 10.07 41.86
CA THR C 274 7.50 10.18 41.12
C THR C 274 6.50 11.03 41.92
N MET C 275 5.56 11.66 41.24
CA MET C 275 4.54 12.48 41.91
C MET C 275 3.62 11.54 42.68
N LEU C 276 3.77 11.49 44.00
CA LEU C 276 3.08 10.48 44.78
C LEU C 276 2.01 11.02 45.72
N LYS C 277 1.42 12.15 45.36
CA LYS C 277 0.27 12.62 46.11
C LYS C 277 -0.78 11.51 46.08
N GLY C 278 -1.30 11.16 47.26
CA GLY C 278 -2.28 10.10 47.34
C GLY C 278 -1.72 8.79 47.87
N LEU C 279 -0.40 8.62 47.75
CA LEU C 279 0.24 7.41 48.24
C LEU C 279 1.21 7.72 49.38
N TYR C 280 1.51 6.71 50.19
CA TYR C 280 2.47 6.86 51.28
C TYR C 280 2.05 7.97 52.23
N GLY C 281 0.75 8.22 52.31
CA GLY C 281 0.23 9.22 53.24
C GLY C 281 0.57 10.64 52.86
N ILE C 282 0.87 10.86 51.58
CA ILE C 282 1.30 12.17 51.12
C ILE C 282 0.14 12.94 50.50
N LYS C 283 0.01 14.21 50.88
CA LYS C 283 -1.16 15.00 50.55
C LYS C 283 -0.88 16.10 49.53
N GLU C 284 0.37 16.52 49.42
CA GLU C 284 0.75 17.63 48.54
C GLU C 284 1.25 17.13 47.17
N ASP C 285 1.38 18.06 46.23
CA ASP C 285 1.97 17.72 44.92
C ASP C 285 3.49 17.68 45.02
N VAL C 286 4.00 16.49 45.32
CA VAL C 286 5.41 16.33 45.65
C VAL C 286 5.96 15.07 44.99
N PHE C 287 7.20 15.15 44.53
CA PHE C 287 7.91 13.99 44.00
C PHE C 287 8.80 13.41 45.09
N LEU C 288 8.65 12.11 45.36
CA LEU C 288 9.55 11.37 46.24
C LEU C 288 9.95 10.02 45.61
N SER C 289 11.07 9.48 46.05
CA SER C 289 11.54 8.18 45.56
C SER C 289 10.80 7.03 46.22
N VAL C 290 10.12 6.24 45.39
CA VAL C 290 9.50 4.99 45.81
C VAL C 290 9.77 3.96 44.70
N PRO C 291 9.60 2.66 44.99
CA PRO C 291 9.90 1.67 43.95
C PRO C 291 8.87 1.74 42.82
N CYS C 292 9.28 2.20 41.65
CA CYS C 292 8.36 2.40 40.55
C CYS C 292 8.59 1.37 39.44
N VAL C 293 7.49 0.90 38.86
CA VAL C 293 7.56 0.08 37.66
C VAL C 293 7.80 1.02 36.48
N LEU C 294 8.90 0.82 35.76
CA LEU C 294 9.34 1.73 34.72
C LEU C 294 9.34 1.01 33.36
N GLY C 295 8.72 1.63 32.37
CA GLY C 295 8.61 1.04 31.05
C GLY C 295 8.36 2.11 30.01
N GLN C 296 7.96 1.72 28.81
CA GLN C 296 7.86 2.64 27.67
C GLN C 296 6.88 3.80 27.88
N ASN C 297 6.00 3.68 28.87
CA ASN C 297 5.07 4.76 29.22
C ASN C 297 5.45 5.42 30.53
N GLY C 298 6.74 5.40 30.86
CA GLY C 298 7.19 5.99 32.11
C GLY C 298 6.79 5.13 33.30
N ILE C 299 6.40 5.81 34.38
CA ILE C 299 6.01 5.14 35.61
C ILE C 299 4.53 4.75 35.60
N SER C 300 4.26 3.45 35.55
CA SER C 300 2.90 2.94 35.37
C SER C 300 2.30 2.45 36.68
N ASP C 301 3.16 2.05 37.60
CA ASP C 301 2.72 1.49 38.88
C ASP C 301 3.78 1.77 39.95
N VAL C 302 3.36 1.73 41.20
CA VAL C 302 4.26 1.94 42.33
C VAL C 302 4.08 0.83 43.34
N VAL C 303 5.18 0.24 43.80
CA VAL C 303 5.13 -0.71 44.90
C VAL C 303 4.80 0.04 46.18
N LYS C 304 3.82 -0.46 46.92
CA LYS C 304 3.51 0.09 48.24
C LYS C 304 4.34 -0.64 49.29
N VAL C 305 5.48 -0.05 49.63
CA VAL C 305 6.31 -0.60 50.69
C VAL C 305 5.63 -0.38 52.03
N THR C 306 5.71 -1.39 52.90
CA THR C 306 5.21 -1.28 54.26
C THR C 306 6.25 -0.62 55.17
N LEU C 307 5.97 0.60 55.59
CA LEU C 307 6.91 1.38 56.39
C LEU C 307 6.49 1.45 57.85
N THR C 308 7.47 1.60 58.73
CA THR C 308 7.18 1.89 60.13
C THR C 308 6.61 3.30 60.25
N SER C 309 6.04 3.63 61.40
CA SER C 309 5.41 4.94 61.54
C SER C 309 6.47 6.04 61.50
N GLU C 310 7.66 5.76 62.02
CA GLU C 310 8.79 6.67 61.87
C GLU C 310 9.08 6.95 60.39
N GLU C 311 9.24 5.87 59.62
CA GLU C 311 9.58 6.02 58.21
C GLU C 311 8.49 6.81 57.49
N GLU C 312 7.24 6.49 57.78
CA GLU C 312 6.13 7.24 57.18
C GLU C 312 6.21 8.71 57.57
N ALA C 313 6.63 8.97 58.80
CA ALA C 313 6.72 10.34 59.29
C ALA C 313 7.83 11.09 58.55
N HIS C 314 8.94 10.39 58.31
CA HIS C 314 10.03 10.97 57.54
C HIS C 314 9.54 11.46 56.17
N LEU C 315 8.77 10.63 55.48
CA LEU C 315 8.29 10.99 54.16
C LEU C 315 7.37 12.20 54.24
N LYS C 316 6.54 12.24 55.27
CA LYS C 316 5.66 13.39 55.49
C LYS C 316 6.46 14.67 55.73
N LYS C 317 7.48 14.59 56.57
CA LYS C 317 8.33 15.74 56.84
C LYS C 317 8.97 16.29 55.56
N SER C 318 9.52 15.40 54.73
CA SER C 318 10.12 15.84 53.47
C SER C 318 9.07 16.42 52.52
N ALA C 319 7.88 15.84 52.51
CA ALA C 319 6.80 16.33 51.68
C ALA C 319 6.44 17.77 52.07
N ASP C 320 6.44 18.04 53.37
CA ASP C 320 6.18 19.38 53.88
C ASP C 320 7.29 20.33 53.42
N THR C 321 8.53 19.93 53.66
CA THR C 321 9.68 20.72 53.23
C THR C 321 9.61 21.04 51.75
N LEU C 322 9.52 20.01 50.92
CA LEU C 322 9.49 20.20 49.48
C LEU C 322 8.34 21.13 49.09
N TRP C 323 7.15 20.84 49.60
CA TRP C 323 5.98 21.65 49.27
C TRP C 323 6.16 23.10 49.71
N GLY C 324 6.58 23.28 50.96
CA GLY C 324 6.83 24.63 51.46
C GLY C 324 7.72 25.43 50.54
N ILE C 325 8.70 24.77 49.92
CA ILE C 325 9.63 25.44 49.01
C ILE C 325 8.96 25.75 47.68
N GLN C 326 8.26 24.75 47.13
CA GLN C 326 7.64 24.90 45.83
C GLN C 326 6.56 25.98 45.87
N LYS C 327 5.96 26.14 47.06
CA LYS C 327 4.95 27.15 47.30
C LYS C 327 5.52 28.56 47.12
N GLU C 328 6.83 28.70 47.28
CA GLU C 328 7.48 30.01 47.21
C GLU C 328 8.21 30.28 45.90
N LEU C 329 8.01 29.43 44.90
CA LEU C 329 8.69 29.59 43.62
C LEU C 329 7.89 30.44 42.63
N GLN C 330 8.60 31.17 41.77
CA GLN C 330 7.97 31.94 40.69
C GLN C 330 8.00 31.16 39.39
N PHE C 331 6.84 30.81 38.87
CA PHE C 331 6.76 30.01 37.65
C PHE C 331 6.48 30.83 36.39
N ALA D 1 -8.79 -8.11 49.23
CA ALA D 1 -7.85 -7.38 48.33
C ALA D 1 -6.77 -8.32 47.77
N ALA D 2 -6.73 -8.43 46.44
CA ALA D 2 -5.77 -9.31 45.79
C ALA D 2 -4.34 -8.94 46.19
N LEU D 3 -3.47 -9.94 46.27
CA LEU D 3 -2.09 -9.72 46.67
C LEU D 3 -1.44 -8.68 45.77
N LYS D 4 -1.68 -8.80 44.47
CA LYS D 4 -1.11 -7.87 43.50
C LYS D 4 -1.47 -6.44 43.83
N ASP D 5 -2.75 -6.20 44.11
CA ASP D 5 -3.23 -4.84 44.35
C ASP D 5 -2.84 -4.38 45.75
N GLN D 6 -2.63 -5.34 46.63
CA GLN D 6 -2.10 -5.08 47.96
C GLN D 6 -0.67 -4.56 47.83
N LEU D 7 0.09 -5.17 46.92
CA LEU D 7 1.52 -4.89 46.76
C LEU D 7 1.79 -3.69 45.85
N ILE D 8 1.01 -3.59 44.78
CA ILE D 8 1.28 -2.64 43.71
C ILE D 8 0.09 -1.74 43.49
N HIS D 9 0.34 -0.43 43.46
CA HIS D 9 -0.70 0.51 43.16
C HIS D 9 -0.57 0.99 41.72
N ASN D 10 -1.62 0.76 40.94
CA ASN D 10 -1.64 1.11 39.53
C ASN D 10 -1.97 2.59 39.33
N LEU D 11 -1.18 3.27 38.52
CA LEU D 11 -1.32 4.70 38.29
C LEU D 11 -1.66 4.99 36.84
N LEU D 12 -1.46 4.00 35.98
CA LEU D 12 -1.68 4.19 34.55
C LEU D 12 -2.51 3.05 33.98
N LYS D 13 -3.20 3.32 32.88
CA LYS D 13 -3.86 2.28 32.12
C LYS D 13 -3.08 2.04 30.83
N GLU D 14 -2.46 0.87 30.71
CA GLU D 14 -1.62 0.59 29.56
C GLU D 14 -2.46 0.22 28.36
N GLU D 15 -2.23 0.91 27.24
CA GLU D 15 -2.55 0.35 25.94
C GLU D 15 -1.22 0.01 25.29
N HIS D 16 -0.85 -1.27 25.35
CA HIS D 16 0.50 -1.67 24.96
C HIS D 16 0.71 -1.74 23.45
N VAL D 17 1.60 -0.90 22.95
CA VAL D 17 2.01 -0.97 21.56
C VAL D 17 3.51 -1.21 21.45
N PRO D 18 3.90 -2.33 20.84
CA PRO D 18 5.32 -2.68 20.70
C PRO D 18 6.02 -1.67 19.80
N GLN D 19 7.22 -1.26 20.20
CA GLN D 19 7.95 -0.26 19.45
C GLN D 19 9.01 -0.87 18.54
N ASN D 20 9.59 -1.99 18.97
CA ASN D 20 10.61 -2.67 18.19
C ASN D 20 10.31 -4.16 18.11
N LYS D 21 9.17 -4.47 17.51
CA LYS D 21 8.66 -5.82 17.48
C LYS D 21 9.23 -6.54 16.27
N ILE D 22 9.70 -7.77 16.49
CA ILE D 22 10.10 -8.64 15.40
C ILE D 22 9.27 -9.91 15.43
N THR D 23 8.92 -10.42 14.26
CA THR D 23 8.21 -11.69 14.14
C THR D 23 9.07 -12.66 13.37
N VAL D 24 9.12 -13.90 13.84
CA VAL D 24 9.71 -14.97 13.06
C VAL D 24 8.61 -15.96 12.68
N VAL D 25 8.50 -16.21 11.39
CA VAL D 25 7.53 -17.15 10.85
C VAL D 25 8.21 -18.49 10.60
N GLY D 26 7.74 -19.53 11.28
CA GLY D 26 8.37 -20.84 11.19
C GLY D 26 9.30 -21.11 12.35
N VAL D 27 8.95 -22.08 13.19
CA VAL D 27 9.80 -22.42 14.34
C VAL D 27 10.52 -23.74 14.18
N GLY D 28 10.93 -24.02 12.94
CA GLY D 28 11.92 -25.07 12.74
C GLY D 28 13.24 -24.66 13.36
N ALA D 29 14.27 -25.47 13.15
CA ALA D 29 15.56 -25.21 13.74
C ALA D 29 16.13 -23.88 13.27
N VAL D 30 15.96 -23.57 11.98
CA VAL D 30 16.43 -22.30 11.46
C VAL D 30 15.70 -21.12 12.12
N GLY D 31 14.37 -21.20 12.24
CA GLY D 31 13.63 -20.13 12.87
C GLY D 31 13.97 -19.89 14.34
N MET D 32 14.14 -20.97 15.10
CA MET D 32 14.48 -20.84 16.51
C MET D 32 15.92 -20.37 16.73
N ALA D 33 16.81 -20.67 15.78
CA ALA D 33 18.16 -20.11 15.81
C ALA D 33 18.11 -18.62 15.58
N CYS D 34 17.31 -18.16 14.62
CA CYS D 34 17.16 -16.72 14.43
C CYS D 34 16.63 -16.12 15.72
N ALA D 35 15.61 -16.77 16.29
CA ALA D 35 14.93 -16.23 17.47
C ALA D 35 15.87 -16.09 18.66
N ILE D 36 16.69 -17.11 18.93
CA ILE D 36 17.54 -17.05 20.12
C ILE D 36 18.63 -16.02 19.91
N SER D 37 19.14 -15.92 18.69
CA SER D 37 20.20 -14.96 18.41
C SER D 37 19.69 -13.53 18.51
N ILE D 38 18.47 -13.32 18.04
CA ILE D 38 17.85 -12.00 18.10
C ILE D 38 17.57 -11.62 19.55
N LEU D 39 17.14 -12.59 20.35
CA LEU D 39 16.87 -12.35 21.76
C LEU D 39 18.16 -12.02 22.54
N MET D 40 19.25 -12.69 22.21
CA MET D 40 20.49 -12.47 22.95
C MET D 40 21.25 -11.24 22.47
N LYS D 41 20.78 -10.63 21.39
CA LYS D 41 21.33 -9.35 20.96
C LYS D 41 20.42 -8.16 21.28
N ASP D 42 19.37 -8.39 22.05
CA ASP D 42 18.49 -7.30 22.49
C ASP D 42 18.04 -6.39 21.35
N LEU D 43 17.62 -7.00 20.23
CA LEU D 43 17.20 -6.25 19.07
C LEU D 43 15.73 -5.84 19.09
N ALA D 44 14.91 -6.50 19.90
CA ALA D 44 13.47 -6.28 19.89
C ALA D 44 12.93 -6.08 21.30
N ASP D 45 11.80 -5.37 21.42
CA ASP D 45 11.13 -5.30 22.71
C ASP D 45 9.95 -6.24 22.75
N GLU D 46 9.66 -6.87 21.62
CA GLU D 46 8.67 -7.93 21.60
C GLU D 46 9.00 -8.90 20.49
N LEU D 47 8.89 -10.19 20.78
CA LEU D 47 9.13 -11.23 19.78
C LEU D 47 7.86 -12.05 19.61
N ALA D 48 7.46 -12.23 18.36
CA ALA D 48 6.31 -13.07 18.08
C ALA D 48 6.75 -14.23 17.19
N LEU D 49 6.15 -15.39 17.43
CA LEU D 49 6.42 -16.59 16.64
C LEU D 49 5.12 -17.13 16.10
N VAL D 50 5.12 -17.52 14.83
CA VAL D 50 3.97 -18.20 14.24
C VAL D 50 4.40 -19.47 13.52
N ASP D 51 3.53 -20.47 13.52
CA ASP D 51 3.75 -21.70 12.79
C ASP D 51 2.45 -22.49 12.76
N VAL D 52 2.33 -23.42 11.83
CA VAL D 52 1.13 -24.25 11.77
C VAL D 52 1.14 -25.40 12.78
N MET D 53 2.32 -25.72 13.30
CA MET D 53 2.41 -26.80 14.28
C MET D 53 2.19 -26.23 15.66
N GLU D 54 0.97 -26.42 16.18
CA GLU D 54 0.50 -25.64 17.31
C GLU D 54 1.17 -26.02 18.63
N ASP D 55 1.41 -27.31 18.81
CA ASP D 55 2.05 -27.80 20.03
C ASP D 55 3.50 -27.33 20.04
N LYS D 56 4.20 -27.61 18.95
CA LYS D 56 5.61 -27.23 18.81
C LYS D 56 5.78 -25.74 19.05
N LEU D 57 4.88 -24.94 18.46
CA LEU D 57 4.91 -23.49 18.60
C LEU D 57 4.80 -23.08 20.07
N LYS D 58 3.82 -23.64 20.76
CA LYS D 58 3.59 -23.26 22.15
C LYS D 58 4.78 -23.70 22.99
N GLY D 59 5.32 -24.88 22.70
CA GLY D 59 6.47 -25.37 23.44
C GLY D 59 7.69 -24.48 23.31
N GLU D 60 7.98 -24.03 22.09
CA GLU D 60 9.10 -23.14 21.88
C GLU D 60 8.89 -21.80 22.58
N MET D 61 7.67 -21.27 22.51
CA MET D 61 7.37 -19.99 23.15
C MET D 61 7.63 -20.06 24.64
N MET D 62 7.13 -21.14 25.26
CA MET D 62 7.25 -21.32 26.71
C MET D 62 8.70 -21.52 27.13
N ASP D 63 9.45 -22.26 26.32
CA ASP D 63 10.86 -22.52 26.62
C ASP D 63 11.58 -21.18 26.65
N LEU D 64 11.39 -20.39 25.60
CA LEU D 64 11.97 -19.06 25.55
C LEU D 64 11.51 -18.19 26.71
N GLN D 65 10.23 -18.28 27.06
CA GLN D 65 9.68 -17.44 28.14
C GLN D 65 10.28 -17.76 29.49
N HIS D 66 10.61 -19.03 29.70
CA HIS D 66 11.21 -19.46 30.95
C HIS D 66 12.61 -18.87 31.11
N GLY D 67 13.14 -18.32 30.03
CA GLY D 67 14.45 -17.69 30.07
C GLY D 67 14.41 -16.19 30.32
N SER D 68 13.22 -15.63 30.50
CA SER D 68 13.03 -14.18 30.59
C SER D 68 13.97 -13.52 31.60
N LEU D 69 14.26 -14.23 32.68
CA LEU D 69 15.16 -13.67 33.68
C LEU D 69 16.48 -13.24 33.07
N PHE D 70 16.94 -13.96 32.05
CA PHE D 70 18.29 -13.77 31.49
C PHE D 70 18.29 -12.97 30.22
N LEU D 71 17.11 -12.44 29.85
CA LEU D 71 16.95 -11.68 28.61
C LEU D 71 16.48 -10.25 28.88
N ARG D 72 16.58 -9.40 27.86
CA ARG D 72 16.07 -8.04 27.93
C ARG D 72 14.97 -7.78 26.90
N THR D 73 14.23 -8.83 26.53
CA THR D 73 13.07 -8.70 25.66
C THR D 73 11.83 -9.10 26.44
N PRO D 74 11.08 -8.11 26.94
CA PRO D 74 10.05 -8.33 27.97
C PRO D 74 8.87 -9.16 27.51
N LYS D 75 8.65 -9.26 26.21
CA LYS D 75 7.43 -9.87 25.73
C LYS D 75 7.65 -10.85 24.59
N ILE D 76 7.36 -12.11 24.86
CA ILE D 76 7.42 -13.15 23.83
C ILE D 76 6.03 -13.74 23.66
N VAL D 77 5.50 -13.62 22.45
CA VAL D 77 4.17 -14.15 22.15
C VAL D 77 4.18 -15.12 20.96
N SER D 78 3.13 -15.92 20.86
CA SER D 78 3.00 -16.85 19.76
C SER D 78 1.55 -17.20 19.46
N GLY D 79 1.31 -17.70 18.26
CA GLY D 79 0.01 -18.22 17.91
C GLY D 79 -0.03 -18.55 16.44
N LYS D 80 -0.99 -19.39 16.06
CA LYS D 80 -1.20 -19.69 14.66
C LYS D 80 -1.95 -18.54 13.99
N ASP D 81 -2.58 -17.69 14.79
CA ASP D 81 -3.30 -16.54 14.28
C ASP D 81 -2.41 -15.30 14.17
N TYR D 82 -2.29 -14.76 12.97
CA TYR D 82 -1.32 -13.70 12.73
C TYR D 82 -1.59 -12.38 13.44
N SER D 83 -2.65 -12.31 14.23
CA SER D 83 -2.90 -11.11 15.01
C SER D 83 -1.78 -10.92 16.03
N VAL D 84 -1.11 -12.01 16.40
CA VAL D 84 0.01 -11.94 17.33
C VAL D 84 1.24 -11.23 16.74
N THR D 85 1.27 -11.08 15.42
CA THR D 85 2.40 -10.46 14.75
C THR D 85 2.18 -8.97 14.48
N ALA D 86 1.05 -8.44 14.93
CA ALA D 86 0.63 -7.09 14.55
C ALA D 86 1.69 -6.04 14.87
N ASN D 87 1.88 -5.10 13.96
CA ASN D 87 2.76 -3.95 14.20
C ASN D 87 4.22 -4.39 14.41
N SER D 88 4.66 -5.37 13.62
CA SER D 88 6.07 -5.75 13.60
C SER D 88 6.83 -4.81 12.68
N LYS D 89 8.01 -4.40 13.11
CA LYS D 89 8.95 -3.67 12.28
C LYS D 89 9.55 -4.61 11.22
N LEU D 90 9.80 -5.85 11.64
CA LEU D 90 10.54 -6.79 10.83
C LEU D 90 9.91 -8.16 10.97
N VAL D 91 9.63 -8.81 9.84
CA VAL D 91 9.06 -10.15 9.85
C VAL D 91 9.97 -11.07 9.05
N ILE D 92 10.41 -12.15 9.69
CA ILE D 92 11.42 -13.03 9.12
C ILE D 92 10.77 -14.36 8.71
N ILE D 93 10.82 -14.68 7.42
CA ILE D 93 10.12 -15.86 6.92
C ILE D 93 11.09 -17.04 6.79
N THR D 94 10.93 -18.05 7.64
CA THR D 94 11.75 -19.25 7.55
C THR D 94 10.89 -20.48 7.24
N ALA D 95 9.59 -20.28 7.11
CA ALA D 95 8.69 -21.39 6.86
C ALA D 95 8.93 -21.99 5.47
N GLY D 96 8.77 -23.30 5.36
CA GLY D 96 8.88 -23.95 4.07
C GLY D 96 8.42 -25.39 4.11
N ALA D 97 8.26 -26.00 2.94
CA ALA D 97 8.07 -27.44 2.84
C ALA D 97 9.42 -28.07 2.52
N ARG D 98 9.60 -29.33 2.91
CA ARG D 98 10.77 -30.07 2.45
C ARG D 98 10.37 -31.06 1.36
N GLN D 99 11.26 -31.24 0.39
CA GLN D 99 11.03 -32.12 -0.74
C GLN D 99 10.73 -33.52 -0.21
N GLN D 100 10.03 -34.33 -1.01
CA GLN D 100 9.59 -35.63 -0.52
C GLN D 100 10.41 -36.85 -0.97
N GLU D 101 10.39 -37.19 -2.26
CA GLU D 101 11.17 -38.35 -2.70
C GLU D 101 11.96 -38.19 -3.99
N GLY D 102 11.28 -37.96 -5.12
CA GLY D 102 9.84 -37.85 -5.13
C GLY D 102 9.40 -36.76 -6.08
N GLU D 103 9.18 -35.57 -5.53
CA GLU D 103 8.75 -34.44 -6.34
C GLU D 103 9.96 -33.71 -6.92
N SER D 104 9.77 -33.13 -8.10
CA SER D 104 10.79 -32.31 -8.71
C SER D 104 11.04 -31.11 -7.82
N ARG D 105 12.14 -30.40 -8.06
CA ARG D 105 12.43 -29.22 -7.26
C ARG D 105 11.47 -28.10 -7.60
N LEU D 106 11.02 -28.07 -8.85
CA LEU D 106 10.03 -27.09 -9.28
C LEU D 106 8.71 -27.31 -8.54
N ASN D 107 8.27 -28.55 -8.47
CA ASN D 107 7.05 -28.89 -7.74
C ASN D 107 7.19 -28.52 -6.26
N LEU D 108 8.39 -28.70 -5.73
CA LEU D 108 8.70 -28.35 -4.35
C LEU D 108 8.62 -26.83 -4.15
N VAL D 109 9.08 -26.09 -5.15
CA VAL D 109 9.00 -24.64 -5.11
C VAL D 109 7.55 -24.15 -5.09
N GLN D 110 6.71 -24.76 -5.94
CA GLN D 110 5.32 -24.35 -6.04
C GLN D 110 4.58 -24.55 -4.72
N ARG D 111 4.89 -25.64 -4.02
CA ARG D 111 4.27 -25.92 -2.72
C ARG D 111 4.68 -24.86 -1.70
N ASN D 112 5.88 -24.33 -1.85
CA ASN D 112 6.33 -23.23 -1.00
C ASN D 112 5.62 -21.94 -1.40
N VAL D 113 5.35 -21.76 -2.69
CA VAL D 113 4.55 -20.63 -3.12
C VAL D 113 3.16 -20.68 -2.46
N ASN D 114 2.51 -21.84 -2.51
CA ASN D 114 1.20 -22.00 -1.89
C ASN D 114 1.26 -21.69 -0.39
N ILE D 115 2.36 -22.09 0.25
CA ILE D 115 2.55 -21.73 1.67
C ILE D 115 2.69 -20.21 1.85
N PHE D 116 3.40 -19.58 0.92
CA PHE D 116 3.62 -18.13 0.97
C PHE D 116 2.34 -17.36 0.62
N LYS D 117 1.51 -17.96 -0.22
CA LYS D 117 0.22 -17.36 -0.57
C LYS D 117 -0.67 -17.24 0.66
N PHE D 118 -0.42 -18.07 1.66
CA PHE D 118 -1.15 -17.99 2.91
C PHE D 118 -0.44 -17.08 3.92
N ILE D 119 0.86 -17.27 4.08
CA ILE D 119 1.61 -16.48 5.05
C ILE D 119 1.64 -15.00 4.71
N ILE D 120 2.04 -14.67 3.49
CA ILE D 120 2.39 -13.28 3.18
C ILE D 120 1.23 -12.29 3.31
N PRO D 121 0.05 -12.64 2.77
CA PRO D 121 -1.10 -11.76 2.98
C PRO D 121 -1.47 -11.55 4.45
N ASN D 122 -1.33 -12.60 5.25
CA ASN D 122 -1.55 -12.48 6.69
C ASN D 122 -0.54 -11.55 7.37
N VAL D 123 0.72 -11.66 6.99
CA VAL D 123 1.77 -10.79 7.52
C VAL D 123 1.49 -9.34 7.18
N VAL D 124 1.22 -9.08 5.90
CA VAL D 124 0.96 -7.73 5.42
C VAL D 124 -0.25 -7.09 6.08
N LYS D 125 -1.26 -7.91 6.37
CA LYS D 125 -2.50 -7.43 6.93
C LYS D 125 -2.26 -6.79 8.29
N TYR D 126 -1.47 -7.45 9.11
CA TYR D 126 -1.25 -6.99 10.49
C TYR D 126 -0.01 -6.12 10.68
N SER D 127 0.90 -6.11 9.69
CA SER D 127 2.09 -5.27 9.75
C SER D 127 2.39 -4.65 8.38
N PRO D 128 1.55 -3.69 7.94
CA PRO D 128 1.60 -3.14 6.58
C PRO D 128 2.92 -2.42 6.30
N HIS D 129 3.58 -1.99 7.36
CA HIS D 129 4.76 -1.15 7.22
C HIS D 129 6.05 -1.91 7.56
N CYS D 130 5.95 -3.21 7.78
CA CYS D 130 7.12 -3.99 8.18
C CYS D 130 8.08 -4.12 7.00
N LYS D 131 9.32 -4.50 7.30
CA LYS D 131 10.19 -5.09 6.30
C LYS D 131 10.07 -6.61 6.33
N LEU D 132 10.19 -7.23 5.17
CA LEU D 132 10.19 -8.69 5.08
C LEU D 132 11.61 -9.19 4.82
N LEU D 133 12.06 -10.15 5.62
CA LEU D 133 13.32 -10.82 5.35
C LEU D 133 13.06 -12.31 5.14
N VAL D 134 13.27 -12.77 3.92
CA VAL D 134 12.97 -14.14 3.55
C VAL D 134 14.25 -14.99 3.62
N VAL D 135 14.15 -16.12 4.32
CA VAL D 135 15.30 -16.99 4.53
C VAL D 135 15.11 -18.35 3.85
N SER D 136 13.86 -18.75 3.65
CA SER D 136 13.52 -20.05 3.09
C SER D 136 14.14 -20.24 1.72
N ASN D 137 14.55 -21.47 1.41
CA ASN D 137 15.15 -21.78 0.11
C ASN D 137 14.10 -22.35 -0.83
N PRO D 138 14.30 -22.16 -2.14
CA PRO D 138 15.43 -21.39 -2.70
C PRO D 138 15.19 -19.88 -2.52
N VAL D 139 16.16 -19.18 -1.95
CA VAL D 139 15.86 -17.91 -1.32
C VAL D 139 15.64 -16.76 -2.33
N ASP D 140 16.36 -16.79 -3.44
CA ASP D 140 16.20 -15.73 -4.45
C ASP D 140 14.81 -15.80 -5.08
N ILE D 141 14.34 -17.02 -5.32
CA ILE D 141 13.01 -17.24 -5.90
C ILE D 141 11.90 -16.95 -4.90
N LEU D 142 12.09 -17.36 -3.65
CA LEU D 142 11.03 -17.20 -2.65
C LEU D 142 10.92 -15.76 -2.17
N THR D 143 12.02 -15.02 -2.27
CA THR D 143 12.00 -13.61 -1.94
C THR D 143 11.21 -12.85 -3.02
N TYR D 144 11.41 -13.23 -4.28
CA TYR D 144 10.62 -12.66 -5.37
C TYR D 144 9.14 -12.97 -5.16
N VAL D 145 8.85 -14.20 -4.77
CA VAL D 145 7.47 -14.59 -4.51
C VAL D 145 6.87 -13.71 -3.42
N ALA D 146 7.63 -13.44 -2.38
CA ALA D 146 7.15 -12.63 -1.26
C ALA D 146 6.95 -11.18 -1.70
N TRP D 147 7.88 -10.69 -2.52
CA TRP D 147 7.77 -9.36 -3.08
C TRP D 147 6.46 -9.26 -3.85
N LYS D 148 6.24 -10.19 -4.77
CA LYS D 148 5.10 -10.14 -5.67
C LYS D 148 3.79 -10.22 -4.89
N ILE D 149 3.69 -11.20 -4.00
CA ILE D 149 2.47 -11.40 -3.22
C ILE D 149 2.17 -10.23 -2.29
N SER D 150 3.21 -9.67 -1.69
CA SER D 150 3.04 -8.67 -0.66
C SER D 150 2.58 -7.34 -1.21
N GLY D 151 3.11 -6.98 -2.38
CA GLY D 151 2.85 -5.67 -2.93
C GLY D 151 3.74 -4.58 -2.35
N PHE D 152 4.71 -4.97 -1.53
CA PHE D 152 5.64 -4.02 -0.93
C PHE D 152 6.60 -3.46 -1.97
N PRO D 153 7.03 -2.20 -1.79
CA PRO D 153 8.10 -1.63 -2.61
C PRO D 153 9.35 -2.48 -2.42
N LYS D 154 10.23 -2.52 -3.41
CA LYS D 154 11.34 -3.45 -3.37
C LYS D 154 12.28 -3.19 -2.18
N ASN D 155 12.38 -1.95 -1.72
CA ASN D 155 13.31 -1.63 -0.64
C ASN D 155 12.95 -2.39 0.64
N ARG D 156 11.72 -2.88 0.72
CA ARG D 156 11.26 -3.51 1.96
C ARG D 156 11.21 -5.03 1.92
N VAL D 157 11.62 -5.63 0.82
CA VAL D 157 11.62 -7.09 0.72
C VAL D 157 13.02 -7.59 0.44
N ILE D 158 13.61 -8.25 1.44
CA ILE D 158 15.03 -8.58 1.44
C ILE D 158 15.24 -10.09 1.51
N GLY D 159 16.16 -10.60 0.71
CA GLY D 159 16.54 -12.00 0.82
C GLY D 159 17.87 -12.18 1.52
N SER D 160 17.96 -13.18 2.39
CA SER D 160 19.20 -13.41 3.12
C SER D 160 20.30 -13.79 2.13
N GLY D 161 19.90 -14.36 1.00
CA GLY D 161 20.82 -14.49 -0.12
C GLY D 161 22.18 -15.05 0.27
N CYS D 162 23.24 -14.38 -0.18
CA CYS D 162 24.60 -14.86 0.02
C CYS D 162 25.25 -14.31 1.29
N ASN D 163 24.43 -13.90 2.25
CA ASN D 163 24.96 -13.25 3.44
C ASN D 163 25.78 -14.26 4.24
N LEU D 164 25.19 -15.42 4.53
CA LEU D 164 25.89 -16.44 5.30
C LEU D 164 27.06 -17.02 4.52
N ASP D 165 26.87 -17.24 3.22
CA ASP D 165 27.95 -17.79 2.40
C ASP D 165 29.17 -16.89 2.35
N SER D 166 28.97 -15.57 2.38
CA SER D 166 30.09 -14.65 2.41
C SER D 166 30.79 -14.77 3.78
N ALA D 167 30.00 -14.94 4.83
CA ALA D 167 30.53 -15.13 6.18
C ALA D 167 31.37 -16.40 6.25
N ARG D 168 30.86 -17.47 5.65
CA ARG D 168 31.59 -18.72 5.55
C ARG D 168 32.90 -18.53 4.78
N PHE D 169 32.84 -17.76 3.71
CA PHE D 169 34.01 -17.53 2.87
C PHE D 169 35.07 -16.76 3.64
N ARG D 170 34.62 -15.78 4.43
CA ARG D 170 35.53 -14.99 5.24
C ARG D 170 36.14 -15.82 6.36
N TYR D 171 35.36 -16.75 6.92
CA TYR D 171 35.90 -17.65 7.93
C TYR D 171 36.97 -18.58 7.34
N LEU D 172 36.70 -19.18 6.18
CA LEU D 172 37.67 -20.07 5.56
C LEU D 172 38.90 -19.29 5.11
N MET D 173 38.67 -18.06 4.66
CA MET D 173 39.75 -17.16 4.31
C MET D 173 40.64 -16.92 5.53
N GLY D 174 40.01 -16.66 6.67
CA GLY D 174 40.74 -16.41 7.89
C GLY D 174 41.49 -17.62 8.45
N GLU D 175 40.95 -18.81 8.21
CA GLU D 175 41.66 -20.03 8.60
C GLU D 175 42.93 -20.22 7.78
N ARG D 176 42.86 -19.94 6.48
CA ARG D 176 44.02 -20.05 5.61
C ARG D 176 45.09 -19.00 5.93
N LEU D 177 44.68 -17.82 6.36
CA LEU D 177 45.60 -16.71 6.52
C LEU D 177 46.06 -16.52 7.96
N GLY D 178 45.35 -17.13 8.90
CA GLY D 178 45.71 -16.99 10.30
C GLY D 178 45.24 -15.67 10.88
N VAL D 179 44.13 -15.17 10.34
CA VAL D 179 43.53 -13.91 10.79
C VAL D 179 42.03 -14.11 11.00
N HIS D 180 41.45 -13.36 11.94
CA HIS D 180 40.03 -13.48 12.22
C HIS D 180 39.17 -13.10 11.00
N ALA D 181 38.01 -13.73 10.88
CA ALA D 181 37.08 -13.45 9.80
C ALA D 181 36.73 -11.95 9.69
N LEU D 182 36.69 -11.25 10.82
CA LEU D 182 36.39 -9.82 10.86
C LEU D 182 37.41 -8.97 10.08
N SER D 183 38.61 -9.50 9.86
CA SER D 183 39.62 -8.75 9.14
C SER D 183 39.92 -9.28 7.74
N CYS D 184 39.23 -10.36 7.34
CA CYS D 184 39.33 -10.88 5.99
C CYS D 184 38.10 -10.47 5.18
N HIS D 185 38.31 -9.80 4.06
CA HIS D 185 37.19 -9.32 3.29
C HIS D 185 37.07 -10.03 1.96
N GLY D 186 35.85 -10.42 1.62
CA GLY D 186 35.58 -11.07 0.36
C GLY D 186 34.09 -11.26 0.18
N TRP D 187 33.63 -11.24 -1.07
CA TRP D 187 32.21 -11.21 -1.34
C TRP D 187 31.75 -12.36 -2.24
N ILE D 188 30.67 -13.02 -1.82
CA ILE D 188 30.02 -14.01 -2.66
C ILE D 188 28.73 -13.36 -3.14
N LEU D 189 28.62 -13.16 -4.45
CA LEU D 189 27.48 -12.43 -5.00
C LEU D 189 26.63 -13.28 -5.92
N GLY D 190 25.51 -12.72 -6.36
CA GLY D 190 24.67 -13.40 -7.35
C GLY D 190 23.62 -14.31 -6.75
N GLU D 191 23.40 -15.45 -7.40
CA GLU D 191 22.39 -16.41 -6.99
C GLU D 191 22.92 -17.28 -5.86
N HIS D 192 22.13 -17.40 -4.79
CA HIS D 192 22.51 -18.21 -3.64
C HIS D 192 22.68 -19.65 -4.07
N GLY D 193 23.78 -20.29 -3.65
CA GLY D 193 23.99 -21.69 -3.97
C GLY D 193 25.09 -21.97 -4.98
N ASP D 194 24.90 -23.01 -5.79
CA ASP D 194 25.94 -23.50 -6.69
C ASP D 194 26.47 -22.43 -7.63
N SER D 195 25.58 -21.55 -8.09
CA SER D 195 25.93 -20.59 -9.12
C SER D 195 26.46 -19.26 -8.57
N SER D 196 26.70 -19.20 -7.26
CA SER D 196 27.15 -17.96 -6.65
C SER D 196 28.53 -17.56 -7.18
N VAL D 197 28.85 -16.28 -7.04
CA VAL D 197 30.06 -15.73 -7.66
C VAL D 197 31.04 -15.20 -6.62
N PRO D 198 32.19 -15.88 -6.46
CA PRO D 198 33.28 -15.38 -5.61
C PRO D 198 34.01 -14.25 -6.32
N VAL D 199 33.85 -13.02 -5.84
CA VAL D 199 34.48 -11.89 -6.49
C VAL D 199 35.96 -11.77 -6.09
N TRP D 200 36.81 -12.50 -6.80
CA TRP D 200 38.22 -12.57 -6.45
C TRP D 200 38.87 -11.20 -6.31
N SER D 201 38.47 -10.26 -7.17
CA SER D 201 39.11 -8.96 -7.23
C SER D 201 38.90 -8.14 -5.95
N GLY D 202 37.89 -8.52 -5.18
CA GLY D 202 37.57 -7.79 -3.97
C GLY D 202 38.21 -8.32 -2.69
N MET D 203 38.81 -9.52 -2.76
CA MET D 203 39.33 -10.16 -1.56
C MET D 203 40.60 -9.47 -1.07
N ASN D 204 40.63 -9.14 0.21
CA ASN D 204 41.75 -8.37 0.74
C ASN D 204 41.83 -8.47 2.27
N VAL D 205 42.99 -8.12 2.80
CA VAL D 205 43.16 -7.89 4.22
C VAL D 205 43.83 -6.53 4.39
N ALA D 206 43.27 -5.69 5.26
CA ALA D 206 43.80 -4.35 5.47
C ALA D 206 43.88 -3.57 4.17
N GLY D 207 43.00 -3.90 3.22
CA GLY D 207 42.98 -3.19 1.95
C GLY D 207 44.07 -3.61 0.99
N VAL D 208 44.71 -4.74 1.27
CA VAL D 208 45.72 -5.30 0.37
C VAL D 208 45.07 -6.38 -0.50
N SER D 209 44.93 -6.10 -1.79
CA SER D 209 44.30 -7.03 -2.72
C SER D 209 45.08 -8.33 -2.85
N LEU D 210 44.46 -9.44 -2.48
CA LEU D 210 45.05 -10.75 -2.69
C LEU D 210 45.31 -10.98 -4.18
N LYS D 211 44.36 -10.59 -5.01
CA LYS D 211 44.46 -10.81 -6.46
C LYS D 211 45.66 -10.10 -7.06
N THR D 212 45.97 -8.91 -6.57
CA THR D 212 47.13 -8.18 -7.05
C THR D 212 48.41 -8.86 -6.62
N LEU D 213 48.41 -9.44 -5.41
CA LEU D 213 49.57 -10.15 -4.89
C LEU D 213 49.77 -11.48 -5.61
N HIS D 214 48.66 -12.06 -6.07
CA HIS D 214 48.65 -13.41 -6.60
C HIS D 214 47.69 -13.46 -7.76
N PRO D 215 48.13 -13.06 -8.96
CA PRO D 215 47.22 -12.91 -10.11
C PRO D 215 46.47 -14.19 -10.46
N GLU D 216 47.02 -15.33 -10.05
CA GLU D 216 46.39 -16.63 -10.31
C GLU D 216 45.15 -16.84 -9.45
N LEU D 217 44.96 -16.00 -8.42
CA LEU D 217 43.87 -16.21 -7.46
C LEU D 217 42.55 -16.53 -8.14
N GLY D 218 41.99 -17.70 -7.83
CA GLY D 218 40.65 -18.02 -8.31
C GLY D 218 40.63 -18.61 -9.71
N THR D 219 41.81 -18.86 -10.27
CA THR D 219 41.91 -19.48 -11.58
C THR D 219 42.20 -20.97 -11.45
N ASP D 220 41.98 -21.71 -12.54
CA ASP D 220 42.34 -23.13 -12.59
C ASP D 220 43.86 -23.30 -12.44
N ALA D 221 44.61 -22.36 -13.01
CA ALA D 221 46.07 -22.42 -13.01
C ALA D 221 46.65 -22.01 -11.65
N ASP D 222 45.78 -21.87 -10.66
CA ASP D 222 46.19 -21.46 -9.32
C ASP D 222 46.73 -22.66 -8.54
N LYS D 223 48.00 -22.58 -8.14
CA LYS D 223 48.65 -23.70 -7.46
C LYS D 223 48.16 -23.85 -6.02
N GLU D 224 47.57 -22.79 -5.47
CA GLU D 224 47.01 -22.86 -4.13
C GLU D 224 45.52 -23.15 -4.15
N GLN D 225 44.93 -23.16 -5.34
CA GLN D 225 43.59 -23.69 -5.52
C GLN D 225 42.57 -22.96 -4.65
N TRP D 226 42.59 -21.64 -4.70
CA TRP D 226 41.65 -20.86 -3.90
C TRP D 226 40.21 -21.05 -4.34
N LYS D 227 40.00 -21.44 -5.59
CA LYS D 227 38.65 -21.77 -6.05
C LYS D 227 38.01 -22.80 -5.14
N GLN D 228 38.82 -23.73 -4.64
CA GLN D 228 38.32 -24.75 -3.73
C GLN D 228 37.74 -24.12 -2.48
N VAL D 229 38.16 -22.90 -2.16
CA VAL D 229 37.60 -22.19 -1.02
C VAL D 229 36.15 -21.83 -1.33
N HIS D 230 35.89 -21.37 -2.55
CA HIS D 230 34.51 -21.13 -2.97
C HIS D 230 33.72 -22.44 -2.99
N LYS D 231 34.34 -23.52 -3.48
CA LYS D 231 33.66 -24.80 -3.51
C LYS D 231 33.26 -25.26 -2.10
N GLN D 232 34.16 -25.06 -1.14
CA GLN D 232 33.85 -25.36 0.26
C GLN D 232 32.64 -24.58 0.74
N VAL D 233 32.56 -23.30 0.36
CA VAL D 233 31.42 -22.47 0.71
C VAL D 233 30.12 -23.04 0.13
N VAL D 234 30.13 -23.27 -1.18
CA VAL D 234 29.00 -23.85 -1.88
C VAL D 234 28.51 -25.18 -1.25
N ASP D 235 29.44 -25.96 -0.73
CA ASP D 235 29.16 -27.31 -0.22
C ASP D 235 28.95 -27.37 1.28
N SER D 236 29.17 -26.27 1.99
CA SER D 236 29.28 -26.37 3.43
C SER D 236 27.94 -26.68 4.09
N ALA D 237 26.85 -26.21 3.50
CA ALA D 237 25.52 -26.52 4.05
C ALA D 237 25.23 -28.00 3.92
N TYR D 238 25.44 -28.52 2.71
CA TYR D 238 25.35 -29.95 2.44
C TYR D 238 26.24 -30.75 3.40
N GLU D 239 27.50 -30.33 3.57
CA GLU D 239 28.41 -31.05 4.46
C GLU D 239 27.89 -31.09 5.91
N VAL D 240 27.34 -29.97 6.39
CA VAL D 240 26.80 -29.92 7.74
C VAL D 240 25.54 -30.79 7.87
N ILE D 241 24.74 -30.81 6.81
CA ILE D 241 23.54 -31.64 6.78
C ILE D 241 23.88 -33.14 6.82
N LYS D 242 24.92 -33.54 6.12
CA LYS D 242 25.39 -34.93 6.21
C LYS D 242 25.78 -35.31 7.64
N LEU D 243 26.31 -34.35 8.39
CA LEU D 243 26.82 -34.65 9.72
C LEU D 243 25.76 -34.54 10.80
N LYS D 244 24.95 -33.48 10.76
CA LYS D 244 23.99 -33.26 11.83
C LYS D 244 22.53 -33.22 11.36
N GLY D 245 22.31 -33.27 10.05
CA GLY D 245 20.96 -33.40 9.55
C GLY D 245 20.30 -32.10 9.11
N TYR D 246 20.99 -30.99 9.33
CA TYR D 246 20.47 -29.67 8.99
C TYR D 246 21.50 -28.68 9.50
N THR D 247 21.33 -27.41 9.17
CA THR D 247 22.15 -26.36 9.76
C THR D 247 21.25 -25.39 10.49
N THR D 248 21.78 -24.73 11.52
CA THR D 248 20.99 -23.76 12.24
C THR D 248 21.75 -22.56 12.75
N TRP D 249 22.85 -22.82 13.46
CA TRP D 249 23.43 -21.77 14.28
C TRP D 249 23.95 -20.62 13.44
N ALA D 250 24.67 -20.93 12.37
CA ALA D 250 25.33 -19.88 11.60
C ALA D 250 24.30 -19.01 10.88
N ILE D 251 23.31 -19.64 10.26
CA ILE D 251 22.26 -18.89 9.54
C ILE D 251 21.51 -18.00 10.53
N GLY D 252 21.28 -18.52 11.74
CA GLY D 252 20.60 -17.74 12.74
C GLY D 252 21.42 -16.53 13.14
N LEU D 253 22.71 -16.71 13.30
CA LEU D 253 23.58 -15.59 13.64
C LEU D 253 23.63 -14.58 12.49
N SER D 254 23.66 -15.06 11.25
CA SER D 254 23.75 -14.15 10.11
C SER D 254 22.46 -13.37 9.89
N VAL D 255 21.33 -13.98 10.21
CA VAL D 255 20.05 -13.27 10.15
C VAL D 255 19.93 -12.19 11.23
N ALA D 256 20.37 -12.51 12.45
CA ALA D 256 20.32 -11.54 13.53
C ALA D 256 21.18 -10.32 13.24
N ASP D 257 22.24 -10.52 12.46
CA ASP D 257 23.13 -9.43 12.07
C ASP D 257 22.42 -8.50 11.08
N LEU D 258 21.68 -9.10 10.14
CA LEU D 258 20.86 -8.31 9.22
C LEU D 258 19.79 -7.56 10.02
N ALA D 259 19.18 -8.26 10.98
CA ALA D 259 18.16 -7.65 11.82
C ALA D 259 18.72 -6.44 12.60
N GLU D 260 19.97 -6.56 13.03
CA GLU D 260 20.60 -5.48 13.79
C GLU D 260 20.71 -4.23 12.92
N SER D 261 21.22 -4.41 11.70
CA SER D 261 21.38 -3.29 10.79
C SER D 261 20.02 -2.60 10.56
N ILE D 262 18.98 -3.40 10.40
CA ILE D 262 17.64 -2.85 10.18
C ILE D 262 17.10 -2.13 11.42
N MET D 263 17.08 -2.81 12.56
CA MET D 263 16.45 -2.23 13.76
C MET D 263 17.16 -0.98 14.26
N LYS D 264 18.46 -0.89 13.98
CA LYS D 264 19.30 0.20 14.47
C LYS D 264 19.66 1.18 13.36
N ASN D 265 19.11 0.95 12.17
CA ASN D 265 19.30 1.85 11.03
C ASN D 265 20.78 2.11 10.76
N LEU D 266 21.58 1.06 10.70
CA LEU D 266 23.03 1.24 10.66
C LEU D 266 23.57 1.60 9.29
N ARG D 267 22.84 1.24 8.25
CA ARG D 267 23.33 1.42 6.89
C ARG D 267 24.69 0.76 6.69
N ARG D 268 24.85 -0.44 7.25
CA ARG D 268 25.99 -1.29 6.89
C ARG D 268 25.77 -1.93 5.53
N VAL D 269 26.86 -2.29 4.86
CA VAL D 269 26.77 -2.97 3.58
C VAL D 269 26.82 -4.49 3.76
N HIS D 270 25.72 -5.16 3.38
CA HIS D 270 25.62 -6.62 3.47
C HIS D 270 25.38 -7.22 2.09
N PRO D 271 25.98 -8.40 1.85
CA PRO D 271 25.70 -9.17 0.63
C PRO D 271 24.36 -9.89 0.77
N ILE D 272 23.28 -9.23 0.37
CA ILE D 272 21.95 -9.80 0.53
C ILE D 272 21.18 -9.69 -0.80
N SER D 273 20.07 -10.43 -0.89
CA SER D 273 19.34 -10.53 -2.15
C SER D 273 18.29 -9.44 -2.27
N THR D 274 18.30 -8.73 -3.39
CA THR D 274 17.44 -7.56 -3.59
C THR D 274 16.95 -7.58 -5.04
N MET D 275 15.83 -6.90 -5.29
CA MET D 275 15.28 -6.86 -6.65
C MET D 275 16.18 -5.94 -7.46
N LEU D 276 16.95 -6.48 -8.40
CA LEU D 276 17.98 -5.68 -9.04
C LEU D 276 17.86 -5.47 -10.53
N LYS D 277 16.69 -5.78 -11.08
CA LYS D 277 16.33 -5.32 -12.41
C LYS D 277 16.85 -3.90 -12.60
N GLY D 278 17.58 -3.67 -13.70
CA GLY D 278 18.00 -2.34 -14.03
C GLY D 278 19.43 -2.07 -13.61
N LEU D 279 19.96 -2.92 -12.74
CA LEU D 279 21.35 -2.83 -12.33
C LEU D 279 22.12 -4.08 -12.72
N TYR D 280 23.45 -4.00 -12.67
CA TYR D 280 24.32 -5.14 -12.94
C TYR D 280 24.03 -5.82 -14.28
N GLY D 281 23.55 -5.04 -15.24
CA GLY D 281 23.26 -5.57 -16.56
C GLY D 281 22.04 -6.48 -16.60
N ILE D 282 21.23 -6.45 -15.53
CA ILE D 282 20.11 -7.37 -15.41
C ILE D 282 18.79 -6.78 -15.92
N LYS D 283 18.12 -7.53 -16.78
CA LYS D 283 16.94 -7.06 -17.49
C LYS D 283 15.62 -7.59 -16.93
N GLU D 284 15.71 -8.43 -15.90
CA GLU D 284 14.50 -9.10 -15.40
C GLU D 284 14.18 -8.80 -13.95
N ASP D 285 12.92 -9.02 -13.59
CA ASP D 285 12.48 -8.94 -12.20
C ASP D 285 13.00 -10.13 -11.41
N VAL D 286 14.27 -10.10 -11.05
CA VAL D 286 14.82 -11.14 -10.19
C VAL D 286 15.61 -10.56 -9.01
N PHE D 287 15.67 -11.34 -7.93
CA PHE D 287 16.48 -10.98 -6.79
C PHE D 287 17.84 -11.68 -6.86
N LEU D 288 18.91 -10.89 -6.83
CA LEU D 288 20.26 -11.42 -6.72
C LEU D 288 21.01 -10.73 -5.58
N SER D 289 22.02 -11.40 -5.03
CA SER D 289 22.82 -10.82 -3.96
C SER D 289 23.90 -9.89 -4.52
N VAL D 290 23.89 -8.66 -4.01
CA VAL D 290 24.90 -7.66 -4.32
C VAL D 290 25.11 -6.95 -2.98
N PRO D 291 26.13 -6.10 -2.87
CA PRO D 291 26.34 -5.41 -1.59
C PRO D 291 25.26 -4.34 -1.42
N CYS D 292 24.44 -4.48 -0.39
CA CYS D 292 23.29 -3.58 -0.18
C CYS D 292 23.47 -2.78 1.10
N VAL D 293 23.13 -1.50 1.03
CA VAL D 293 23.06 -0.66 2.22
C VAL D 293 21.74 -0.92 2.92
N LEU D 294 21.83 -1.42 4.15
CA LEU D 294 20.67 -1.91 4.88
C LEU D 294 20.40 -1.04 6.11
N GLY D 295 19.16 -0.58 6.22
CA GLY D 295 18.79 0.29 7.33
C GLY D 295 17.32 0.13 7.67
N GLN D 296 16.75 1.14 8.33
CA GLN D 296 15.37 1.06 8.81
C GLN D 296 14.31 1.04 7.72
N ASN D 297 14.65 1.53 6.52
CA ASN D 297 13.75 1.41 5.38
C ASN D 297 14.15 0.26 4.48
N GLY D 298 14.88 -0.69 5.03
CA GLY D 298 15.36 -1.80 4.23
C GLY D 298 16.55 -1.41 3.37
N ILE D 299 16.53 -1.84 2.13
CA ILE D 299 17.64 -1.59 1.22
C ILE D 299 17.48 -0.26 0.48
N SER D 300 18.29 0.72 0.87
CA SER D 300 18.16 2.07 0.34
C SER D 300 19.07 2.31 -0.86
N ASP D 301 20.17 1.58 -0.94
CA ASP D 301 21.16 1.76 -2.00
C ASP D 301 21.86 0.43 -2.24
N VAL D 302 22.42 0.24 -3.42
CA VAL D 302 23.31 -0.89 -3.64
C VAL D 302 24.66 -0.40 -4.15
N VAL D 303 25.72 -1.08 -3.72
CA VAL D 303 27.06 -0.79 -4.19
C VAL D 303 27.26 -1.43 -5.56
N LYS D 304 27.85 -0.69 -6.50
CA LYS D 304 28.07 -1.20 -7.84
C LYS D 304 29.47 -1.81 -7.97
N VAL D 305 29.54 -3.12 -7.83
CA VAL D 305 30.83 -3.81 -7.87
C VAL D 305 31.31 -3.88 -9.32
N THR D 306 32.58 -3.59 -9.53
CA THR D 306 33.13 -3.70 -10.87
C THR D 306 33.37 -5.18 -11.19
N LEU D 307 32.61 -5.69 -12.15
CA LEU D 307 32.68 -7.11 -12.46
C LEU D 307 33.41 -7.36 -13.78
N THR D 308 34.14 -8.46 -13.85
CA THR D 308 34.75 -8.88 -15.11
C THR D 308 33.64 -9.31 -16.06
N SER D 309 34.00 -9.47 -17.33
CA SER D 309 33.03 -9.88 -18.33
C SER D 309 32.45 -11.25 -18.01
N GLU D 310 33.27 -12.15 -17.48
CA GLU D 310 32.81 -13.50 -17.18
C GLU D 310 31.89 -13.51 -15.97
N GLU D 311 32.13 -12.59 -15.03
CA GLU D 311 31.29 -12.46 -13.84
C GLU D 311 29.92 -11.90 -14.20
N GLU D 312 29.88 -10.91 -15.08
CA GLU D 312 28.61 -10.36 -15.52
C GLU D 312 27.78 -11.43 -16.21
N ALA D 313 28.47 -12.31 -16.94
CA ALA D 313 27.81 -13.39 -17.67
C ALA D 313 27.15 -14.38 -16.72
N HIS D 314 27.83 -14.70 -15.62
CA HIS D 314 27.26 -15.61 -14.63
C HIS D 314 26.00 -15.03 -14.01
N LEU D 315 26.02 -13.74 -13.70
CA LEU D 315 24.84 -13.10 -13.13
C LEU D 315 23.68 -13.11 -14.13
N LYS D 316 23.94 -12.69 -15.35
CA LYS D 316 22.87 -12.66 -16.36
C LYS D 316 22.29 -14.06 -16.56
N LYS D 317 23.15 -15.07 -16.61
CA LYS D 317 22.68 -16.43 -16.75
C LYS D 317 21.78 -16.81 -15.57
N SER D 318 22.18 -16.39 -14.37
CA SER D 318 21.40 -16.65 -13.17
C SER D 318 20.05 -15.97 -13.24
N ALA D 319 20.04 -14.73 -13.74
CA ALA D 319 18.81 -13.98 -13.89
C ALA D 319 17.87 -14.67 -14.88
N ASP D 320 18.43 -15.22 -15.96
CA ASP D 320 17.65 -15.94 -16.97
C ASP D 320 17.01 -17.17 -16.35
N THR D 321 17.82 -17.93 -15.60
CA THR D 321 17.37 -19.17 -15.00
C THR D 321 16.31 -18.90 -13.96
N LEU D 322 16.57 -17.92 -13.09
CA LEU D 322 15.60 -17.52 -12.07
C LEU D 322 14.30 -17.08 -12.71
N TRP D 323 14.40 -16.16 -13.67
CA TRP D 323 13.21 -15.66 -14.34
C TRP D 323 12.44 -16.79 -15.01
N GLY D 324 13.18 -17.73 -15.60
CA GLY D 324 12.54 -18.88 -16.25
C GLY D 324 11.69 -19.72 -15.30
N ILE D 325 12.22 -19.98 -14.11
CA ILE D 325 11.45 -20.70 -13.10
C ILE D 325 10.25 -19.89 -12.64
N GLN D 326 10.43 -18.58 -12.53
CA GLN D 326 9.38 -17.71 -11.99
C GLN D 326 8.13 -17.67 -12.86
N LYS D 327 8.34 -17.71 -14.18
CA LYS D 327 7.22 -17.72 -15.12
C LYS D 327 6.38 -19.00 -15.03
N GLU D 328 6.98 -20.07 -14.52
CA GLU D 328 6.31 -21.37 -14.42
C GLU D 328 5.52 -21.55 -13.12
N LEU D 329 5.70 -20.66 -12.16
CA LEU D 329 5.00 -20.74 -10.90
C LEU D 329 3.55 -20.26 -11.03
N GLN D 330 2.64 -20.90 -10.30
CA GLN D 330 1.24 -20.45 -10.22
C GLN D 330 1.04 -19.55 -9.03
N PHE D 331 0.73 -18.28 -9.29
CA PHE D 331 0.47 -17.34 -8.20
C PHE D 331 -0.99 -17.22 -7.85
N ALA E 1 7.58 7.75 -51.37
CA ALA E 1 6.29 7.19 -50.86
C ALA E 1 5.43 8.26 -50.16
N ALA E 2 4.12 8.17 -50.35
CA ALA E 2 3.20 9.11 -49.72
C ALA E 2 3.27 9.00 -48.21
N LEU E 3 2.89 10.08 -47.52
CA LEU E 3 2.88 10.08 -46.07
C LEU E 3 1.95 8.99 -45.56
N LYS E 4 0.78 8.88 -46.17
CA LYS E 4 -0.20 7.87 -45.77
C LYS E 4 0.42 6.48 -45.77
N ASP E 5 1.23 6.18 -46.78
CA ASP E 5 1.87 4.88 -46.89
C ASP E 5 3.00 4.69 -45.90
N GLN E 6 3.70 5.78 -45.56
CA GLN E 6 4.70 5.73 -44.51
C GLN E 6 4.04 5.41 -43.17
N LEU E 7 2.95 6.11 -42.89
CA LEU E 7 2.23 5.93 -41.64
C LEU E 7 1.50 4.60 -41.60
N ILE E 8 0.80 4.27 -42.67
CA ILE E 8 -0.13 3.16 -42.64
C ILE E 8 0.19 2.07 -43.66
N HIS E 9 0.26 0.84 -43.18
CA HIS E 9 0.44 -0.31 -44.03
C HIS E 9 -0.91 -0.99 -44.25
N ASN E 10 -1.30 -1.14 -45.50
CA ASN E 10 -2.60 -1.71 -45.86
C ASN E 10 -2.51 -3.23 -45.89
N LEU E 11 -3.49 -3.88 -45.27
CA LEU E 11 -3.48 -5.33 -45.16
C LEU E 11 -4.68 -5.95 -45.86
N LEU E 12 -5.64 -5.10 -46.22
CA LEU E 12 -6.93 -5.58 -46.70
C LEU E 12 -7.42 -4.71 -47.84
N LYS E 13 -7.80 -5.34 -48.95
CA LYS E 13 -8.47 -4.63 -50.04
C LYS E 13 -9.96 -4.57 -49.76
N GLU E 14 -10.63 -3.60 -50.37
CA GLU E 14 -12.09 -3.56 -50.46
C GLU E 14 -12.60 -2.14 -50.63
N GLU E 15 -13.84 -2.01 -51.09
CA GLU E 15 -14.49 -0.70 -51.19
C GLU E 15 -15.30 -0.42 -49.93
N HIS E 16 -16.43 -1.10 -49.79
CA HIS E 16 -17.36 -0.89 -48.67
C HIS E 16 -18.75 -1.40 -49.01
N VAL E 17 -19.35 -2.12 -48.06
CA VAL E 17 -20.75 -2.50 -48.16
C VAL E 17 -21.49 -2.18 -46.85
N PRO E 18 -22.22 -1.05 -46.83
CA PRO E 18 -22.80 -0.55 -45.57
C PRO E 18 -23.79 -1.54 -44.99
N GLN E 19 -23.79 -1.66 -43.67
CA GLN E 19 -24.59 -2.68 -43.01
C GLN E 19 -25.87 -2.12 -42.39
N ASN E 20 -25.88 -0.81 -42.15
CA ASN E 20 -27.00 -0.17 -41.49
C ASN E 20 -27.17 1.23 -42.04
N LYS E 21 -27.32 1.30 -43.36
CA LYS E 21 -27.38 2.58 -44.02
C LYS E 21 -28.78 3.15 -43.93
N ILE E 22 -28.86 4.46 -43.75
CA ILE E 22 -30.14 5.15 -43.76
C ILE E 22 -30.06 6.34 -44.72
N THR E 23 -31.11 6.53 -45.50
CA THR E 23 -31.18 7.65 -46.42
C THR E 23 -32.28 8.61 -46.00
N VAL E 24 -31.98 9.90 -46.01
CA VAL E 24 -33.04 10.90 -45.91
C VAL E 24 -33.14 11.60 -47.26
N VAL E 25 -34.36 11.67 -47.79
CA VAL E 25 -34.60 12.35 -49.06
C VAL E 25 -35.33 13.66 -48.78
N GLY E 26 -34.74 14.76 -49.24
CA GLY E 26 -35.18 16.08 -48.84
C GLY E 26 -34.39 16.61 -47.66
N VAL E 27 -33.60 17.66 -47.87
CA VAL E 27 -32.82 18.23 -46.79
C VAL E 27 -33.33 19.60 -46.35
N GLY E 28 -34.64 19.80 -46.45
CA GLY E 28 -35.28 20.94 -45.79
C GLY E 28 -35.17 20.80 -44.28
N ALA E 29 -35.82 21.68 -43.54
CA ALA E 29 -35.67 21.69 -42.08
C ALA E 29 -36.14 20.38 -41.41
N VAL E 30 -37.17 19.74 -41.98
CA VAL E 30 -37.64 18.48 -41.44
C VAL E 30 -36.62 17.37 -41.67
N GLY E 31 -36.09 17.30 -42.89
CA GLY E 31 -35.14 16.24 -43.23
C GLY E 31 -33.85 16.33 -42.44
N MET E 32 -33.32 17.55 -42.28
CA MET E 32 -32.10 17.73 -41.50
C MET E 32 -32.32 17.45 -40.01
N ALA E 33 -33.52 17.78 -39.50
CA ALA E 33 -33.86 17.42 -38.12
C ALA E 33 -33.85 15.91 -37.94
N CYS E 34 -34.41 15.18 -38.91
CA CYS E 34 -34.35 13.72 -38.88
C CYS E 34 -32.90 13.28 -38.94
N ALA E 35 -32.12 13.91 -39.81
CA ALA E 35 -30.73 13.52 -40.04
C ALA E 35 -29.87 13.65 -38.77
N ILE E 36 -30.03 14.74 -38.05
CA ILE E 36 -29.18 15.04 -36.90
C ILE E 36 -29.59 14.16 -35.70
N SER E 37 -30.88 13.89 -35.59
CA SER E 37 -31.38 13.03 -34.52
C SER E 37 -30.94 11.58 -34.75
N ILE E 38 -30.99 11.15 -36.00
CA ILE E 38 -30.55 9.80 -36.34
C ILE E 38 -29.04 9.64 -36.08
N LEU E 39 -28.27 10.66 -36.44
CA LEU E 39 -26.83 10.67 -36.17
C LEU E 39 -26.48 10.65 -34.68
N MET E 40 -27.28 11.32 -33.85
CA MET E 40 -26.95 11.41 -32.43
C MET E 40 -27.55 10.29 -31.60
N LYS E 41 -28.31 9.41 -32.24
CA LYS E 41 -28.77 8.18 -31.59
C LYS E 41 -28.00 6.96 -32.13
N ASP E 42 -26.99 7.18 -32.95
CA ASP E 42 -26.14 6.08 -33.42
C ASP E 42 -26.95 4.96 -34.06
N LEU E 43 -27.86 5.32 -34.98
CA LEU E 43 -28.76 4.34 -35.57
C LEU E 43 -28.19 3.74 -36.84
N ALA E 44 -27.22 4.43 -37.44
CA ALA E 44 -26.75 4.08 -38.77
C ALA E 44 -25.22 4.09 -38.86
N ASP E 45 -24.65 3.22 -39.68
CA ASP E 45 -23.21 3.26 -39.92
C ASP E 45 -22.90 4.04 -41.20
N GLU E 46 -23.94 4.37 -41.97
CA GLU E 46 -23.82 5.30 -43.08
C GLU E 46 -25.12 6.06 -43.33
N LEU E 47 -24.99 7.36 -43.54
CA LEU E 47 -26.14 8.22 -43.82
C LEU E 47 -26.00 8.82 -45.21
N ALA E 48 -27.07 8.74 -46.00
CA ALA E 48 -27.10 9.35 -47.32
C ALA E 48 -28.18 10.41 -47.41
N LEU E 49 -27.83 11.54 -48.00
CA LEU E 49 -28.78 12.61 -48.24
C LEU E 49 -28.96 12.78 -49.75
N VAL E 50 -30.20 13.01 -50.17
CA VAL E 50 -30.45 13.47 -51.53
C VAL E 50 -31.48 14.59 -51.58
N ASP E 51 -31.30 15.50 -52.54
CA ASP E 51 -32.24 16.59 -52.77
C ASP E 51 -31.92 17.16 -54.14
N VAL E 52 -32.87 17.86 -54.74
CA VAL E 52 -32.64 18.45 -56.07
C VAL E 52 -31.92 19.80 -56.01
N MET E 53 -31.94 20.44 -54.84
CA MET E 53 -31.15 21.67 -54.65
C MET E 53 -29.71 21.30 -54.32
N GLU E 54 -28.83 21.41 -55.30
CA GLU E 54 -27.52 20.78 -55.21
C GLU E 54 -26.54 21.51 -54.29
N ASP E 55 -26.60 22.83 -54.23
CA ASP E 55 -25.72 23.57 -53.34
C ASP E 55 -26.10 23.33 -51.88
N LYS E 56 -27.38 23.51 -51.58
CA LYS E 56 -27.89 23.30 -50.23
C LYS E 56 -27.51 21.89 -49.76
N LEU E 57 -27.82 20.90 -50.60
CA LEU E 57 -27.51 19.51 -50.28
C LEU E 57 -26.04 19.38 -49.84
N LYS E 58 -25.13 19.83 -50.71
CA LYS E 58 -23.71 19.73 -50.44
C LYS E 58 -23.31 20.46 -49.15
N GLY E 59 -23.91 21.62 -48.91
CA GLY E 59 -23.58 22.39 -47.72
C GLY E 59 -23.98 21.66 -46.45
N GLU E 60 -25.15 21.02 -46.48
CA GLU E 60 -25.64 20.28 -45.33
C GLU E 60 -24.79 19.04 -45.08
N MET E 61 -24.41 18.35 -46.15
CA MET E 61 -23.53 17.20 -46.01
C MET E 61 -22.22 17.63 -45.35
N MET E 62 -21.63 18.72 -45.84
CA MET E 62 -20.34 19.17 -45.33
C MET E 62 -20.44 19.55 -43.85
N ASP E 63 -21.46 20.35 -43.52
CA ASP E 63 -21.67 20.78 -42.14
C ASP E 63 -21.67 19.54 -41.23
N LEU E 64 -22.46 18.52 -41.60
CA LEU E 64 -22.57 17.31 -40.78
C LEU E 64 -21.22 16.60 -40.68
N GLN E 65 -20.53 16.50 -41.81
CA GLN E 65 -19.25 15.78 -41.85
C GLN E 65 -18.23 16.43 -40.92
N HIS E 66 -18.39 17.75 -40.70
CA HIS E 66 -17.46 18.50 -39.87
C HIS E 66 -17.68 18.18 -38.41
N GLY E 67 -18.84 17.60 -38.10
CA GLY E 67 -19.09 17.14 -36.74
C GLY E 67 -18.65 15.71 -36.48
N SER E 68 -17.96 15.09 -37.44
CA SER E 68 -17.65 13.66 -37.37
C SER E 68 -16.95 13.27 -36.08
N LEU E 69 -16.03 14.12 -35.64
CA LEU E 69 -15.28 13.88 -34.42
C LEU E 69 -16.23 13.54 -33.26
N PHE E 70 -17.43 14.12 -33.29
CA PHE E 70 -18.36 14.01 -32.17
C PHE E 70 -19.45 12.98 -32.42
N LEU E 71 -19.33 12.25 -33.52
CA LEU E 71 -20.36 11.29 -33.93
C LEU E 71 -19.82 9.87 -33.98
N ARG E 72 -20.72 8.90 -34.13
CA ARG E 72 -20.35 7.50 -34.29
C ARG E 72 -20.92 6.94 -35.60
N THR E 73 -21.05 7.81 -36.59
CA THR E 73 -21.53 7.41 -37.92
C THR E 73 -20.46 7.83 -38.94
N PRO E 74 -19.63 6.87 -39.36
CA PRO E 74 -18.34 7.14 -40.04
C PRO E 74 -18.44 7.68 -41.46
N LYS E 75 -19.55 7.42 -42.13
CA LYS E 75 -19.72 7.89 -43.50
C LYS E 75 -21.03 8.65 -43.70
N ILE E 76 -20.90 9.85 -44.25
CA ILE E 76 -22.04 10.66 -44.62
C ILE E 76 -21.84 11.05 -46.07
N VAL E 77 -22.77 10.63 -46.92
CA VAL E 77 -22.69 10.94 -48.35
C VAL E 77 -23.95 11.67 -48.85
N SER E 78 -23.82 12.35 -49.99
CA SER E 78 -24.96 13.01 -50.58
C SER E 78 -24.78 13.15 -52.09
N GLY E 79 -25.88 13.44 -52.78
CA GLY E 79 -25.84 13.61 -54.21
C GLY E 79 -27.25 13.70 -54.78
N LYS E 80 -27.36 14.26 -55.97
CA LYS E 80 -28.63 14.37 -56.67
C LYS E 80 -28.98 13.01 -57.28
N ASP E 81 -27.95 12.22 -57.55
CA ASP E 81 -28.08 10.91 -58.15
C ASP E 81 -28.30 9.83 -57.06
N TYR E 82 -29.35 9.04 -57.22
CA TYR E 82 -29.79 8.12 -56.18
C TYR E 82 -28.87 6.91 -55.98
N SER E 83 -27.80 6.84 -56.76
CA SER E 83 -26.81 5.78 -56.55
C SER E 83 -26.16 5.91 -55.19
N VAL E 84 -26.22 7.11 -54.60
CA VAL E 84 -25.62 7.33 -53.29
C VAL E 84 -26.46 6.73 -52.16
N THR E 85 -27.70 6.37 -52.46
CA THR E 85 -28.59 5.79 -51.45
C THR E 85 -28.55 4.27 -51.44
N ALA E 86 -27.72 3.70 -52.31
CA ALA E 86 -27.76 2.26 -52.57
C ALA E 86 -27.61 1.41 -51.31
N ASN E 87 -28.43 0.37 -51.22
CA ASN E 87 -28.35 -0.57 -50.10
C ASN E 87 -28.70 0.06 -48.76
N SER E 88 -29.61 1.02 -48.77
CA SER E 88 -30.19 1.55 -47.54
C SER E 88 -31.13 0.50 -46.93
N LYS E 89 -31.09 0.35 -45.61
CA LYS E 89 -32.09 -0.46 -44.91
C LYS E 89 -33.38 0.34 -44.77
N LEU E 90 -33.23 1.65 -44.62
CA LEU E 90 -34.35 2.54 -44.36
C LEU E 90 -34.20 3.80 -45.17
N VAL E 91 -35.26 4.22 -45.83
CA VAL E 91 -35.23 5.46 -46.60
C VAL E 91 -36.38 6.36 -46.15
N ILE E 92 -36.04 7.58 -45.75
CA ILE E 92 -37.02 8.47 -45.15
C ILE E 92 -37.34 9.58 -46.16
N ILE E 93 -38.61 9.71 -46.50
CA ILE E 93 -39.02 10.68 -47.52
C ILE E 93 -39.61 11.91 -46.85
N THR E 94 -38.94 13.05 -47.02
CA THR E 94 -39.47 14.32 -46.54
C THR E 94 -39.57 15.33 -47.69
N ALA E 95 -39.33 14.86 -48.92
CA ALA E 95 -39.44 15.73 -50.08
C ALA E 95 -40.90 16.07 -50.31
N GLY E 96 -41.15 17.19 -50.97
CA GLY E 96 -42.52 17.55 -51.28
C GLY E 96 -42.62 18.88 -52.00
N ALA E 97 -43.75 19.09 -52.66
CA ALA E 97 -44.03 20.39 -53.27
C ALA E 97 -44.76 21.26 -52.26
N ARG E 98 -44.49 22.56 -52.28
CA ARG E 98 -45.22 23.49 -51.44
C ARG E 98 -46.37 24.15 -52.19
N GLN E 99 -47.49 24.31 -51.51
CA GLN E 99 -48.65 24.99 -52.09
C GLN E 99 -48.23 26.32 -52.70
N GLN E 100 -48.69 26.58 -53.92
CA GLN E 100 -48.55 27.90 -54.54
C GLN E 100 -49.87 28.65 -54.46
N GLU E 101 -49.79 29.98 -54.51
CA GLU E 101 -50.98 30.81 -54.47
C GLU E 101 -51.92 30.43 -55.62
N GLY E 102 -53.10 29.95 -55.26
CA GLY E 102 -54.13 29.78 -56.27
C GLY E 102 -54.14 28.43 -56.97
N GLU E 103 -53.56 27.41 -56.35
CA GLU E 103 -53.77 26.04 -56.81
C GLU E 103 -54.52 25.25 -55.75
N SER E 104 -55.25 24.22 -56.19
CA SER E 104 -56.12 23.47 -55.29
C SER E 104 -55.38 22.37 -54.52
N ARG E 105 -56.07 21.85 -53.51
CA ARG E 105 -55.54 20.79 -52.67
C ARG E 105 -55.30 19.52 -53.49
N LEU E 106 -56.16 19.25 -54.45
CA LEU E 106 -55.99 18.09 -55.32
C LEU E 106 -54.77 18.29 -56.22
N ASN E 107 -54.59 19.51 -56.71
CA ASN E 107 -53.45 19.84 -57.55
C ASN E 107 -52.13 19.76 -56.78
N LEU E 108 -52.17 20.12 -55.50
CA LEU E 108 -50.99 19.99 -54.66
C LEU E 108 -50.56 18.53 -54.54
N VAL E 109 -51.52 17.63 -54.36
CA VAL E 109 -51.23 16.21 -54.26
C VAL E 109 -50.74 15.63 -55.58
N GLN E 110 -51.38 16.01 -56.69
CA GLN E 110 -50.96 15.56 -58.01
C GLN E 110 -49.48 15.86 -58.22
N ARG E 111 -49.06 17.05 -57.81
CA ARG E 111 -47.69 17.49 -58.02
C ARG E 111 -46.70 16.71 -57.16
N ASN E 112 -47.14 16.37 -55.94
CA ASN E 112 -46.34 15.51 -55.08
C ASN E 112 -46.29 14.11 -55.67
N VAL E 113 -47.43 13.61 -56.13
CA VAL E 113 -47.46 12.35 -56.85
C VAL E 113 -46.45 12.35 -58.00
N ASN E 114 -46.39 13.46 -58.74
CA ASN E 114 -45.47 13.55 -59.87
C ASN E 114 -44.01 13.54 -59.41
N ILE E 115 -43.72 14.20 -58.30
CA ILE E 115 -42.39 14.15 -57.70
C ILE E 115 -42.04 12.74 -57.23
N PHE E 116 -43.00 12.07 -56.60
CA PHE E 116 -42.80 10.71 -56.10
C PHE E 116 -42.62 9.71 -57.23
N LYS E 117 -43.21 10.00 -58.39
CA LYS E 117 -43.03 9.15 -59.55
C LYS E 117 -41.56 9.16 -59.98
N PHE E 118 -40.85 10.23 -59.61
CA PHE E 118 -39.42 10.31 -59.90
C PHE E 118 -38.57 9.78 -58.75
N ILE E 119 -38.99 10.10 -57.54
CA ILE E 119 -38.20 9.76 -56.36
C ILE E 119 -38.28 8.28 -56.04
N ILE E 120 -39.49 7.76 -55.94
CA ILE E 120 -39.68 6.42 -55.41
C ILE E 120 -39.06 5.33 -56.28
N PRO E 121 -39.18 5.44 -57.61
CA PRO E 121 -38.56 4.42 -58.47
C PRO E 121 -37.04 4.42 -58.35
N ASN E 122 -36.46 5.61 -58.19
CA ASN E 122 -35.03 5.73 -58.01
C ASN E 122 -34.59 5.11 -56.68
N VAL E 123 -35.39 5.32 -55.63
CA VAL E 123 -35.10 4.71 -54.34
C VAL E 123 -35.15 3.19 -54.41
N VAL E 124 -36.21 2.66 -55.01
CA VAL E 124 -36.42 1.22 -55.09
C VAL E 124 -35.33 0.52 -55.92
N LYS E 125 -34.82 1.23 -56.91
CA LYS E 125 -33.81 0.67 -57.81
C LYS E 125 -32.49 0.42 -57.09
N TYR E 126 -32.14 1.31 -56.16
CA TYR E 126 -30.85 1.22 -55.50
C TYR E 126 -30.93 0.54 -54.14
N SER E 127 -32.15 0.46 -53.60
CA SER E 127 -32.39 -0.27 -52.36
C SER E 127 -33.69 -1.07 -52.46
N PRO E 128 -33.63 -2.22 -53.14
CA PRO E 128 -34.79 -3.07 -53.45
C PRO E 128 -35.48 -3.57 -52.18
N HIS E 129 -34.72 -3.70 -51.11
CA HIS E 129 -35.19 -4.39 -49.92
C HIS E 129 -35.37 -3.47 -48.73
N CYS E 130 -35.32 -2.16 -48.96
CA CYS E 130 -35.43 -1.18 -47.89
C CYS E 130 -36.85 -1.06 -47.37
N LYS E 131 -36.99 -0.44 -46.19
CA LYS E 131 -38.28 0.01 -45.71
C LYS E 131 -38.45 1.49 -46.06
N LEU E 132 -39.68 1.88 -46.40
CA LEU E 132 -39.95 3.26 -46.75
C LEU E 132 -40.73 3.91 -45.61
N LEU E 133 -40.18 5.00 -45.09
CA LEU E 133 -40.89 5.80 -44.09
C LEU E 133 -41.17 7.18 -44.67
N VAL E 134 -42.45 7.45 -44.91
CA VAL E 134 -42.87 8.73 -45.51
C VAL E 134 -43.28 9.73 -44.43
N VAL E 135 -42.76 10.95 -44.53
CA VAL E 135 -43.05 11.98 -43.55
C VAL E 135 -43.82 13.15 -44.17
N SER E 136 -43.66 13.34 -45.48
CA SER E 136 -44.28 14.47 -46.18
C SER E 136 -45.80 14.49 -46.08
N ASN E 137 -46.39 15.69 -46.05
CA ASN E 137 -47.84 15.85 -46.00
C ASN E 137 -48.48 16.06 -47.38
N PRO E 138 -49.76 15.65 -47.53
CA PRO E 138 -50.50 14.90 -46.50
C PRO E 138 -50.01 13.46 -46.40
N VAL E 139 -49.69 13.04 -45.18
CA VAL E 139 -48.85 11.85 -45.01
C VAL E 139 -49.58 10.55 -45.30
N ASP E 140 -50.85 10.48 -44.93
CA ASP E 140 -51.59 9.24 -45.18
C ASP E 140 -51.70 8.99 -46.69
N ILE E 141 -52.10 10.02 -47.43
CA ILE E 141 -52.19 9.93 -48.88
C ILE E 141 -50.83 9.66 -49.51
N LEU E 142 -49.83 10.46 -49.15
CA LEU E 142 -48.51 10.34 -49.76
C LEU E 142 -47.82 9.02 -49.39
N THR E 143 -48.17 8.45 -48.24
CA THR E 143 -47.70 7.11 -47.91
C THR E 143 -48.37 6.06 -48.80
N TYR E 144 -49.63 6.32 -49.15
CA TYR E 144 -50.33 5.47 -50.11
C TYR E 144 -49.70 5.57 -51.49
N VAL E 145 -49.34 6.80 -51.88
CA VAL E 145 -48.70 7.04 -53.17
C VAL E 145 -47.34 6.33 -53.23
N ALA E 146 -46.56 6.47 -52.18
CA ALA E 146 -45.28 5.77 -52.08
C ALA E 146 -45.46 4.26 -52.17
N TRP E 147 -46.45 3.75 -51.45
CA TRP E 147 -46.73 2.31 -51.46
C TRP E 147 -47.02 1.80 -52.88
N LYS E 148 -47.96 2.48 -53.55
CA LYS E 148 -48.37 2.05 -54.88
C LYS E 148 -47.22 2.15 -55.88
N ILE E 149 -46.52 3.27 -55.90
CA ILE E 149 -45.44 3.45 -56.86
C ILE E 149 -44.30 2.45 -56.62
N SER E 150 -44.01 2.16 -55.37
CA SER E 150 -42.85 1.32 -55.05
C SER E 150 -43.09 -0.15 -55.39
N GLY E 151 -44.34 -0.58 -55.31
CA GLY E 151 -44.63 -1.99 -55.48
C GLY E 151 -44.23 -2.85 -54.29
N PHE E 152 -43.76 -2.21 -53.22
CA PHE E 152 -43.37 -2.94 -52.02
C PHE E 152 -44.59 -3.56 -51.35
N PRO E 153 -44.39 -4.68 -50.63
CA PRO E 153 -45.44 -5.23 -49.76
C PRO E 153 -45.75 -4.23 -48.64
N LYS E 154 -46.97 -4.29 -48.11
CA LYS E 154 -47.45 -3.22 -47.23
C LYS E 154 -46.70 -3.11 -45.90
N ASN E 155 -46.05 -4.18 -45.47
CA ASN E 155 -45.29 -4.12 -44.23
C ASN E 155 -44.10 -3.16 -44.36
N ARG E 156 -43.56 -3.03 -45.58
CA ARG E 156 -42.36 -2.24 -45.80
C ARG E 156 -42.62 -0.78 -46.19
N VAL E 157 -43.86 -0.33 -46.16
CA VAL E 157 -44.14 1.08 -46.41
C VAL E 157 -44.93 1.70 -45.27
N ILE E 158 -44.32 2.68 -44.62
CA ILE E 158 -44.81 3.20 -43.34
C ILE E 158 -44.93 4.73 -43.41
N GLY E 159 -46.00 5.26 -42.87
CA GLY E 159 -46.14 6.70 -42.80
C GLY E 159 -46.01 7.15 -41.36
N SER E 160 -45.34 8.28 -41.15
CA SER E 160 -45.16 8.81 -39.80
C SER E 160 -46.53 8.99 -39.14
N GLY E 161 -47.53 9.29 -39.95
CA GLY E 161 -48.90 9.36 -39.45
C GLY E 161 -49.04 10.14 -38.14
N CYS E 162 -49.62 9.49 -37.14
CA CYS E 162 -49.97 10.16 -35.88
C CYS E 162 -48.95 9.96 -34.75
N ASN E 163 -47.73 9.54 -35.11
CA ASN E 163 -46.71 9.27 -34.12
C ASN E 163 -46.40 10.50 -33.26
N LEU E 164 -46.12 11.62 -33.92
CA LEU E 164 -45.76 12.86 -33.21
C LEU E 164 -46.95 13.47 -32.47
N ASP E 165 -48.13 13.36 -33.07
CA ASP E 165 -49.35 13.87 -32.44
C ASP E 165 -49.60 13.16 -31.12
N SER E 166 -49.44 11.85 -31.09
CA SER E 166 -49.57 11.12 -29.83
C SER E 166 -48.50 11.59 -28.83
N ALA E 167 -47.26 11.75 -29.30
CA ALA E 167 -46.21 12.24 -28.43
C ALA E 167 -46.59 13.59 -27.84
N ARG E 168 -47.13 14.48 -28.67
CA ARG E 168 -47.59 15.79 -28.20
C ARG E 168 -48.70 15.62 -27.17
N PHE E 169 -49.64 14.72 -27.47
CA PHE E 169 -50.76 14.48 -26.59
C PHE E 169 -50.21 14.07 -25.21
N ARG E 170 -49.26 13.14 -25.24
CA ARG E 170 -48.65 12.66 -24.02
C ARG E 170 -47.92 13.76 -23.27
N TYR E 171 -47.22 14.62 -23.99
CA TYR E 171 -46.56 15.78 -23.39
C TYR E 171 -47.56 16.68 -22.67
N LEU E 172 -48.62 17.08 -23.38
CA LEU E 172 -49.63 17.96 -22.82
C LEU E 172 -50.33 17.31 -21.63
N MET E 173 -50.66 16.03 -21.77
CA MET E 173 -51.22 15.24 -20.68
C MET E 173 -50.30 15.31 -19.45
N GLY E 174 -49.01 15.11 -19.67
CA GLY E 174 -48.06 15.19 -18.57
C GLY E 174 -47.99 16.57 -17.94
N GLU E 175 -48.18 17.60 -18.76
CA GLU E 175 -48.18 18.96 -18.22
C GLU E 175 -49.38 19.19 -17.30
N ARG E 176 -50.56 18.70 -17.71
CA ARG E 176 -51.75 18.86 -16.87
C ARG E 176 -51.63 18.07 -15.57
N LEU E 177 -51.03 16.90 -15.63
CA LEU E 177 -50.98 15.99 -14.49
C LEU E 177 -49.74 16.15 -13.62
N GLY E 178 -48.71 16.79 -14.15
CA GLY E 178 -47.48 16.97 -13.37
C GLY E 178 -46.55 15.76 -13.32
N VAL E 179 -46.62 14.90 -14.33
CA VAL E 179 -45.62 13.83 -14.50
C VAL E 179 -45.09 13.77 -15.94
N HIS E 180 -44.01 13.01 -16.14
CA HIS E 180 -43.31 12.97 -17.42
C HIS E 180 -44.10 12.23 -18.51
N ALA E 181 -44.00 12.73 -19.73
CA ALA E 181 -44.71 12.15 -20.87
C ALA E 181 -44.51 10.63 -20.91
N LEU E 182 -43.31 10.19 -20.55
CA LEU E 182 -42.98 8.78 -20.57
C LEU E 182 -43.98 7.97 -19.74
N SER E 183 -44.56 8.60 -18.72
CA SER E 183 -45.45 7.92 -17.79
C SER E 183 -46.94 8.14 -18.10
N CYS E 184 -47.24 9.04 -19.03
CA CYS E 184 -48.62 9.26 -19.48
C CYS E 184 -48.86 8.51 -20.77
N HIS E 185 -49.98 7.81 -20.85
CA HIS E 185 -50.29 7.05 -22.04
C HIS E 185 -51.59 7.50 -22.69
N GLY E 186 -51.56 7.63 -24.02
CA GLY E 186 -52.73 8.02 -24.77
C GLY E 186 -52.45 7.89 -26.26
N TRP E 187 -53.49 7.63 -27.05
CA TRP E 187 -53.29 7.35 -28.46
C TRP E 187 -54.18 8.20 -29.36
N ILE E 188 -53.56 8.91 -30.28
CA ILE E 188 -54.29 9.58 -31.34
C ILE E 188 -54.15 8.78 -32.62
N LEU E 189 -55.28 8.30 -33.13
CA LEU E 189 -55.30 7.35 -34.23
C LEU E 189 -56.04 7.91 -35.44
N GLY E 190 -56.07 7.11 -36.51
CA GLY E 190 -56.84 7.49 -37.67
C GLY E 190 -56.06 8.34 -38.65
N GLU E 191 -56.72 9.36 -39.18
CA GLU E 191 -56.16 10.20 -40.22
C GLU E 191 -55.37 11.33 -39.61
N HIS E 192 -54.14 11.52 -40.08
CA HIS E 192 -53.26 12.55 -39.54
C HIS E 192 -53.90 13.93 -39.67
N GLY E 193 -53.80 14.74 -38.62
CA GLY E 193 -54.29 16.10 -38.68
C GLY E 193 -55.63 16.29 -38.01
N ASP E 194 -56.41 17.26 -38.50
CA ASP E 194 -57.62 17.70 -37.81
C ASP E 194 -58.64 16.59 -37.59
N SER E 195 -58.68 15.60 -38.47
CA SER E 195 -59.67 14.55 -38.37
C SER E 195 -59.22 13.35 -37.54
N SER E 196 -58.17 13.55 -36.74
CA SER E 196 -57.61 12.46 -35.94
C SER E 196 -58.49 12.12 -34.73
N VAL E 197 -58.37 10.88 -34.25
CA VAL E 197 -59.23 10.37 -33.19
C VAL E 197 -58.48 10.14 -31.89
N PRO E 198 -58.78 10.97 -30.87
CA PRO E 198 -58.22 10.75 -29.53
C PRO E 198 -58.96 9.62 -28.84
N VAL E 199 -58.31 8.47 -28.66
CA VAL E 199 -58.98 7.31 -28.08
C VAL E 199 -59.05 7.46 -26.55
N TRP E 200 -60.13 8.09 -26.09
CA TRP E 200 -60.23 8.53 -24.70
C TRP E 200 -60.16 7.36 -23.72
N SER E 201 -60.57 6.18 -24.17
CA SER E 201 -60.71 5.03 -23.29
C SER E 201 -59.35 4.41 -22.95
N GLY E 202 -58.33 4.76 -23.71
CA GLY E 202 -57.01 4.19 -23.47
C GLY E 202 -56.14 5.05 -22.60
N MET E 203 -56.57 6.28 -22.34
CA MET E 203 -55.74 7.23 -21.61
C MET E 203 -55.59 6.83 -20.16
N ASN E 204 -54.35 6.67 -19.71
CA ASN E 204 -54.08 6.19 -18.37
C ASN E 204 -52.71 6.63 -17.85
N VAL E 205 -52.57 6.60 -16.53
CA VAL E 205 -51.27 6.60 -15.89
C VAL E 205 -51.20 5.37 -15.00
N ALA E 206 -50.10 4.63 -15.09
CA ALA E 206 -49.88 3.47 -14.25
C ALA E 206 -50.99 2.44 -14.44
N GLY E 207 -51.67 2.52 -15.58
CA GLY E 207 -52.74 1.58 -15.86
C GLY E 207 -54.06 1.97 -15.23
N VAL E 208 -54.15 3.22 -14.77
CA VAL E 208 -55.40 3.74 -14.21
C VAL E 208 -56.14 4.56 -15.27
N SER E 209 -57.25 4.03 -15.76
CA SER E 209 -58.05 4.71 -16.77
C SER E 209 -58.56 6.05 -16.25
N LEU E 210 -58.24 7.12 -16.98
CA LEU E 210 -58.71 8.45 -16.62
C LEU E 210 -60.20 8.55 -16.88
N LYS E 211 -60.66 7.86 -17.92
CA LYS E 211 -62.07 7.87 -18.29
C LYS E 211 -62.90 7.22 -17.18
N THR E 212 -62.40 6.12 -16.64
CA THR E 212 -63.11 5.42 -15.57
C THR E 212 -63.16 6.27 -14.32
N LEU E 213 -62.08 7.00 -14.04
CA LEU E 213 -62.03 7.94 -12.92
C LEU E 213 -62.95 9.14 -13.14
N HIS E 214 -63.07 9.55 -14.40
CA HIS E 214 -63.72 10.80 -14.74
C HIS E 214 -64.51 10.59 -16.03
N PRO E 215 -65.73 10.05 -15.91
CA PRO E 215 -66.53 9.61 -17.06
C PRO E 215 -66.80 10.73 -18.06
N GLU E 216 -66.69 11.97 -17.59
CA GLU E 216 -66.91 13.14 -18.42
C GLU E 216 -65.83 13.30 -19.50
N LEU E 217 -64.74 12.53 -19.35
CA LEU E 217 -63.53 12.72 -20.16
C LEU E 217 -63.78 12.64 -21.68
N GLY E 218 -63.41 13.70 -22.37
CA GLY E 218 -63.48 13.68 -23.82
C GLY E 218 -64.89 13.91 -24.37
N THR E 219 -65.81 14.32 -23.52
CA THR E 219 -67.11 14.81 -23.98
C THR E 219 -67.12 16.32 -23.87
N ASP E 220 -67.98 16.96 -24.63
CA ASP E 220 -68.04 18.42 -24.65
C ASP E 220 -68.56 19.00 -23.34
N ALA E 221 -69.30 18.19 -22.58
CA ALA E 221 -69.86 18.62 -21.31
C ALA E 221 -68.97 18.27 -20.10
N ASP E 222 -67.66 18.37 -20.29
CA ASP E 222 -66.69 18.11 -19.22
C ASP E 222 -66.12 19.42 -18.70
N LYS E 223 -66.28 19.66 -17.40
CA LYS E 223 -65.87 20.92 -16.81
C LYS E 223 -64.37 21.15 -16.97
N GLU E 224 -63.62 20.06 -17.16
CA GLU E 224 -62.16 20.14 -17.25
C GLU E 224 -61.70 20.29 -18.70
N GLN E 225 -62.60 20.00 -19.64
CA GLN E 225 -62.38 20.27 -21.06
C GLN E 225 -61.16 19.57 -21.64
N TRP E 226 -61.03 18.28 -21.35
CA TRP E 226 -59.89 17.51 -21.84
C TRP E 226 -59.91 17.35 -23.35
N LYS E 227 -61.10 17.51 -23.93
CA LYS E 227 -61.25 17.50 -25.37
C LYS E 227 -60.45 18.65 -25.97
N GLN E 228 -60.18 19.67 -25.15
CA GLN E 228 -59.40 20.82 -25.57
C GLN E 228 -57.92 20.50 -25.71
N VAL E 229 -57.51 19.37 -25.16
CA VAL E 229 -56.13 18.92 -25.28
C VAL E 229 -55.89 18.27 -26.63
N HIS E 230 -56.87 17.50 -27.12
CA HIS E 230 -56.82 16.99 -28.48
C HIS E 230 -56.84 18.14 -29.47
N LYS E 231 -57.55 19.21 -29.12
CA LYS E 231 -57.60 20.43 -29.93
C LYS E 231 -56.20 21.03 -30.02
N GLN E 232 -55.55 21.18 -28.87
CA GLN E 232 -54.19 21.70 -28.84
C GLN E 232 -53.23 20.87 -29.68
N VAL E 233 -53.32 19.55 -29.55
CA VAL E 233 -52.46 18.66 -30.34
C VAL E 233 -52.63 18.96 -31.83
N VAL E 234 -53.88 18.88 -32.30
CA VAL E 234 -54.21 19.14 -33.70
C VAL E 234 -53.73 20.51 -34.16
N ASP E 235 -53.69 21.47 -33.24
CA ASP E 235 -53.33 22.85 -33.57
C ASP E 235 -51.85 23.19 -33.34
N SER E 236 -51.12 22.32 -32.63
CA SER E 236 -49.81 22.73 -32.14
C SER E 236 -48.81 22.92 -33.29
N ALA E 237 -48.90 22.07 -34.30
CA ALA E 237 -48.07 22.26 -35.49
C ALA E 237 -48.32 23.64 -36.11
N TYR E 238 -49.58 24.00 -36.29
CA TYR E 238 -49.92 25.28 -36.89
C TYR E 238 -49.51 26.43 -35.98
N GLU E 239 -49.64 26.24 -34.67
CA GLU E 239 -49.28 27.28 -33.72
C GLU E 239 -47.78 27.54 -33.73
N VAL E 240 -46.98 26.49 -33.92
CA VAL E 240 -45.52 26.63 -33.99
C VAL E 240 -45.13 27.25 -35.31
N ILE E 241 -45.81 26.85 -36.37
CA ILE E 241 -45.56 27.43 -37.69
C ILE E 241 -45.84 28.93 -37.65
N LYS E 242 -46.90 29.34 -36.97
CA LYS E 242 -47.18 30.77 -36.79
C LYS E 242 -45.95 31.47 -36.20
N LEU E 243 -45.31 30.82 -35.25
CA LEU E 243 -44.33 31.48 -34.40
C LEU E 243 -42.93 31.51 -34.98
N LYS E 244 -42.48 30.38 -35.54
CA LYS E 244 -41.13 30.30 -36.08
C LYS E 244 -41.13 30.00 -37.59
N GLY E 245 -42.31 29.80 -38.16
CA GLY E 245 -42.42 29.69 -39.61
C GLY E 245 -42.43 28.26 -40.13
N TYR E 246 -42.18 27.31 -39.24
CA TYR E 246 -42.12 25.89 -39.59
C TYR E 246 -41.90 25.08 -38.31
N THR E 247 -41.92 23.76 -38.41
CA THR E 247 -41.51 22.93 -37.28
C THR E 247 -40.41 21.97 -37.74
N THR E 248 -39.61 21.48 -36.79
CA THR E 248 -38.51 20.58 -37.12
C THR E 248 -38.07 19.62 -36.02
N TRP E 249 -37.77 20.15 -34.83
CA TRP E 249 -37.11 19.32 -33.82
C TRP E 249 -37.98 18.13 -33.41
N ALA E 250 -39.24 18.38 -33.08
CA ALA E 250 -40.12 17.34 -32.55
C ALA E 250 -40.39 16.22 -33.57
N ILE E 251 -40.46 16.57 -34.84
CA ILE E 251 -40.72 15.57 -35.87
C ILE E 251 -39.45 14.77 -36.18
N GLY E 252 -38.31 15.45 -36.20
CA GLY E 252 -37.04 14.74 -36.33
C GLY E 252 -36.82 13.73 -35.22
N LEU E 253 -37.06 14.13 -33.97
CA LEU E 253 -37.00 13.21 -32.85
C LEU E 253 -38.02 12.07 -32.99
N SER E 254 -39.24 12.41 -33.39
CA SER E 254 -40.28 11.43 -33.59
C SER E 254 -39.86 10.39 -34.63
N VAL E 255 -39.31 10.86 -35.76
CA VAL E 255 -38.90 9.95 -36.82
C VAL E 255 -37.72 9.07 -36.38
N ALA E 256 -36.79 9.63 -35.62
CA ALA E 256 -35.62 8.89 -35.14
C ALA E 256 -36.05 7.74 -34.23
N ASP E 257 -37.13 7.96 -33.47
CA ASP E 257 -37.65 6.93 -32.60
C ASP E 257 -38.23 5.78 -33.40
N LEU E 258 -38.92 6.08 -34.49
CA LEU E 258 -39.38 5.04 -35.41
C LEU E 258 -38.20 4.30 -36.04
N ALA E 259 -37.22 5.08 -36.51
CA ALA E 259 -36.04 4.48 -37.13
C ALA E 259 -35.39 3.52 -36.15
N GLU E 260 -35.36 3.91 -34.88
CA GLU E 260 -34.71 3.08 -33.88
C GLU E 260 -35.36 1.70 -33.81
N SER E 261 -36.69 1.68 -33.79
CA SER E 261 -37.43 0.43 -33.71
C SER E 261 -37.12 -0.46 -34.90
N ILE E 262 -37.07 0.13 -36.09
CA ILE E 262 -36.81 -0.60 -37.32
C ILE E 262 -35.39 -1.14 -37.35
N MET E 263 -34.41 -0.26 -37.10
CA MET E 263 -33.00 -0.63 -37.17
C MET E 263 -32.59 -1.64 -36.09
N LYS E 264 -33.32 -1.66 -34.98
CA LYS E 264 -32.96 -2.52 -33.87
C LYS E 264 -34.00 -3.62 -33.64
N ASN E 265 -34.98 -3.66 -34.53
CA ASN E 265 -35.98 -4.72 -34.52
C ASN E 265 -36.62 -4.87 -33.14
N LEU E 266 -37.04 -3.74 -32.57
CA LEU E 266 -37.53 -3.71 -31.20
C LEU E 266 -38.95 -4.27 -31.06
N ARG E 267 -39.72 -4.18 -32.14
CA ARG E 267 -41.13 -4.54 -32.09
C ARG E 267 -41.83 -3.78 -30.96
N ARG E 268 -41.59 -2.47 -30.91
CA ARG E 268 -42.40 -1.59 -30.07
C ARG E 268 -43.65 -1.19 -30.85
N VAL E 269 -44.66 -0.71 -30.13
CA VAL E 269 -45.91 -0.30 -30.73
C VAL E 269 -45.98 1.21 -30.85
N HIS E 270 -46.15 1.71 -32.07
CA HIS E 270 -46.21 3.15 -32.35
C HIS E 270 -47.53 3.50 -33.04
N PRO E 271 -48.03 4.72 -32.84
CA PRO E 271 -49.19 5.19 -33.63
C PRO E 271 -48.78 5.67 -35.02
N ILE E 272 -48.73 4.75 -35.97
CA ILE E 272 -48.28 5.07 -37.32
C ILE E 272 -49.26 4.65 -38.43
N SER E 273 -49.05 5.20 -39.62
CA SER E 273 -49.97 4.99 -40.73
C SER E 273 -49.60 3.75 -41.53
N THR E 274 -50.57 2.87 -41.72
CA THR E 274 -50.31 1.59 -42.37
C THR E 274 -51.50 1.27 -43.27
N MET E 275 -51.29 0.40 -44.26
CA MET E 275 -52.39 -0.06 -45.11
C MET E 275 -53.34 -0.92 -44.26
N LEU E 276 -54.53 -0.40 -43.98
CA LEU E 276 -55.41 -1.06 -43.02
C LEU E 276 -56.60 -1.81 -43.62
N LYS E 277 -56.58 -2.02 -44.93
CA LYS E 277 -57.68 -2.71 -45.59
C LYS E 277 -57.94 -4.04 -44.88
N GLY E 278 -59.18 -4.24 -44.44
CA GLY E 278 -59.54 -5.50 -43.82
C GLY E 278 -59.67 -5.41 -42.32
N LEU E 279 -59.13 -4.34 -41.73
CA LEU E 279 -59.17 -4.16 -40.29
C LEU E 279 -59.90 -2.86 -39.99
N TYR E 280 -60.43 -2.74 -38.77
CA TYR E 280 -61.13 -1.53 -38.36
C TYR E 280 -62.28 -1.17 -39.28
N GLY E 281 -62.91 -2.19 -39.88
CA GLY E 281 -64.07 -1.96 -40.71
C GLY E 281 -63.77 -1.18 -41.98
N ILE E 282 -62.51 -1.11 -42.37
CA ILE E 282 -62.13 -0.37 -43.57
C ILE E 282 -61.98 -1.30 -44.77
N LYS E 283 -62.48 -0.87 -45.92
CA LYS E 283 -62.56 -1.74 -47.09
C LYS E 283 -61.76 -1.21 -48.28
N GLU E 284 -61.35 0.05 -48.20
CA GLU E 284 -60.58 0.68 -49.27
C GLU E 284 -59.07 0.53 -49.04
N ASP E 285 -58.29 0.73 -50.10
CA ASP E 285 -56.83 0.81 -49.97
C ASP E 285 -56.45 2.18 -49.46
N VAL E 286 -56.44 2.36 -48.14
CA VAL E 286 -56.04 3.63 -47.55
C VAL E 286 -55.11 3.40 -46.36
N PHE E 287 -54.31 4.42 -46.04
CA PHE E 287 -53.46 4.37 -44.86
C PHE E 287 -54.03 5.23 -43.73
N LEU E 288 -54.24 4.59 -42.58
CA LEU E 288 -54.64 5.29 -41.37
C LEU E 288 -53.73 4.90 -40.22
N SER E 289 -53.64 5.75 -39.19
CA SER E 289 -52.80 5.45 -38.04
C SER E 289 -53.47 4.50 -37.04
N VAL E 290 -52.83 3.37 -36.79
CA VAL E 290 -53.23 2.45 -35.74
C VAL E 290 -51.97 2.02 -34.97
N PRO E 291 -52.15 1.48 -33.76
CA PRO E 291 -50.98 0.98 -33.03
C PRO E 291 -50.34 -0.18 -33.80
N CYS E 292 -49.11 0.01 -34.25
CA CYS E 292 -48.42 -0.99 -35.08
C CYS E 292 -47.18 -1.55 -34.38
N VAL E 293 -46.99 -2.86 -34.49
CA VAL E 293 -45.72 -3.45 -34.08
C VAL E 293 -44.67 -3.18 -35.15
N LEU E 294 -43.59 -2.48 -34.76
CA LEU E 294 -42.61 -2.00 -35.71
C LEU E 294 -41.25 -2.68 -35.50
N GLY E 295 -40.67 -3.19 -36.58
CA GLY E 295 -39.43 -3.94 -36.45
C GLY E 295 -38.64 -3.91 -37.73
N GLN E 296 -37.65 -4.81 -37.83
CA GLN E 296 -36.73 -4.78 -38.97
C GLN E 296 -37.44 -5.12 -40.28
N ASN E 297 -38.64 -5.70 -40.18
CA ASN E 297 -39.43 -5.96 -41.37
C ASN E 297 -40.60 -5.00 -41.48
N GLY E 298 -40.46 -3.84 -40.85
CA GLY E 298 -41.53 -2.86 -40.88
C GLY E 298 -42.68 -3.25 -39.98
N ILE E 299 -43.89 -3.00 -40.43
CA ILE E 299 -45.08 -3.29 -39.63
C ILE E 299 -45.51 -4.74 -39.82
N SER E 300 -45.35 -5.53 -38.78
CA SER E 300 -45.60 -6.97 -38.88
C SER E 300 -46.93 -7.34 -38.24
N ASP E 301 -47.43 -6.47 -37.37
CA ASP E 301 -48.66 -6.73 -36.64
C ASP E 301 -49.33 -5.42 -36.30
N VAL E 302 -50.65 -5.47 -36.11
CA VAL E 302 -51.41 -4.31 -35.66
C VAL E 302 -52.20 -4.68 -34.42
N VAL E 303 -52.28 -3.76 -33.48
CA VAL E 303 -53.12 -3.96 -32.31
C VAL E 303 -54.51 -3.49 -32.69
N LYS E 304 -55.52 -4.28 -32.33
CA LYS E 304 -56.89 -3.92 -32.63
C LYS E 304 -57.51 -3.21 -31.43
N VAL E 305 -57.66 -1.90 -31.54
CA VAL E 305 -58.19 -1.11 -30.46
C VAL E 305 -59.71 -1.19 -30.45
N THR E 306 -60.29 -1.40 -29.26
CA THR E 306 -61.74 -1.34 -29.12
C THR E 306 -62.19 0.11 -29.19
N LEU E 307 -62.89 0.45 -30.26
CA LEU E 307 -63.39 1.81 -30.44
C LEU E 307 -64.88 1.83 -30.16
N THR E 308 -65.40 3.00 -29.79
CA THR E 308 -66.84 3.19 -29.71
C THR E 308 -67.39 3.16 -31.13
N SER E 309 -68.71 3.24 -31.26
CA SER E 309 -69.32 3.28 -32.59
C SER E 309 -68.94 4.59 -33.27
N GLU E 310 -68.99 5.68 -32.52
CA GLU E 310 -68.68 7.00 -33.06
C GLU E 310 -67.24 7.07 -33.56
N GLU E 311 -66.31 6.53 -32.79
CA GLU E 311 -64.91 6.55 -33.19
C GLU E 311 -64.70 5.68 -34.41
N GLU E 312 -65.29 4.48 -34.38
CA GLU E 312 -65.26 3.58 -35.53
C GLU E 312 -65.84 4.26 -36.77
N ALA E 313 -66.88 5.07 -36.59
CA ALA E 313 -67.51 5.75 -37.69
C ALA E 313 -66.62 6.87 -38.21
N HIS E 314 -65.74 7.38 -37.35
CA HIS E 314 -64.77 8.39 -37.78
C HIS E 314 -63.75 7.80 -38.75
N LEU E 315 -63.07 6.74 -38.34
CA LEU E 315 -62.09 6.09 -39.18
C LEU E 315 -62.76 5.75 -40.52
N LYS E 316 -64.05 5.45 -40.47
CA LYS E 316 -64.84 5.20 -41.66
C LYS E 316 -64.89 6.43 -42.58
N LYS E 317 -65.28 7.57 -42.03
CA LYS E 317 -65.43 8.77 -42.85
C LYS E 317 -64.08 9.28 -43.36
N SER E 318 -63.01 9.00 -42.61
CA SER E 318 -61.66 9.36 -43.03
C SER E 318 -61.20 8.49 -44.19
N ALA E 319 -61.49 7.20 -44.10
CA ALA E 319 -61.16 6.26 -45.17
C ALA E 319 -61.87 6.67 -46.47
N ASP E 320 -63.14 7.08 -46.38
CA ASP E 320 -63.90 7.52 -47.54
C ASP E 320 -63.22 8.74 -48.15
N THR E 321 -62.91 9.71 -47.29
CA THR E 321 -62.30 10.96 -47.74
C THR E 321 -60.98 10.66 -48.44
N LEU E 322 -60.14 9.86 -47.79
CA LEU E 322 -58.84 9.52 -48.35
C LEU E 322 -59.02 8.84 -49.71
N TRP E 323 -59.92 7.88 -49.77
CA TRP E 323 -60.17 7.17 -51.03
C TRP E 323 -60.71 8.11 -52.10
N GLY E 324 -61.65 8.96 -51.72
CA GLY E 324 -62.22 9.90 -52.67
C GLY E 324 -61.17 10.79 -53.31
N ILE E 325 -60.13 11.11 -52.56
CA ILE E 325 -59.02 11.88 -53.10
C ILE E 325 -58.11 11.02 -53.99
N GLN E 326 -57.77 9.83 -53.50
CA GLN E 326 -56.82 8.99 -54.20
C GLN E 326 -57.33 8.52 -55.56
N LYS E 327 -58.64 8.41 -55.72
CA LYS E 327 -59.24 8.01 -57.00
C LYS E 327 -58.98 9.07 -58.07
N GLU E 328 -58.85 10.32 -57.66
CA GLU E 328 -58.70 11.43 -58.59
C GLU E 328 -57.23 11.68 -58.95
N LEU E 329 -56.34 10.88 -58.37
CA LEU E 329 -54.92 11.02 -58.66
C LEU E 329 -54.55 10.28 -59.95
N GLN E 330 -53.66 10.89 -60.73
CA GLN E 330 -53.20 10.29 -61.97
C GLN E 330 -51.79 9.73 -61.86
N PHE E 331 -51.66 8.42 -61.99
CA PHE E 331 -50.36 7.78 -61.92
C PHE E 331 -49.79 7.53 -63.32
N ALA F 1 -60.86 -18.01 -29.34
CA ALA F 1 -59.75 -17.14 -29.83
C ALA F 1 -58.83 -16.75 -28.68
N ALA F 2 -57.53 -16.98 -28.84
CA ALA F 2 -56.54 -16.64 -27.83
C ALA F 2 -56.50 -15.14 -27.58
N LEU F 3 -56.13 -14.74 -26.38
CA LEU F 3 -56.06 -13.32 -26.03
C LEU F 3 -55.18 -12.57 -27.04
N LYS F 4 -54.03 -13.15 -27.35
CA LYS F 4 -53.08 -12.50 -28.25
C LYS F 4 -53.70 -12.24 -29.61
N ASP F 5 -54.51 -13.18 -30.08
CA ASP F 5 -55.18 -13.05 -31.38
C ASP F 5 -56.32 -12.04 -31.29
N GLN F 6 -56.87 -11.85 -30.09
CA GLN F 6 -57.89 -10.83 -29.90
C GLN F 6 -57.25 -9.46 -29.96
N LEU F 7 -56.10 -9.33 -29.32
CA LEU F 7 -55.42 -8.05 -29.19
C LEU F 7 -54.66 -7.69 -30.45
N ILE F 8 -54.03 -8.69 -31.06
CA ILE F 8 -53.12 -8.44 -32.17
C ILE F 8 -53.46 -9.21 -33.43
N HIS F 9 -53.57 -8.48 -34.54
CA HIS F 9 -53.73 -9.09 -35.85
C HIS F 9 -52.37 -9.22 -36.54
N ASN F 10 -51.98 -10.46 -36.84
CA ASN F 10 -50.72 -10.72 -37.50
C ASN F 10 -50.83 -10.42 -38.98
N LEU F 11 -49.77 -9.84 -39.55
CA LEU F 11 -49.74 -9.51 -40.97
C LEU F 11 -48.52 -10.11 -41.66
N LEU F 12 -47.52 -10.54 -40.89
CA LEU F 12 -46.31 -11.07 -41.47
C LEU F 12 -45.91 -12.40 -40.86
N LYS F 13 -45.46 -13.33 -41.69
CA LYS F 13 -44.83 -14.56 -41.20
C LYS F 13 -43.34 -14.30 -41.04
N GLU F 14 -42.77 -14.79 -39.94
CA GLU F 14 -41.41 -14.44 -39.56
C GLU F 14 -41.27 -12.94 -39.37
N VAL F 17 -34.07 -13.85 -39.16
CA VAL F 17 -32.71 -13.51 -39.57
C VAL F 17 -32.16 -12.27 -38.86
N PRO F 18 -31.20 -12.46 -37.94
CA PRO F 18 -30.60 -11.37 -37.18
C PRO F 18 -29.63 -10.55 -38.02
N GLN F 19 -29.57 -9.24 -37.77
CA GLN F 19 -28.80 -8.34 -38.61
C GLN F 19 -27.51 -7.86 -37.95
N ASN F 20 -27.54 -7.67 -36.64
CA ASN F 20 -26.38 -7.17 -35.93
C ASN F 20 -26.16 -8.00 -34.68
N LYS F 21 -25.86 -9.27 -34.90
CA LYS F 21 -25.85 -10.28 -33.86
C LYS F 21 -24.45 -10.48 -33.32
N ILE F 22 -24.34 -10.52 -32.00
CA ILE F 22 -23.07 -10.81 -31.35
C ILE F 22 -23.24 -12.06 -30.49
N THR F 23 -22.22 -12.91 -30.51
CA THR F 23 -22.16 -14.03 -29.59
C THR F 23 -21.01 -13.85 -28.61
N VAL F 24 -21.24 -14.20 -27.36
CA VAL F 24 -20.17 -14.29 -26.39
C VAL F 24 -20.06 -15.74 -25.93
N VAL F 25 -18.87 -16.31 -26.08
CA VAL F 25 -18.63 -17.70 -25.72
C VAL F 25 -17.94 -17.78 -24.35
N GLY F 26 -18.61 -18.46 -23.42
CA GLY F 26 -18.14 -18.52 -22.06
C GLY F 26 -18.78 -17.46 -21.19
N VAL F 27 -19.50 -17.88 -20.15
CA VAL F 27 -20.23 -16.95 -19.32
C VAL F 27 -19.59 -16.76 -17.95
N GLY F 28 -18.27 -16.84 -17.91
CA GLY F 28 -17.55 -16.50 -16.69
C GLY F 28 -17.66 -15.01 -16.43
N ALA F 29 -16.95 -14.52 -15.43
CA ALA F 29 -17.06 -13.13 -15.04
C ALA F 29 -16.68 -12.20 -16.21
N VAL F 30 -15.66 -12.56 -16.97
CA VAL F 30 -15.27 -11.77 -18.13
C VAL F 30 -16.33 -11.82 -19.23
N GLY F 31 -16.82 -13.01 -19.54
CA GLY F 31 -17.83 -13.14 -20.57
C GLY F 31 -19.05 -12.28 -20.30
N MET F 32 -19.54 -12.33 -19.06
CA MET F 32 -20.73 -11.58 -18.69
C MET F 32 -20.48 -10.07 -18.61
N ALA F 33 -19.25 -9.67 -18.29
CA ALA F 33 -18.94 -8.25 -18.25
C ALA F 33 -18.98 -7.72 -19.69
N CYS F 34 -18.43 -8.51 -20.61
CA CYS F 34 -18.52 -8.21 -22.03
C CYS F 34 -19.99 -8.10 -22.43
N ALA F 35 -20.78 -9.06 -22.00
CA ALA F 35 -22.20 -9.10 -22.34
C ALA F 35 -22.92 -7.83 -21.87
N ILE F 36 -22.80 -7.52 -20.58
CA ILE F 36 -23.55 -6.41 -20.04
C ILE F 36 -23.09 -5.11 -20.70
N SER F 37 -21.80 -5.02 -21.00
CA SER F 37 -21.28 -3.80 -21.61
C SER F 37 -21.80 -3.64 -23.03
N ILE F 38 -21.84 -4.74 -23.78
CA ILE F 38 -22.36 -4.71 -25.13
C ILE F 38 -23.85 -4.40 -25.13
N LEU F 39 -24.57 -4.90 -24.13
CA LEU F 39 -25.99 -4.63 -24.03
C LEU F 39 -26.29 -3.15 -23.74
N MET F 40 -25.51 -2.53 -22.87
CA MET F 40 -25.79 -1.16 -22.48
C MET F 40 -25.21 -0.14 -23.47
N LYS F 41 -24.53 -0.63 -24.50
CA LYS F 41 -24.09 0.25 -25.57
C LYS F 41 -24.89 0.04 -26.86
N ASP F 42 -25.92 -0.78 -26.81
CA ASP F 42 -26.81 -0.98 -27.96
C ASP F 42 -26.06 -1.33 -29.24
N LEU F 43 -25.18 -2.33 -29.18
CA LEU F 43 -24.33 -2.64 -30.33
C LEU F 43 -24.91 -3.78 -31.16
N ALA F 44 -25.85 -4.51 -30.57
CA ALA F 44 -26.39 -5.72 -31.21
C ALA F 44 -27.92 -5.72 -31.17
N ASP F 45 -28.54 -6.42 -32.12
CA ASP F 45 -29.99 -6.62 -32.06
C ASP F 45 -30.30 -8.04 -31.56
N GLU F 46 -29.26 -8.85 -31.44
CA GLU F 46 -29.40 -10.16 -30.82
C GLU F 46 -28.09 -10.56 -30.14
N LEU F 47 -28.21 -11.06 -28.91
CA LEU F 47 -27.06 -11.53 -28.16
C LEU F 47 -27.18 -13.02 -27.88
N ALA F 48 -26.13 -13.77 -28.21
CA ALA F 48 -26.12 -15.20 -27.92
C ALA F 48 -24.99 -15.56 -26.96
N LEU F 49 -25.31 -16.35 -25.95
CA LEU F 49 -24.33 -16.84 -24.99
C LEU F 49 -24.19 -18.35 -25.14
N VAL F 50 -22.96 -18.84 -25.01
CA VAL F 50 -22.70 -20.27 -25.08
C VAL F 50 -21.73 -20.66 -23.99
N ASP F 51 -22.03 -21.76 -23.30
CA ASP F 51 -21.12 -22.29 -22.30
C ASP F 51 -21.45 -23.77 -22.10
N VAL F 52 -20.51 -24.52 -21.53
CA VAL F 52 -20.77 -25.91 -21.20
C VAL F 52 -21.50 -26.02 -19.88
N MET F 53 -21.38 -25.00 -19.04
CA MET F 53 -22.07 -25.01 -17.75
C MET F 53 -23.53 -24.62 -17.95
N GLU F 54 -24.38 -25.62 -18.14
CA GLU F 54 -25.72 -25.39 -18.64
C GLU F 54 -26.65 -24.62 -17.72
N ASP F 55 -26.65 -24.96 -16.43
CA ASP F 55 -27.48 -24.22 -15.47
C ASP F 55 -27.01 -22.78 -15.37
N LYS F 56 -25.71 -22.59 -15.22
CA LYS F 56 -25.14 -21.26 -15.15
C LYS F 56 -25.46 -20.44 -16.40
N LEU F 57 -25.42 -21.09 -17.55
CA LEU F 57 -25.71 -20.46 -18.83
C LEU F 57 -27.16 -19.95 -18.89
N LYS F 58 -28.07 -20.80 -18.43
CA LYS F 58 -29.49 -20.47 -18.45
C LYS F 58 -29.77 -19.37 -17.41
N GLY F 59 -29.13 -19.49 -16.25
CA GLY F 59 -29.26 -18.47 -15.23
C GLY F 59 -28.85 -17.08 -15.69
N GLU F 60 -27.72 -16.99 -16.41
CA GLU F 60 -27.24 -15.70 -16.89
C GLU F 60 -28.14 -15.14 -17.98
N MET F 61 -28.60 -16.01 -18.88
CA MET F 61 -29.51 -15.61 -19.95
C MET F 61 -30.80 -15.03 -19.36
N MET F 62 -31.35 -15.74 -18.38
CA MET F 62 -32.63 -15.34 -17.79
C MET F 62 -32.50 -14.00 -17.05
N ASP F 63 -31.39 -13.83 -16.34
CA ASP F 63 -31.16 -12.60 -15.57
C ASP F 63 -31.10 -11.41 -16.53
N LEU F 64 -30.32 -11.53 -17.59
CA LEU F 64 -30.26 -10.47 -18.60
C LEU F 64 -31.63 -10.18 -19.20
N GLN F 65 -32.39 -11.24 -19.48
CA GLN F 65 -33.69 -11.08 -20.11
C GLN F 65 -34.65 -10.32 -19.22
N HIS F 66 -34.54 -10.52 -17.91
CA HIS F 66 -35.43 -9.85 -16.97
C HIS F 66 -35.17 -8.35 -16.97
N GLY F 67 -34.10 -7.96 -17.65
CA GLY F 67 -33.78 -6.55 -17.75
C GLY F 67 -34.14 -5.93 -19.08
N SER F 68 -34.95 -6.65 -19.88
CA SER F 68 -35.28 -6.20 -21.24
C SER F 68 -35.91 -4.83 -21.24
N LEU F 69 -36.79 -4.57 -20.27
CA LEU F 69 -37.46 -3.29 -20.18
C LEU F 69 -36.47 -2.12 -20.22
N PHE F 70 -35.24 -2.38 -19.79
CA PHE F 70 -34.22 -1.34 -19.66
C PHE F 70 -33.13 -1.40 -20.74
N LEU F 71 -33.30 -2.31 -21.71
CA LEU F 71 -32.35 -2.43 -22.81
C LEU F 71 -33.01 -2.19 -24.16
N ARG F 72 -32.20 -2.10 -25.20
CA ARG F 72 -32.69 -1.99 -26.58
C ARG F 72 -32.07 -3.11 -27.41
N THR F 73 -31.97 -4.29 -26.81
CA THR F 73 -31.52 -5.47 -27.51
C THR F 73 -32.60 -6.52 -27.30
N PRO F 74 -33.50 -6.65 -28.28
CA PRO F 74 -34.77 -7.38 -28.13
C PRO F 74 -34.65 -8.89 -27.92
N LYS F 75 -33.52 -9.47 -28.30
CA LYS F 75 -33.41 -10.92 -28.35
C LYS F 75 -32.13 -11.42 -27.69
N ILE F 76 -32.28 -12.19 -26.62
CA ILE F 76 -31.16 -12.79 -25.94
C ILE F 76 -31.39 -14.29 -25.83
N VAL F 77 -30.49 -15.07 -26.43
CA VAL F 77 -30.61 -16.51 -26.46
C VAL F 77 -29.37 -17.18 -25.89
N SER F 78 -29.50 -18.45 -25.51
CA SER F 78 -28.34 -19.22 -25.07
C SER F 78 -28.57 -20.71 -25.26
N GLY F 79 -27.48 -21.45 -25.31
CA GLY F 79 -27.59 -22.90 -25.34
C GLY F 79 -26.22 -23.55 -25.43
N LYS F 80 -26.15 -24.82 -25.06
CA LYS F 80 -24.94 -25.60 -25.24
C LYS F 80 -24.71 -25.77 -26.73
N ASP F 81 -25.79 -25.77 -27.50
CA ASP F 81 -25.71 -26.06 -28.93
C ASP F 81 -25.47 -24.80 -29.74
N TYR F 82 -24.44 -24.83 -30.58
CA TYR F 82 -23.97 -23.64 -31.27
C TYR F 82 -24.92 -23.14 -32.36
N SER F 83 -26.05 -23.82 -32.52
CA SER F 83 -27.05 -23.35 -33.46
C SER F 83 -27.54 -21.97 -33.04
N VAL F 84 -27.58 -21.71 -31.73
CA VAL F 84 -28.10 -20.45 -31.22
C VAL F 84 -27.21 -19.26 -31.55
N THR F 85 -26.02 -19.52 -32.06
CA THR F 85 -25.05 -18.47 -32.35
C THR F 85 -25.02 -18.15 -33.84
N ALA F 86 -25.87 -18.80 -34.62
CA ALA F 86 -25.80 -18.74 -36.07
C ALA F 86 -25.93 -17.33 -36.57
N ASN F 87 -25.19 -17.00 -37.62
CA ASN F 87 -25.31 -15.70 -38.26
C ASN F 87 -24.89 -14.53 -37.37
N SER F 88 -23.81 -14.71 -36.62
CA SER F 88 -23.25 -13.63 -35.81
C SER F 88 -22.29 -12.80 -36.66
N LYS F 89 -22.33 -11.48 -36.50
CA LYS F 89 -21.33 -10.63 -37.12
C LYS F 89 -20.02 -10.76 -36.34
N LEU F 90 -20.15 -10.96 -35.03
CA LEU F 90 -19.01 -10.92 -34.12
C LEU F 90 -19.13 -12.01 -33.06
N VAL F 91 -18.06 -12.77 -32.87
CA VAL F 91 -18.06 -13.83 -31.88
C VAL F 91 -16.85 -13.67 -30.97
N ILE F 92 -17.13 -13.46 -29.68
CA ILE F 92 -16.12 -13.12 -28.70
C ILE F 92 -15.84 -14.34 -27.83
N ILE F 93 -14.61 -14.81 -27.83
CA ILE F 93 -14.24 -16.02 -27.11
C ILE F 93 -13.63 -15.63 -25.76
N THR F 94 -14.29 -16.03 -24.68
CA THR F 94 -13.75 -15.81 -23.35
C THR F 94 -13.69 -17.13 -22.56
N ALA F 95 -13.86 -18.24 -23.27
CA ALA F 95 -13.80 -19.56 -22.64
C ALA F 95 -12.36 -19.98 -22.39
N GLY F 96 -12.16 -20.78 -21.35
CA GLY F 96 -10.82 -21.27 -21.08
C GLY F 96 -10.79 -22.18 -19.88
N ALA F 97 -9.68 -22.89 -19.73
CA ALA F 97 -9.50 -23.80 -18.60
C ALA F 97 -9.07 -23.02 -17.36
N ARG F 98 -9.57 -23.42 -16.20
CA ARG F 98 -9.06 -22.87 -14.95
C ARG F 98 -7.86 -23.70 -14.50
N GLN F 99 -6.76 -23.01 -14.19
CA GLN F 99 -5.50 -23.68 -13.94
C GLN F 99 -5.56 -24.54 -12.68
N GLN F 100 -4.79 -25.62 -12.67
CA GLN F 100 -4.80 -26.56 -11.56
C GLN F 100 -3.38 -26.97 -11.18
N GLU F 101 -3.26 -27.64 -10.03
CA GLU F 101 -1.96 -28.03 -9.47
C GLU F 101 -0.90 -28.28 -10.54
N GLY F 102 0.33 -27.83 -10.27
CA GLY F 102 1.43 -28.09 -11.18
C GLY F 102 1.44 -29.54 -11.63
N GLU F 103 2.10 -29.85 -12.74
CA GLU F 103 2.91 -28.91 -13.53
C GLU F 103 2.03 -27.95 -14.34
N SER F 104 2.38 -27.79 -15.62
CA SER F 104 1.52 -27.15 -16.60
C SER F 104 2.05 -25.81 -17.09
N ARG F 105 1.14 -24.86 -17.24
CA ARG F 105 1.35 -23.65 -18.02
C ARG F 105 1.36 -23.92 -19.53
N LEU F 106 2.43 -24.53 -20.03
CA LEU F 106 2.44 -24.96 -21.43
C LEU F 106 1.41 -26.07 -21.56
N ASN F 107 1.10 -26.69 -20.43
CA ASN F 107 0.15 -27.78 -20.37
C ASN F 107 -1.26 -27.24 -20.14
N LEU F 108 -1.34 -26.02 -19.62
CA LEU F 108 -2.61 -25.34 -19.45
C LEU F 108 -3.04 -24.77 -20.79
N VAL F 109 -2.06 -24.34 -21.59
CA VAL F 109 -2.34 -23.85 -22.94
C VAL F 109 -2.94 -24.96 -23.80
N GLN F 110 -2.55 -26.19 -23.53
CA GLN F 110 -3.04 -27.32 -24.33
C GLN F 110 -4.49 -27.66 -24.01
N ARG F 111 -4.82 -27.68 -22.73
CA ARG F 111 -6.20 -27.86 -22.33
C ARG F 111 -7.09 -26.77 -22.94
N ASN F 112 -6.50 -25.60 -23.18
CA ASN F 112 -7.23 -24.51 -23.82
C ASN F 112 -7.33 -24.70 -25.33
N VAL F 113 -6.29 -25.23 -25.95
CA VAL F 113 -6.38 -25.59 -27.36
C VAL F 113 -7.43 -26.68 -27.57
N ASN F 114 -7.39 -27.72 -26.74
CA ASN F 114 -8.39 -28.79 -26.81
C ASN F 114 -9.80 -28.24 -26.69
N ILE F 115 -9.95 -27.20 -25.88
CA ILE F 115 -11.25 -26.55 -25.72
C ILE F 115 -11.63 -25.77 -26.99
N PHE F 116 -10.66 -25.06 -27.57
CA PHE F 116 -10.88 -24.29 -28.77
C PHE F 116 -11.16 -25.20 -29.95
N LYS F 117 -10.62 -26.41 -29.91
CA LYS F 117 -10.82 -27.37 -30.98
C LYS F 117 -12.28 -27.78 -31.03
N PHE F 118 -12.97 -27.67 -29.89
CA PHE F 118 -14.40 -27.89 -29.88
C PHE F 118 -15.21 -26.62 -30.13
N ILE F 119 -14.69 -25.47 -29.71
CA ILE F 119 -15.42 -24.21 -29.85
C ILE F 119 -15.41 -23.68 -31.29
N ILE F 120 -14.21 -23.47 -31.81
CA ILE F 120 -14.06 -22.69 -33.03
C ILE F 120 -14.78 -23.32 -34.22
N PRO F 121 -14.61 -24.64 -34.43
CA PRO F 121 -15.30 -25.32 -35.54
C PRO F 121 -16.82 -25.16 -35.47
N ASN F 122 -17.37 -25.21 -34.27
CA ASN F 122 -18.79 -24.98 -34.08
C ASN F 122 -19.17 -23.52 -34.41
N VAL F 123 -18.31 -22.58 -34.02
CA VAL F 123 -18.51 -21.17 -34.35
C VAL F 123 -18.49 -20.96 -35.85
N VAL F 124 -17.44 -21.44 -36.51
CA VAL F 124 -17.26 -21.21 -37.94
C VAL F 124 -18.33 -21.91 -38.78
N LYS F 125 -18.94 -22.93 -38.20
CA LYS F 125 -19.99 -23.67 -38.89
C LYS F 125 -21.28 -22.85 -38.96
N TYR F 126 -21.64 -22.20 -37.86
CA TYR F 126 -22.91 -21.47 -37.80
C TYR F 126 -22.78 -19.98 -38.10
N SER F 127 -21.55 -19.48 -38.13
CA SER F 127 -21.29 -18.12 -38.62
C SER F 127 -19.98 -18.10 -39.41
N PRO F 128 -20.01 -18.58 -40.65
CA PRO F 128 -18.81 -18.72 -41.50
C PRO F 128 -18.18 -17.37 -41.81
N HIS F 129 -18.95 -16.30 -41.62
CA HIS F 129 -18.53 -14.97 -42.04
C HIS F 129 -18.21 -14.00 -40.89
N CYS F 130 -18.30 -14.49 -39.66
CA CYS F 130 -18.12 -13.62 -38.49
C CYS F 130 -16.67 -13.15 -38.31
N LYS F 131 -16.50 -12.10 -37.53
CA LYS F 131 -15.20 -11.75 -36.98
C LYS F 131 -15.01 -12.49 -35.66
N LEU F 132 -13.79 -12.98 -35.41
CA LEU F 132 -13.47 -13.59 -34.12
C LEU F 132 -12.63 -12.66 -33.25
N LEU F 133 -13.08 -12.41 -32.03
CA LEU F 133 -12.30 -11.64 -31.06
C LEU F 133 -11.99 -12.48 -29.84
N VAL F 134 -10.72 -12.79 -29.65
CA VAL F 134 -10.29 -13.68 -28.57
C VAL F 134 -9.78 -12.88 -27.37
N VAL F 135 -10.27 -13.22 -26.18
CA VAL F 135 -9.95 -12.50 -24.96
C VAL F 135 -9.20 -13.41 -24.00
N SER F 136 -9.51 -14.71 -24.07
CA SER F 136 -8.88 -15.73 -23.23
C SER F 136 -7.36 -15.58 -23.20
N ASN F 137 -6.75 -15.85 -22.06
CA ASN F 137 -5.30 -15.80 -21.92
C ASN F 137 -4.69 -17.19 -21.99
N PRO F 138 -3.44 -17.29 -22.47
CA PRO F 138 -2.62 -16.19 -22.98
C PRO F 138 -3.06 -15.74 -24.38
N VAL F 139 -3.43 -14.47 -24.50
CA VAL F 139 -4.26 -14.03 -25.61
C VAL F 139 -3.56 -14.09 -26.97
N ASP F 140 -2.24 -13.85 -26.99
CA ASP F 140 -1.52 -13.83 -28.25
C ASP F 140 -1.38 -15.24 -28.83
N ILE F 141 -1.27 -16.22 -27.95
CA ILE F 141 -1.23 -17.62 -28.36
C ILE F 141 -2.62 -18.11 -28.76
N LEU F 142 -3.61 -17.82 -27.94
CA LEU F 142 -4.97 -18.30 -28.21
C LEU F 142 -5.60 -17.65 -29.43
N THR F 143 -5.18 -16.43 -29.77
CA THR F 143 -5.69 -15.80 -30.98
C THR F 143 -5.10 -16.48 -32.20
N TYR F 144 -3.84 -16.89 -32.10
CA TYR F 144 -3.21 -17.69 -33.15
C TYR F 144 -3.87 -19.05 -33.32
N VAL F 145 -4.18 -19.70 -32.19
CA VAL F 145 -4.91 -20.95 -32.22
C VAL F 145 -6.28 -20.82 -32.87
N ALA F 146 -7.03 -19.79 -32.49
CA ALA F 146 -8.32 -19.52 -33.12
C ALA F 146 -8.13 -19.32 -34.62
N TRP F 147 -7.09 -18.59 -34.99
CA TRP F 147 -6.81 -18.30 -36.38
C TRP F 147 -6.62 -19.60 -37.14
N LYS F 148 -5.65 -20.39 -36.69
CA LYS F 148 -5.28 -21.65 -37.30
C LYS F 148 -6.48 -22.60 -37.44
N ILE F 149 -7.17 -22.84 -36.33
CA ILE F 149 -8.29 -23.76 -36.32
C ILE F 149 -9.43 -23.31 -37.23
N SER F 150 -9.77 -22.02 -37.17
CA SER F 150 -10.90 -21.50 -37.92
C SER F 150 -10.64 -21.51 -39.43
N GLY F 151 -9.39 -21.32 -39.81
CA GLY F 151 -9.06 -21.21 -41.21
C GLY F 151 -9.35 -19.82 -41.77
N PHE F 152 -9.83 -18.92 -40.92
CA PHE F 152 -10.19 -17.56 -41.38
C PHE F 152 -8.99 -16.77 -41.87
N PRO F 153 -9.23 -15.84 -42.80
CA PRO F 153 -8.21 -14.84 -43.14
C PRO F 153 -7.88 -13.98 -41.94
N LYS F 154 -6.64 -13.51 -41.86
CA LYS F 154 -6.14 -12.87 -40.65
C LYS F 154 -6.93 -11.63 -40.26
N ASN F 155 -7.48 -10.92 -41.23
CA ASN F 155 -8.21 -9.68 -40.93
C ASN F 155 -9.44 -9.96 -40.09
N ARG F 156 -9.88 -11.21 -40.07
CA ARG F 156 -11.09 -11.56 -39.34
C ARG F 156 -10.84 -12.22 -38.00
N VAL F 157 -9.58 -12.34 -37.60
CA VAL F 157 -9.27 -12.89 -36.29
C VAL F 157 -8.49 -11.89 -35.44
N ILE F 158 -9.14 -11.39 -34.40
CA ILE F 158 -8.57 -10.33 -33.57
C ILE F 158 -8.36 -10.83 -32.13
N GLY F 159 -7.19 -10.54 -31.57
CA GLY F 159 -6.99 -10.76 -30.15
C GLY F 159 -7.09 -9.46 -29.36
N SER F 160 -7.63 -9.52 -28.16
CA SER F 160 -7.77 -8.31 -27.35
C SER F 160 -6.40 -7.71 -27.04
N GLY F 161 -5.37 -8.55 -26.94
CA GLY F 161 -4.02 -8.05 -26.83
C GLY F 161 -3.83 -6.99 -25.75
N CYS F 162 -3.16 -5.89 -26.10
CA CYS F 162 -2.84 -4.85 -25.14
C CYS F 162 -3.85 -3.70 -25.08
N ASN F 163 -5.09 -3.96 -25.46
CA ASN F 163 -6.09 -2.91 -25.54
C ASN F 163 -6.39 -2.35 -24.15
N LEU F 164 -6.70 -3.25 -23.22
CA LEU F 164 -6.99 -2.87 -21.85
C LEU F 164 -5.76 -2.25 -21.17
N ASP F 165 -4.60 -2.90 -21.32
CA ASP F 165 -3.37 -2.42 -20.71
C ASP F 165 -3.06 -0.99 -21.16
N SER F 166 -3.30 -0.69 -22.43
CA SER F 166 -3.11 0.67 -22.91
C SER F 166 -4.11 1.61 -22.23
N ALA F 167 -5.33 1.13 -22.01
CA ALA F 167 -6.35 1.94 -21.35
C ALA F 167 -5.95 2.20 -19.91
N ARG F 168 -5.42 1.17 -19.25
CA ARG F 168 -4.93 1.30 -17.88
C ARG F 168 -3.78 2.29 -17.84
N PHE F 169 -2.91 2.18 -18.84
CA PHE F 169 -1.75 3.05 -18.95
C PHE F 169 -2.19 4.51 -19.05
N ARG F 170 -3.16 4.75 -19.92
CA ARG F 170 -3.71 6.10 -20.09
C ARG F 170 -4.38 6.61 -18.82
N TYR F 171 -5.01 5.72 -18.07
CA TYR F 171 -5.66 6.09 -16.83
C TYR F 171 -4.61 6.52 -15.79
N LEU F 172 -3.57 5.71 -15.64
CA LEU F 172 -2.51 6.02 -14.67
C LEU F 172 -1.76 7.28 -15.05
N MET F 173 -1.45 7.42 -16.33
CA MET F 173 -0.86 8.64 -16.88
C MET F 173 -1.76 9.84 -16.55
N GLY F 174 -3.07 9.65 -16.67
CA GLY F 174 -4.00 10.73 -16.39
C GLY F 174 -4.04 11.13 -14.91
N GLU F 175 -3.96 10.14 -14.03
CA GLU F 175 -3.92 10.43 -12.60
C GLU F 175 -2.65 11.19 -12.20
N ARG F 176 -1.52 10.85 -12.80
CA ARG F 176 -0.30 11.61 -12.56
C ARG F 176 -0.37 13.06 -13.05
N LEU F 177 -1.11 13.29 -14.14
CA LEU F 177 -1.12 14.62 -14.76
C LEU F 177 -2.32 15.49 -14.38
N GLY F 178 -3.35 14.90 -13.79
CA GLY F 178 -4.53 15.67 -13.42
C GLY F 178 -5.40 15.94 -14.64
N VAL F 179 -5.43 14.96 -15.53
CA VAL F 179 -6.15 15.07 -16.79
C VAL F 179 -6.85 13.75 -17.09
N HIS F 180 -8.01 13.82 -17.71
CA HIS F 180 -8.74 12.61 -18.07
C HIS F 180 -7.94 11.70 -19.01
N ALA F 181 -8.11 10.39 -18.84
CA ALA F 181 -7.46 9.40 -19.70
C ALA F 181 -7.75 9.66 -21.17
N LEU F 182 -8.97 10.12 -21.46
CA LEU F 182 -9.35 10.44 -22.83
C LEU F 182 -8.37 11.42 -23.48
N SER F 183 -7.78 12.31 -22.69
CA SER F 183 -6.87 13.30 -23.25
C SER F 183 -5.40 12.94 -23.05
N CYS F 184 -5.15 11.77 -22.45
CA CYS F 184 -3.79 11.27 -22.31
C CYS F 184 -3.52 10.14 -23.30
N HIS F 185 -2.45 10.28 -24.06
CA HIS F 185 -2.17 9.32 -25.11
C HIS F 185 -0.88 8.54 -24.86
N GLY F 186 -0.97 7.23 -24.99
CA GLY F 186 0.18 6.37 -24.80
C GLY F 186 -0.17 4.96 -25.24
N TRP F 187 0.82 4.26 -25.77
CA TRP F 187 0.58 2.96 -26.38
C TRP F 187 1.44 1.87 -25.76
N ILE F 188 0.81 0.77 -25.42
CA ILE F 188 1.53 -0.44 -25.02
C ILE F 188 1.36 -1.44 -26.16
N LEU F 189 2.48 -1.89 -26.70
CA LEU F 189 2.44 -2.76 -27.87
C LEU F 189 3.16 -4.08 -27.62
N GLY F 190 3.10 -4.97 -28.61
CA GLY F 190 3.85 -6.20 -28.54
C GLY F 190 3.10 -7.32 -27.85
N GLU F 191 3.85 -8.14 -27.10
CA GLU F 191 3.30 -9.31 -26.43
C GLU F 191 2.55 -8.89 -25.18
N HIS F 192 1.31 -9.35 -25.04
CA HIS F 192 0.48 -9.00 -23.88
C HIS F 192 1.09 -9.59 -22.61
N GLY F 193 1.23 -8.75 -21.59
CA GLY F 193 1.78 -9.22 -20.32
C GLY F 193 3.14 -8.64 -19.97
N ASP F 194 3.98 -9.45 -19.35
CA ASP F 194 5.32 -9.04 -18.89
C ASP F 194 6.17 -8.40 -19.98
N SER F 195 6.04 -8.87 -21.22
CA SER F 195 6.97 -8.48 -22.27
C SER F 195 6.48 -7.32 -23.12
N SER F 196 5.35 -6.74 -22.74
CA SER F 196 4.72 -5.68 -23.52
C SER F 196 5.62 -4.44 -23.55
N VAL F 197 5.45 -3.60 -24.56
CA VAL F 197 6.37 -2.50 -24.80
C VAL F 197 5.71 -1.13 -24.63
N PRO F 198 6.10 -0.39 -23.58
CA PRO F 198 5.67 1.00 -23.39
C PRO F 198 6.36 1.94 -24.38
N VAL F 199 5.63 2.44 -25.37
CA VAL F 199 6.26 3.26 -26.40
C VAL F 199 6.39 4.70 -25.95
N TRP F 200 7.50 5.00 -25.28
CA TRP F 200 7.67 6.26 -24.56
C TRP F 200 7.63 7.45 -25.51
N SER F 201 8.10 7.27 -26.72
CA SER F 201 8.20 8.38 -27.68
C SER F 201 6.82 8.83 -28.18
N GLY F 202 5.81 7.99 -27.99
CA GLY F 202 4.48 8.34 -28.47
C GLY F 202 3.59 8.95 -27.40
N MET F 203 4.11 9.04 -26.17
CA MET F 203 3.31 9.54 -25.06
C MET F 203 3.20 11.07 -25.14
N ASN F 204 1.98 11.58 -25.04
CA ASN F 204 1.75 13.00 -25.26
C ASN F 204 0.39 13.46 -24.70
N VAL F 205 0.29 14.76 -24.42
CA VAL F 205 -1.00 15.40 -24.24
C VAL F 205 -1.07 16.58 -25.20
N ALA F 206 -2.20 16.70 -25.91
CA ALA F 206 -2.41 17.81 -26.83
C ALA F 206 -1.30 17.87 -27.87
N GLY F 207 -0.72 16.70 -28.18
CA GLY F 207 0.31 16.66 -29.21
C GLY F 207 1.67 17.13 -28.71
N VAL F 208 1.82 17.24 -27.40
CA VAL F 208 3.07 17.63 -26.79
C VAL F 208 3.78 16.36 -26.31
N SER F 209 4.91 16.04 -26.91
CA SER F 209 5.63 14.83 -26.55
C SER F 209 6.20 14.93 -25.13
N LEU F 210 5.85 13.97 -24.29
CA LEU F 210 6.39 13.95 -22.94
C LEU F 210 7.89 13.68 -22.96
N LYS F 211 8.33 12.85 -23.91
CA LYS F 211 9.74 12.50 -24.04
C LYS F 211 10.58 13.70 -24.45
N THR F 212 10.01 14.59 -25.25
CA THR F 212 10.72 15.78 -25.69
C THR F 212 10.95 16.75 -24.53
N LEU F 213 9.97 16.83 -23.63
CA LEU F 213 10.11 17.65 -22.43
C LEU F 213 11.02 16.98 -21.40
N HIS F 214 10.97 15.66 -21.34
CA HIS F 214 11.67 14.91 -20.31
C HIS F 214 12.40 13.73 -20.96
N PRO F 215 13.62 13.98 -21.47
CA PRO F 215 14.39 13.03 -22.27
C PRO F 215 14.63 11.68 -21.58
N GLU F 216 14.64 11.67 -20.26
CA GLU F 216 14.92 10.46 -19.51
C GLU F 216 13.68 9.59 -19.33
N LEU F 217 12.55 10.09 -19.83
CA LEU F 217 11.28 9.37 -19.71
C LEU F 217 11.44 7.92 -20.14
N GLY F 218 11.15 6.99 -19.22
CA GLY F 218 11.23 5.59 -19.55
C GLY F 218 12.61 4.96 -19.43
N THR F 219 13.59 5.71 -18.92
CA THR F 219 14.89 5.13 -18.59
C THR F 219 14.97 4.91 -17.07
N ASP F 220 15.90 4.06 -16.65
CA ASP F 220 16.09 3.80 -15.22
C ASP F 220 16.76 5.02 -14.62
N ALA F 221 17.42 5.80 -15.47
CA ALA F 221 18.04 7.04 -15.06
C ALA F 221 16.97 8.05 -14.65
N ASP F 222 15.76 7.88 -15.20
CA ASP F 222 14.65 8.77 -14.90
C ASP F 222 14.42 8.91 -13.39
N LYS F 223 14.40 10.15 -12.91
CA LYS F 223 14.18 10.40 -11.49
C LYS F 223 12.70 10.32 -11.11
N GLU F 224 11.83 10.45 -12.11
CA GLU F 224 10.39 10.38 -11.88
C GLU F 224 9.84 8.97 -12.02
N GLN F 225 10.69 8.05 -12.45
CA GLN F 225 10.38 6.62 -12.41
C GLN F 225 9.15 6.27 -13.25
N TRP F 226 9.02 6.87 -14.42
CA TRP F 226 7.84 6.61 -15.23
C TRP F 226 7.75 5.17 -15.72
N LYS F 227 8.88 4.47 -15.75
CA LYS F 227 8.86 3.04 -16.06
C LYS F 227 7.97 2.26 -15.08
N GLN F 228 7.83 2.78 -13.86
CA GLN F 228 7.00 2.14 -12.85
C GLN F 228 5.52 2.18 -13.23
N VAL F 229 5.18 3.10 -14.13
CA VAL F 229 3.81 3.21 -14.61
C VAL F 229 3.51 2.01 -15.48
N HIS F 230 4.46 1.64 -16.34
CA HIS F 230 4.33 0.45 -17.17
C HIS F 230 4.25 -0.79 -16.28
N LYS F 231 5.07 -0.82 -15.22
CA LYS F 231 5.06 -1.94 -14.27
C LYS F 231 3.70 -2.11 -13.59
N GLN F 232 3.13 -1.00 -13.14
CA GLN F 232 1.76 -1.01 -12.61
C GLN F 232 0.78 -1.60 -13.62
N VAL F 233 0.90 -1.19 -14.87
CA VAL F 233 0.04 -1.73 -15.92
C VAL F 233 0.19 -3.24 -15.99
N VAL F 234 1.43 -3.69 -16.14
CA VAL F 234 1.74 -5.12 -16.19
C VAL F 234 1.17 -5.90 -15.01
N ASP F 235 1.17 -5.30 -13.82
CA ASP F 235 0.74 -5.98 -12.60
C ASP F 235 -0.71 -5.74 -12.21
N SER F 236 -1.42 -4.88 -12.94
CA SER F 236 -2.76 -4.46 -12.54
C SER F 236 -3.69 -5.64 -12.31
N ALA F 237 -3.76 -6.54 -13.29
CA ALA F 237 -4.68 -7.67 -13.21
C ALA F 237 -4.37 -8.46 -11.96
N TYR F 238 -3.08 -8.70 -11.74
CA TYR F 238 -2.64 -9.51 -10.63
C TYR F 238 -3.04 -8.81 -9.32
N GLU F 239 -2.85 -7.50 -9.25
CA GLU F 239 -3.21 -6.76 -8.04
C GLU F 239 -4.72 -6.79 -7.80
N VAL F 240 -5.50 -6.68 -8.87
CA VAL F 240 -6.95 -6.76 -8.75
C VAL F 240 -7.37 -8.18 -8.36
N ILE F 241 -6.73 -9.17 -8.98
CA ILE F 241 -6.97 -10.56 -8.65
C ILE F 241 -6.72 -10.85 -7.17
N LYS F 242 -5.60 -10.35 -6.63
CA LYS F 242 -5.34 -10.54 -5.21
C LYS F 242 -6.47 -9.97 -4.37
N LEU F 243 -7.11 -8.91 -4.86
CA LEU F 243 -8.08 -8.18 -4.05
C LEU F 243 -9.50 -8.71 -4.18
N LYS F 244 -9.95 -9.01 -5.40
CA LYS F 244 -11.31 -9.50 -5.58
C LYS F 244 -11.36 -10.86 -6.27
N GLY F 245 -10.19 -11.41 -6.62
CA GLY F 245 -10.14 -12.80 -7.06
C GLY F 245 -10.23 -12.99 -8.56
N TYR F 246 -10.52 -11.92 -9.28
CA TYR F 246 -10.59 -11.93 -10.73
C TYR F 246 -10.73 -10.48 -11.18
N THR F 247 -10.71 -10.23 -12.49
CA THR F 247 -11.06 -8.90 -13.01
C THR F 247 -12.21 -9.07 -14.01
N THR F 248 -13.08 -8.07 -14.11
CA THR F 248 -14.18 -8.14 -15.05
C THR F 248 -14.53 -6.83 -15.74
N TRP F 249 -14.71 -5.78 -14.96
CA TRP F 249 -15.38 -4.60 -15.46
C TRP F 249 -14.56 -3.91 -16.53
N ALA F 250 -13.26 -3.71 -16.29
CA ALA F 250 -12.45 -2.97 -17.23
C ALA F 250 -12.30 -3.71 -18.57
N ILE F 251 -12.11 -5.02 -18.51
CA ILE F 251 -11.93 -5.79 -19.74
C ILE F 251 -13.27 -5.83 -20.50
N GLY F 252 -14.36 -6.03 -19.76
CA GLY F 252 -15.68 -5.95 -20.37
C GLY F 252 -15.90 -4.66 -21.16
N LEU F 253 -15.71 -3.53 -20.50
CA LEU F 253 -15.83 -2.23 -21.17
C LEU F 253 -14.85 -2.16 -22.34
N SER F 254 -13.66 -2.70 -22.12
CA SER F 254 -12.59 -2.70 -23.12
C SER F 254 -12.98 -3.46 -24.39
N VAL F 255 -13.68 -4.58 -24.21
CA VAL F 255 -14.09 -5.41 -25.34
C VAL F 255 -15.28 -4.79 -26.07
N ALA F 256 -16.22 -4.24 -25.32
CA ALA F 256 -17.36 -3.53 -25.91
C ALA F 256 -16.87 -2.43 -26.84
N ASP F 257 -15.80 -1.76 -26.45
CA ASP F 257 -15.25 -0.67 -27.24
C ASP F 257 -14.73 -1.18 -28.59
N LEU F 258 -14.09 -2.34 -28.57
CA LEU F 258 -13.63 -2.96 -29.81
C LEU F 258 -14.85 -3.38 -30.62
N ALA F 259 -15.83 -3.97 -29.93
CA ALA F 259 -17.05 -4.38 -30.58
C ALA F 259 -17.73 -3.20 -31.28
N GLU F 260 -17.67 -2.02 -30.66
CA GLU F 260 -18.30 -0.84 -31.24
C GLU F 260 -17.63 -0.42 -32.55
N SER F 261 -16.30 -0.38 -32.57
CA SER F 261 -15.58 -0.09 -33.81
C SER F 261 -15.94 -1.09 -34.93
N ILE F 262 -16.10 -2.37 -34.58
CA ILE F 262 -16.40 -3.39 -35.57
C ILE F 262 -17.83 -3.29 -36.10
N MET F 263 -18.80 -3.21 -35.20
CA MET F 263 -20.21 -3.21 -35.59
C MET F 263 -20.61 -1.94 -36.35
N LYS F 264 -19.91 -0.84 -36.06
CA LYS F 264 -20.25 0.44 -36.67
C LYS F 264 -19.20 0.85 -37.71
N ASN F 265 -18.22 0.00 -37.94
CA ASN F 265 -17.25 0.22 -39.01
C ASN F 265 -16.53 1.57 -38.80
N LEU F 266 -16.11 1.86 -37.58
CA LEU F 266 -15.57 3.19 -37.27
C LEU F 266 -14.20 3.43 -37.86
N ARG F 267 -13.42 2.37 -38.03
CA ARG F 267 -12.04 2.51 -38.47
C ARG F 267 -11.25 3.39 -37.50
N ARG F 268 -11.42 3.12 -36.21
CA ARG F 268 -10.57 3.70 -35.18
C ARG F 268 -9.29 2.87 -35.04
N VAL F 269 -8.27 3.47 -34.44
CA VAL F 269 -7.01 2.79 -34.21
C VAL F 269 -6.96 2.26 -32.78
N HIS F 270 -6.86 0.94 -32.64
CA HIS F 270 -6.78 0.31 -31.33
C HIS F 270 -5.50 -0.52 -31.21
N PRO F 271 -4.88 -0.52 -30.02
CA PRO F 271 -3.73 -1.41 -29.75
C PRO F 271 -4.21 -2.84 -29.52
N ILE F 272 -4.38 -3.59 -30.60
CA ILE F 272 -4.86 -4.95 -30.47
C ILE F 272 -3.94 -5.95 -31.16
N SER F 273 -4.12 -7.24 -30.87
CA SER F 273 -3.22 -8.27 -31.35
C SER F 273 -3.66 -8.79 -32.72
N THR F 274 -2.77 -8.67 -33.70
CA THR F 274 -3.03 -9.16 -35.05
C THR F 274 -1.88 -10.03 -35.54
N MET F 275 -2.12 -10.81 -36.59
CA MET F 275 -1.06 -11.62 -37.21
C MET F 275 -0.15 -10.66 -37.97
N LEU F 276 1.04 -10.41 -37.44
CA LEU F 276 1.86 -9.33 -37.99
C LEU F 276 3.08 -9.78 -38.77
N LYS F 277 3.11 -11.05 -39.15
CA LYS F 277 4.20 -11.54 -39.97
C LYS F 277 4.34 -10.64 -41.20
N GLY F 278 5.57 -10.28 -41.53
CA GLY F 278 5.80 -9.37 -42.63
C GLY F 278 5.92 -7.92 -42.20
N LEU F 279 5.56 -7.63 -40.95
CA LEU F 279 5.60 -6.27 -40.42
C LEU F 279 6.43 -6.19 -39.14
N TYR F 280 6.98 -5.00 -38.87
CA TYR F 280 7.66 -4.76 -37.60
C TYR F 280 8.89 -5.66 -37.44
N GLY F 281 9.39 -6.18 -38.56
CA GLY F 281 10.63 -6.93 -38.54
C GLY F 281 10.44 -8.40 -38.24
N ILE F 282 9.19 -8.83 -38.14
CA ILE F 282 8.87 -10.17 -37.68
C ILE F 282 8.61 -11.16 -38.80
N LYS F 283 9.05 -12.40 -38.60
CA LYS F 283 9.17 -13.38 -39.67
C LYS F 283 8.25 -14.57 -39.48
N GLU F 284 7.74 -14.74 -38.27
CA GLU F 284 6.94 -15.91 -37.93
C GLU F 284 5.45 -15.63 -37.99
N ASP F 285 4.66 -16.70 -38.02
CA ASP F 285 3.21 -16.60 -37.88
C ASP F 285 2.85 -16.43 -36.41
N VAL F 286 2.85 -15.17 -35.93
CA VAL F 286 2.48 -14.88 -34.55
C VAL F 286 1.67 -13.59 -34.43
N PHE F 287 0.84 -13.53 -33.40
CA PHE F 287 0.02 -12.35 -33.14
C PHE F 287 0.68 -11.43 -32.11
N LEU F 288 0.83 -10.16 -32.49
CA LEU F 288 1.33 -9.13 -31.59
C LEU F 288 0.45 -7.89 -31.62
N SER F 289 0.42 -7.15 -30.52
CA SER F 289 -0.38 -5.93 -30.45
C SER F 289 0.36 -4.77 -31.13
N VAL F 290 -0.36 -4.12 -32.04
CA VAL F 290 0.13 -2.95 -32.75
C VAL F 290 -1.10 -2.09 -33.04
N PRO F 291 -0.89 -0.81 -33.39
CA PRO F 291 -2.06 0.03 -33.66
C PRO F 291 -2.80 -0.44 -34.93
N CYS F 292 -3.99 -1.02 -34.74
CA CYS F 292 -4.75 -1.59 -35.86
C CYS F 292 -5.99 -0.76 -36.18
N VAL F 293 -6.21 -0.49 -37.47
CA VAL F 293 -7.45 0.15 -37.89
C VAL F 293 -8.54 -0.90 -37.89
N LEU F 294 -9.54 -0.70 -37.03
CA LEU F 294 -10.55 -1.71 -36.80
C LEU F 294 -11.93 -1.27 -37.33
N GLY F 295 -12.55 -2.14 -38.13
CA GLY F 295 -13.79 -1.80 -38.77
C GLY F 295 -14.63 -3.04 -39.05
N GLN F 296 -15.55 -2.95 -40.01
CA GLN F 296 -16.52 -4.02 -40.24
C GLN F 296 -15.88 -5.27 -40.85
N ASN F 297 -14.69 -5.12 -41.43
CA ASN F 297 -13.96 -6.27 -41.93
C ASN F 297 -12.77 -6.62 -41.05
N GLY F 298 -12.85 -6.22 -39.77
CA GLY F 298 -11.79 -6.51 -38.83
C GLY F 298 -10.60 -5.59 -39.03
N ILE F 299 -9.40 -6.13 -38.98
CA ILE F 299 -8.20 -5.33 -39.10
C ILE F 299 -7.79 -5.20 -40.57
N SER F 300 -7.88 -3.99 -41.10
CA SER F 300 -7.64 -3.74 -42.51
C SER F 300 -6.29 -3.08 -42.75
N ASP F 301 -5.80 -2.36 -41.73
CA ASP F 301 -4.55 -1.63 -41.81
C ASP F 301 -3.88 -1.66 -40.44
N VAL F 302 -2.58 -1.40 -40.41
CA VAL F 302 -1.87 -1.21 -39.15
C VAL F 302 -1.00 0.03 -39.27
N VAL F 303 -0.96 0.83 -38.20
CA VAL F 303 -0.06 1.97 -38.17
C VAL F 303 1.35 1.43 -37.95
N LYS F 304 2.31 1.97 -38.68
CA LYS F 304 3.70 1.56 -38.53
C LYS F 304 4.39 2.50 -37.56
N VAL F 305 4.52 2.05 -36.32
CA VAL F 305 5.13 2.86 -35.29
C VAL F 305 6.63 2.83 -35.46
N THR F 306 7.27 3.99 -35.45
CA THR F 306 8.72 4.05 -35.49
C THR F 306 9.28 3.60 -34.14
N LEU F 307 10.10 2.56 -34.17
CA LEU F 307 10.64 2.00 -32.95
C LEU F 307 12.16 2.20 -32.85
N THR F 308 12.65 2.33 -31.61
CA THR F 308 14.09 2.29 -31.37
C THR F 308 14.56 0.86 -31.59
N SER F 309 15.87 0.68 -31.65
CA SER F 309 16.46 -0.65 -31.83
C SER F 309 16.02 -1.59 -30.72
N GLU F 310 16.02 -1.10 -29.49
CA GLU F 310 15.65 -1.90 -28.33
C GLU F 310 14.20 -2.37 -28.45
N GLU F 311 13.31 -1.45 -28.80
CA GLU F 311 11.91 -1.79 -29.00
C GLU F 311 11.72 -2.83 -30.10
N GLU F 312 12.38 -2.64 -31.24
CA GLU F 312 12.33 -3.63 -32.32
C GLU F 312 12.75 -5.01 -31.82
N ALA F 313 13.85 -5.05 -31.07
CA ALA F 313 14.39 -6.31 -30.54
C ALA F 313 13.45 -6.96 -29.55
N HIS F 314 12.83 -6.15 -28.68
CA HIS F 314 11.84 -6.67 -27.74
C HIS F 314 10.75 -7.42 -28.47
N LEU F 315 10.23 -6.82 -29.54
CA LEU F 315 9.18 -7.45 -30.33
C LEU F 315 9.69 -8.73 -31.00
N LYS F 316 10.91 -8.68 -31.54
CA LYS F 316 11.50 -9.86 -32.17
C LYS F 316 11.65 -11.02 -31.19
N LYS F 317 12.22 -10.75 -30.03
CA LYS F 317 12.38 -11.78 -29.02
C LYS F 317 11.03 -12.40 -28.64
N SER F 318 9.99 -11.56 -28.58
CA SER F 318 8.64 -12.03 -28.28
C SER F 318 8.09 -12.88 -29.41
N ALA F 319 8.29 -12.44 -30.64
CA ALA F 319 7.89 -13.22 -31.80
C ALA F 319 8.52 -14.62 -31.70
N ASP F 320 9.81 -14.66 -31.34
CA ASP F 320 10.54 -15.93 -31.23
C ASP F 320 9.99 -16.81 -30.13
N THR F 321 9.74 -16.22 -28.98
CA THR F 321 9.19 -16.94 -27.84
C THR F 321 7.79 -17.47 -28.12
N LEU F 322 6.92 -16.64 -28.71
CA LEU F 322 5.58 -17.08 -29.06
C LEU F 322 5.63 -18.21 -30.10
N TRP F 323 6.58 -18.13 -31.02
CA TRP F 323 6.71 -19.17 -32.04
C TRP F 323 7.13 -20.51 -31.42
N GLY F 324 8.03 -20.45 -30.45
CA GLY F 324 8.45 -21.66 -29.76
C GLY F 324 7.29 -22.38 -29.11
N ILE F 325 6.46 -21.63 -28.38
CA ILE F 325 5.33 -22.22 -27.66
C ILE F 325 4.34 -22.85 -28.62
N GLN F 326 4.16 -22.23 -29.79
CA GLN F 326 3.17 -22.70 -30.75
C GLN F 326 3.54 -24.04 -31.36
N LYS F 327 4.84 -24.27 -31.58
CA LYS F 327 5.31 -25.53 -32.15
C LYS F 327 5.00 -26.69 -31.20
N GLU F 328 5.08 -26.42 -29.91
CA GLU F 328 4.80 -27.45 -28.90
C GLU F 328 3.33 -27.84 -28.90
N LEU F 329 2.49 -27.01 -29.49
CA LEU F 329 1.05 -27.20 -29.41
C LEU F 329 0.54 -28.32 -30.32
N GLN F 330 -0.47 -29.04 -29.83
CA GLN F 330 -1.01 -30.18 -30.55
C GLN F 330 -2.43 -29.93 -31.01
N PHE F 331 -2.59 -29.64 -32.30
CA PHE F 331 -3.90 -29.34 -32.87
C PHE F 331 -4.63 -30.63 -33.26
N ALA G 1 -63.68 16.89 -7.05
CA ALA G 1 -62.18 16.89 -7.07
C ALA G 1 -61.67 16.73 -8.49
N ALA G 2 -60.75 17.60 -8.89
CA ALA G 2 -60.22 17.59 -10.25
C ALA G 2 -59.62 16.23 -10.57
N LEU G 3 -59.60 15.90 -11.86
CA LEU G 3 -59.11 14.60 -12.32
C LEU G 3 -57.70 14.35 -11.81
N LYS G 4 -56.85 15.37 -11.89
CA LYS G 4 -55.51 15.28 -11.35
C LYS G 4 -55.54 14.77 -9.91
N ASP G 5 -56.47 15.31 -9.12
CA ASP G 5 -56.51 15.03 -7.69
C ASP G 5 -57.10 13.66 -7.36
N GLN G 6 -58.05 13.21 -8.15
CA GLN G 6 -58.54 11.84 -8.02
C GLN G 6 -57.44 10.85 -8.35
N LEU G 7 -56.64 11.19 -9.36
CA LEU G 7 -55.59 10.31 -9.87
C LEU G 7 -54.33 10.34 -9.00
N ILE G 8 -53.92 11.53 -8.59
CA ILE G 8 -52.64 11.72 -7.91
C ILE G 8 -52.79 12.38 -6.55
N HIS G 9 -52.23 11.76 -5.53
CA HIS G 9 -52.17 12.36 -4.21
C HIS G 9 -50.80 12.97 -3.97
N ASN G 10 -50.79 14.27 -3.69
CA ASN G 10 -49.54 14.99 -3.43
C ASN G 10 -49.06 14.79 -1.99
N LEU G 11 -47.77 14.47 -1.85
CA LEU G 11 -47.18 14.18 -0.54
C LEU G 11 -46.13 15.21 -0.16
N LEU G 12 -45.70 16.02 -1.12
CA LEU G 12 -44.59 16.94 -0.90
C LEU G 12 -44.88 18.28 -1.56
N LYS G 13 -44.36 19.36 -0.97
CA LYS G 13 -44.59 20.68 -1.53
C LYS G 13 -43.62 20.98 -2.66
N GLU G 14 -44.16 21.53 -3.75
CA GLU G 14 -43.38 22.12 -4.82
C GLU G 14 -42.00 22.57 -4.35
N GLU G 15 -40.96 22.21 -5.10
CA GLU G 15 -39.60 22.55 -4.72
C GLU G 15 -38.69 22.49 -5.94
N HIS G 16 -38.91 23.39 -6.89
CA HIS G 16 -38.13 23.38 -8.11
C HIS G 16 -36.90 24.26 -8.02
N VAL G 17 -35.77 23.62 -7.73
CA VAL G 17 -34.46 24.23 -7.92
C VAL G 17 -33.63 23.34 -8.84
N PRO G 18 -33.45 23.75 -10.10
CA PRO G 18 -32.77 22.92 -11.10
C PRO G 18 -31.34 22.62 -10.70
N GLN G 19 -30.86 21.43 -11.01
CA GLN G 19 -29.53 21.04 -10.56
C GLN G 19 -28.47 21.17 -11.65
N ASN G 20 -28.85 20.93 -12.90
CA ASN G 20 -27.90 20.98 -13.99
C ASN G 20 -28.49 21.77 -15.15
N LYS G 21 -28.80 23.02 -14.87
CA LYS G 21 -29.51 23.84 -15.82
C LYS G 21 -28.52 24.48 -16.76
N ILE G 22 -28.88 24.52 -18.03
CA ILE G 22 -28.06 25.16 -19.05
C ILE G 22 -28.94 26.16 -19.78
N THR G 23 -28.38 27.32 -20.09
CA THR G 23 -29.08 28.34 -20.88
C THR G 23 -28.34 28.60 -22.19
N VAL G 24 -29.10 28.72 -23.28
CA VAL G 24 -28.55 29.16 -24.56
C VAL G 24 -29.15 30.53 -24.86
N VAL G 25 -28.29 31.53 -25.06
CA VAL G 25 -28.75 32.87 -25.42
C VAL G 25 -28.66 33.02 -26.94
N GLY G 26 -29.78 33.34 -27.58
CA GLY G 26 -29.83 33.37 -29.04
C GLY G 26 -30.37 32.08 -29.65
N VAL G 27 -31.47 32.19 -30.36
CA VAL G 27 -32.06 31.00 -31.00
C VAL G 27 -31.98 31.11 -32.51
N GLY G 28 -30.88 31.67 -32.99
CA GLY G 28 -30.52 31.50 -34.39
C GLY G 28 -30.18 30.04 -34.64
N ALA G 29 -29.71 29.75 -35.85
CA ALA G 29 -29.37 28.39 -36.22
C ALA G 29 -28.23 27.81 -35.36
N VAL G 30 -27.30 28.66 -34.93
CA VAL G 30 -26.22 28.22 -34.05
C VAL G 30 -26.76 27.83 -32.67
N GLY G 31 -27.50 28.75 -32.05
CA GLY G 31 -28.06 28.47 -30.74
C GLY G 31 -28.92 27.22 -30.71
N MET G 32 -29.74 27.03 -31.73
CA MET G 32 -30.67 25.91 -31.75
C MET G 32 -29.95 24.59 -32.04
N ALA G 33 -28.86 24.67 -32.80
CA ALA G 33 -28.02 23.49 -33.03
C ALA G 33 -27.38 23.05 -31.71
N CYS G 34 -26.93 24.03 -30.92
CA CYS G 34 -26.39 23.75 -29.60
C CYS G 34 -27.47 23.13 -28.72
N ALA G 35 -28.68 23.69 -28.78
CA ALA G 35 -29.77 23.22 -27.94
C ALA G 35 -30.10 21.76 -28.19
N ILE G 36 -30.24 21.36 -29.46
CA ILE G 36 -30.67 20.00 -29.76
C ILE G 36 -29.55 18.98 -29.46
N SER G 37 -28.30 19.36 -29.73
CA SER G 37 -27.15 18.51 -29.41
C SER G 37 -27.07 18.25 -27.92
N ILE G 38 -27.22 19.32 -27.13
CA ILE G 38 -27.22 19.23 -25.68
C ILE G 38 -28.37 18.38 -25.13
N LEU G 39 -29.57 18.56 -25.68
CA LEU G 39 -30.74 17.78 -25.27
C LEU G 39 -30.55 16.30 -25.57
N MET G 40 -29.98 16.01 -26.73
CA MET G 40 -29.79 14.64 -27.16
C MET G 40 -28.59 13.98 -26.47
N LYS G 41 -27.78 14.77 -25.78
CA LYS G 41 -26.68 14.20 -25.01
C LYS G 41 -27.00 14.13 -23.52
N ASP G 42 -28.24 14.45 -23.17
CA ASP G 42 -28.71 14.32 -21.79
C ASP G 42 -27.83 15.08 -20.79
N LEU G 43 -27.37 16.27 -21.15
CA LEU G 43 -26.42 17.01 -20.31
C LEU G 43 -27.06 17.89 -19.24
N ALA G 44 -28.33 18.22 -19.41
CA ALA G 44 -29.00 19.14 -18.49
C ALA G 44 -30.30 18.55 -17.97
N ASP G 45 -30.74 18.99 -16.78
CA ASP G 45 -32.08 18.64 -16.32
C ASP G 45 -33.06 19.78 -16.60
N GLU G 46 -32.53 20.89 -17.10
CA GLU G 46 -33.35 21.99 -17.54
C GLU G 46 -32.64 22.80 -18.62
N LEU G 47 -33.38 23.21 -19.64
CA LEU G 47 -32.84 24.03 -20.71
C LEU G 47 -33.64 25.32 -20.86
N ALA G 48 -32.97 26.46 -20.74
CA ALA G 48 -33.61 27.74 -20.96
C ALA G 48 -33.14 28.35 -22.27
N LEU G 49 -34.06 28.97 -23.00
CA LEU G 49 -33.72 29.75 -24.20
C LEU G 49 -34.08 31.22 -24.02
N VAL G 50 -33.19 32.11 -24.45
CA VAL G 50 -33.45 33.54 -24.41
C VAL G 50 -33.08 34.21 -25.74
N ASP G 51 -33.94 35.13 -26.19
CA ASP G 51 -33.68 35.89 -27.39
C ASP G 51 -34.57 37.13 -27.38
N VAL G 52 -34.29 38.08 -28.26
CA VAL G 52 -35.13 39.29 -28.33
C VAL G 52 -36.32 39.14 -29.29
N MET G 53 -36.25 38.18 -30.21
CA MET G 53 -37.38 37.87 -31.08
C MET G 53 -38.35 36.88 -30.40
N GLU G 54 -39.45 37.42 -29.88
CA GLU G 54 -40.29 36.66 -28.96
C GLU G 54 -41.12 35.54 -29.60
N ASP G 55 -41.62 35.77 -30.81
CA ASP G 55 -42.37 34.73 -31.50
C ASP G 55 -41.45 33.58 -31.89
N LYS G 56 -40.29 33.91 -32.45
CA LYS G 56 -39.29 32.92 -32.81
C LYS G 56 -38.92 32.07 -31.59
N LEU G 57 -38.58 32.75 -30.50
CA LEU G 57 -38.19 32.10 -29.26
C LEU G 57 -39.27 31.13 -28.78
N LYS G 58 -40.51 31.61 -28.69
CA LYS G 58 -41.62 30.81 -28.19
C LYS G 58 -41.85 29.56 -29.05
N GLY G 59 -41.74 29.72 -30.36
CA GLY G 59 -41.95 28.60 -31.25
C GLY G 59 -40.86 27.54 -31.17
N GLU G 60 -39.62 27.97 -31.03
CA GLU G 60 -38.50 27.05 -30.83
C GLU G 60 -38.67 26.26 -29.54
N MET G 61 -39.09 26.94 -28.48
CA MET G 61 -39.36 26.26 -27.22
C MET G 61 -40.43 25.20 -27.44
N MET G 62 -41.53 25.59 -28.06
CA MET G 62 -42.67 24.68 -28.21
C MET G 62 -42.29 23.46 -29.03
N ASP G 63 -41.54 23.68 -30.11
CA ASP G 63 -41.07 22.60 -30.97
C ASP G 63 -40.23 21.62 -30.14
N LEU G 64 -39.37 22.14 -29.27
CA LEU G 64 -38.53 21.28 -28.43
C LEU G 64 -39.36 20.52 -27.41
N GLN G 65 -40.33 21.20 -26.81
CA GLN G 65 -41.18 20.59 -25.79
C GLN G 65 -41.96 19.42 -26.36
N HIS G 66 -42.40 19.57 -27.60
CA HIS G 66 -43.20 18.54 -28.24
C HIS G 66 -42.43 17.25 -28.40
N GLY G 67 -41.10 17.35 -28.31
CA GLY G 67 -40.26 16.16 -28.37
C GLY G 67 -39.95 15.54 -27.02
N SER G 68 -40.57 16.05 -25.95
CA SER G 68 -40.26 15.63 -24.58
C SER G 68 -40.21 14.13 -24.38
N LEU G 69 -41.20 13.44 -24.94
CA LEU G 69 -41.30 11.99 -24.86
C LEU G 69 -40.01 11.29 -25.26
N PHE G 70 -39.26 11.90 -26.19
CA PHE G 70 -38.07 11.27 -26.75
C PHE G 70 -36.79 11.82 -26.11
N LEU G 71 -36.93 12.58 -25.04
CA LEU G 71 -35.78 13.17 -24.37
C LEU G 71 -35.76 12.80 -22.90
N ARG G 72 -34.68 13.17 -22.23
CA ARG G 72 -34.57 12.97 -20.79
C ARG G 72 -34.17 14.28 -20.12
N THR G 73 -34.77 15.37 -20.59
CA THR G 73 -34.56 16.71 -20.02
C THR G 73 -35.96 17.27 -19.71
N PRO G 74 -36.41 17.15 -18.45
CA PRO G 74 -37.83 17.30 -18.10
C PRO G 74 -38.42 18.69 -18.27
N LYS G 75 -37.58 19.73 -18.16
CA LYS G 75 -38.11 21.08 -18.26
C LYS G 75 -37.38 21.95 -19.28
N ILE G 76 -38.15 22.50 -20.21
CA ILE G 76 -37.63 23.39 -21.23
C ILE G 76 -38.41 24.69 -21.17
N VAL G 77 -37.71 25.80 -20.94
CA VAL G 77 -38.35 27.09 -20.78
C VAL G 77 -37.73 28.15 -21.69
N SER G 78 -38.43 29.28 -21.84
CA SER G 78 -37.92 30.39 -22.61
C SER G 78 -38.63 31.69 -22.24
N GLY G 79 -38.01 32.80 -22.60
CA GLY G 79 -38.62 34.09 -22.42
C GLY G 79 -37.59 35.15 -22.74
N LYS G 80 -38.04 36.36 -23.04
CA LYS G 80 -37.11 37.48 -23.24
C LYS G 80 -36.56 37.96 -21.89
N ASP G 81 -37.29 37.67 -20.82
CA ASP G 81 -36.88 38.08 -19.46
C ASP G 81 -35.95 37.03 -18.83
N TYR G 82 -34.84 37.50 -18.27
CA TYR G 82 -33.77 36.59 -17.89
C TYR G 82 -34.03 35.80 -16.62
N SER G 83 -35.17 36.05 -15.99
CA SER G 83 -35.59 35.22 -14.87
C SER G 83 -35.65 33.74 -15.30
N VAL G 84 -36.01 33.50 -16.56
CA VAL G 84 -36.14 32.11 -17.03
C VAL G 84 -34.81 31.36 -16.98
N THR G 85 -33.69 32.10 -16.91
CA THR G 85 -32.36 31.50 -16.95
C THR G 85 -31.79 31.27 -15.55
N ALA G 86 -32.59 31.57 -14.53
CA ALA G 86 -32.08 31.60 -13.17
C ALA G 86 -31.42 30.27 -12.76
N ASN G 87 -30.29 30.37 -12.06
CA ASN G 87 -29.64 29.21 -11.46
C ASN G 87 -29.02 28.23 -12.48
N SER G 88 -28.48 28.77 -13.56
CA SER G 88 -27.85 27.94 -14.59
C SER G 88 -26.41 27.59 -14.20
N LYS G 89 -26.00 26.35 -14.45
CA LYS G 89 -24.60 25.96 -14.29
C LYS G 89 -23.77 26.54 -15.42
N LEU G 90 -24.40 26.62 -16.60
CA LEU G 90 -23.68 27.03 -17.81
C LEU G 90 -24.59 27.88 -18.67
N VAL G 91 -24.05 28.99 -19.15
CA VAL G 91 -24.82 29.89 -20.01
C VAL G 91 -24.01 30.10 -21.29
N ILE G 92 -24.63 29.81 -22.42
CA ILE G 92 -23.94 29.78 -23.71
C ILE G 92 -24.40 30.96 -24.56
N ILE G 93 -23.47 31.80 -24.97
CA ILE G 93 -23.83 33.03 -25.66
C ILE G 93 -23.63 32.90 -27.16
N THR G 94 -24.74 32.85 -27.89
CA THR G 94 -24.67 32.78 -29.34
C THR G 94 -25.22 34.03 -30.01
N ALA G 95 -25.73 34.97 -29.21
CA ALA G 95 -26.29 36.20 -29.76
C ALA G 95 -25.20 37.19 -30.14
N GLY G 96 -25.51 38.07 -31.08
CA GLY G 96 -24.58 39.13 -31.43
C GLY G 96 -25.02 39.95 -32.65
N ALA G 97 -24.22 40.94 -32.99
CA ALA G 97 -24.51 41.77 -34.17
C ALA G 97 -23.58 41.40 -35.32
N ARG G 98 -24.06 41.60 -36.54
CA ARG G 98 -23.31 41.29 -37.75
C ARG G 98 -23.04 42.56 -38.56
N GLN G 99 -22.45 42.39 -39.74
CA GLN G 99 -22.10 43.50 -40.63
C GLN G 99 -23.03 44.72 -40.50
N GLU G 103 -18.37 48.16 -42.41
CA GLU G 103 -17.74 49.09 -41.48
C GLU G 103 -16.72 48.37 -40.59
N SER G 104 -16.01 49.15 -39.77
CA SER G 104 -14.78 48.69 -39.13
C SER G 104 -14.97 47.65 -38.02
N ARG G 105 -13.95 46.80 -37.87
CA ARG G 105 -13.93 45.81 -36.81
C ARG G 105 -14.08 46.47 -35.44
N LEU G 106 -13.69 47.74 -35.34
CA LEU G 106 -13.75 48.44 -34.05
C LEU G 106 -15.16 48.54 -33.48
N ASN G 107 -16.03 49.27 -34.16
CA ASN G 107 -17.33 49.57 -33.56
C ASN G 107 -18.41 48.54 -33.88
N LEU G 108 -18.08 47.54 -34.69
CA LEU G 108 -18.92 46.35 -34.75
C LEU G 108 -18.80 45.61 -33.42
N VAL G 109 -17.56 45.44 -32.96
CA VAL G 109 -17.31 44.90 -31.63
C VAL G 109 -17.95 45.80 -30.58
N GLN G 110 -17.84 47.11 -30.77
CA GLN G 110 -18.38 48.07 -29.82
C GLN G 110 -19.91 47.99 -29.79
N ARG G 111 -20.51 47.60 -30.92
CA ARG G 111 -21.96 47.36 -30.96
C ARG G 111 -22.29 46.08 -30.20
N ASN G 112 -21.48 45.05 -30.38
CA ASN G 112 -21.58 43.83 -29.59
C ASN G 112 -21.37 44.15 -28.11
N VAL G 113 -20.40 45.00 -27.82
CA VAL G 113 -20.17 45.42 -26.45
C VAL G 113 -21.47 45.94 -25.87
N ASN G 114 -22.14 46.82 -26.61
CA ASN G 114 -23.35 47.46 -26.16
C ASN G 114 -24.48 46.43 -25.99
N ILE G 115 -24.51 45.45 -26.88
CA ILE G 115 -25.46 44.34 -26.76
C ILE G 115 -25.11 43.50 -25.54
N PHE G 116 -23.84 43.13 -25.40
CA PHE G 116 -23.38 42.36 -24.26
C PHE G 116 -23.57 43.12 -22.96
N LYS G 117 -23.54 44.45 -23.03
CA LYS G 117 -23.76 45.28 -21.86
C LYS G 117 -25.18 45.11 -21.32
N PHE G 118 -26.07 44.59 -22.16
CA PHE G 118 -27.40 44.23 -21.71
C PHE G 118 -27.49 42.77 -21.32
N ILE G 119 -27.05 41.89 -22.21
CA ILE G 119 -27.15 40.45 -22.00
C ILE G 119 -26.41 39.99 -20.75
N ILE G 120 -25.12 40.31 -20.68
CA ILE G 120 -24.25 39.73 -19.67
C ILE G 120 -24.63 40.08 -18.23
N PRO G 121 -24.96 41.35 -17.97
CA PRO G 121 -25.38 41.66 -16.59
C PRO G 121 -26.70 41.00 -16.17
N ASN G 122 -27.61 40.83 -17.14
CA ASN G 122 -28.84 40.07 -16.90
C ASN G 122 -28.53 38.60 -16.63
N VAL G 123 -27.57 38.05 -17.35
CA VAL G 123 -27.15 36.66 -17.12
C VAL G 123 -26.57 36.49 -15.71
N VAL G 124 -25.66 37.39 -15.36
CA VAL G 124 -25.01 37.34 -14.06
C VAL G 124 -25.99 37.55 -12.92
N LYS G 125 -26.95 38.46 -13.12
CA LYS G 125 -27.97 38.75 -12.13
C LYS G 125 -28.71 37.48 -11.68
N TYR G 126 -29.09 36.67 -12.66
CA TYR G 126 -29.93 35.51 -12.40
C TYR G 126 -29.16 34.21 -12.19
N SER G 127 -27.93 34.14 -12.68
CA SER G 127 -27.07 32.98 -12.42
C SER G 127 -25.67 33.43 -12.01
N PRO G 128 -25.51 33.87 -10.74
CA PRO G 128 -24.28 34.48 -10.25
C PRO G 128 -23.08 33.55 -10.28
N HIS G 129 -23.34 32.25 -10.27
CA HIS G 129 -22.26 31.27 -10.14
C HIS G 129 -22.03 30.45 -11.40
N CYS G 130 -22.61 30.87 -12.51
CA CYS G 130 -22.53 30.07 -13.73
C CYS G 130 -21.17 30.20 -14.39
N LYS G 131 -20.90 29.32 -15.35
CA LYS G 131 -19.81 29.50 -16.29
C LYS G 131 -20.37 30.06 -17.58
N LEU G 132 -19.59 30.92 -18.24
CA LEU G 132 -19.98 31.48 -19.53
C LEU G 132 -19.14 30.85 -20.63
N LEU G 133 -19.81 30.32 -21.64
CA LEU G 133 -19.16 29.85 -22.86
C LEU G 133 -19.63 30.73 -24.02
N VAL G 134 -18.72 31.52 -24.58
CA VAL G 134 -19.04 32.42 -25.67
C VAL G 134 -18.75 31.82 -27.05
N VAL G 135 -19.71 31.94 -27.96
CA VAL G 135 -19.57 31.36 -29.29
C VAL G 135 -19.60 32.43 -30.39
N SER G 136 -20.25 33.56 -30.12
CA SER G 136 -20.40 34.63 -31.11
C SER G 136 -19.05 35.14 -31.61
N ASN G 137 -18.97 35.47 -32.90
CA ASN G 137 -17.75 36.03 -33.49
C ASN G 137 -17.78 37.55 -33.43
N PRO G 138 -16.60 38.19 -33.37
CA PRO G 138 -15.30 37.51 -33.23
C PRO G 138 -15.08 36.97 -31.83
N VAL G 139 -14.94 35.64 -31.74
CA VAL G 139 -15.12 34.95 -30.47
C VAL G 139 -14.04 35.26 -29.42
N ASP G 140 -12.80 35.49 -29.85
CA ASP G 140 -11.76 35.79 -28.88
C ASP G 140 -12.00 37.15 -28.26
N ILE G 141 -12.41 38.11 -29.08
CA ILE G 141 -12.75 39.45 -28.58
C ILE G 141 -14.00 39.43 -27.70
N LEU G 142 -15.06 38.80 -28.20
CA LEU G 142 -16.34 38.81 -27.49
C LEU G 142 -16.29 38.05 -26.18
N THR G 143 -15.41 37.05 -26.10
CA THR G 143 -15.22 36.34 -24.83
C THR G 143 -14.56 37.28 -23.85
N TYR G 144 -13.61 38.07 -24.34
CA TYR G 144 -12.94 39.08 -23.52
C TYR G 144 -13.97 40.09 -23.06
N VAL G 145 -14.81 40.55 -23.98
CA VAL G 145 -15.85 41.52 -23.64
C VAL G 145 -16.76 40.96 -22.55
N ALA G 146 -17.20 39.72 -22.72
CA ALA G 146 -18.14 39.11 -21.79
C ALA G 146 -17.48 38.95 -20.43
N TRP G 147 -16.17 38.71 -20.44
CA TRP G 147 -15.43 38.52 -19.21
C TRP G 147 -15.38 39.81 -18.40
N LYS G 148 -15.01 40.90 -19.07
CA LYS G 148 -14.93 42.21 -18.41
C LYS G 148 -16.25 42.58 -17.75
N ILE G 149 -17.34 42.46 -18.50
CA ILE G 149 -18.67 42.87 -18.02
C ILE G 149 -19.20 41.98 -16.88
N SER G 150 -18.99 40.68 -17.00
CA SER G 150 -19.49 39.72 -16.02
C SER G 150 -18.82 39.94 -14.67
N GLY G 151 -17.56 40.35 -14.71
CA GLY G 151 -16.78 40.43 -13.50
C GLY G 151 -16.45 39.08 -12.91
N PHE G 152 -16.69 38.00 -13.66
CA PHE G 152 -16.26 36.66 -13.23
C PHE G 152 -14.75 36.57 -13.32
N PRO G 153 -14.13 35.74 -12.46
CA PRO G 153 -12.73 35.35 -12.67
C PRO G 153 -12.57 34.57 -13.97
N LYS G 154 -11.35 34.51 -14.47
CA LYS G 154 -11.07 34.06 -15.83
C LYS G 154 -11.39 32.58 -16.08
N ASN G 155 -11.29 31.75 -15.04
CA ASN G 155 -11.53 30.32 -15.23
C ASN G 155 -12.98 30.05 -15.63
N ARG G 156 -13.87 30.99 -15.34
CA ARG G 156 -15.31 30.79 -15.54
C ARG G 156 -15.88 31.41 -16.83
N VAL G 157 -15.02 32.00 -17.66
CA VAL G 157 -15.47 32.56 -18.94
C VAL G 157 -14.67 31.99 -20.12
N ILE G 158 -15.35 31.26 -20.99
CA ILE G 158 -14.67 30.42 -21.97
C ILE G 158 -15.11 30.80 -23.39
N GLY G 159 -14.16 30.81 -24.32
CA GLY G 159 -14.52 31.00 -25.71
C GLY G 159 -14.46 29.69 -26.48
N SER G 160 -15.40 29.45 -27.37
CA SER G 160 -15.38 28.22 -28.15
C SER G 160 -14.08 28.16 -28.94
N GLY G 161 -13.60 29.32 -29.40
CA GLY G 161 -12.27 29.41 -29.97
C GLY G 161 -12.03 28.52 -31.16
N CYS G 162 -10.93 27.76 -31.12
CA CYS G 162 -10.52 26.93 -32.25
C CYS G 162 -11.03 25.50 -32.15
N ASN G 163 -12.03 25.29 -31.29
CA ASN G 163 -12.49 23.94 -30.96
C ASN G 163 -13.06 23.25 -32.19
N LEU G 164 -13.94 23.93 -32.91
CA LEU G 164 -14.56 23.36 -34.10
C LEU G 164 -13.55 23.19 -35.23
N ASP G 165 -12.68 24.19 -35.42
CA ASP G 165 -11.70 24.14 -36.49
C ASP G 165 -10.69 23.00 -36.32
N SER G 166 -10.31 22.70 -35.07
CA SER G 166 -9.49 21.53 -34.81
C SER G 166 -10.23 20.24 -35.19
N ALA G 167 -11.52 20.21 -34.89
CA ALA G 167 -12.35 19.05 -35.21
C ALA G 167 -12.47 18.90 -36.73
N ARG G 168 -12.65 20.01 -37.41
CA ARG G 168 -12.63 20.03 -38.87
C ARG G 168 -11.30 19.51 -39.38
N PHE G 169 -10.23 19.95 -38.74
CA PHE G 169 -8.90 19.56 -39.18
C PHE G 169 -8.73 18.06 -39.04
N ARG G 170 -9.17 17.54 -37.89
CA ARG G 170 -9.01 16.12 -37.59
C ARG G 170 -9.85 15.29 -38.58
N TYR G 171 -11.02 15.80 -38.94
CA TYR G 171 -11.83 15.17 -39.97
C TYR G 171 -11.10 15.10 -41.30
N LEU G 172 -10.44 16.19 -41.67
CA LEU G 172 -9.75 16.26 -42.95
C LEU G 172 -8.54 15.34 -42.94
N MET G 173 -7.81 15.36 -41.83
CA MET G 173 -6.70 14.44 -41.61
C MET G 173 -7.20 13.00 -41.78
N GLY G 174 -8.38 12.72 -41.24
CA GLY G 174 -8.93 11.38 -41.32
C GLY G 174 -9.28 10.97 -42.75
N GLU G 175 -9.73 11.93 -43.55
CA GLU G 175 -10.05 11.68 -44.94
C GLU G 175 -8.81 11.34 -45.76
N ARG G 176 -7.72 12.04 -45.48
CA ARG G 176 -6.46 11.76 -46.16
C ARG G 176 -5.88 10.40 -45.79
N LEU G 177 -6.05 9.99 -44.53
CA LEU G 177 -5.33 8.83 -44.01
C LEU G 177 -6.18 7.56 -43.97
N GLY G 178 -7.47 7.69 -44.21
CA GLY G 178 -8.34 6.54 -44.20
C GLY G 178 -8.62 6.00 -42.81
N VAL G 179 -8.52 6.86 -41.80
CA VAL G 179 -8.93 6.48 -40.44
C VAL G 179 -9.85 7.53 -39.84
N HIS G 180 -10.65 7.10 -38.86
CA HIS G 180 -11.62 7.98 -38.23
C HIS G 180 -10.95 9.18 -37.55
N ALA G 181 -11.64 10.33 -37.54
CA ALA G 181 -11.12 11.53 -36.89
C ALA G 181 -10.72 11.28 -35.43
N LEU G 182 -11.46 10.42 -34.74
CA LEU G 182 -11.16 10.14 -33.34
C LEU G 182 -9.73 9.67 -33.14
N SER G 183 -9.15 9.06 -34.18
CA SER G 183 -7.81 8.50 -34.07
C SER G 183 -6.77 9.38 -34.74
N CYS G 184 -7.21 10.49 -35.32
CA CYS G 184 -6.30 11.48 -35.87
C CYS G 184 -6.20 12.68 -34.96
N HIS G 185 -5.01 12.96 -34.47
CA HIS G 185 -4.82 14.07 -33.56
C HIS G 185 -4.05 15.21 -34.22
N GLY G 186 -4.47 16.42 -33.90
CA GLY G 186 -3.85 17.59 -34.49
C GLY G 186 -4.53 18.83 -33.92
N TRP G 187 -3.75 19.87 -33.69
CA TRP G 187 -4.24 21.03 -32.95
C TRP G 187 -4.12 22.33 -33.72
N ILE G 188 -5.21 23.08 -33.75
CA ILE G 188 -5.20 24.43 -34.29
C ILE G 188 -5.39 25.43 -33.15
N LEU G 189 -4.38 26.26 -32.90
CA LEU G 189 -4.38 27.10 -31.72
C LEU G 189 -4.33 28.58 -32.10
N GLY G 190 -4.43 29.45 -31.09
CA GLY G 190 -4.24 30.87 -31.35
C GLY G 190 -5.54 31.64 -31.56
N GLU G 191 -5.49 32.61 -32.46
CA GLU G 191 -6.62 33.47 -32.77
C GLU G 191 -7.58 32.77 -33.74
N HIS G 192 -8.85 32.68 -33.35
CA HIS G 192 -9.86 32.01 -34.17
C HIS G 192 -9.97 32.71 -35.52
N GLY G 193 -9.96 31.91 -36.59
CA GLY G 193 -10.11 32.48 -37.92
C GLY G 193 -8.86 32.36 -38.77
N ASP G 194 -8.68 33.29 -39.69
CA ASP G 194 -7.62 33.20 -40.69
C ASP G 194 -6.21 33.15 -40.11
N SER G 195 -6.05 33.61 -38.87
CA SER G 195 -4.71 33.70 -38.30
C SER G 195 -4.40 32.56 -37.34
N SER G 196 -5.24 31.54 -37.33
CA SER G 196 -5.02 30.42 -36.42
C SER G 196 -3.76 29.66 -36.79
N VAL G 197 -3.19 29.00 -35.79
CA VAL G 197 -1.91 28.31 -35.94
C VAL G 197 -2.10 26.80 -35.98
N PRO G 198 -1.84 26.17 -37.13
CA PRO G 198 -1.79 24.70 -37.23
C PRO G 198 -0.47 24.19 -36.66
N VAL G 199 -0.52 23.51 -35.52
CA VAL G 199 0.72 23.06 -34.88
C VAL G 199 1.18 21.76 -35.50
N TRP G 200 1.94 21.87 -36.58
CA TRP G 200 2.37 20.70 -37.35
C TRP G 200 3.04 19.64 -36.49
N SER G 201 3.76 20.09 -35.47
CA SER G 201 4.56 19.19 -34.65
C SER G 201 3.72 18.23 -33.81
N GLY G 202 2.44 18.56 -33.64
CA GLY G 202 1.60 17.74 -32.78
C GLY G 202 0.80 16.67 -33.51
N MET G 203 0.71 16.80 -34.83
CA MET G 203 -0.17 15.93 -35.60
C MET G 203 0.37 14.51 -35.67
N ASN G 204 -0.45 13.54 -35.31
CA ASN G 204 0.02 12.16 -35.20
C ASN G 204 -1.14 11.19 -35.26
N VAL G 205 -0.84 9.93 -35.54
CA VAL G 205 -1.75 8.84 -35.31
C VAL G 205 -1.05 7.82 -34.42
N ALA G 206 -1.73 7.37 -33.38
CA ALA G 206 -1.20 6.38 -32.45
C ALA G 206 0.19 6.75 -31.92
N GLY G 207 0.45 8.05 -31.78
CA GLY G 207 1.72 8.47 -31.20
C GLY G 207 2.85 8.64 -32.21
N VAL G 208 2.54 8.43 -33.48
CA VAL G 208 3.53 8.57 -34.55
C VAL G 208 3.40 9.96 -35.18
N SER G 209 4.44 10.79 -35.02
CA SER G 209 4.43 12.15 -35.53
C SER G 209 4.54 12.20 -37.05
N LEU G 210 3.60 12.87 -37.70
CA LEU G 210 3.60 12.96 -39.16
C LEU G 210 4.76 13.83 -39.60
N LYS G 211 5.05 14.84 -38.78
CA LYS G 211 6.15 15.75 -39.03
C LYS G 211 7.46 14.99 -39.06
N THR G 212 7.60 14.00 -38.18
CA THR G 212 8.84 13.23 -38.11
C THR G 212 8.98 12.25 -39.27
N LEU G 213 7.85 11.77 -39.80
CA LEU G 213 7.88 10.94 -41.01
C LEU G 213 8.07 11.78 -42.26
N HIS G 214 7.61 13.04 -42.21
CA HIS G 214 7.47 13.84 -43.42
C HIS G 214 7.82 15.29 -43.08
N PRO G 215 9.12 15.59 -42.95
CA PRO G 215 9.64 16.84 -42.39
C PRO G 215 9.15 18.06 -43.13
N GLU G 216 8.70 17.86 -44.36
CA GLU G 216 8.16 18.94 -45.19
C GLU G 216 6.76 19.33 -44.75
N LEU G 217 6.15 18.46 -43.95
CA LEU G 217 4.77 18.63 -43.51
C LEU G 217 4.50 20.09 -43.13
N GLY G 218 3.50 20.68 -43.77
CA GLY G 218 3.08 22.03 -43.41
C GLY G 218 3.87 23.11 -44.12
N THR G 219 4.80 22.71 -44.98
CA THR G 219 5.70 23.67 -45.62
C THR G 219 5.24 23.98 -47.04
N ASP G 220 5.86 24.98 -47.66
CA ASP G 220 5.57 25.33 -49.04
C ASP G 220 6.14 24.28 -49.99
N ALA G 221 7.25 23.66 -49.59
CA ALA G 221 7.88 22.61 -50.38
C ALA G 221 7.01 21.36 -50.41
N ASP G 222 6.09 21.27 -49.47
CA ASP G 222 5.33 20.04 -49.22
C ASP G 222 4.68 19.50 -50.49
N LYS G 223 5.13 18.34 -50.93
CA LYS G 223 4.59 17.72 -52.14
C LYS G 223 3.12 17.37 -51.93
N GLU G 224 2.75 17.13 -50.67
CA GLU G 224 1.39 16.73 -50.32
C GLU G 224 0.54 17.94 -49.93
N GLN G 225 1.17 19.09 -49.76
CA GLN G 225 0.44 20.33 -49.57
C GLN G 225 -0.47 20.32 -48.34
N TRP G 226 0.03 19.83 -47.22
CA TRP G 226 -0.78 19.80 -46.01
C TRP G 226 -1.16 21.19 -45.54
N LYS G 227 -0.39 22.19 -45.96
CA LYS G 227 -0.72 23.56 -45.63
C LYS G 227 -2.09 23.88 -46.19
N GLN G 228 -2.43 23.23 -47.30
CA GLN G 228 -3.74 23.41 -47.92
C GLN G 228 -4.87 22.95 -47.00
N VAL G 229 -4.60 21.92 -46.22
CA VAL G 229 -5.58 21.40 -45.28
C VAL G 229 -5.95 22.46 -44.23
N HIS G 230 -4.93 23.12 -43.67
CA HIS G 230 -5.21 24.18 -42.72
C HIS G 230 -6.02 25.29 -43.36
N LYS G 231 -5.69 25.64 -44.60
CA LYS G 231 -6.41 26.72 -45.28
C LYS G 231 -7.84 26.30 -45.59
N GLN G 232 -8.01 25.01 -45.86
CA GLN G 232 -9.34 24.47 -46.11
C GLN G 232 -10.19 24.55 -44.85
N VAL G 233 -9.57 24.37 -43.69
CA VAL G 233 -10.27 24.58 -42.41
C VAL G 233 -10.64 26.05 -42.19
N VAL G 234 -9.69 26.94 -42.44
CA VAL G 234 -9.95 28.37 -42.32
C VAL G 234 -11.05 28.82 -43.27
N ASP G 235 -11.14 28.17 -44.42
CA ASP G 235 -12.15 28.52 -45.42
C ASP G 235 -13.48 27.82 -45.19
N SER G 236 -13.48 26.81 -44.32
CA SER G 236 -14.63 25.91 -44.20
C SER G 236 -15.95 26.62 -43.94
N ALA G 237 -15.97 27.53 -42.98
CA ALA G 237 -17.20 28.19 -42.60
C ALA G 237 -17.75 28.97 -43.80
N TYR G 238 -16.87 29.69 -44.48
CA TYR G 238 -17.25 30.46 -45.67
C TYR G 238 -17.78 29.57 -46.80
N GLU G 239 -17.16 28.42 -47.03
CA GLU G 239 -17.64 27.54 -48.11
C GLU G 239 -19.03 26.99 -47.75
N VAL G 240 -19.21 26.63 -46.50
CA VAL G 240 -20.50 26.12 -46.06
C VAL G 240 -21.54 27.23 -46.12
N ILE G 241 -21.17 28.42 -45.70
CA ILE G 241 -22.09 29.56 -45.76
C ILE G 241 -22.51 29.84 -47.20
N LYS G 242 -21.57 29.68 -48.13
CA LYS G 242 -21.86 29.95 -49.53
C LYS G 242 -22.85 28.93 -50.08
N LEU G 243 -22.84 27.71 -49.54
CA LEU G 243 -23.68 26.64 -50.05
C LEU G 243 -25.08 26.59 -49.44
N LYS G 244 -25.17 26.75 -48.12
CA LYS G 244 -26.46 26.64 -47.43
C LYS G 244 -26.83 27.89 -46.64
N GLY G 245 -25.98 28.91 -46.69
CA GLY G 245 -26.34 30.21 -46.14
C GLY G 245 -25.85 30.48 -44.73
N TYR G 246 -25.37 29.44 -44.06
CA TYR G 246 -24.87 29.54 -42.69
C TYR G 246 -24.32 28.16 -42.31
N THR G 247 -23.80 28.02 -41.10
CA THR G 247 -23.45 26.70 -40.58
C THR G 247 -24.11 26.55 -39.22
N THR G 248 -24.30 25.30 -38.80
CA THR G 248 -24.97 25.02 -37.52
C THR G 248 -24.60 23.69 -36.88
N TRP G 249 -24.74 22.62 -37.65
CA TRP G 249 -24.66 21.28 -37.09
C TRP G 249 -23.32 20.99 -36.41
N ALA G 250 -22.21 21.25 -37.11
CA ALA G 250 -20.90 20.99 -36.52
C ALA G 250 -20.60 21.90 -35.34
N ILE G 251 -20.88 23.20 -35.48
CA ILE G 251 -20.65 24.10 -34.36
C ILE G 251 -21.51 23.66 -33.18
N GLY G 252 -22.73 23.22 -33.48
CA GLY G 252 -23.62 22.70 -32.44
C GLY G 252 -23.06 21.50 -31.70
N LEU G 253 -22.50 20.56 -32.45
CA LEU G 253 -21.96 19.35 -31.84
C LEU G 253 -20.69 19.63 -31.05
N SER G 254 -19.86 20.55 -31.53
CA SER G 254 -18.64 20.86 -30.81
C SER G 254 -18.91 21.59 -29.50
N VAL G 255 -19.90 22.48 -29.50
CA VAL G 255 -20.32 23.16 -28.28
C VAL G 255 -20.92 22.22 -27.23
N ALA G 256 -21.74 21.26 -27.66
CA ALA G 256 -22.25 20.25 -26.73
C ALA G 256 -21.11 19.44 -26.10
N ASP G 257 -20.05 19.21 -26.86
CA ASP G 257 -18.92 18.45 -26.35
C ASP G 257 -18.21 19.20 -25.21
N LEU G 258 -18.09 20.52 -25.34
CA LEU G 258 -17.51 21.31 -24.26
C LEU G 258 -18.43 21.32 -23.04
N ALA G 259 -19.73 21.41 -23.29
CA ALA G 259 -20.71 21.39 -22.22
C ALA G 259 -20.60 20.08 -21.47
N GLU G 260 -20.40 18.99 -22.20
CA GLU G 260 -20.26 17.69 -21.56
C GLU G 260 -19.08 17.69 -20.59
N SER G 261 -17.93 18.20 -21.03
CA SER G 261 -16.75 18.26 -20.17
C SER G 261 -17.03 19.11 -18.94
N ILE G 262 -17.75 20.21 -19.13
CA ILE G 262 -18.11 21.08 -18.02
C ILE G 262 -19.10 20.43 -17.05
N MET G 263 -20.23 19.95 -17.57
CA MET G 263 -21.28 19.41 -16.71
C MET G 263 -20.86 18.13 -15.97
N LYS G 264 -19.98 17.35 -16.56
CA LYS G 264 -19.55 16.10 -15.94
C LYS G 264 -18.14 16.18 -15.35
N ASN G 265 -17.59 17.39 -15.29
CA ASN G 265 -16.27 17.61 -14.70
C ASN G 265 -15.25 16.63 -15.26
N LEU G 266 -15.21 16.47 -16.58
CA LEU G 266 -14.39 15.44 -17.17
C LEU G 266 -12.91 15.77 -17.09
N ARG G 267 -12.58 17.05 -17.22
CA ARG G 267 -11.20 17.48 -17.29
C ARG G 267 -10.53 16.91 -18.54
N ARG G 268 -11.26 16.93 -19.66
CA ARG G 268 -10.67 16.63 -20.95
C ARG G 268 -9.95 17.88 -21.43
N VAL G 269 -9.05 17.71 -22.39
CA VAL G 269 -8.28 18.83 -22.94
C VAL G 269 -8.86 19.31 -24.26
N HIS G 270 -9.21 20.59 -24.34
CA HIS G 270 -9.81 21.16 -25.54
C HIS G 270 -9.06 22.40 -26.03
N PRO G 271 -8.97 22.55 -27.37
CA PRO G 271 -8.47 23.80 -27.96
C PRO G 271 -9.55 24.87 -27.90
N ILE G 272 -9.60 25.61 -26.79
CA ILE G 272 -10.61 26.63 -26.61
C ILE G 272 -9.98 27.92 -26.09
N SER G 273 -10.70 29.03 -26.22
CA SER G 273 -10.10 30.33 -25.95
C SER G 273 -10.18 30.71 -24.47
N THR G 274 -9.03 31.09 -23.92
CA THR G 274 -8.95 31.38 -22.49
C THR G 274 -8.04 32.59 -22.25
N MET G 275 -8.25 33.27 -21.13
CA MET G 275 -7.47 34.46 -20.83
C MET G 275 -6.05 34.02 -20.51
N LEU G 276 -5.13 34.24 -21.44
CA LEU G 276 -3.81 33.61 -21.32
C LEU G 276 -2.67 34.54 -20.95
N LYS G 277 -3.00 35.71 -20.41
CA LYS G 277 -1.97 36.61 -19.92
C LYS G 277 -1.02 35.87 -18.97
N GLY G 278 0.27 36.03 -19.17
CA GLY G 278 1.24 35.39 -18.29
C GLY G 278 1.77 34.09 -18.84
N LEU G 279 1.24 33.66 -19.99
CA LEU G 279 1.71 32.43 -20.61
C LEU G 279 1.97 32.65 -22.09
N TYR G 280 2.69 31.72 -22.70
CA TYR G 280 2.97 31.76 -24.13
C TYR G 280 3.54 33.11 -24.57
N GLY G 281 4.08 33.86 -23.62
CA GLY G 281 4.73 35.10 -23.95
C GLY G 281 3.85 36.32 -23.83
N ILE G 282 2.55 36.12 -23.61
CA ILE G 282 1.59 37.22 -23.72
C ILE G 282 1.50 38.06 -22.45
N LYS G 283 1.38 39.37 -22.60
CA LYS G 283 1.42 40.31 -21.49
C LYS G 283 0.14 41.12 -21.31
N GLU G 284 -0.81 40.92 -22.21
CA GLU G 284 -2.07 41.66 -22.16
C GLU G 284 -3.25 40.77 -21.81
N ASP G 285 -4.36 41.39 -21.42
CA ASP G 285 -5.60 40.67 -21.20
C ASP G 285 -6.23 40.23 -22.51
N VAL G 286 -5.75 39.13 -23.07
CA VAL G 286 -6.39 38.59 -24.26
C VAL G 286 -6.75 37.11 -24.11
N PHE G 287 -7.72 36.70 -24.91
CA PHE G 287 -8.15 35.31 -24.98
C PHE G 287 -7.68 34.70 -26.29
N LEU G 288 -6.96 33.58 -26.17
CA LEU G 288 -6.50 32.81 -27.32
C LEU G 288 -6.71 31.34 -27.04
N SER G 289 -6.83 30.54 -28.10
CA SER G 289 -7.02 29.10 -27.94
C SER G 289 -5.71 28.39 -27.65
N VAL G 290 -5.67 27.70 -26.52
CA VAL G 290 -4.60 26.78 -26.22
C VAL G 290 -5.27 25.50 -25.70
N PRO G 291 -4.50 24.42 -25.50
CA PRO G 291 -5.19 23.23 -24.98
C PRO G 291 -5.54 23.44 -23.51
N CYS G 292 -6.83 23.45 -23.20
CA CYS G 292 -7.30 23.74 -21.85
C CYS G 292 -7.95 22.52 -21.17
N VAL G 293 -7.59 22.29 -19.90
CA VAL G 293 -8.29 21.29 -19.10
C VAL G 293 -9.64 21.87 -18.66
N LEU G 294 -10.73 21.22 -19.07
CA LEU G 294 -12.07 21.77 -18.91
C LEU G 294 -12.94 20.89 -18.01
N GLY G 295 -13.51 21.49 -16.98
CA GLY G 295 -14.27 20.75 -15.99
C GLY G 295 -15.30 21.63 -15.31
N GLN G 296 -15.78 21.22 -14.14
CA GLN G 296 -16.91 21.88 -13.50
C GLN G 296 -16.58 23.32 -13.08
N ASN G 297 -15.29 23.62 -12.96
CA ASN G 297 -14.84 24.98 -12.67
C ASN G 297 -14.34 25.70 -13.91
N GLY G 298 -14.76 25.25 -15.08
CA GLY G 298 -14.31 25.88 -16.31
C GLY G 298 -12.87 25.50 -16.61
N ILE G 299 -12.04 26.48 -16.94
CA ILE G 299 -10.67 26.22 -17.33
C ILE G 299 -9.72 26.41 -16.15
N SER G 300 -9.16 25.30 -15.67
CA SER G 300 -8.38 25.30 -14.44
C SER G 300 -6.89 25.16 -14.73
N ASP G 301 -6.56 24.60 -15.88
CA ASP G 301 -5.17 24.34 -16.26
C ASP G 301 -5.04 24.44 -17.78
N VAL G 302 -3.84 24.80 -18.25
CA VAL G 302 -3.56 24.77 -19.69
C VAL G 302 -2.30 24.00 -20.00
N VAL G 303 -2.32 23.24 -21.10
CA VAL G 303 -1.12 22.56 -21.56
C VAL G 303 -0.16 23.59 -22.18
N LYS G 304 1.11 23.53 -21.79
CA LYS G 304 2.12 24.40 -22.37
C LYS G 304 2.72 23.74 -23.59
N VAL G 305 2.24 24.13 -24.76
CA VAL G 305 2.67 23.53 -26.01
C VAL G 305 4.05 24.06 -26.37
N THR G 306 4.95 23.16 -26.75
CA THR G 306 6.25 23.57 -27.24
C THR G 306 6.09 24.11 -28.65
N LEU G 307 6.26 25.42 -28.79
CA LEU G 307 6.07 26.11 -30.06
C LEU G 307 7.41 26.52 -30.66
N THR G 308 7.47 26.56 -31.98
CA THR G 308 8.65 27.11 -32.66
C THR G 308 8.61 28.62 -32.50
N SER G 309 9.77 29.26 -32.65
CA SER G 309 9.86 30.70 -32.54
C SER G 309 8.89 31.37 -33.48
N GLU G 310 8.71 30.79 -34.66
CA GLU G 310 7.77 31.32 -35.65
C GLU G 310 6.34 31.19 -35.13
N GLU G 311 6.00 30.00 -34.63
CA GLU G 311 4.69 29.77 -34.05
C GLU G 311 4.46 30.75 -32.92
N GLU G 312 5.48 30.88 -32.06
CA GLU G 312 5.38 31.75 -30.90
C GLU G 312 5.20 33.21 -31.30
N ALA G 313 5.89 33.62 -32.36
CA ALA G 313 5.75 34.99 -32.86
C ALA G 313 4.34 35.23 -33.39
N HIS G 314 3.72 34.18 -33.93
CA HIS G 314 2.35 34.27 -34.44
C HIS G 314 1.34 34.54 -33.33
N LEU G 315 1.55 33.91 -32.19
CA LEU G 315 0.65 34.08 -31.05
C LEU G 315 0.78 35.49 -30.49
N LYS G 316 2.01 35.90 -30.24
CA LYS G 316 2.30 37.25 -29.74
C LYS G 316 1.68 38.30 -30.66
N LYS G 317 1.80 38.09 -31.96
CA LYS G 317 1.26 39.03 -32.94
C LYS G 317 -0.26 39.07 -32.84
N SER G 318 -0.88 37.90 -32.66
CA SER G 318 -2.33 37.84 -32.52
C SER G 318 -2.78 38.51 -31.24
N ALA G 319 -2.02 38.33 -30.17
CA ALA G 319 -2.33 39.00 -28.90
C ALA G 319 -2.29 40.52 -29.09
N ASP G 320 -1.28 41.01 -29.79
CA ASP G 320 -1.15 42.44 -30.05
C ASP G 320 -2.28 42.98 -30.92
N THR G 321 -2.67 42.21 -31.92
CA THR G 321 -3.83 42.55 -32.74
C THR G 321 -5.13 42.56 -31.93
N LEU G 322 -5.30 41.55 -31.09
CA LEU G 322 -6.49 41.45 -30.24
C LEU G 322 -6.54 42.65 -29.29
N TRP G 323 -5.45 42.84 -28.56
CA TRP G 323 -5.37 43.96 -27.63
C TRP G 323 -5.57 45.28 -28.37
N GLY G 324 -5.02 45.35 -29.58
CA GLY G 324 -5.17 46.54 -30.40
C GLY G 324 -6.61 46.98 -30.53
N ILE G 325 -7.51 46.05 -30.80
CA ILE G 325 -8.94 46.40 -30.87
C ILE G 325 -9.51 46.66 -29.49
N GLN G 326 -9.17 45.80 -28.53
CA GLN G 326 -9.75 45.86 -27.20
C GLN G 326 -9.45 47.15 -26.44
N LYS G 327 -8.32 47.79 -26.75
CA LYS G 327 -8.00 49.10 -26.18
C LYS G 327 -9.14 50.09 -26.41
N GLU G 328 -9.62 50.13 -27.65
CA GLU G 328 -10.46 51.22 -28.11
C GLU G 328 -11.92 51.09 -27.66
N LEU G 329 -12.24 49.99 -26.98
CA LEU G 329 -13.62 49.69 -26.66
C LEU G 329 -14.14 50.46 -25.45
N GLN G 330 -15.42 50.80 -25.47
CA GLN G 330 -16.04 51.57 -24.40
C GLN G 330 -17.04 50.72 -23.63
N PHE G 331 -16.71 50.42 -22.37
CA PHE G 331 -17.57 49.56 -21.55
C PHE G 331 -18.52 50.36 -20.67
N ALA H 1 9.93 21.91 -12.25
CA ALA H 1 10.89 21.07 -13.02
C ALA H 1 10.31 19.67 -13.25
N ALA H 2 9.33 19.30 -12.43
CA ALA H 2 8.63 18.04 -12.62
C ALA H 2 7.95 18.04 -13.99
N LEU H 3 7.87 16.88 -14.63
CA LEU H 3 7.30 16.78 -15.96
C LEU H 3 5.90 17.40 -16.00
N LYS H 4 5.08 17.04 -15.02
CA LYS H 4 3.73 17.57 -14.92
C LYS H 4 3.71 19.08 -15.01
N ASP H 5 4.62 19.74 -14.28
CA ASP H 5 4.64 21.19 -14.24
C ASP H 5 5.21 21.77 -15.53
N GLN H 6 6.06 21.02 -16.20
CA GLN H 6 6.56 21.42 -17.51
C GLN H 6 5.42 21.40 -18.52
N LEU H 7 4.59 20.36 -18.42
CA LEU H 7 3.56 20.10 -19.41
C LEU H 7 2.33 20.96 -19.15
N ILE H 8 2.00 21.15 -17.88
CA ILE H 8 0.76 21.80 -17.51
C ILE H 8 0.99 23.01 -16.63
N HIS H 9 0.39 24.13 -17.01
CA HIS H 9 0.38 25.29 -16.14
C HIS H 9 -0.96 25.41 -15.43
N ASN H 10 -0.90 25.39 -14.10
CA ASN H 10 -2.09 25.46 -13.26
C ASN H 10 -2.55 26.91 -13.11
N LEU H 11 -3.78 27.18 -13.53
CA LEU H 11 -4.31 28.53 -13.55
C LEU H 11 -5.32 28.71 -12.42
N LEU H 12 -5.99 27.62 -12.06
CA LEU H 12 -6.93 27.68 -10.97
C LEU H 12 -6.26 27.04 -9.77
N LYS H 13 -7.06 26.70 -8.79
CA LYS H 13 -6.62 26.69 -7.41
C LYS H 13 -7.88 26.38 -6.60
N GLU H 14 -8.63 25.37 -7.04
CA GLU H 14 -9.97 25.17 -6.53
C GLU H 14 -10.13 23.76 -5.97
N GLU H 15 -11.27 23.49 -5.35
CA GLU H 15 -11.47 22.22 -4.67
C GLU H 15 -12.90 21.73 -4.74
N HIS H 16 -13.11 20.53 -5.27
CA HIS H 16 -13.26 19.34 -4.43
C HIS H 16 -14.72 18.93 -4.20
N VAL H 17 -15.69 19.70 -4.68
CA VAL H 17 -17.08 19.37 -4.33
C VAL H 17 -17.86 18.76 -5.50
N PRO H 18 -18.09 17.43 -5.42
CA PRO H 18 -18.80 16.70 -6.47
C PRO H 18 -20.26 17.13 -6.57
N GLN H 19 -20.74 17.33 -7.80
CA GLN H 19 -22.05 17.92 -8.02
C GLN H 19 -23.16 16.89 -8.17
N ASN H 20 -22.83 15.73 -8.72
CA ASN H 20 -23.83 14.68 -8.94
C ASN H 20 -23.32 13.34 -8.48
N LYS H 21 -23.08 13.22 -7.19
CA LYS H 21 -22.39 12.08 -6.63
C LYS H 21 -23.40 10.99 -6.31
N ILE H 22 -23.01 9.74 -6.54
CA ILE H 22 -23.81 8.60 -6.10
C ILE H 22 -22.93 7.63 -5.29
N THR H 23 -23.47 7.11 -4.20
CA THR H 23 -22.79 6.08 -3.44
C THR H 23 -23.55 4.76 -3.55
N VAL H 24 -22.82 3.68 -3.76
CA VAL H 24 -23.38 2.35 -3.58
C VAL H 24 -22.75 1.74 -2.33
N VAL H 25 -23.58 1.38 -1.36
CA VAL H 25 -23.12 0.70 -0.16
C VAL H 25 -23.30 -0.78 -0.38
N GLY H 26 -22.19 -1.53 -0.31
CA GLY H 26 -22.23 -2.96 -0.58
C GLY H 26 -21.72 -3.29 -1.95
N VAL H 27 -20.57 -3.97 -2.03
CA VAL H 27 -20.03 -4.35 -3.33
C VAL H 27 -20.20 -5.83 -3.61
N GLY H 28 -21.30 -6.40 -3.12
CA GLY H 28 -21.72 -7.72 -3.57
C GLY H 28 -22.14 -7.65 -5.04
N ALA H 29 -22.60 -8.78 -5.57
CA ALA H 29 -22.94 -8.84 -6.98
C ALA H 29 -24.06 -7.83 -7.36
N VAL H 30 -25.05 -7.67 -6.48
CA VAL H 30 -26.09 -6.66 -6.67
C VAL H 30 -25.52 -5.24 -6.68
N GLY H 31 -24.71 -4.93 -5.67
CA GLY H 31 -24.15 -3.60 -5.56
C GLY H 31 -23.34 -3.20 -6.78
N MET H 32 -22.52 -4.12 -7.26
CA MET H 32 -21.68 -3.85 -8.43
C MET H 32 -22.46 -3.83 -9.74
N ALA H 33 -23.57 -4.57 -9.79
CA ALA H 33 -24.43 -4.53 -10.97
C ALA H 33 -25.01 -3.11 -11.05
N CYS H 34 -25.48 -2.62 -9.90
CA CYS H 34 -25.92 -1.24 -9.77
C CYS H 34 -24.82 -0.26 -10.18
N ALA H 35 -23.61 -0.52 -9.73
CA ALA H 35 -22.49 0.37 -10.03
C ALA H 35 -22.23 0.47 -11.54
N ILE H 36 -22.14 -0.66 -12.21
CA ILE H 36 -21.78 -0.67 -13.63
C ILE H 36 -22.90 -0.12 -14.50
N SER H 37 -24.16 -0.40 -14.14
CA SER H 37 -25.28 0.15 -14.88
C SER H 37 -25.33 1.67 -14.75
N ILE H 38 -25.07 2.17 -13.55
CA ILE H 38 -25.01 3.61 -13.31
C ILE H 38 -23.89 4.29 -14.07
N LEU H 39 -22.71 3.65 -14.11
CA LEU H 39 -21.57 4.21 -14.82
C LEU H 39 -21.83 4.24 -16.33
N MET H 40 -22.43 3.19 -16.85
CA MET H 40 -22.65 3.12 -18.29
C MET H 40 -23.84 3.98 -18.74
N LYS H 41 -24.59 4.52 -17.78
CA LYS H 41 -25.66 5.47 -18.10
C LYS H 41 -25.30 6.93 -17.84
N ASP H 42 -24.07 7.21 -17.41
CA ASP H 42 -23.59 8.58 -17.20
C ASP H 42 -24.45 9.39 -16.20
N LEU H 43 -24.83 8.75 -15.10
CA LEU H 43 -25.73 9.40 -14.15
C LEU H 43 -24.99 10.24 -13.10
N ALA H 44 -23.71 9.96 -12.91
CA ALA H 44 -22.94 10.58 -11.84
C ALA H 44 -21.66 11.22 -12.37
N ASP H 45 -21.21 12.28 -11.71
CA ASP H 45 -19.85 12.77 -11.96
C ASP H 45 -18.85 12.21 -10.95
N GLU H 46 -19.36 11.46 -9.97
CA GLU H 46 -18.49 10.77 -9.03
C GLU H 46 -19.24 9.60 -8.42
N LEU H 47 -18.56 8.46 -8.30
CA LEU H 47 -19.16 7.27 -7.69
C LEU H 47 -18.31 6.79 -6.52
N ALA H 48 -18.94 6.62 -5.36
CA ALA H 48 -18.25 6.07 -4.21
C ALA H 48 -18.80 4.68 -3.87
N LEU H 49 -17.89 3.77 -3.55
CA LEU H 49 -18.27 2.44 -3.04
C LEU H 49 -17.83 2.29 -1.57
N VAL H 50 -18.67 1.66 -0.76
CA VAL H 50 -18.31 1.34 0.61
C VAL H 50 -18.77 -0.06 0.97
N ASP H 51 -17.96 -0.75 1.76
CA ASP H 51 -18.25 -2.11 2.21
C ASP H 51 -17.30 -2.41 3.38
N VAL H 52 -17.58 -3.45 4.15
CA VAL H 52 -16.68 -3.82 5.25
C VAL H 52 -15.55 -4.77 4.82
N MET H 53 -15.72 -5.45 3.69
CA MET H 53 -14.67 -6.31 3.16
C MET H 53 -13.65 -5.48 2.38
N GLU H 54 -12.53 -5.16 3.03
CA GLU H 54 -11.65 -4.11 2.55
C GLU H 54 -10.92 -4.39 1.24
N ASP H 55 -10.47 -5.63 1.05
CA ASP H 55 -9.77 -5.98 -0.18
C ASP H 55 -10.75 -6.05 -1.35
N LYS H 56 -11.85 -6.75 -1.14
CA LYS H 56 -12.91 -6.84 -2.15
C LYS H 56 -13.26 -5.42 -2.64
N LEU H 57 -13.49 -4.52 -1.69
CA LEU H 57 -13.85 -3.14 -2.02
C LEU H 57 -12.80 -2.46 -2.90
N LYS H 58 -11.54 -2.57 -2.50
CA LYS H 58 -10.46 -1.95 -3.22
C LYS H 58 -10.33 -2.55 -4.62
N GLY H 59 -10.55 -3.86 -4.70
CA GLY H 59 -10.46 -4.54 -5.98
C GLY H 59 -11.54 -4.08 -6.94
N GLU H 60 -12.77 -4.01 -6.46
CA GLU H 60 -13.86 -3.55 -7.30
C GLU H 60 -13.60 -2.12 -7.78
N MET H 61 -13.14 -1.25 -6.87
CA MET H 61 -12.85 0.13 -7.23
C MET H 61 -11.82 0.22 -8.35
N MET H 62 -10.71 -0.49 -8.19
CA MET H 62 -9.62 -0.43 -9.14
C MET H 62 -10.04 -0.99 -10.49
N ASP H 63 -10.83 -2.06 -10.45
CA ASP H 63 -11.32 -2.67 -11.68
C ASP H 63 -12.15 -1.63 -12.46
N LEU H 64 -13.07 -0.96 -11.77
CA LEU H 64 -13.88 0.08 -12.41
C LEU H 64 -13.02 1.22 -12.93
N GLN H 65 -12.05 1.65 -12.12
CA GLN H 65 -11.17 2.75 -12.50
C GLN H 65 -10.41 2.41 -13.78
N HIS H 66 -10.01 1.16 -13.92
CA HIS H 66 -9.25 0.78 -15.10
C HIS H 66 -10.04 0.94 -16.39
N GLY H 67 -11.35 1.06 -16.28
CA GLY H 67 -12.18 1.29 -17.44
C GLY H 67 -12.49 2.76 -17.69
N SER H 68 -11.80 3.65 -16.99
CA SER H 68 -12.10 5.08 -17.06
C SER H 68 -12.12 5.59 -18.50
N LEU H 69 -11.18 5.12 -19.31
CA LEU H 69 -11.09 5.58 -20.70
C LEU H 69 -12.39 5.37 -21.48
N PHE H 70 -13.20 4.42 -21.05
CA PHE H 70 -14.44 4.08 -21.77
C PHE H 70 -15.69 4.61 -21.06
N LEU H 71 -15.51 5.43 -20.04
CA LEU H 71 -16.61 5.94 -19.24
C LEU H 71 -16.59 7.46 -19.27
N ARG H 72 -17.63 8.09 -18.72
CA ARG H 72 -17.67 9.55 -18.60
C ARG H 72 -18.03 9.92 -17.16
N THR H 73 -17.50 9.15 -16.22
CA THR H 73 -17.65 9.46 -14.80
C THR H 73 -16.26 9.54 -14.22
N PRO H 74 -15.73 10.77 -14.08
CA PRO H 74 -14.30 11.03 -13.92
C PRO H 74 -13.72 10.54 -12.60
N LYS H 75 -14.57 10.32 -11.61
CA LYS H 75 -14.06 10.03 -10.27
C LYS H 75 -14.72 8.83 -9.62
N ILE H 76 -13.92 7.82 -9.29
CA ILE H 76 -14.41 6.64 -8.61
C ILE H 76 -13.58 6.42 -7.34
N VAL H 77 -14.24 6.48 -6.19
CA VAL H 77 -13.58 6.35 -4.90
C VAL H 77 -14.24 5.25 -4.08
N SER H 78 -13.50 4.70 -3.12
CA SER H 78 -14.05 3.71 -2.20
C SER H 78 -13.28 3.75 -0.89
N GLY H 79 -13.83 3.11 0.13
CA GLY H 79 -13.15 3.05 1.41
C GLY H 79 -14.11 2.52 2.45
N LYS H 80 -13.54 2.03 3.55
CA LYS H 80 -14.33 1.53 4.65
C LYS H 80 -14.90 2.70 5.45
N ASP H 81 -14.20 3.83 5.42
CA ASP H 81 -14.66 5.03 6.11
C ASP H 81 -15.64 5.80 5.23
N TYR H 82 -16.77 6.19 5.80
CA TYR H 82 -17.85 6.78 5.01
C TYR H 82 -17.58 8.21 4.56
N SER H 83 -16.43 8.75 4.95
CA SER H 83 -16.09 10.10 4.53
C SER H 83 -15.94 10.17 3.01
N VAL H 84 -15.62 9.04 2.39
CA VAL H 84 -15.51 8.96 0.94
C VAL H 84 -16.88 9.14 0.31
N THR H 85 -17.89 9.04 1.16
CA THR H 85 -19.30 9.07 0.77
C THR H 85 -19.88 10.48 0.73
N ALA H 86 -19.12 11.45 1.20
CA ALA H 86 -19.65 12.79 1.47
C ALA H 86 -20.30 13.47 0.25
N ASN H 87 -21.37 14.22 0.51
CA ASN H 87 -22.04 15.02 -0.50
C ASN H 87 -22.70 14.20 -1.61
N SER H 88 -23.13 12.98 -1.29
CA SER H 88 -23.86 12.18 -2.27
C SER H 88 -25.28 12.72 -2.44
N LYS H 89 -25.74 12.81 -3.68
CA LYS H 89 -27.14 13.15 -3.95
C LYS H 89 -27.99 11.94 -3.60
N LEU H 90 -27.41 10.76 -3.77
CA LEU H 90 -28.15 9.51 -3.74
C LEU H 90 -27.24 8.44 -3.18
N VAL H 91 -27.78 7.65 -2.26
CA VAL H 91 -27.02 6.57 -1.66
C VAL H 91 -27.86 5.31 -1.74
N ILE H 92 -27.27 4.27 -2.32
CA ILE H 92 -27.99 3.05 -2.59
C ILE H 92 -27.53 1.95 -1.65
N ILE H 93 -28.45 1.46 -0.82
CA ILE H 93 -28.14 0.45 0.19
C ILE H 93 -28.42 -0.95 -0.34
N THR H 94 -27.35 -1.71 -0.54
CA THR H 94 -27.49 -3.09 -1.02
C THR H 94 -26.89 -4.06 -0.01
N ALA H 95 -26.32 -3.53 1.05
CA ALA H 95 -25.70 -4.35 2.09
C ALA H 95 -26.73 -5.00 3.01
N GLY H 96 -26.38 -6.15 3.54
CA GLY H 96 -27.26 -6.79 4.50
C GLY H 96 -26.84 -8.20 4.85
N ALA H 97 -27.65 -8.85 5.68
CA ALA H 97 -27.44 -10.24 6.04
C ALA H 97 -28.43 -11.12 5.29
N ARG H 98 -27.96 -12.29 4.86
CA ARG H 98 -28.83 -13.34 4.33
C ARG H 98 -29.22 -14.27 5.47
N GLN H 99 -30.52 -14.61 5.53
CA GLN H 99 -31.05 -15.30 6.70
C GLN H 99 -30.25 -16.54 7.08
N GLN H 100 -30.21 -16.82 8.37
CA GLN H 100 -29.51 -17.98 8.89
C GLN H 100 -30.33 -19.26 8.75
N GLU H 101 -29.65 -20.38 8.59
CA GLU H 101 -30.28 -21.69 8.67
C GLU H 101 -30.97 -21.81 10.03
N GLY H 102 -30.57 -20.95 10.96
CA GLY H 102 -31.21 -20.90 12.26
C GLY H 102 -32.58 -20.26 12.20
N GLU H 103 -32.87 -19.56 11.11
CA GLU H 103 -34.21 -19.07 10.81
C GLU H 103 -34.67 -17.94 11.73
N SER H 104 -35.85 -17.39 11.44
CA SER H 104 -36.56 -16.42 12.28
C SER H 104 -36.59 -15.03 11.64
N ARG H 105 -37.65 -14.75 10.89
CA ARG H 105 -37.77 -13.48 10.19
C ARG H 105 -37.55 -12.31 11.13
N LEU H 106 -38.06 -12.41 12.35
CA LEU H 106 -37.90 -11.32 13.31
C LEU H 106 -36.42 -11.07 13.57
N ASN H 107 -35.66 -12.14 13.79
CA ASN H 107 -34.25 -12.00 14.13
C ASN H 107 -33.36 -11.62 12.96
N LEU H 108 -33.66 -12.18 11.78
CA LEU H 108 -32.95 -11.77 10.57
C LEU H 108 -33.06 -10.25 10.43
N VAL H 109 -34.28 -9.75 10.50
CA VAL H 109 -34.52 -8.32 10.37
C VAL H 109 -33.75 -7.54 11.45
N GLN H 110 -33.80 -8.03 12.68
CA GLN H 110 -33.08 -7.38 13.78
C GLN H 110 -31.58 -7.35 13.51
N ARG H 111 -31.07 -8.40 12.87
CA ARG H 111 -29.66 -8.44 12.48
C ARG H 111 -29.37 -7.39 11.42
N ASN H 112 -30.28 -7.27 10.45
CA ASN H 112 -30.15 -6.23 9.44
C ASN H 112 -30.27 -4.85 10.10
N VAL H 113 -31.16 -4.74 11.08
CA VAL H 113 -31.27 -3.51 11.84
C VAL H 113 -29.93 -3.19 12.49
N ASN H 114 -29.27 -4.22 13.01
CA ASN H 114 -28.01 -4.03 13.71
C ASN H 114 -26.95 -3.59 12.72
N ILE H 115 -26.96 -4.21 11.54
CA ILE H 115 -26.08 -3.80 10.46
C ILE H 115 -26.42 -2.39 10.00
N PHE H 116 -27.70 -2.12 9.77
CA PHE H 116 -28.14 -0.78 9.38
C PHE H 116 -27.83 0.26 10.46
N LYS H 117 -27.73 -0.18 11.71
CA LYS H 117 -27.44 0.74 12.81
C LYS H 117 -26.05 1.37 12.65
N PHE H 118 -25.16 0.70 11.93
CA PHE H 118 -23.83 1.23 11.69
C PHE H 118 -23.73 1.97 10.36
N ILE H 119 -24.38 1.42 9.34
CA ILE H 119 -24.36 2.01 8.01
C ILE H 119 -25.07 3.34 7.94
N ILE H 120 -26.35 3.34 8.29
CA ILE H 120 -27.22 4.49 8.01
C ILE H 120 -26.83 5.76 8.76
N PRO H 121 -26.41 5.65 10.03
CA PRO H 121 -25.91 6.85 10.71
C PRO H 121 -24.70 7.44 10.01
N ASN H 122 -23.83 6.57 9.52
CA ASN H 122 -22.64 7.00 8.80
C ASN H 122 -22.98 7.71 7.49
N VAL H 123 -23.95 7.18 6.75
CA VAL H 123 -24.35 7.80 5.49
C VAL H 123 -24.92 9.19 5.76
N VAL H 124 -25.81 9.29 6.73
CA VAL H 124 -26.49 10.57 6.97
C VAL H 124 -25.51 11.60 7.50
N LYS H 125 -24.50 11.16 8.24
CA LYS H 125 -23.48 12.07 8.75
C LYS H 125 -22.74 12.75 7.62
N TYR H 126 -22.49 12.02 6.54
CA TYR H 126 -21.71 12.60 5.47
C TYR H 126 -22.54 13.12 4.31
N SER H 127 -23.74 12.57 4.14
CA SER H 127 -24.67 13.11 3.15
C SER H 127 -26.03 13.41 3.77
N PRO H 128 -26.11 14.46 4.59
CA PRO H 128 -27.33 14.88 5.30
C PRO H 128 -28.54 15.07 4.37
N HIS H 129 -28.31 15.40 3.11
CA HIS H 129 -29.42 15.72 2.21
C HIS H 129 -29.69 14.68 1.11
N CYS H 130 -29.00 13.54 1.16
CA CYS H 130 -29.16 12.54 0.11
C CYS H 130 -30.55 11.92 0.14
N LYS H 131 -31.00 11.42 -1.01
CA LYS H 131 -32.07 10.45 -1.04
C LYS H 131 -31.43 9.08 -0.76
N LEU H 132 -32.14 8.26 0.01
CA LEU H 132 -31.75 6.88 0.28
C LEU H 132 -32.59 5.94 -0.58
N LEU H 133 -31.92 5.00 -1.25
CA LEU H 133 -32.62 3.96 -2.00
C LEU H 133 -32.18 2.59 -1.48
N VAL H 134 -33.10 1.91 -0.80
CA VAL H 134 -32.79 0.64 -0.18
C VAL H 134 -33.16 -0.49 -1.13
N VAL H 135 -32.22 -1.42 -1.33
CA VAL H 135 -32.46 -2.55 -2.21
C VAL H 135 -32.42 -3.88 -1.44
N SER H 136 -31.75 -3.86 -0.28
CA SER H 136 -31.60 -5.07 0.54
C SER H 136 -32.95 -5.69 0.89
N ASN H 137 -32.98 -7.00 1.03
CA ASN H 137 -34.19 -7.72 1.44
C ASN H 137 -34.18 -8.13 2.91
N PRO H 138 -35.37 -8.19 3.53
CA PRO H 138 -36.67 -7.89 2.91
C PRO H 138 -36.87 -6.38 2.75
N VAL H 139 -37.17 -5.95 1.52
CA VAL H 139 -36.92 -4.57 1.12
C VAL H 139 -37.91 -3.59 1.75
N ASP H 140 -39.17 -3.98 1.89
CA ASP H 140 -40.14 -3.08 2.49
C ASP H 140 -39.80 -2.80 3.96
N ILE H 141 -39.41 -3.83 4.70
CA ILE H 141 -39.09 -3.65 6.11
C ILE H 141 -37.76 -2.94 6.29
N LEU H 142 -36.80 -3.21 5.41
CA LEU H 142 -35.48 -2.62 5.54
C LEU H 142 -35.49 -1.15 5.16
N THR H 143 -36.45 -0.78 4.30
CA THR H 143 -36.61 0.63 3.95
C THR H 143 -37.20 1.37 5.14
N TYR H 144 -38.15 0.75 5.83
CA TYR H 144 -38.70 1.30 7.06
C TYR H 144 -37.59 1.49 8.07
N VAL H 145 -36.74 0.48 8.19
CA VAL H 145 -35.63 0.52 9.13
C VAL H 145 -34.71 1.70 8.82
N ALA H 146 -34.38 1.88 7.54
CA ALA H 146 -33.49 2.96 7.13
C ALA H 146 -34.13 4.32 7.39
N TRP H 147 -35.42 4.42 7.13
CA TRP H 147 -36.17 5.66 7.38
C TRP H 147 -36.11 6.00 8.87
N LYS H 148 -36.42 5.01 9.70
CA LYS H 148 -36.44 5.20 11.16
C LYS H 148 -35.08 5.64 11.72
N ILE H 149 -34.02 4.92 11.36
CA ILE H 149 -32.69 5.25 11.84
C ILE H 149 -32.18 6.59 11.30
N SER H 150 -32.47 6.89 10.02
CA SER H 150 -31.88 8.06 9.37
C SER H 150 -32.48 9.35 9.91
N GLY H 151 -33.79 9.33 10.20
CA GLY H 151 -34.47 10.54 10.64
C GLY H 151 -34.91 11.39 9.46
N PHE H 152 -34.78 10.85 8.24
CA PHE H 152 -35.17 11.57 7.04
C PHE H 152 -36.70 11.65 6.89
N PRO H 153 -37.19 12.68 6.21
CA PRO H 153 -38.60 12.73 5.81
C PRO H 153 -38.89 11.65 4.77
N LYS H 154 -40.12 11.19 4.74
CA LYS H 154 -40.47 10.00 3.97
C LYS H 154 -40.18 10.11 2.47
N ASN H 155 -40.25 11.31 1.91
CA ASN H 155 -40.04 11.46 0.47
C ASN H 155 -38.63 11.08 0.04
N ARG H 156 -37.67 11.16 0.97
CA ARG H 156 -36.28 10.91 0.68
C ARG H 156 -35.80 9.50 0.98
N VAL H 157 -36.71 8.64 1.40
CA VAL H 157 -36.34 7.25 1.68
C VAL H 157 -37.22 6.29 0.90
N ILE H 158 -36.57 5.56 -0.01
CA ILE H 158 -37.26 4.82 -1.08
C ILE H 158 -36.76 3.39 -1.10
N GLY H 159 -37.68 2.44 -1.30
CA GLY H 159 -37.27 1.05 -1.44
C GLY H 159 -37.45 0.60 -2.88
N SER H 160 -36.54 -0.25 -3.36
CA SER H 160 -36.67 -0.74 -4.72
C SER H 160 -37.96 -1.52 -4.90
N GLY H 161 -38.55 -1.96 -3.78
CA GLY H 161 -39.89 -2.52 -3.82
C GLY H 161 -40.17 -3.46 -4.99
N CYS H 162 -41.31 -3.24 -5.67
CA CYS H 162 -41.73 -4.10 -6.78
C CYS H 162 -41.26 -3.63 -8.17
N ASN H 163 -40.25 -2.76 -8.22
CA ASN H 163 -39.83 -2.21 -9.50
C ASN H 163 -39.38 -3.31 -10.47
N LEU H 164 -38.45 -4.15 -10.02
CA LEU H 164 -37.93 -5.22 -10.86
C LEU H 164 -38.99 -6.27 -11.21
N ASP H 165 -39.79 -6.68 -10.23
CA ASP H 165 -40.81 -7.70 -10.49
C ASP H 165 -41.81 -7.21 -11.55
N SER H 166 -42.15 -5.93 -11.52
CA SER H 166 -42.99 -5.37 -12.59
C SER H 166 -42.30 -5.48 -13.96
N ALA H 167 -41.00 -5.21 -13.99
CA ALA H 167 -40.24 -5.32 -15.24
C ALA H 167 -40.18 -6.78 -15.71
N ARG H 168 -40.08 -7.71 -14.77
CA ARG H 168 -40.13 -9.12 -15.13
C ARG H 168 -41.50 -9.46 -15.67
N PHE H 169 -42.52 -8.84 -15.09
CA PHE H 169 -43.89 -9.11 -15.48
C PHE H 169 -44.13 -8.62 -16.91
N ARG H 170 -43.62 -7.43 -17.19
CA ARG H 170 -43.77 -6.83 -18.52
C ARG H 170 -42.92 -7.56 -19.55
N TYR H 171 -41.78 -8.10 -19.13
CA TYR H 171 -41.01 -8.95 -20.03
C TYR H 171 -41.82 -10.20 -20.40
N LEU H 172 -42.33 -10.89 -19.39
CA LEU H 172 -43.11 -12.11 -19.62
C LEU H 172 -44.36 -11.81 -20.44
N MET H 173 -44.98 -10.68 -20.16
CA MET H 173 -46.11 -10.21 -20.95
C MET H 173 -45.69 -10.06 -22.41
N GLY H 174 -44.50 -9.53 -22.62
CA GLY H 174 -43.99 -9.33 -23.96
C GLY H 174 -43.74 -10.63 -24.71
N GLU H 175 -43.25 -11.65 -24.00
CA GLU H 175 -43.04 -12.96 -24.62
C GLU H 175 -44.35 -13.54 -25.14
N ARG H 176 -45.40 -13.44 -24.33
CA ARG H 176 -46.67 -14.06 -24.67
C ARG H 176 -47.34 -13.39 -25.85
N LEU H 177 -47.16 -12.07 -25.96
CA LEU H 177 -47.88 -11.28 -26.95
C LEU H 177 -47.04 -10.96 -28.18
N GLY H 178 -45.75 -11.31 -28.13
CA GLY H 178 -44.87 -11.04 -29.26
C GLY H 178 -44.49 -9.58 -29.39
N VAL H 179 -44.48 -8.85 -28.28
CA VAL H 179 -44.19 -7.43 -28.29
C VAL H 179 -43.14 -7.05 -27.23
N HIS H 180 -42.39 -6.00 -27.50
CA HIS H 180 -41.35 -5.57 -26.57
C HIS H 180 -41.97 -5.17 -25.25
N ALA H 181 -41.27 -5.46 -24.15
CA ALA H 181 -41.73 -5.09 -22.81
C ALA H 181 -42.05 -3.60 -22.71
N LEU H 182 -41.33 -2.79 -23.48
CA LEU H 182 -41.57 -1.36 -23.51
C LEU H 182 -43.02 -1.00 -23.88
N SER H 183 -43.68 -1.87 -24.63
CA SER H 183 -45.04 -1.60 -25.11
C SER H 183 -46.11 -2.41 -24.39
N CYS H 184 -45.69 -3.28 -23.47
CA CYS H 184 -46.62 -3.98 -22.60
C CYS H 184 -46.64 -3.32 -21.23
N HIS H 185 -47.83 -3.05 -20.71
CA HIS H 185 -47.92 -2.38 -19.43
C HIS H 185 -48.65 -3.23 -18.41
N GLY H 186 -48.17 -3.17 -17.17
CA GLY H 186 -48.73 -3.99 -16.12
C GLY H 186 -48.02 -3.68 -14.82
N TRP H 187 -48.75 -3.71 -13.71
CA TRP H 187 -48.18 -3.30 -12.44
C TRP H 187 -48.28 -4.39 -11.37
N ILE H 188 -47.15 -4.68 -10.74
CA ILE H 188 -47.14 -5.50 -9.54
C ILE H 188 -46.93 -4.57 -8.35
N LEU H 189 -47.88 -4.57 -7.42
CA LEU H 189 -47.85 -3.60 -6.34
C LEU H 189 -47.89 -4.27 -4.98
N GLY H 190 -47.77 -3.47 -3.93
CA GLY H 190 -47.92 -3.98 -2.59
C GLY H 190 -46.62 -4.48 -1.98
N GLU H 191 -46.72 -5.55 -1.20
CA GLU H 191 -45.56 -6.09 -0.48
C GLU H 191 -44.68 -6.88 -1.42
N HIS H 192 -43.42 -6.48 -1.52
CA HIS H 192 -42.47 -7.16 -2.40
C HIS H 192 -42.39 -8.64 -2.06
N GLY H 193 -42.52 -9.50 -3.08
CA GLY H 193 -42.41 -10.93 -2.85
C GLY H 193 -43.68 -11.73 -3.13
N ASP H 194 -43.86 -12.81 -2.39
CA ASP H 194 -44.95 -13.76 -2.65
C ASP H 194 -46.33 -13.17 -2.44
N SER H 195 -46.45 -12.15 -1.60
CA SER H 195 -47.74 -11.51 -1.35
C SER H 195 -48.00 -10.27 -2.21
N SER H 196 -47.19 -10.04 -3.23
CA SER H 196 -47.39 -8.88 -4.10
C SER H 196 -48.68 -9.04 -4.91
N VAL H 197 -49.17 -7.94 -5.48
CA VAL H 197 -50.49 -7.90 -6.09
C VAL H 197 -50.39 -7.57 -7.58
N PRO H 198 -50.66 -8.56 -8.45
CA PRO H 198 -50.70 -8.31 -9.89
C PRO H 198 -52.00 -7.62 -10.28
N VAL H 199 -51.92 -6.33 -10.63
CA VAL H 199 -53.13 -5.54 -10.85
C VAL H 199 -53.70 -5.79 -12.23
N TRP H 200 -54.58 -6.79 -12.33
CA TRP H 200 -55.04 -7.30 -13.61
C TRP H 200 -55.70 -6.20 -14.44
N SER H 201 -56.40 -5.31 -13.77
CA SER H 201 -57.19 -4.30 -14.46
C SER H 201 -56.34 -3.25 -15.18
N GLY H 202 -55.04 -3.21 -14.87
CA GLY H 202 -54.20 -2.18 -15.46
C GLY H 202 -53.39 -2.69 -16.64
N MET H 203 -53.42 -4.00 -16.86
CA MET H 203 -52.60 -4.58 -17.90
C MET H 203 -53.19 -4.22 -19.26
N ASN H 204 -52.33 -3.71 -20.16
CA ASN H 204 -52.78 -3.27 -21.47
C ASN H 204 -51.64 -3.15 -22.47
N VAL H 205 -51.99 -3.15 -23.75
CA VAL H 205 -51.07 -2.71 -24.80
C VAL H 205 -51.78 -1.62 -25.60
N ALA H 206 -51.12 -0.46 -25.72
CA ALA H 206 -51.66 0.65 -26.49
C ALA H 206 -53.00 1.09 -25.91
N GLY H 207 -53.15 0.98 -24.60
CA GLY H 207 -54.35 1.46 -23.95
C GLY H 207 -55.52 0.49 -24.05
N VAL H 208 -55.29 -0.70 -24.57
CA VAL H 208 -56.34 -1.69 -24.73
C VAL H 208 -56.32 -2.68 -23.57
N SER H 209 -57.26 -2.52 -22.63
CA SER H 209 -57.32 -3.36 -21.45
C SER H 209 -57.41 -4.83 -21.81
N LEU H 210 -56.48 -5.62 -21.29
CA LEU H 210 -56.51 -7.06 -21.50
C LEU H 210 -57.68 -7.71 -20.76
N LYS H 211 -58.02 -7.18 -19.59
CA LYS H 211 -59.07 -7.80 -18.80
C LYS H 211 -60.46 -7.53 -19.38
N THR H 212 -60.61 -6.40 -20.07
CA THR H 212 -61.87 -6.10 -20.73
C THR H 212 -62.03 -6.99 -21.96
N LEU H 213 -60.91 -7.32 -22.59
CA LEU H 213 -60.91 -8.27 -23.70
C LEU H 213 -61.07 -9.69 -23.16
N HIS H 214 -60.61 -9.91 -21.94
CA HIS H 214 -60.51 -11.25 -21.39
C HIS H 214 -60.84 -11.24 -19.89
N PRO H 215 -62.14 -11.26 -19.57
CA PRO H 215 -62.64 -11.09 -18.20
C PRO H 215 -62.14 -12.16 -17.23
N GLU H 216 -61.75 -13.31 -17.78
CA GLU H 216 -61.22 -14.41 -16.98
C GLU H 216 -59.77 -14.16 -16.56
N LEU H 217 -59.18 -13.09 -17.10
CA LEU H 217 -57.77 -12.80 -16.90
C LEU H 217 -57.40 -12.81 -15.41
N GLY H 218 -56.48 -13.68 -15.04
CA GLY H 218 -55.97 -13.67 -13.69
C GLY H 218 -56.70 -14.60 -12.73
N THR H 219 -57.81 -15.19 -13.18
CA THR H 219 -58.56 -16.11 -12.33
C THR H 219 -58.10 -17.53 -12.58
N ASP H 220 -58.50 -18.44 -11.70
CA ASP H 220 -58.16 -19.85 -11.84
C ASP H 220 -58.84 -20.44 -13.07
N ALA H 221 -59.97 -19.87 -13.46
CA ALA H 221 -60.72 -20.31 -14.62
C ALA H 221 -60.02 -19.91 -15.92
N ASP H 222 -59.13 -18.92 -15.82
CA ASP H 222 -58.42 -18.40 -16.98
C ASP H 222 -57.78 -19.54 -17.76
N LYS H 223 -58.32 -19.82 -18.95
CA LYS H 223 -57.86 -20.95 -19.73
C LYS H 223 -56.45 -20.72 -20.28
N GLU H 224 -55.96 -19.49 -20.14
CA GLU H 224 -54.61 -19.15 -20.54
C GLU H 224 -53.66 -18.98 -19.34
N GLN H 225 -54.18 -19.21 -18.14
CA GLN H 225 -53.35 -19.30 -16.95
C GLN H 225 -52.41 -18.11 -16.76
N TRP H 226 -52.95 -16.90 -16.91
CA TRP H 226 -52.15 -15.70 -16.69
C TRP H 226 -51.76 -15.51 -15.23
N LYS H 227 -52.61 -16.00 -14.33
CA LYS H 227 -52.30 -15.96 -12.91
C LYS H 227 -50.94 -16.62 -12.66
N GLN H 228 -50.55 -17.52 -13.54
CA GLN H 228 -49.26 -18.21 -13.41
C GLN H 228 -48.11 -17.31 -13.84
N VAL H 229 -48.42 -16.27 -14.61
CA VAL H 229 -47.41 -15.29 -14.96
C VAL H 229 -46.96 -14.52 -13.73
N HIS H 230 -47.90 -14.23 -12.82
CA HIS H 230 -47.53 -13.58 -11.57
C HIS H 230 -46.71 -14.52 -10.70
N LYS H 231 -47.07 -15.80 -10.73
CA LYS H 231 -46.32 -16.80 -9.98
C LYS H 231 -44.88 -16.85 -10.50
N GLN H 232 -44.74 -16.90 -11.82
CA GLN H 232 -43.42 -16.91 -12.45
C GLN H 232 -42.55 -15.75 -11.96
N VAL H 233 -43.11 -14.55 -11.98
CA VAL H 233 -42.43 -13.38 -11.47
C VAL H 233 -41.96 -13.59 -10.03
N VAL H 234 -42.86 -14.00 -9.16
CA VAL H 234 -42.55 -14.18 -7.74
C VAL H 234 -41.48 -15.26 -7.50
N ASP H 235 -41.41 -16.23 -8.40
CA ASP H 235 -40.45 -17.32 -8.27
C ASP H 235 -39.14 -17.04 -9.01
N SER H 236 -39.17 -16.10 -9.94
CA SER H 236 -38.06 -15.96 -10.89
C SER H 236 -36.71 -15.82 -10.19
N ALA H 237 -36.65 -14.97 -9.17
CA ALA H 237 -35.39 -14.74 -8.45
C ALA H 237 -34.86 -16.05 -7.89
N TYR H 238 -35.76 -16.83 -7.30
CA TYR H 238 -35.40 -18.13 -6.75
C TYR H 238 -34.97 -19.09 -7.86
N GLU H 239 -35.56 -18.94 -9.05
CA GLU H 239 -35.17 -19.76 -10.20
C GLU H 239 -33.77 -19.39 -10.68
N VAL H 240 -33.49 -18.10 -10.77
CA VAL H 240 -32.18 -17.66 -11.23
C VAL H 240 -31.12 -18.06 -10.21
N ILE H 241 -31.45 -17.91 -8.93
CA ILE H 241 -30.53 -18.27 -7.85
C ILE H 241 -30.17 -19.76 -7.92
N LYS H 242 -31.15 -20.60 -8.26
CA LYS H 242 -30.91 -22.03 -8.35
C LYS H 242 -29.95 -22.33 -9.50
N LEU H 243 -29.94 -21.47 -10.51
CA LEU H 243 -29.16 -21.71 -11.72
C LEU H 243 -27.75 -21.09 -11.68
N LYS H 244 -27.65 -19.83 -11.27
CA LYS H 244 -26.36 -19.15 -11.27
C LYS H 244 -25.92 -18.76 -9.87
N GLY H 245 -26.80 -18.97 -8.89
CA GLY H 245 -26.40 -18.81 -7.50
C GLY H 245 -26.70 -17.44 -6.91
N TYR H 246 -27.25 -16.55 -7.74
CA TYR H 246 -27.62 -15.21 -7.31
C TYR H 246 -28.21 -14.52 -8.53
N THR H 247 -28.84 -13.35 -8.33
CA THR H 247 -29.21 -12.51 -9.45
C THR H 247 -28.46 -11.19 -9.34
N THR H 248 -28.26 -10.51 -10.46
CA THR H 248 -27.54 -9.24 -10.47
C THR H 248 -27.96 -8.27 -11.55
N TRP H 249 -27.91 -8.73 -12.79
CA TRP H 249 -28.07 -7.84 -13.93
C TRP H 249 -29.42 -7.12 -13.94
N ALA H 250 -30.50 -7.87 -13.80
CA ALA H 250 -31.82 -7.27 -13.93
C ALA H 250 -32.04 -6.24 -12.82
N ILE H 251 -31.67 -6.59 -11.59
CA ILE H 251 -31.87 -5.69 -10.46
C ILE H 251 -31.01 -4.44 -10.62
N GLY H 252 -29.75 -4.62 -11.04
CA GLY H 252 -28.87 -3.49 -11.27
C GLY H 252 -29.40 -2.53 -12.32
N LEU H 253 -29.92 -3.06 -13.42
CA LEU H 253 -30.47 -2.22 -14.46
C LEU H 253 -31.69 -1.46 -13.95
N SER H 254 -32.54 -2.14 -13.18
CA SER H 254 -33.76 -1.52 -12.67
C SER H 254 -33.43 -0.41 -11.67
N VAL H 255 -32.41 -0.63 -10.85
CA VAL H 255 -32.00 0.39 -9.88
C VAL H 255 -31.42 1.61 -10.59
N ALA H 256 -30.66 1.36 -11.66
CA ALA H 256 -30.06 2.44 -12.44
C ALA H 256 -31.16 3.28 -13.08
N ASP H 257 -32.26 2.64 -13.45
CA ASP H 257 -33.40 3.37 -14.01
C ASP H 257 -34.08 4.28 -12.95
N LEU H 258 -34.14 3.82 -11.71
CA LEU H 258 -34.64 4.67 -10.62
C LEU H 258 -33.65 5.79 -10.40
N ALA H 259 -32.37 5.45 -10.45
CA ALA H 259 -31.33 6.46 -10.25
C ALA H 259 -31.46 7.53 -11.33
N GLU H 260 -31.78 7.11 -12.55
CA GLU H 260 -31.93 8.08 -13.63
C GLU H 260 -33.08 9.07 -13.35
N SER H 261 -34.21 8.56 -12.89
CA SER H 261 -35.35 9.45 -12.67
C SER H 261 -35.05 10.45 -11.55
N ILE H 262 -34.25 10.02 -10.57
CA ILE H 262 -33.88 10.87 -9.44
C ILE H 262 -32.86 11.92 -9.88
N MET H 263 -31.74 11.47 -10.44
CA MET H 263 -30.64 12.37 -10.81
C MET H 263 -31.09 13.40 -11.84
N LYS H 264 -32.01 13.04 -12.71
CA LYS H 264 -32.44 13.92 -13.79
C LYS H 264 -33.83 14.53 -13.54
N ASN H 265 -34.36 14.31 -12.34
CA ASN H 265 -35.65 14.89 -11.95
C ASN H 265 -36.70 14.67 -13.05
N LEU H 266 -36.93 13.42 -13.43
CA LEU H 266 -37.80 13.13 -14.56
C LEU H 266 -39.29 13.08 -14.18
N ARG H 267 -39.57 12.78 -12.92
CA ARG H 267 -40.96 12.65 -12.47
C ARG H 267 -41.67 11.59 -13.33
N ARG H 268 -40.99 10.47 -13.53
CA ARG H 268 -41.61 9.27 -14.07
C ARG H 268 -42.28 8.54 -12.92
N VAL H 269 -43.26 7.69 -13.26
CA VAL H 269 -43.96 6.87 -12.28
C VAL H 269 -43.35 5.46 -12.25
N HIS H 270 -42.88 5.02 -11.08
CA HIS H 270 -42.33 3.67 -10.95
C HIS H 270 -43.03 2.94 -9.81
N PRO H 271 -43.14 1.61 -9.93
CA PRO H 271 -43.64 0.75 -8.84
C PRO H 271 -42.56 0.47 -7.79
N ILE H 272 -42.44 1.37 -6.81
CA ILE H 272 -41.44 1.28 -5.74
C ILE H 272 -42.10 1.53 -4.38
N SER H 273 -41.44 1.12 -3.30
CA SER H 273 -42.07 1.15 -1.98
C SER H 273 -41.89 2.49 -1.26
N THR H 274 -43.00 3.06 -0.82
CA THR H 274 -43.00 4.36 -0.19
C THR H 274 -43.78 4.26 1.12
N MET H 275 -43.52 5.17 2.06
CA MET H 275 -44.23 5.19 3.32
C MET H 275 -45.67 5.65 3.07
N LEU H 276 -46.62 4.73 3.02
CA LEU H 276 -47.95 5.08 2.53
C LEU H 276 -49.03 5.25 3.59
N LYS H 277 -48.63 5.44 4.84
CA LYS H 277 -49.57 5.74 5.89
C LYS H 277 -50.55 6.80 5.39
N GLY H 278 -51.83 6.63 5.69
CA GLY H 278 -52.82 7.62 5.33
C GLY H 278 -53.34 7.44 3.93
N LEU H 279 -52.90 6.38 3.26
CA LEU H 279 -53.26 6.13 1.87
C LEU H 279 -53.67 4.69 1.67
N TYR H 280 -54.52 4.45 0.68
CA TYR H 280 -54.91 3.09 0.33
C TYR H 280 -55.45 2.38 1.56
N GLY H 281 -56.00 3.15 2.49
CA GLY H 281 -56.66 2.59 3.64
C GLY H 281 -55.70 2.21 4.76
N ILE H 282 -54.42 2.49 4.57
CA ILE H 282 -53.40 2.04 5.51
C ILE H 282 -53.13 3.07 6.60
N LYS H 283 -53.07 2.60 7.85
CA LYS H 283 -52.93 3.50 8.99
C LYS H 283 -51.61 3.35 9.75
N GLU H 284 -50.79 2.39 9.35
CA GLU H 284 -49.50 2.16 10.01
C GLU H 284 -48.33 2.80 9.27
N ASP H 285 -47.20 2.95 9.95
CA ASP H 285 -45.95 3.39 9.33
C ASP H 285 -45.28 2.23 8.60
N VAL H 286 -45.75 1.96 7.38
CA VAL H 286 -45.21 0.87 6.60
C VAL H 286 -44.89 1.34 5.18
N PHE H 287 -43.98 0.62 4.53
CA PHE H 287 -43.61 0.89 3.14
C PHE H 287 -44.16 -0.21 2.23
N LEU H 288 -44.90 0.21 1.21
CA LEU H 288 -45.44 -0.71 0.21
C LEU H 288 -45.29 -0.05 -1.17
N SER H 289 -45.19 -0.86 -2.21
CA SER H 289 -45.08 -0.35 -3.57
C SER H 289 -46.41 0.15 -4.12
N VAL H 290 -46.44 1.43 -4.48
CA VAL H 290 -47.51 1.98 -5.29
C VAL H 290 -46.86 2.70 -6.48
N PRO H 291 -47.68 3.17 -7.43
CA PRO H 291 -47.05 3.93 -8.51
C PRO H 291 -46.59 5.29 -8.00
N CYS H 292 -45.26 5.51 -7.96
CA CYS H 292 -44.70 6.73 -7.36
C CYS H 292 -44.08 7.68 -8.39
N VAL H 293 -44.34 8.98 -8.23
CA VAL H 293 -43.66 9.98 -9.05
C VAL H 293 -42.29 10.24 -8.43
N LEU H 294 -41.24 9.91 -9.19
CA LEU H 294 -39.90 9.95 -8.65
C LEU H 294 -39.13 11.09 -9.32
N GLY H 295 -38.46 11.90 -8.51
CA GLY H 295 -37.71 13.03 -9.03
C GLY H 295 -36.56 13.43 -8.11
N GLN H 296 -36.10 14.66 -8.25
CA GLN H 296 -34.91 15.10 -7.52
C GLN H 296 -35.13 15.20 -6.02
N ASN H 297 -36.40 15.15 -5.60
CA ASN H 297 -36.72 15.13 -4.17
C ASN H 297 -37.30 13.79 -3.74
N GLY H 298 -36.97 12.74 -4.49
CA GLY H 298 -37.46 11.43 -4.14
C GLY H 298 -38.92 11.29 -4.53
N ILE H 299 -39.74 10.75 -3.63
CA ILE H 299 -41.14 10.54 -3.95
C ILE H 299 -42.03 11.70 -3.49
N SER H 300 -42.51 12.48 -4.45
CA SER H 300 -43.26 13.69 -4.15
C SER H 300 -44.77 13.47 -4.28
N ASP H 301 -45.15 12.41 -4.98
CA ASP H 301 -46.55 12.15 -5.28
C ASP H 301 -46.71 10.66 -5.54
N VAL H 302 -47.90 10.13 -5.22
CA VAL H 302 -48.23 8.76 -5.64
C VAL H 302 -49.54 8.73 -6.42
N VAL H 303 -49.62 7.78 -7.34
CA VAL H 303 -50.86 7.52 -8.07
C VAL H 303 -51.78 6.64 -7.21
N LYS H 304 -53.04 7.02 -7.10
CA LYS H 304 -54.03 6.20 -6.41
C LYS H 304 -54.67 5.25 -7.41
N VAL H 305 -54.26 3.99 -7.38
CA VAL H 305 -54.80 2.97 -8.27
C VAL H 305 -56.17 2.53 -7.78
N THR H 306 -57.14 2.45 -8.69
CA THR H 306 -58.45 1.94 -8.31
C THR H 306 -58.36 0.44 -8.12
N LEU H 307 -58.45 0.02 -6.85
CA LEU H 307 -58.31 -1.39 -6.50
C LEU H 307 -59.67 -2.00 -6.22
N THR H 308 -59.82 -3.28 -6.55
CA THR H 308 -61.01 -4.03 -6.17
C THR H 308 -60.98 -4.20 -4.65
N SER H 309 -62.03 -4.83 -4.12
CA SER H 309 -62.11 -5.07 -2.69
C SER H 309 -61.03 -6.05 -2.26
N GLU H 310 -60.92 -7.17 -2.97
CA GLU H 310 -59.92 -8.17 -2.64
C GLU H 310 -58.51 -7.58 -2.74
N GLU H 311 -58.27 -6.76 -3.76
CA GLU H 311 -56.98 -6.09 -3.92
C GLU H 311 -56.72 -5.12 -2.77
N GLU H 312 -57.73 -4.32 -2.44
CA GLU H 312 -57.60 -3.35 -1.36
C GLU H 312 -57.38 -4.07 -0.03
N ALA H 313 -58.10 -5.18 0.17
CA ALA H 313 -57.96 -5.97 1.37
C ALA H 313 -56.58 -6.63 1.46
N HIS H 314 -56.02 -6.98 0.31
CA HIS H 314 -54.73 -7.66 0.26
C HIS H 314 -53.62 -6.72 0.72
N LEU H 315 -53.73 -5.45 0.35
CA LEU H 315 -52.76 -4.43 0.72
C LEU H 315 -52.86 -4.10 2.21
N LYS H 316 -54.10 -4.06 2.70
CA LYS H 316 -54.34 -3.85 4.12
C LYS H 316 -53.65 -4.94 4.95
N LYS H 317 -53.78 -6.18 4.49
CA LYS H 317 -53.21 -7.31 5.20
C LYS H 317 -51.69 -7.24 5.21
N SER H 318 -51.12 -6.73 4.13
CA SER H 318 -49.67 -6.62 4.03
C SER H 318 -49.14 -5.56 5.00
N ALA H 319 -49.89 -4.46 5.13
CA ALA H 319 -49.56 -3.42 6.10
C ALA H 319 -49.50 -3.99 7.53
N ASP H 320 -50.55 -4.68 7.95
CA ASP H 320 -50.57 -5.27 9.29
C ASP H 320 -49.47 -6.32 9.47
N THR H 321 -49.22 -7.08 8.41
CA THR H 321 -48.13 -8.04 8.39
C THR H 321 -46.80 -7.38 8.67
N LEU H 322 -46.50 -6.34 7.91
CA LEU H 322 -45.23 -5.62 8.03
C LEU H 322 -45.15 -4.90 9.38
N TRP H 323 -46.24 -4.28 9.80
CA TRP H 323 -46.23 -3.58 11.07
C TRP H 323 -46.02 -4.58 12.21
N GLY H 324 -46.58 -5.77 12.06
CA GLY H 324 -46.43 -6.80 13.08
C GLY H 324 -44.97 -7.16 13.34
N ILE H 325 -44.17 -7.16 12.29
CA ILE H 325 -42.74 -7.45 12.40
C ILE H 325 -41.99 -6.21 12.89
N GLN H 326 -42.38 -5.04 12.41
CA GLN H 326 -41.71 -3.80 12.76
C GLN H 326 -41.95 -3.41 14.23
N LYS H 327 -43.05 -3.91 14.80
CA LYS H 327 -43.38 -3.65 16.20
C LYS H 327 -42.31 -4.17 17.14
N GLU H 328 -41.75 -5.33 16.79
CA GLU H 328 -40.87 -6.06 17.68
C GLU H 328 -39.40 -5.76 17.42
N LEU H 329 -39.14 -4.86 16.46
CA LEU H 329 -37.79 -4.42 16.16
C LEU H 329 -37.25 -3.51 17.25
N GLN H 330 -35.99 -3.70 17.62
CA GLN H 330 -35.31 -2.85 18.59
C GLN H 330 -34.30 -1.92 17.90
N PHE H 331 -34.53 -0.61 18.00
CA PHE H 331 -33.66 0.38 17.40
C PHE H 331 -32.68 0.99 18.42
C1 6P3 I . 46.47 11.50 24.62
C2 6P3 I . 46.56 12.62 25.47
C3 6P3 I . 47.14 12.52 26.77
C4 6P3 I . 47.62 11.27 27.23
C5 6P3 I . 47.54 10.14 26.38
C6 6P3 I . 46.97 10.26 25.09
C12 6P3 I . 45.85 11.66 23.26
N13 6P3 I . 44.90 12.67 23.10
C14 6P3 I . 44.27 12.89 21.92
C15 6P3 I . 44.52 12.11 20.78
C16 6P3 I . 45.48 11.06 20.91
C17 6P3 I . 46.14 10.84 22.15
C21 6P3 I . 43.80 12.37 19.52
O22 6P3 I . 42.76 12.96 19.52
O23 6P3 I . 44.36 11.89 18.38
C1 6P3 J . 18.80 -32.01 30.60
C2 6P3 J . 18.43 -33.03 29.67
C3 6P3 J . 19.41 -33.87 29.05
C4 6P3 J . 20.77 -33.69 29.36
C5 6P3 J . 21.16 -32.69 30.28
C6 6P3 J . 20.18 -31.86 30.89
C12 6P3 J . 17.74 -31.15 31.21
N13 6P3 J . 16.55 -30.97 30.50
C14 6P3 J . 15.53 -30.20 30.96
C15 6P3 J . 15.62 -29.53 32.21
C16 6P3 J . 16.82 -29.70 32.96
C17 6P3 J . 17.87 -30.50 32.47
C21 6P3 J . 14.51 -28.68 32.68
O22 6P3 J . 14.28 -28.54 33.84
O23 6P3 J . 13.81 -28.06 31.71
C1 6P3 K . 24.43 16.24 38.99
C2 6P3 K . 25.40 17.26 38.85
C3 6P3 K . 25.27 18.29 37.89
C4 6P3 K . 24.14 18.32 37.02
C5 6P3 K . 23.17 17.30 37.14
C6 6P3 K . 23.31 16.28 38.10
C12 6P3 K . 24.62 15.15 40.02
N13 6P3 K . 25.92 14.88 40.44
C14 6P3 K . 26.21 13.92 41.36
C15 6P3 K . 25.20 13.13 41.95
C16 6P3 K . 23.86 13.39 41.55
C17 6P3 K . 23.57 14.39 40.58
C21 6P3 K . 25.55 12.10 42.94
O22 6P3 K . 26.63 11.59 42.94
O23 6P3 K . 24.58 11.75 43.83
C1 6P3 L . 16.73 -22.85 5.65
C2 6P3 L . 16.17 -24.14 5.88
C3 6P3 L . 14.79 -24.31 6.13
C4 6P3 L . 13.93 -23.19 6.18
C5 6P3 L . 14.47 -21.90 5.95
C6 6P3 L . 15.86 -21.74 5.69
C12 6P3 L . 18.20 -22.74 5.38
N13 6P3 L . 19.01 -23.79 5.81
C14 6P3 L . 20.36 -23.80 5.64
C15 6P3 L . 21.03 -22.74 5.00
C16 6P3 L . 20.24 -21.66 4.54
C17 6P3 L . 18.83 -21.64 4.73
C21 6P3 L . 22.50 -22.80 4.86
O22 6P3 L . 23.17 -23.38 5.66
O23 6P3 L . 23.03 -22.18 3.78
C1 6P3 M . -43.12 17.79 -43.04
C2 6P3 M . -43.17 18.90 -43.91
C3 6P3 M . -42.54 18.87 -45.18
C4 6P3 M . -41.84 17.72 -45.61
C5 6P3 M . -41.78 16.60 -44.75
C6 6P3 M . -42.41 16.64 -43.48
C12 6P3 M . -43.79 17.86 -41.69
N13 6P3 M . -43.67 19.05 -40.96
C14 6P3 M . -44.24 19.22 -39.73
C15 6P3 M . -45.03 18.21 -39.14
C16 6P3 M . -45.17 16.99 -39.87
C17 6P3 M . -44.57 16.82 -41.14
C21 6P3 M . -45.64 18.41 -37.82
O22 6P3 M . -45.53 19.45 -37.22
O23 6P3 M . -46.34 17.36 -37.31
C1 6P3 N . -9.48 -13.18 -18.75
C2 6P3 N . -9.84 -14.03 -17.67
C3 6P3 N . -10.57 -15.22 -17.85
C4 6P3 N . -10.98 -15.61 -19.15
C5 6P3 N . -10.65 -14.79 -20.25
C6 6P3 N . -9.90 -13.60 -20.05
C12 6P3 N . -8.71 -11.90 -18.50
N13 6P3 N . -8.42 -11.54 -17.17
C14 6P3 N . -7.72 -10.40 -16.86
C15 6P3 N . -7.25 -9.53 -17.87
C16 6P3 N . -7.52 -9.88 -19.22
C17 6P3 N . -8.25 -11.06 -19.53
C21 6P3 N . -6.52 -8.30 -17.51
O22 6P3 N . -6.74 -7.72 -16.50
O23 6P3 N . -5.60 -7.85 -18.41
C1 6P3 O . -21.91 32.30 -35.53
C2 6P3 O . -22.83 33.00 -36.37
C3 6P3 O . -23.72 33.96 -35.83
C4 6P3 O . -23.73 34.25 -34.45
C5 6P3 O . -22.82 33.56 -33.60
C6 6P3 O . -21.93 32.60 -34.15
C12 6P3 O . -20.98 31.28 -36.15
N13 6P3 O . -21.14 30.96 -37.51
C14 6P3 O . -20.34 30.05 -38.15
C15 6P3 O . -19.30 29.38 -37.47
C16 6P3 O . -19.11 29.69 -36.10
C17 6P3 O . -19.94 30.64 -35.44
C21 6P3 O . -18.44 28.41 -38.19
O22 6P3 O . -18.85 27.78 -39.11
O23 6P3 O . -17.18 28.27 -37.72
C1 6P3 P . -30.62 -8.37 -3.32
C2 6P3 P . -29.73 -9.35 -2.81
C3 6P3 P . -28.69 -9.01 -1.88
C4 6P3 P . -28.53 -7.67 -1.47
C5 6P3 P . -29.41 -6.68 -1.97
C6 6P3 P . -30.43 -7.03 -2.89
C12 6P3 P . -31.68 -8.78 -4.30
N13 6P3 P . -31.51 -9.99 -4.97
C14 6P3 P . -32.41 -10.45 -5.88
C15 6P3 P . -33.58 -9.73 -6.21
C16 6P3 P . -33.78 -8.50 -5.53
C17 6P3 P . -32.84 -8.02 -4.59
C21 6P3 P . -34.53 -10.26 -7.21
O22 6P3 P . -34.14 -10.96 -8.10
O23 6P3 P . -35.82 -9.89 -7.08
#